data_5N8M
#
_entry.id   5N8M
#
loop_
_entity.id
_entity.type
_entity.pdbx_description
1 polymer 'RISC-loading complex subunit TARBP2'
2 polymer "RNA (5'-R(*UP*UP*AP*AP*UP*UP*AP*UP*CP*UP*AP*UP*UP*CP*CP*GP*UP*AP*CP*UP*U)-3')"
3 polymer "RNA (5'-R(*GP*UP*AP*CP*GP*GP*AP*AP*UP*AP*GP*AP*UP*AP*AP*UP*UP*AP*AP*UP*U)-3')"
#
loop_
_entity_poly.entity_id
_entity_poly.type
_entity_poly.pdbx_seq_one_letter_code
_entity_poly.pdbx_strand_id
1 'polypeptide(L)'
;GGSLPSIEQMLAANPGKTPISLLQEYGTRIGKTPVYDLLKAEGQAHQPNFTFRVTVGDTSCTGQGPSKKAAKHKAAEVAL
KHLKGGSMLEPALEDSSSFSPLDSSLPEDIPVFTAAAAATPVPSVVLTRSPPMELQPPVSPQQSECNPVGALQELVVQKG
WRLPEYTVTQESGPAHRKEFTMTCRVERFIEIGSGTSKKLAKRNAAAKMLLRVHT
;
A
2 'polyribonucleotide' UUAAUUAUCUAUUCCGUACUU B
3 'polyribonucleotide' GUACGGAAUAGAUAAUUAAUU C
#
# COMPACT_ATOMS: atom_id res chain seq x y z
N GLY A 1 -26.74 16.54 7.10
CA GLY A 1 -25.78 16.90 8.15
C GLY A 1 -25.78 15.85 9.25
N GLY A 2 -25.52 16.29 10.49
CA GLY A 2 -25.48 15.40 11.64
C GLY A 2 -25.22 16.17 12.94
N SER A 3 -25.16 15.46 14.06
CA SER A 3 -24.91 16.04 15.37
C SER A 3 -24.32 15.00 16.31
N LEU A 4 -23.68 15.45 17.39
CA LEU A 4 -23.04 14.60 18.39
C LEU A 4 -22.10 13.59 17.72
N PRO A 5 -21.00 14.06 17.14
CA PRO A 5 -20.01 13.21 16.48
C PRO A 5 -19.26 12.36 17.51
N SER A 6 -18.69 11.24 17.05
CA SER A 6 -17.93 10.33 17.92
C SER A 6 -16.96 9.48 17.09
N ILE A 7 -15.88 9.04 17.74
CA ILE A 7 -14.85 8.22 17.09
C ILE A 7 -15.40 6.83 16.73
N GLU A 8 -16.49 6.40 17.37
CA GLU A 8 -17.12 5.15 17.03
C GLU A 8 -17.88 5.25 15.71
N GLN A 9 -18.33 6.45 15.35
CA GLN A 9 -19.16 6.66 14.16
C GLN A 9 -18.34 6.61 12.87
N MET A 10 -17.07 7.02 12.91
CA MET A 10 -16.22 7.02 11.73
C MET A 10 -15.95 5.60 11.24
N LEU A 11 -15.91 4.62 12.17
CA LEU A 11 -15.62 3.25 11.81
C LEU A 11 -16.75 2.66 10.96
N ALA A 12 -17.98 3.13 11.17
CA ALA A 12 -19.13 2.69 10.40
C ALA A 12 -19.36 3.52 9.14
N ALA A 13 -18.69 4.68 9.00
CA ALA A 13 -19.01 5.62 7.93
C ALA A 13 -17.92 5.70 6.86
N ASN A 14 -16.64 5.60 7.23
CA ASN A 14 -15.55 5.70 6.26
C ASN A 14 -14.28 5.00 6.72
N PRO A 15 -14.35 3.71 7.06
CA PRO A 15 -13.20 2.92 7.49
C PRO A 15 -12.24 2.62 6.33
N GLY A 16 -12.60 2.99 5.10
CA GLY A 16 -11.82 2.67 3.92
C GLY A 16 -10.58 3.56 3.75
N LYS A 17 -10.57 4.76 4.34
CA LYS A 17 -9.41 5.64 4.25
C LYS A 17 -8.42 5.33 5.35
N THR A 18 -7.19 5.85 5.22
CA THR A 18 -6.17 5.68 6.23
C THR A 18 -6.56 6.27 7.58
N PRO A 19 -6.15 5.64 8.68
CA PRO A 19 -6.39 6.14 10.02
C PRO A 19 -5.63 7.44 10.25
N ILE A 20 -4.64 7.74 9.40
CA ILE A 20 -3.87 8.97 9.52
C ILE A 20 -4.76 10.16 9.15
N SER A 21 -5.44 10.04 8.02
CA SER A 21 -6.30 11.08 7.49
C SER A 21 -7.59 11.15 8.30
N LEU A 22 -8.04 10.00 8.80
CA LEU A 22 -9.27 9.90 9.58
C LEU A 22 -9.10 10.39 11.02
N LEU A 23 -7.95 10.13 11.64
CA LEU A 23 -7.68 10.53 13.02
C LEU A 23 -7.63 12.06 13.15
N GLN A 24 -7.17 12.77 12.11
CA GLN A 24 -7.13 14.22 12.17
C GLN A 24 -8.53 14.81 12.00
N GLU A 25 -9.44 14.11 11.32
CA GLU A 25 -10.81 14.57 11.17
C GLU A 25 -11.51 14.54 12.52
N TYR A 26 -11.21 13.54 13.34
CA TYR A 26 -11.70 13.48 14.71
C TYR A 26 -11.11 14.54 15.62
N GLY A 27 -9.82 14.83 15.40
CA GLY A 27 -9.09 15.85 16.14
C GLY A 27 -9.81 17.20 16.10
N THR A 28 -10.40 17.56 14.96
CA THR A 28 -11.09 18.84 14.85
C THR A 28 -12.28 19.02 15.79
N ARG A 29 -12.95 17.92 16.15
CA ARG A 29 -14.10 17.97 17.03
C ARG A 29 -13.69 18.14 18.48
N ILE A 30 -12.54 17.55 18.86
CA ILE A 30 -12.04 17.61 20.23
C ILE A 30 -11.01 18.74 20.40
N GLY A 31 -10.69 19.47 19.33
CA GLY A 31 -9.75 20.58 19.37
C GLY A 31 -8.30 20.13 19.42
N LYS A 32 -8.05 18.82 19.46
CA LYS A 32 -6.72 18.25 19.48
C LYS A 32 -6.25 17.99 18.05
N THR A 33 -4.94 17.81 17.86
CA THR A 33 -4.39 17.41 16.58
C THR A 33 -3.35 16.29 16.68
N PRO A 34 -3.44 15.25 15.84
CA PRO A 34 -2.49 14.15 15.82
C PRO A 34 -1.16 14.62 15.25
N VAL A 35 -0.17 14.89 16.10
CA VAL A 35 1.17 15.26 15.64
C VAL A 35 1.98 14.03 15.29
N TYR A 36 2.67 14.01 14.13
CA TYR A 36 3.44 12.84 13.71
C TYR A 36 4.96 13.00 13.79
N ASP A 37 5.62 12.06 14.47
CA ASP A 37 7.07 12.02 14.60
C ASP A 37 7.69 10.72 14.10
N LEU A 38 8.72 10.80 13.25
CA LEU A 38 9.42 9.62 12.79
C LEU A 38 10.44 9.17 13.83
N LEU A 39 10.22 7.98 14.41
CA LEU A 39 11.05 7.44 15.48
C LEU A 39 12.25 6.69 14.93
N LYS A 40 12.13 6.07 13.75
CA LYS A 40 13.19 5.23 13.21
C LYS A 40 13.21 5.26 11.68
N ALA A 41 14.41 5.26 11.10
CA ALA A 41 14.62 5.20 9.68
C ALA A 41 15.96 4.52 9.37
N GLU A 42 15.96 3.20 9.28
CA GLU A 42 17.19 2.45 9.03
C GLU A 42 16.91 1.11 8.34
N GLY A 43 17.98 0.46 7.88
CA GLY A 43 17.92 -0.83 7.20
C GLY A 43 18.27 -0.69 5.72
N GLN A 44 18.55 -1.82 5.06
CA GLN A 44 18.91 -1.85 3.65
C GLN A 44 17.71 -1.51 2.76
N ALA A 45 17.98 -1.13 1.51
CA ALA A 45 16.97 -0.78 0.52
C ALA A 45 16.24 -2.03 -0.01
N HIS A 46 15.90 -2.97 0.86
CA HIS A 46 15.27 -4.22 0.46
C HIS A 46 14.38 -4.76 1.56
N GLN A 47 14.65 -4.36 2.81
CA GLN A 47 13.84 -4.74 3.97
C GLN A 47 14.12 -3.76 5.12
N PRO A 48 13.90 -2.45 4.91
CA PRO A 48 14.14 -1.43 5.91
C PRO A 48 13.08 -1.50 7.01
N ASN A 49 13.24 -0.70 8.06
CA ASN A 49 12.29 -0.68 9.17
C ASN A 49 12.03 0.77 9.57
N PHE A 50 10.74 1.11 9.68
CA PHE A 50 10.30 2.45 10.05
C PHE A 50 9.41 2.47 11.29
N THR A 51 9.48 3.56 12.06
CA THR A 51 8.63 3.75 13.23
C THR A 51 8.03 5.16 13.27
N PHE A 52 6.73 5.24 13.55
CA PHE A 52 6.03 6.49 13.77
C PHE A 52 5.41 6.60 15.16
N ARG A 53 5.29 7.82 15.67
CA ARG A 53 4.53 8.09 16.88
C ARG A 53 3.51 9.18 16.55
N VAL A 54 2.32 9.07 17.13
CA VAL A 54 1.27 10.06 16.94
C VAL A 54 0.90 10.55 18.32
N THR A 55 0.64 11.85 18.43
CA THR A 55 0.23 12.48 19.68
C THR A 55 -1.08 13.21 19.55
N VAL A 56 -2.07 12.84 20.37
CA VAL A 56 -3.39 13.46 20.35
C VAL A 56 -3.73 13.81 21.79
N GLY A 57 -3.67 15.10 22.14
CA GLY A 57 -3.93 15.53 23.50
C GLY A 57 -2.93 14.89 24.46
N ASP A 58 -3.41 14.43 25.62
CA ASP A 58 -2.58 13.81 26.64
C ASP A 58 -2.10 12.38 26.33
N THR A 59 -2.28 11.91 25.09
CA THR A 59 -1.91 10.56 24.68
C THR A 59 -1.03 10.45 23.45
N SER A 60 -0.13 9.46 23.42
CA SER A 60 0.69 9.18 22.24
C SER A 60 0.97 7.70 22.13
N CYS A 61 1.05 7.20 20.89
CA CYS A 61 1.29 5.79 20.60
C CYS A 61 2.15 5.64 19.35
N THR A 62 2.75 4.46 19.15
CA THR A 62 3.61 4.17 18.01
C THR A 62 3.13 3.06 17.09
N GLY A 63 3.75 2.96 15.93
CA GLY A 63 3.47 1.93 14.94
C GLY A 63 4.69 1.73 14.04
N GLN A 64 4.76 0.59 13.34
CA GLN A 64 5.91 0.23 12.52
C GLN A 64 5.49 -0.44 11.22
N GLY A 65 6.41 -0.48 10.25
CA GLY A 65 6.16 -1.11 8.96
C GLY A 65 7.41 -1.06 8.08
N PRO A 66 7.38 -1.78 6.95
CA PRO A 66 8.47 -1.87 5.98
C PRO A 66 8.61 -0.60 5.14
N SER A 67 7.78 0.41 5.39
CA SER A 67 7.78 1.65 4.64
C SER A 67 7.28 2.80 5.49
N LYS A 68 7.45 4.03 5.00
CA LYS A 68 7.04 5.24 5.71
C LYS A 68 5.51 5.28 5.79
N LYS A 69 4.83 4.76 4.75
CA LYS A 69 3.38 4.71 4.68
C LYS A 69 2.82 3.69 5.68
N ALA A 70 3.46 2.52 5.78
CA ALA A 70 2.96 1.44 6.63
C ALA A 70 3.19 1.74 8.11
N ALA A 71 4.28 2.46 8.43
CA ALA A 71 4.60 2.76 9.81
C ALA A 71 3.70 3.86 10.36
N LYS A 72 3.35 4.87 9.55
CA LYS A 72 2.48 5.95 10.00
C LYS A 72 1.05 5.45 10.12
N HIS A 73 0.66 4.52 9.25
CA HIS A 73 -0.67 3.95 9.25
C HIS A 73 -0.96 3.22 10.56
N LYS A 74 -0.03 2.35 10.97
CA LYS A 74 -0.21 1.58 12.19
C LYS A 74 -0.23 2.47 13.44
N ALA A 75 0.49 3.59 13.45
CA ALA A 75 0.54 4.40 14.66
C ALA A 75 -0.78 5.12 14.89
N ALA A 76 -1.41 5.63 13.82
CA ALA A 76 -2.68 6.32 13.94
C ALA A 76 -3.78 5.36 14.37
N GLU A 77 -3.69 4.10 13.94
CA GLU A 77 -4.63 3.05 14.29
C GLU A 77 -4.60 2.78 15.79
N VAL A 78 -3.42 2.94 16.42
CA VAL A 78 -3.27 2.68 17.85
C VAL A 78 -3.80 3.84 18.68
N ALA A 79 -3.73 5.08 18.17
CA ALA A 79 -4.23 6.22 18.94
C ALA A 79 -5.74 6.15 19.05
N LEU A 80 -6.41 5.74 17.95
CA LEU A 80 -7.86 5.65 17.88
C LEU A 80 -8.40 4.71 18.96
N LYS A 81 -7.64 3.66 19.31
CA LYS A 81 -8.07 2.70 20.33
C LYS A 81 -8.08 3.30 21.72
N HIS A 82 -7.07 4.13 22.04
CA HIS A 82 -7.01 4.79 23.33
C HIS A 82 -7.97 5.97 23.41
N LEU A 83 -8.30 6.58 22.27
CA LEU A 83 -9.28 7.66 22.21
C LEU A 83 -10.69 7.11 22.35
N LYS A 84 -10.86 5.81 22.12
CA LYS A 84 -12.11 5.08 22.35
C LYS A 84 -12.23 4.59 23.79
N GLY A 85 -11.15 4.71 24.57
CA GLY A 85 -11.11 4.26 25.96
C GLY A 85 -11.70 5.28 26.91
N CYS A 146 8.60 -14.22 -2.93
CA CYS A 146 9.65 -13.79 -3.87
C CYS A 146 9.09 -12.87 -4.95
N ASN A 147 9.97 -12.17 -5.66
CA ASN A 147 9.58 -11.26 -6.74
C ASN A 147 9.29 -12.05 -8.02
N PRO A 148 8.06 -12.01 -8.54
CA PRO A 148 7.69 -12.75 -9.74
C PRO A 148 8.30 -12.14 -11.00
N VAL A 149 8.54 -10.83 -11.00
CA VAL A 149 9.11 -10.17 -12.17
C VAL A 149 10.56 -10.56 -12.40
N GLY A 150 11.32 -10.68 -11.31
CA GLY A 150 12.72 -11.08 -11.38
C GLY A 150 12.85 -12.57 -11.68
N ALA A 151 11.95 -13.38 -11.09
CA ALA A 151 11.97 -14.82 -11.33
C ALA A 151 11.63 -15.12 -12.78
N LEU A 152 10.72 -14.34 -13.39
CA LEU A 152 10.37 -14.53 -14.79
C LEU A 152 11.53 -14.12 -15.69
N GLN A 153 12.17 -12.99 -15.39
CA GLN A 153 13.30 -12.51 -16.18
C GLN A 153 14.46 -13.49 -16.14
N GLU A 154 14.66 -14.16 -14.99
CA GLU A 154 15.73 -15.15 -14.85
C GLU A 154 15.43 -16.41 -15.68
N LEU A 155 14.16 -16.78 -15.82
CA LEU A 155 13.79 -17.92 -16.64
C LEU A 155 13.89 -17.55 -18.12
N VAL A 156 13.27 -16.44 -18.51
CA VAL A 156 13.21 -16.02 -19.91
C VAL A 156 14.61 -15.94 -20.47
N VAL A 157 15.57 -15.43 -19.69
CA VAL A 157 16.95 -15.36 -20.14
C VAL A 157 17.65 -16.72 -20.18
N GLN A 158 17.26 -17.64 -19.28
CA GLN A 158 17.87 -18.97 -19.22
C GLN A 158 17.37 -19.87 -20.35
N LYS A 159 16.12 -19.68 -20.78
CA LYS A 159 15.49 -20.48 -21.83
C LYS A 159 16.02 -20.10 -23.21
N GLY A 160 16.79 -19.01 -23.30
CA GLY A 160 17.41 -18.56 -24.54
C GLY A 160 16.53 -17.55 -25.28
N TRP A 161 15.48 -17.05 -24.62
CA TRP A 161 14.54 -16.12 -25.23
C TRP A 161 15.04 -14.69 -25.06
N ARG A 162 14.40 -13.76 -25.78
CA ARG A 162 14.69 -12.33 -25.66
C ARG A 162 14.11 -11.80 -24.35
N LEU A 163 14.65 -10.67 -23.87
CA LEU A 163 14.23 -10.09 -22.60
C LEU A 163 12.73 -9.75 -22.62
N PRO A 164 12.07 -9.80 -21.46
CA PRO A 164 10.65 -9.56 -21.33
C PRO A 164 10.31 -8.08 -21.54
N GLU A 165 9.05 -7.81 -21.89
CA GLU A 165 8.57 -6.46 -22.15
C GLU A 165 7.17 -6.26 -21.58
N TYR A 166 6.85 -5.00 -21.25
CA TYR A 166 5.58 -4.65 -20.63
C TYR A 166 4.85 -3.48 -21.27
N THR A 167 3.54 -3.61 -21.50
CA THR A 167 2.71 -2.56 -22.08
C THR A 167 1.32 -2.42 -21.49
N VAL A 168 0.88 -1.20 -21.19
CA VAL A 168 -0.46 -0.96 -20.66
C VAL A 168 -1.54 -1.00 -21.73
N THR A 169 -2.62 -1.76 -21.47
CA THR A 169 -3.78 -1.80 -22.35
C THR A 169 -5.03 -1.11 -21.82
N GLN A 170 -5.04 -0.74 -20.54
CA GLN A 170 -6.23 -0.19 -19.91
C GLN A 170 -5.88 0.56 -18.62
N GLU A 171 -6.79 1.44 -18.20
CA GLU A 171 -6.65 2.20 -16.96
C GLU A 171 -8.02 2.59 -16.41
N SER A 172 -8.10 2.80 -15.10
CA SER A 172 -9.34 3.25 -14.44
C SER A 172 -9.49 4.76 -14.63
N GLY A 173 -10.70 5.25 -14.40
CA GLY A 173 -11.04 6.66 -14.60
C GLY A 173 -10.55 7.54 -13.46
N PRO A 174 -11.12 7.39 -12.26
CA PRO A 174 -10.79 8.22 -11.10
C PRO A 174 -9.31 8.10 -10.73
N ALA A 175 -8.64 9.24 -10.57
CA ALA A 175 -7.22 9.26 -10.23
C ALA A 175 -7.00 8.88 -8.77
N HIS A 176 -7.99 9.10 -7.89
CA HIS A 176 -7.85 8.76 -6.48
C HIS A 176 -8.05 7.27 -6.24
N ARG A 177 -8.56 6.55 -7.25
CA ARG A 177 -8.81 5.12 -7.17
C ARG A 177 -8.31 4.47 -8.45
N LYS A 178 -7.15 4.92 -8.91
CA LYS A 178 -6.55 4.50 -10.17
C LYS A 178 -6.28 2.99 -10.16
N GLU A 179 -6.37 2.38 -11.34
CA GLU A 179 -6.06 0.98 -11.58
C GLU A 179 -5.48 0.87 -12.98
N PHE A 180 -4.79 -0.24 -13.26
CA PHE A 180 -4.11 -0.46 -14.51
C PHE A 180 -4.19 -1.91 -14.98
N THR A 181 -4.20 -2.10 -16.29
CA THR A 181 -4.07 -3.42 -16.91
C THR A 181 -2.87 -3.53 -17.83
N MET A 182 -1.99 -4.49 -17.55
CA MET A 182 -0.70 -4.58 -18.23
C MET A 182 -0.50 -5.95 -18.86
N THR A 183 0.13 -5.95 -20.04
CA THR A 183 0.51 -7.16 -20.75
C THR A 183 1.99 -7.50 -20.61
N CYS A 184 2.30 -8.78 -20.40
CA CYS A 184 3.65 -9.28 -20.38
C CYS A 184 3.93 -9.95 -21.72
N ARG A 185 5.14 -9.77 -22.26
CA ARG A 185 5.48 -10.32 -23.56
C ARG A 185 6.80 -11.08 -23.49
N VAL A 186 6.80 -12.29 -24.05
CA VAL A 186 7.94 -13.19 -24.11
C VAL A 186 8.05 -13.65 -25.56
N GLU A 187 9.15 -14.33 -25.93
CA GLU A 187 9.41 -14.67 -27.32
C GLU A 187 8.27 -15.47 -27.99
N ARG A 188 7.51 -16.25 -27.23
CA ARG A 188 6.36 -16.98 -27.75
C ARG A 188 5.11 -16.78 -26.89
N PHE A 189 5.29 -16.39 -25.63
CA PHE A 189 4.19 -16.27 -24.67
C PHE A 189 3.74 -14.84 -24.42
N ILE A 190 2.45 -14.67 -24.13
CA ILE A 190 1.87 -13.37 -23.80
C ILE A 190 0.77 -13.57 -22.78
N GLU A 191 0.75 -12.76 -21.72
CA GLU A 191 -0.21 -12.86 -20.63
C GLU A 191 -0.54 -11.49 -20.07
N ILE A 192 -1.61 -11.38 -19.27
CA ILE A 192 -2.09 -10.09 -18.78
C ILE A 192 -2.36 -10.13 -17.27
N GLY A 193 -2.25 -8.96 -16.62
CA GLY A 193 -2.49 -8.78 -15.20
C GLY A 193 -2.93 -7.35 -14.92
N SER A 194 -3.24 -7.04 -13.66
CA SER A 194 -3.74 -5.72 -13.27
C SER A 194 -3.32 -5.33 -11.87
N GLY A 195 -3.45 -4.04 -11.55
CA GLY A 195 -3.07 -3.53 -10.24
C GLY A 195 -3.30 -2.02 -10.11
N THR A 196 -3.17 -1.52 -8.88
CA THR A 196 -3.38 -0.10 -8.57
C THR A 196 -2.30 0.85 -9.08
N SER A 197 -1.27 0.29 -9.71
CA SER A 197 -0.16 1.06 -10.27
C SER A 197 0.39 0.28 -11.46
N LYS A 198 1.11 0.93 -12.36
CA LYS A 198 1.65 0.25 -13.54
C LYS A 198 2.66 -0.80 -13.10
N LYS A 199 3.40 -0.51 -12.03
CA LYS A 199 4.37 -1.42 -11.45
C LYS A 199 3.71 -2.62 -10.79
N LEU A 200 2.53 -2.43 -10.18
CA LEU A 200 1.79 -3.53 -9.59
C LEU A 200 1.11 -4.37 -10.68
N ALA A 201 0.65 -3.73 -11.75
CA ALA A 201 0.00 -4.42 -12.85
C ALA A 201 0.95 -5.36 -13.58
N LYS A 202 2.21 -4.94 -13.80
CA LYS A 202 3.19 -5.81 -14.44
C LYS A 202 3.58 -6.95 -13.50
N ARG A 203 3.59 -6.69 -12.18
CA ARG A 203 3.89 -7.72 -11.19
C ARG A 203 2.82 -8.80 -11.20
N ASN A 204 1.55 -8.43 -11.36
CA ASN A 204 0.49 -9.40 -11.45
C ASN A 204 0.57 -10.17 -12.77
N ALA A 205 0.84 -9.48 -13.87
CA ALA A 205 0.95 -10.12 -15.17
C ALA A 205 2.13 -11.10 -15.20
N ALA A 206 3.20 -10.79 -14.48
CA ALA A 206 4.36 -11.67 -14.38
C ALA A 206 4.01 -12.91 -13.56
N ALA A 207 3.19 -12.76 -12.52
CA ALA A 207 2.80 -13.89 -11.69
C ALA A 207 1.99 -14.91 -12.49
N LYS A 208 1.08 -14.45 -13.36
CA LYS A 208 0.32 -15.35 -14.20
C LYS A 208 1.21 -15.94 -15.29
N MET A 209 2.17 -15.14 -15.79
CA MET A 209 3.08 -15.59 -16.83
C MET A 209 4.00 -16.70 -16.33
N LEU A 210 4.44 -16.64 -15.07
CA LEU A 210 5.32 -17.67 -14.52
C LEU A 210 4.67 -19.04 -14.62
N LEU A 211 3.34 -19.12 -14.59
CA LEU A 211 2.64 -20.39 -14.69
C LEU A 211 2.58 -20.85 -16.14
N ARG A 212 2.60 -19.90 -17.09
CA ARG A 212 2.54 -20.18 -18.51
C ARG A 212 3.88 -20.69 -19.04
N VAL A 213 4.97 -19.99 -18.75
CA VAL A 213 6.28 -20.34 -19.29
C VAL A 213 6.87 -21.56 -18.61
N HIS A 214 6.57 -21.75 -17.32
CA HIS A 214 7.13 -22.86 -16.55
C HIS A 214 6.36 -24.15 -16.81
N THR A 215 7.08 -25.28 -16.78
CA THR A 215 6.51 -26.60 -17.05
C THR A 215 7.00 -27.72 -16.13
N GLY A 1 -29.56 11.82 14.07
CA GLY A 1 -29.48 13.28 14.18
C GLY A 1 -28.05 13.76 13.99
N GLY A 2 -27.88 15.00 13.52
CA GLY A 2 -26.58 15.60 13.31
C GLY A 2 -25.93 16.04 14.62
N SER A 3 -24.70 16.56 14.53
CA SER A 3 -23.91 16.99 15.68
C SER A 3 -23.72 15.86 16.70
N LEU A 4 -23.19 16.19 17.88
CA LEU A 4 -22.89 15.22 18.94
C LEU A 4 -22.03 14.08 18.40
N PRO A 5 -20.88 14.38 17.77
CA PRO A 5 -19.99 13.39 17.19
C PRO A 5 -19.33 12.54 18.29
N SER A 6 -18.72 11.42 17.87
CA SER A 6 -18.04 10.51 18.79
C SER A 6 -16.92 9.77 18.07
N ILE A 7 -15.95 9.25 18.85
CA ILE A 7 -14.80 8.52 18.32
C ILE A 7 -15.28 7.19 17.72
N GLU A 8 -16.45 6.70 18.12
CA GLU A 8 -17.01 5.49 17.53
C GLU A 8 -17.76 5.79 16.23
N GLN A 9 -18.36 6.98 16.12
CA GLN A 9 -19.14 7.35 14.95
C GLN A 9 -18.27 7.70 13.76
N MET A 10 -17.08 8.25 14.01
CA MET A 10 -16.15 8.64 12.96
C MET A 10 -15.66 7.42 12.17
N LEU A 11 -15.63 6.24 12.81
CA LEU A 11 -15.21 5.02 12.14
C LEU A 11 -16.20 4.68 11.02
N ALA A 12 -17.50 4.86 11.29
CA ALA A 12 -18.56 4.58 10.34
C ALA A 12 -18.77 5.74 9.35
N ALA A 13 -18.21 6.92 9.65
CA ALA A 13 -18.45 8.10 8.83
C ALA A 13 -17.63 8.07 7.54
N ASN A 14 -16.42 7.53 7.58
CA ASN A 14 -15.52 7.48 6.43
C ASN A 14 -14.62 6.25 6.47
N PRO A 15 -15.20 5.04 6.47
CA PRO A 15 -14.46 3.80 6.52
C PRO A 15 -13.66 3.58 5.23
N GLY A 16 -12.73 2.63 5.26
CA GLY A 16 -11.91 2.26 4.11
C GLY A 16 -10.70 3.18 3.93
N LYS A 17 -10.69 4.34 4.58
CA LYS A 17 -9.54 5.23 4.54
C LYS A 17 -8.48 4.77 5.53
N THR A 18 -7.29 5.38 5.46
CA THR A 18 -6.27 5.17 6.48
C THR A 18 -6.69 5.74 7.82
N PRO A 19 -6.27 5.12 8.94
CA PRO A 19 -6.59 5.61 10.27
C PRO A 19 -5.94 6.97 10.52
N ILE A 20 -4.99 7.37 9.67
CA ILE A 20 -4.34 8.67 9.76
C ILE A 20 -5.37 9.75 9.48
N SER A 21 -6.15 9.55 8.41
CA SER A 21 -7.15 10.52 7.99
C SER A 21 -8.32 10.53 8.98
N LEU A 22 -8.64 9.40 9.59
CA LEU A 22 -9.74 9.37 10.55
C LEU A 22 -9.36 10.15 11.80
N LEU A 23 -8.08 10.11 12.21
CA LEU A 23 -7.64 10.90 13.35
C LEU A 23 -7.68 12.38 13.00
N GLN A 24 -7.50 12.73 11.73
CA GLN A 24 -7.58 14.12 11.31
C GLN A 24 -9.03 14.60 11.28
N GLU A 25 -9.98 13.70 11.00
CA GLU A 25 -11.40 14.04 11.01
C GLU A 25 -11.93 14.10 12.43
N TYR A 26 -11.52 13.16 13.28
CA TYR A 26 -11.88 13.15 14.69
C TYR A 26 -11.27 14.28 15.52
N GLY A 27 -10.04 14.65 15.15
CA GLY A 27 -9.28 15.67 15.85
C GLY A 27 -10.01 17.00 15.86
N THR A 28 -10.64 17.39 14.75
CA THR A 28 -11.35 18.67 14.67
C THR A 28 -12.51 18.81 15.65
N ARG A 29 -13.14 17.68 16.01
CA ARG A 29 -14.30 17.70 16.89
C ARG A 29 -13.86 17.94 18.34
N ILE A 30 -12.68 17.43 18.70
CA ILE A 30 -12.13 17.56 20.04
C ILE A 30 -11.10 18.69 20.15
N GLY A 31 -10.78 19.38 19.05
CA GLY A 31 -9.84 20.48 19.04
C GLY A 31 -8.39 20.03 19.03
N LYS A 32 -8.14 18.71 19.04
CA LYS A 32 -6.80 18.14 19.04
C LYS A 32 -6.38 17.82 17.60
N THR A 33 -5.07 17.67 17.37
CA THR A 33 -4.55 17.22 16.09
C THR A 33 -3.48 16.14 16.23
N PRO A 34 -3.55 15.05 15.44
CA PRO A 34 -2.59 13.98 15.48
C PRO A 34 -1.26 14.43 14.87
N VAL A 35 -0.23 14.66 15.70
CA VAL A 35 1.10 15.01 15.23
C VAL A 35 1.91 13.77 14.88
N TYR A 36 2.55 13.71 13.71
CA TYR A 36 3.29 12.54 13.29
C TYR A 36 4.82 12.69 13.25
N ASP A 37 5.53 11.77 13.90
CA ASP A 37 6.99 11.75 13.94
C ASP A 37 7.63 10.41 13.60
N LEU A 38 8.72 10.43 12.80
CA LEU A 38 9.47 9.24 12.46
C LEU A 38 10.47 8.94 13.58
N LEU A 39 10.31 7.83 14.31
CA LEU A 39 11.21 7.50 15.41
C LEU A 39 12.48 6.82 14.93
N LYS A 40 12.40 6.06 13.83
CA LYS A 40 13.52 5.27 13.37
C LYS A 40 13.44 5.01 11.88
N ALA A 41 14.59 4.90 11.23
CA ALA A 41 14.71 4.60 9.81
C ALA A 41 15.98 3.78 9.57
N GLU A 42 15.81 2.48 9.38
CA GLU A 42 16.92 1.54 9.24
C GLU A 42 16.66 0.48 8.16
N GLY A 43 17.66 -0.38 7.93
CA GLY A 43 17.59 -1.47 6.99
C GLY A 43 17.92 -1.06 5.57
N GLN A 44 18.34 -2.03 4.75
CA GLN A 44 18.67 -1.81 3.35
C GLN A 44 17.40 -1.61 2.53
N ALA A 45 17.54 -1.04 1.33
CA ALA A 45 16.41 -0.59 0.54
C ALA A 45 15.41 -1.68 0.15
N HIS A 46 15.81 -2.96 0.12
CA HIS A 46 14.90 -4.02 -0.29
C HIS A 46 14.16 -4.66 0.88
N GLN A 47 14.49 -4.27 2.12
CA GLN A 47 13.78 -4.74 3.31
C GLN A 47 14.00 -3.79 4.50
N PRO A 48 13.73 -2.49 4.32
CA PRO A 48 13.93 -1.48 5.35
C PRO A 48 12.89 -1.62 6.46
N ASN A 49 13.04 -0.83 7.52
CA ASN A 49 12.12 -0.82 8.64
C ASN A 49 11.95 0.61 9.16
N PHE A 50 10.69 1.00 9.38
CA PHE A 50 10.33 2.32 9.84
C PHE A 50 9.50 2.33 11.12
N THR A 51 9.57 3.43 11.87
CA THR A 51 8.76 3.64 13.07
C THR A 51 8.10 5.01 13.08
N PHE A 52 6.81 5.04 13.37
CA PHE A 52 6.04 6.27 13.52
C PHE A 52 5.41 6.44 14.89
N ARG A 53 5.26 7.68 15.34
CA ARG A 53 4.53 7.99 16.56
C ARG A 53 3.48 9.05 16.24
N VAL A 54 2.34 8.96 16.91
CA VAL A 54 1.26 9.91 16.72
C VAL A 54 0.93 10.51 18.09
N THR A 55 0.58 11.79 18.11
CA THR A 55 0.19 12.48 19.33
C THR A 55 -1.15 13.18 19.22
N VAL A 56 -2.10 12.79 20.07
CA VAL A 56 -3.45 13.35 20.09
C VAL A 56 -3.83 13.70 21.52
N GLY A 57 -4.06 14.99 21.80
CA GLY A 57 -4.45 15.44 23.13
C GLY A 57 -3.43 15.00 24.18
N ASP A 58 -2.15 15.16 23.87
CA ASP A 58 -1.02 14.76 24.70
C ASP A 58 -0.80 13.26 24.89
N THR A 59 -1.73 12.41 24.44
CA THR A 59 -1.52 10.97 24.37
C THR A 59 -0.74 10.56 23.13
N SER A 60 0.17 9.58 23.23
CA SER A 60 0.93 9.17 22.06
C SER A 60 1.23 7.67 22.04
N CYS A 61 1.29 7.13 20.82
CA CYS A 61 1.55 5.73 20.56
C CYS A 61 2.37 5.55 19.28
N THR A 62 2.97 4.37 19.09
CA THR A 62 3.80 4.08 17.94
C THR A 62 3.33 2.90 17.08
N GLY A 63 3.93 2.79 15.89
CA GLY A 63 3.66 1.71 14.94
C GLY A 63 4.87 1.53 14.03
N GLN A 64 4.95 0.38 13.36
CA GLN A 64 6.09 0.04 12.51
C GLN A 64 5.65 -0.70 11.24
N GLY A 65 6.53 -0.70 10.23
CA GLY A 65 6.28 -1.36 8.97
C GLY A 65 7.46 -1.25 8.01
N PRO A 66 7.40 -2.00 6.90
CA PRO A 66 8.44 -2.03 5.87
C PRO A 66 8.45 -0.77 5.02
N SER A 67 7.51 0.16 5.27
CA SER A 67 7.37 1.40 4.52
C SER A 67 6.75 2.45 5.41
N LYS A 68 6.96 3.74 5.11
CA LYS A 68 6.42 4.81 5.94
C LYS A 68 4.89 4.82 5.89
N LYS A 69 4.29 4.29 4.82
CA LYS A 69 2.83 4.19 4.69
C LYS A 69 2.30 3.15 5.67
N ALA A 70 2.99 2.01 5.79
CA ALA A 70 2.59 0.92 6.67
C ALA A 70 2.86 1.27 8.12
N ALA A 71 3.94 2.00 8.39
CA ALA A 71 4.33 2.34 9.76
C ALA A 71 3.45 3.44 10.34
N LYS A 72 3.08 4.43 9.53
CA LYS A 72 2.24 5.53 10.02
C LYS A 72 0.81 5.04 10.24
N HIS A 73 0.36 4.09 9.41
CA HIS A 73 -0.99 3.54 9.50
C HIS A 73 -1.19 2.86 10.84
N LYS A 74 -0.23 2.01 11.25
CA LYS A 74 -0.34 1.27 12.49
C LYS A 74 -0.32 2.20 13.69
N ALA A 75 0.42 3.30 13.65
CA ALA A 75 0.53 4.17 14.81
C ALA A 75 -0.79 4.91 15.06
N ALA A 76 -1.44 5.37 13.98
CA ALA A 76 -2.71 6.07 14.10
C ALA A 76 -3.78 5.13 14.63
N GLU A 77 -3.70 3.84 14.24
CA GLU A 77 -4.62 2.82 14.68
C GLU A 77 -4.50 2.57 16.19
N VAL A 78 -3.30 2.73 16.77
CA VAL A 78 -3.10 2.49 18.19
C VAL A 78 -3.61 3.67 19.02
N ALA A 79 -3.52 4.90 18.51
CA ALA A 79 -4.00 6.06 19.25
C ALA A 79 -5.52 6.01 19.36
N LEU A 80 -6.19 5.54 18.29
CA LEU A 80 -7.63 5.41 18.23
C LEU A 80 -8.15 4.46 19.32
N LYS A 81 -7.35 3.46 19.71
CA LYS A 81 -7.74 2.54 20.78
C LYS A 81 -7.76 3.23 22.14
N HIS A 82 -6.79 4.13 22.39
CA HIS A 82 -6.72 4.85 23.65
C HIS A 82 -7.75 5.97 23.70
N LEU A 83 -8.14 6.50 22.54
CA LEU A 83 -9.18 7.52 22.45
C LEU A 83 -10.56 6.87 22.63
N LYS A 84 -10.64 5.55 22.46
CA LYS A 84 -11.82 4.74 22.75
C LYS A 84 -11.84 4.26 24.20
N GLY A 85 -10.87 4.69 25.01
CA GLY A 85 -10.74 4.29 26.40
C GLY A 85 -11.92 4.79 27.24
N CYS A 146 8.54 -11.19 -2.15
CA CYS A 146 8.48 -11.97 -3.40
C CYS A 146 8.61 -11.03 -4.60
N ASN A 147 9.17 -11.54 -5.71
CA ASN A 147 9.37 -10.77 -6.92
C ASN A 147 9.23 -11.66 -8.16
N PRO A 148 7.99 -11.95 -8.60
CA PRO A 148 7.74 -12.83 -9.71
C PRO A 148 8.26 -12.25 -11.03
N VAL A 149 8.45 -10.92 -11.09
CA VAL A 149 9.03 -10.31 -12.27
C VAL A 149 10.52 -10.61 -12.40
N GLY A 150 11.19 -10.80 -11.25
CA GLY A 150 12.60 -11.16 -11.22
C GLY A 150 12.79 -12.62 -11.59
N ALA A 151 11.85 -13.49 -11.19
CA ALA A 151 11.90 -14.89 -11.55
C ALA A 151 11.78 -15.06 -13.06
N LEU A 152 10.98 -14.22 -13.73
CA LEU A 152 10.91 -14.24 -15.18
C LEU A 152 12.21 -13.73 -15.79
N GLN A 153 12.86 -12.72 -15.18
CA GLN A 153 14.10 -12.19 -15.71
C GLN A 153 15.19 -13.27 -15.70
N GLU A 154 15.20 -14.13 -14.67
CA GLU A 154 16.12 -15.25 -14.64
C GLU A 154 15.76 -16.31 -15.69
N LEU A 155 14.47 -16.67 -15.76
CA LEU A 155 14.03 -17.78 -16.59
C LEU A 155 14.06 -17.46 -18.09
N VAL A 156 13.52 -16.32 -18.50
CA VAL A 156 13.48 -15.91 -19.89
C VAL A 156 14.91 -15.86 -20.44
N VAL A 157 15.87 -15.40 -19.64
CA VAL A 157 17.27 -15.32 -20.06
C VAL A 157 17.87 -16.73 -20.11
N GLN A 158 17.48 -17.63 -19.20
CA GLN A 158 18.03 -18.97 -19.16
C GLN A 158 17.46 -19.86 -20.27
N LYS A 159 16.26 -19.53 -20.77
CA LYS A 159 15.64 -20.24 -21.89
C LYS A 159 16.30 -19.87 -23.22
N GLY A 160 17.06 -18.77 -23.24
CA GLY A 160 17.73 -18.27 -24.43
C GLY A 160 16.85 -17.28 -25.19
N TRP A 161 15.78 -16.80 -24.55
CA TRP A 161 14.85 -15.88 -25.17
C TRP A 161 15.32 -14.44 -25.01
N ARG A 162 14.69 -13.52 -25.72
CA ARG A 162 14.96 -12.09 -25.60
C ARG A 162 14.35 -11.55 -24.31
N LEU A 163 14.84 -10.41 -23.84
CA LEU A 163 14.37 -9.80 -22.60
C LEU A 163 12.88 -9.53 -22.66
N PRO A 164 12.17 -9.61 -21.52
CA PRO A 164 10.74 -9.41 -21.44
C PRO A 164 10.38 -7.94 -21.68
N GLU A 165 9.14 -7.70 -22.09
CA GLU A 165 8.63 -6.35 -22.34
C GLU A 165 7.27 -6.15 -21.69
N TYR A 166 7.01 -4.91 -21.24
CA TYR A 166 5.78 -4.54 -20.56
C TYR A 166 5.06 -3.32 -21.15
N THR A 167 3.76 -3.46 -21.43
CA THR A 167 2.93 -2.38 -21.94
C THR A 167 1.53 -2.33 -21.38
N VAL A 168 1.04 -1.13 -21.03
CA VAL A 168 -0.32 -0.99 -20.52
C VAL A 168 -1.37 -1.10 -21.61
N THR A 169 -2.41 -1.91 -21.36
CA THR A 169 -3.51 -2.07 -22.30
C THR A 169 -4.82 -1.41 -21.86
N GLN A 170 -4.90 -0.99 -20.59
CA GLN A 170 -6.13 -0.42 -20.05
C GLN A 170 -5.86 0.33 -18.75
N GLU A 171 -6.75 1.29 -18.43
CA GLU A 171 -6.68 2.08 -17.21
C GLU A 171 -8.09 2.45 -16.75
N SER A 172 -8.29 2.58 -15.43
CA SER A 172 -9.56 3.01 -14.87
C SER A 172 -9.67 4.53 -14.94
N GLY A 173 -10.90 5.05 -14.77
CA GLY A 173 -11.18 6.47 -14.90
C GLY A 173 -10.72 7.31 -13.70
N PRO A 174 -11.20 7.02 -12.48
CA PRO A 174 -10.94 7.86 -11.31
C PRO A 174 -9.49 7.73 -10.86
N ALA A 175 -8.81 8.87 -10.70
CA ALA A 175 -7.42 8.89 -10.26
C ALA A 175 -7.29 8.57 -8.77
N HIS A 176 -8.36 8.75 -7.99
CA HIS A 176 -8.35 8.46 -6.56
C HIS A 176 -8.51 6.97 -6.28
N ARG A 177 -8.89 6.20 -7.30
CA ARG A 177 -9.11 4.77 -7.21
C ARG A 177 -8.55 4.12 -8.47
N LYS A 178 -7.38 4.63 -8.89
CA LYS A 178 -6.74 4.26 -10.15
C LYS A 178 -6.37 2.77 -10.17
N GLU A 179 -6.49 2.16 -11.34
CA GLU A 179 -6.10 0.79 -11.59
C GLU A 179 -5.55 0.69 -13.01
N PHE A 180 -4.71 -0.31 -13.24
CA PHE A 180 -4.01 -0.51 -14.49
C PHE A 180 -4.09 -1.96 -14.95
N THR A 181 -4.15 -2.17 -16.27
CA THR A 181 -4.02 -3.48 -16.87
C THR A 181 -2.79 -3.58 -17.76
N MET A 182 -1.88 -4.51 -17.45
CA MET A 182 -0.59 -4.55 -18.10
C MET A 182 -0.38 -5.88 -18.81
N THR A 183 0.25 -5.83 -19.99
CA THR A 183 0.61 -6.99 -20.77
C THR A 183 2.10 -7.31 -20.67
N CYS A 184 2.42 -8.61 -20.58
CA CYS A 184 3.79 -9.10 -20.56
C CYS A 184 4.03 -9.86 -21.85
N ARG A 185 5.22 -9.72 -22.44
CA ARG A 185 5.54 -10.39 -23.69
C ARG A 185 6.98 -10.89 -23.71
N VAL A 186 7.14 -12.11 -24.23
CA VAL A 186 8.43 -12.78 -24.44
C VAL A 186 8.51 -13.39 -25.84
N GLU A 187 9.53 -14.20 -26.09
CA GLU A 187 9.83 -14.69 -27.43
C GLU A 187 8.68 -15.47 -28.07
N ARG A 188 7.76 -16.03 -27.27
CA ARG A 188 6.61 -16.76 -27.79
C ARG A 188 5.38 -16.62 -26.92
N PHE A 189 5.57 -16.27 -25.64
CA PHE A 189 4.48 -16.22 -24.68
C PHE A 189 4.00 -14.78 -24.39
N ILE A 190 2.71 -14.64 -24.11
CA ILE A 190 2.09 -13.35 -23.81
C ILE A 190 1.00 -13.55 -22.77
N GLU A 191 0.97 -12.70 -21.74
CA GLU A 191 0.00 -12.78 -20.65
C GLU A 191 -0.35 -11.39 -20.12
N ILE A 192 -1.41 -11.30 -19.33
CA ILE A 192 -1.92 -10.04 -18.81
C ILE A 192 -2.20 -10.10 -17.31
N GLY A 193 -2.10 -8.95 -16.65
CA GLY A 193 -2.38 -8.79 -15.22
C GLY A 193 -2.87 -7.38 -14.93
N SER A 194 -3.20 -7.08 -13.67
CA SER A 194 -3.72 -5.78 -13.29
C SER A 194 -3.34 -5.42 -11.86
N GLY A 195 -3.49 -4.13 -11.51
CA GLY A 195 -3.15 -3.64 -10.18
C GLY A 195 -3.37 -2.14 -10.07
N THR A 196 -3.34 -1.62 -8.85
CA THR A 196 -3.57 -0.22 -8.55
C THR A 196 -2.43 0.73 -8.94
N SER A 197 -1.38 0.18 -9.56
CA SER A 197 -0.26 0.96 -10.07
C SER A 197 0.35 0.18 -11.23
N LYS A 198 1.16 0.84 -12.07
CA LYS A 198 1.74 0.15 -13.21
C LYS A 198 2.74 -0.89 -12.74
N LYS A 199 3.42 -0.61 -11.63
CA LYS A 199 4.34 -1.55 -11.01
C LYS A 199 3.60 -2.77 -10.45
N LEU A 200 2.40 -2.55 -9.88
CA LEU A 200 1.62 -3.64 -9.33
C LEU A 200 0.98 -4.47 -10.45
N ALA A 201 0.54 -3.81 -11.52
CA ALA A 201 -0.01 -4.52 -12.67
C ALA A 201 1.06 -5.35 -13.36
N LYS A 202 2.30 -4.85 -13.35
CA LYS A 202 3.46 -5.55 -13.90
C LYS A 202 3.79 -6.77 -13.05
N ARG A 203 3.66 -6.62 -11.73
CA ARG A 203 3.85 -7.69 -10.76
C ARG A 203 2.81 -8.79 -10.93
N ASN A 204 1.55 -8.42 -11.21
CA ASN A 204 0.50 -9.41 -11.39
C ASN A 204 0.62 -10.13 -12.73
N ALA A 205 0.92 -9.42 -13.81
CA ALA A 205 1.05 -10.03 -15.11
C ALA A 205 2.20 -11.03 -15.13
N ALA A 206 3.26 -10.76 -14.35
CA ALA A 206 4.38 -11.67 -14.24
C ALA A 206 3.98 -12.95 -13.50
N ALA A 207 3.11 -12.83 -12.49
CA ALA A 207 2.70 -13.99 -11.72
C ALA A 207 1.90 -14.97 -12.60
N LYS A 208 1.09 -14.45 -13.53
CA LYS A 208 0.34 -15.31 -14.44
C LYS A 208 1.27 -15.93 -15.47
N MET A 209 2.27 -15.17 -15.95
CA MET A 209 3.19 -15.69 -16.95
C MET A 209 4.09 -16.78 -16.38
N LEU A 210 4.46 -16.71 -15.09
CA LEU A 210 5.28 -17.75 -14.50
C LEU A 210 4.60 -19.12 -14.61
N LEU A 211 3.27 -19.16 -14.67
CA LEU A 211 2.57 -20.42 -14.82
C LEU A 211 2.56 -20.85 -16.29
N ARG A 212 2.66 -19.89 -17.21
CA ARG A 212 2.67 -20.15 -18.65
C ARG A 212 4.02 -20.68 -19.13
N VAL A 213 5.11 -20.02 -18.72
CA VAL A 213 6.45 -20.38 -19.20
C VAL A 213 7.01 -21.60 -18.47
N HIS A 214 6.62 -21.79 -17.21
CA HIS A 214 7.11 -22.92 -16.42
C HIS A 214 6.31 -24.18 -16.74
N THR A 215 6.94 -25.35 -16.53
CA THR A 215 6.34 -26.65 -16.81
C THR A 215 6.63 -27.74 -15.80
N GLY A 1 -26.08 2.06 22.32
CA GLY A 1 -25.70 3.26 21.55
C GLY A 1 -26.83 4.29 21.55
N GLY A 2 -26.85 5.14 20.52
CA GLY A 2 -27.88 6.17 20.38
C GLY A 2 -27.67 6.98 19.11
N SER A 3 -28.56 7.95 18.87
CA SER A 3 -28.48 8.83 17.70
C SER A 3 -27.34 9.84 17.82
N LEU A 4 -26.77 9.98 19.02
CA LEU A 4 -25.68 10.90 19.27
C LEU A 4 -24.42 10.43 18.54
N PRO A 5 -23.52 11.36 18.19
CA PRO A 5 -22.26 11.05 17.52
C PRO A 5 -21.31 10.32 18.46
N SER A 6 -20.33 9.61 17.88
CA SER A 6 -19.32 8.87 18.64
C SER A 6 -18.09 8.62 17.80
N ILE A 7 -16.94 8.45 18.44
CA ILE A 7 -15.68 8.19 17.76
C ILE A 7 -15.69 6.81 17.10
N GLU A 8 -16.61 5.92 17.51
CA GLU A 8 -16.74 4.62 16.87
C GLU A 8 -17.44 4.71 15.52
N GLN A 9 -18.31 5.72 15.33
CA GLN A 9 -19.10 5.86 14.11
C GLN A 9 -18.28 6.40 12.94
N MET A 10 -17.30 7.27 13.22
CA MET A 10 -16.46 7.87 12.18
C MET A 10 -15.56 6.83 11.53
N LEU A 11 -15.21 5.75 12.24
CA LEU A 11 -14.40 4.69 11.67
C LEU A 11 -15.18 3.97 10.57
N ALA A 12 -16.49 3.80 10.77
CA ALA A 12 -17.37 3.16 9.82
C ALA A 12 -17.84 4.11 8.71
N ALA A 13 -17.62 5.41 8.89
CA ALA A 13 -18.06 6.42 7.92
C ALA A 13 -17.07 6.54 6.77
N ASN A 14 -15.80 6.20 6.99
CA ASN A 14 -14.76 6.29 5.97
C ASN A 14 -13.70 5.20 6.18
N PRO A 15 -14.10 3.92 6.19
CA PRO A 15 -13.21 2.80 6.45
C PRO A 15 -12.23 2.58 5.30
N GLY A 16 -12.42 3.25 4.17
CA GLY A 16 -11.53 3.14 3.02
C GLY A 16 -10.25 3.95 3.20
N LYS A 17 -10.22 4.88 4.16
CA LYS A 17 -9.05 5.70 4.42
C LYS A 17 -8.17 5.08 5.51
N THR A 18 -6.96 5.61 5.64
CA THR A 18 -6.07 5.30 6.75
C THR A 18 -6.55 5.99 8.02
N PRO A 19 -6.27 5.42 9.20
CA PRO A 19 -6.65 5.99 10.48
C PRO A 19 -5.92 7.29 10.75
N ILE A 20 -4.89 7.59 9.93
CA ILE A 20 -4.13 8.84 10.04
C ILE A 20 -5.06 10.01 9.73
N SER A 21 -5.84 9.88 8.65
CA SER A 21 -6.77 10.92 8.22
C SER A 21 -7.99 11.00 9.14
N LEU A 22 -8.42 9.88 9.73
CA LEU A 22 -9.54 9.93 10.66
C LEU A 22 -9.13 10.66 11.93
N LEU A 23 -7.85 10.58 12.32
CA LEU A 23 -7.35 11.39 13.43
C LEU A 23 -7.26 12.85 13.01
N GLN A 24 -7.07 13.12 11.72
CA GLN A 24 -6.95 14.49 11.23
C GLN A 24 -8.30 15.19 11.28
N GLU A 25 -9.39 14.49 10.92
CA GLU A 25 -10.72 15.08 10.94
C GLU A 25 -11.28 15.07 12.36
N TYR A 26 -10.99 14.04 13.16
CA TYR A 26 -11.41 14.00 14.54
C TYR A 26 -10.75 15.06 15.42
N GLY A 27 -9.48 15.34 15.13
CA GLY A 27 -8.72 16.35 15.86
C GLY A 27 -9.42 17.70 15.81
N THR A 28 -10.02 18.05 14.67
CA THR A 28 -10.70 19.33 14.56
C THR A 28 -11.90 19.52 15.47
N ARG A 29 -12.58 18.43 15.84
CA ARG A 29 -13.75 18.51 16.71
C ARG A 29 -13.32 18.78 18.15
N ILE A 30 -12.19 18.19 18.55
CA ILE A 30 -11.66 18.30 19.91
C ILE A 30 -10.62 19.42 20.04
N GLY A 31 -10.28 20.10 18.94
CA GLY A 31 -9.31 21.20 18.96
C GLY A 31 -7.86 20.72 19.02
N LYS A 32 -7.65 19.40 19.13
CA LYS A 32 -6.32 18.81 19.17
C LYS A 32 -5.84 18.51 17.74
N THR A 33 -4.55 18.25 17.58
CA THR A 33 -4.01 17.79 16.30
C THR A 33 -3.04 16.62 16.49
N PRO A 34 -3.18 15.53 15.73
CA PRO A 34 -2.28 14.40 15.79
C PRO A 34 -0.93 14.77 15.19
N VAL A 35 0.06 15.07 16.03
CA VAL A 35 1.41 15.37 15.56
C VAL A 35 2.16 14.09 15.23
N TYR A 36 2.80 14.03 14.06
CA TYR A 36 3.52 12.82 13.64
C TYR A 36 5.05 12.93 13.63
N ASP A 37 5.72 12.01 14.34
CA ASP A 37 7.17 11.97 14.43
C ASP A 37 7.79 10.63 14.02
N LEU A 38 8.86 10.67 13.22
CA LEU A 38 9.57 9.47 12.83
C LEU A 38 10.54 9.07 13.95
N LEU A 39 10.26 7.94 14.61
CA LEU A 39 11.06 7.47 15.73
C LEU A 39 12.28 6.68 15.26
N LYS A 40 12.20 5.99 14.12
CA LYS A 40 13.29 5.15 13.67
C LYS A 40 13.25 4.99 12.14
N ALA A 41 14.43 4.88 11.53
CA ALA A 41 14.56 4.67 10.09
C ALA A 41 15.84 3.88 9.81
N GLU A 42 15.71 2.56 9.70
CA GLU A 42 16.85 1.66 9.49
C GLU A 42 16.47 0.41 8.72
N GLY A 43 17.48 -0.32 8.25
CA GLY A 43 17.31 -1.56 7.50
C GLY A 43 17.73 -1.40 6.03
N GLN A 44 17.93 -2.53 5.36
CA GLN A 44 18.38 -2.55 3.97
C GLN A 44 17.26 -2.15 3.02
N ALA A 45 17.63 -1.81 1.78
CA ALA A 45 16.70 -1.40 0.73
C ALA A 45 15.91 -2.59 0.17
N HIS A 46 15.47 -3.51 1.03
CA HIS A 46 14.72 -4.70 0.62
C HIS A 46 13.66 -5.06 1.66
N GLN A 47 13.89 -4.70 2.91
CA GLN A 47 12.98 -4.96 4.01
C GLN A 47 13.33 -4.04 5.19
N PRO A 48 13.24 -2.72 4.99
CA PRO A 48 13.55 -1.75 6.03
C PRO A 48 12.48 -1.77 7.11
N ASN A 49 12.70 -1.03 8.19
CA ASN A 49 11.75 -0.96 9.29
C ASN A 49 11.66 0.48 9.80
N PHE A 50 10.42 0.95 9.96
CA PHE A 50 10.14 2.30 10.40
C PHE A 50 9.30 2.36 11.68
N THR A 51 9.44 3.45 12.43
CA THR A 51 8.62 3.72 13.61
C THR A 51 8.02 5.11 13.60
N PHE A 52 6.73 5.20 13.90
CA PHE A 52 6.03 6.46 14.07
C PHE A 52 5.41 6.66 15.43
N ARG A 53 5.37 7.91 15.90
CA ARG A 53 4.61 8.26 17.10
C ARG A 53 3.61 9.33 16.72
N VAL A 54 2.42 9.26 17.32
CA VAL A 54 1.38 10.24 17.10
C VAL A 54 1.00 10.83 18.45
N THR A 55 0.76 12.14 18.49
CA THR A 55 0.37 12.83 19.70
C THR A 55 -0.93 13.59 19.54
N VAL A 56 -1.92 13.24 20.35
CA VAL A 56 -3.25 13.85 20.31
C VAL A 56 -3.59 14.29 21.74
N GLY A 57 -3.49 15.59 22.01
CA GLY A 57 -3.73 16.11 23.35
C GLY A 57 -2.72 15.51 24.33
N ASP A 58 -3.20 15.15 25.53
CA ASP A 58 -2.36 14.58 26.58
C ASP A 58 -1.90 13.14 26.36
N THR A 59 -2.10 12.60 25.15
CA THR A 59 -1.76 11.22 24.83
C THR A 59 -0.93 11.01 23.58
N SER A 60 -0.03 10.00 23.59
CA SER A 60 0.74 9.64 22.42
C SER A 60 1.00 8.14 22.37
N CYS A 61 1.09 7.59 21.16
CA CYS A 61 1.31 6.17 20.93
C CYS A 61 2.19 5.96 19.71
N THR A 62 2.74 4.76 19.55
CA THR A 62 3.60 4.41 18.41
C THR A 62 3.11 3.25 17.56
N GLY A 63 3.73 3.07 16.41
CA GLY A 63 3.44 1.99 15.47
C GLY A 63 4.63 1.76 14.54
N GLN A 64 4.67 0.61 13.87
CA GLN A 64 5.77 0.22 13.02
C GLN A 64 5.28 -0.48 11.75
N GLY A 65 6.15 -0.53 10.74
CA GLY A 65 5.85 -1.20 9.47
C GLY A 65 7.06 -1.19 8.54
N PRO A 66 6.98 -1.94 7.44
CA PRO A 66 8.03 -2.07 6.44
C PRO A 66 8.14 -0.82 5.56
N SER A 67 7.30 0.20 5.80
CA SER A 67 7.29 1.43 5.02
C SER A 67 6.78 2.58 5.90
N LYS A 68 6.97 3.82 5.44
CA LYS A 68 6.51 4.99 6.16
C LYS A 68 4.98 5.01 6.21
N LYS A 69 4.33 4.48 5.17
CA LYS A 69 2.87 4.42 5.11
C LYS A 69 2.32 3.45 6.14
N ALA A 70 2.93 2.27 6.25
CA ALA A 70 2.47 1.24 7.16
C ALA A 70 2.79 1.57 8.62
N ALA A 71 3.90 2.28 8.87
CA ALA A 71 4.31 2.63 10.21
C ALA A 71 3.44 3.75 10.77
N LYS A 72 3.07 4.73 9.93
CA LYS A 72 2.23 5.84 10.38
C LYS A 72 0.79 5.37 10.55
N HIS A 73 0.36 4.40 9.73
CA HIS A 73 -0.97 3.84 9.77
C HIS A 73 -1.22 3.16 11.12
N LYS A 74 -0.28 2.31 11.54
CA LYS A 74 -0.40 1.59 12.79
C LYS A 74 -0.39 2.53 13.99
N ALA A 75 0.43 3.60 13.96
CA ALA A 75 0.52 4.48 15.12
C ALA A 75 -0.77 5.27 15.31
N ALA A 76 -1.39 5.69 14.20
CA ALA A 76 -2.65 6.43 14.27
C ALA A 76 -3.75 5.52 14.80
N GLU A 77 -3.70 4.23 14.45
CA GLU A 77 -4.67 3.25 14.91
C GLU A 77 -4.58 3.04 16.42
N VAL A 78 -3.39 3.14 17.01
CA VAL A 78 -3.21 2.92 18.44
C VAL A 78 -3.75 4.09 19.24
N ALA A 79 -3.60 5.33 18.75
CA ALA A 79 -4.09 6.49 19.48
C ALA A 79 -5.61 6.47 19.53
N LEU A 80 -6.24 6.04 18.44
CA LEU A 80 -7.69 5.97 18.35
C LEU A 80 -8.26 5.01 19.41
N LYS A 81 -7.53 3.95 19.76
CA LYS A 81 -7.99 2.99 20.77
C LYS A 81 -8.05 3.64 22.16
N HIS A 82 -7.10 4.52 22.47
CA HIS A 82 -7.11 5.24 23.74
C HIS A 82 -8.13 6.37 23.74
N LEU A 83 -8.43 6.93 22.55
CA LEU A 83 -9.43 7.98 22.43
C LEU A 83 -10.83 7.39 22.48
N LYS A 84 -10.95 6.08 22.18
CA LYS A 84 -12.19 5.33 22.33
C LYS A 84 -12.42 4.87 23.78
N GLY A 85 -11.51 5.26 24.69
CA GLY A 85 -11.59 4.87 26.09
C GLY A 85 -12.84 5.44 26.76
N CYS A 146 8.88 -11.89 -2.16
CA CYS A 146 8.98 -12.61 -3.45
C CYS A 146 8.86 -11.65 -4.63
N ASN A 147 9.31 -12.11 -5.80
CA ASN A 147 9.30 -11.31 -7.03
C ASN A 147 9.14 -12.21 -8.25
N PRO A 148 7.94 -12.29 -8.83
CA PRO A 148 7.68 -13.11 -9.99
C PRO A 148 8.28 -12.49 -11.25
N VAL A 149 8.48 -11.16 -11.25
CA VAL A 149 9.03 -10.48 -12.42
C VAL A 149 10.51 -10.76 -12.63
N GLY A 150 11.27 -10.87 -11.53
CA GLY A 150 12.69 -11.16 -11.60
C GLY A 150 12.91 -12.64 -11.92
N ALA A 151 12.08 -13.52 -11.36
CA ALA A 151 12.16 -14.94 -11.66
C ALA A 151 11.82 -15.19 -13.12
N LEU A 152 10.88 -14.43 -13.69
CA LEU A 152 10.53 -14.54 -15.09
C LEU A 152 11.68 -14.07 -15.97
N GLN A 153 12.30 -12.94 -15.63
CA GLN A 153 13.40 -12.40 -16.40
C GLN A 153 14.57 -13.38 -16.42
N GLU A 154 14.81 -14.07 -15.31
CA GLU A 154 15.87 -15.07 -15.23
C GLU A 154 15.55 -16.30 -16.08
N LEU A 155 14.26 -16.67 -16.15
CA LEU A 155 13.84 -17.83 -16.92
C LEU A 155 13.90 -17.52 -18.41
N VAL A 156 13.32 -16.39 -18.83
CA VAL A 156 13.28 -15.98 -20.22
C VAL A 156 14.70 -15.84 -20.76
N VAL A 157 15.62 -15.26 -19.97
CA VAL A 157 17.00 -15.11 -20.42
C VAL A 157 17.79 -16.42 -20.44
N GLN A 158 17.46 -17.36 -19.56
CA GLN A 158 18.12 -18.66 -19.50
C GLN A 158 17.66 -19.55 -20.67
N LYS A 159 16.42 -19.34 -21.15
CA LYS A 159 15.88 -20.06 -22.29
C LYS A 159 16.56 -19.65 -23.59
N GLY A 160 17.26 -18.52 -23.59
CA GLY A 160 17.89 -17.97 -24.79
C GLY A 160 16.98 -17.00 -25.52
N TRP A 161 15.86 -16.62 -24.90
CA TRP A 161 14.89 -15.70 -25.49
C TRP A 161 15.31 -14.27 -25.19
N ARG A 162 14.67 -13.29 -25.85
CA ARG A 162 14.92 -11.88 -25.57
C ARG A 162 14.27 -11.52 -24.24
N LEU A 163 14.80 -10.49 -23.58
CA LEU A 163 14.29 -10.04 -22.29
C LEU A 163 12.80 -9.70 -22.39
N PRO A 164 12.04 -9.86 -21.28
CA PRO A 164 10.61 -9.63 -21.26
C PRO A 164 10.28 -8.16 -21.49
N GLU A 165 9.09 -7.90 -22.05
CA GLU A 165 8.63 -6.56 -22.38
C GLU A 165 7.25 -6.30 -21.79
N TYR A 166 6.98 -5.04 -21.41
CA TYR A 166 5.73 -4.66 -20.76
C TYR A 166 5.02 -3.44 -21.35
N THR A 167 3.70 -3.56 -21.57
CA THR A 167 2.88 -2.47 -22.07
C THR A 167 1.49 -2.39 -21.46
N VAL A 168 1.05 -1.19 -21.08
CA VAL A 168 -0.30 -1.00 -20.57
C VAL A 168 -1.33 -0.95 -21.69
N THR A 169 -2.37 -1.78 -21.59
CA THR A 169 -3.45 -1.79 -22.57
C THR A 169 -4.79 -1.22 -22.10
N GLN A 170 -4.90 -0.90 -20.81
CA GLN A 170 -6.15 -0.41 -20.25
C GLN A 170 -5.94 0.29 -18.91
N GLU A 171 -6.91 1.14 -18.54
CA GLU A 171 -6.96 1.81 -17.26
C GLU A 171 -8.43 2.00 -16.86
N SER A 172 -8.71 1.93 -15.56
CA SER A 172 -10.07 2.04 -15.05
C SER A 172 -10.06 2.63 -13.65
N GLY A 173 -11.24 2.99 -13.16
CA GLY A 173 -11.40 3.60 -11.86
C GLY A 173 -10.99 5.08 -11.89
N PRO A 174 -11.69 5.90 -11.10
CA PRO A 174 -11.34 7.28 -10.86
C PRO A 174 -9.96 7.33 -10.19
N ALA A 175 -9.35 8.51 -10.11
CA ALA A 175 -7.95 8.62 -9.70
C ALA A 175 -7.74 8.20 -8.23
N HIS A 176 -8.78 8.18 -7.41
CA HIS A 176 -8.67 7.72 -6.03
C HIS A 176 -8.84 6.20 -5.93
N ARG A 177 -9.15 5.55 -7.06
CA ARG A 177 -9.44 4.12 -7.13
C ARG A 177 -8.82 3.55 -8.40
N LYS A 178 -7.75 4.19 -8.86
CA LYS A 178 -7.10 3.90 -10.13
C LYS A 178 -6.69 2.43 -10.23
N GLU A 179 -6.82 1.87 -11.43
CA GLU A 179 -6.46 0.49 -11.71
C GLU A 179 -5.94 0.38 -13.15
N PHE A 180 -5.20 -0.69 -13.44
CA PHE A 180 -4.49 -0.86 -14.69
C PHE A 180 -4.50 -2.28 -15.21
N THR A 181 -4.40 -2.43 -16.53
CA THR A 181 -4.17 -3.72 -17.17
C THR A 181 -2.89 -3.73 -17.99
N MET A 182 -1.98 -4.65 -17.66
CA MET A 182 -0.67 -4.71 -18.29
C MET A 182 -0.46 -6.04 -18.98
N THR A 183 0.18 -6.00 -20.14
CA THR A 183 0.53 -7.19 -20.91
C THR A 183 2.02 -7.49 -20.85
N CYS A 184 2.35 -8.77 -20.68
CA CYS A 184 3.71 -9.26 -20.69
C CYS A 184 3.99 -9.84 -22.07
N ARG A 185 5.19 -9.63 -22.60
CA ARG A 185 5.54 -10.13 -23.92
C ARG A 185 6.90 -10.80 -23.84
N VAL A 186 7.00 -11.96 -24.48
CA VAL A 186 8.21 -12.77 -24.54
C VAL A 186 8.39 -13.16 -26.01
N GLU A 187 9.49 -13.85 -26.35
CA GLU A 187 9.83 -14.16 -27.73
C GLU A 187 8.67 -14.80 -28.52
N ARG A 188 7.80 -15.56 -27.86
CA ARG A 188 6.62 -16.12 -28.50
C ARG A 188 5.40 -16.17 -27.58
N PHE A 189 5.58 -15.84 -26.29
CA PHE A 189 4.50 -15.87 -25.33
C PHE A 189 3.92 -14.51 -24.98
N ILE A 190 2.64 -14.48 -24.60
CA ILE A 190 1.95 -13.27 -24.19
C ILE A 190 0.94 -13.60 -23.09
N GLU A 191 0.95 -12.81 -22.02
CA GLU A 191 0.04 -12.98 -20.89
C GLU A 191 -0.34 -11.63 -20.29
N ILE A 192 -1.40 -11.58 -19.47
CA ILE A 192 -1.95 -10.33 -18.96
C ILE A 192 -2.20 -10.39 -17.45
N GLY A 193 -2.13 -9.23 -16.79
CA GLY A 193 -2.41 -9.05 -15.37
C GLY A 193 -2.98 -7.65 -15.14
N SER A 194 -3.37 -7.36 -13.89
CA SER A 194 -3.99 -6.08 -13.57
C SER A 194 -3.59 -5.65 -12.16
N GLY A 195 -3.77 -4.37 -11.83
CA GLY A 195 -3.41 -3.89 -10.49
C GLY A 195 -3.66 -2.40 -10.32
N THR A 196 -3.58 -1.92 -9.08
CA THR A 196 -3.83 -0.53 -8.74
C THR A 196 -2.72 0.44 -9.18
N SER A 197 -1.68 -0.10 -9.80
CA SER A 197 -0.58 0.70 -10.33
C SER A 197 0.03 -0.07 -11.51
N LYS A 198 0.80 0.60 -12.36
CA LYS A 198 1.43 -0.08 -13.50
C LYS A 198 2.38 -1.14 -12.98
N LYS A 199 3.12 -0.79 -11.92
CA LYS A 199 4.04 -1.69 -11.26
C LYS A 199 3.32 -2.92 -10.68
N LEU A 200 2.11 -2.74 -10.12
CA LEU A 200 1.39 -3.86 -9.56
C LEU A 200 0.81 -4.74 -10.67
N ALA A 201 0.32 -4.11 -11.74
CA ALA A 201 -0.22 -4.84 -12.87
C ALA A 201 0.88 -5.64 -13.56
N LYS A 202 2.12 -5.11 -13.55
CA LYS A 202 3.29 -5.76 -14.11
C LYS A 202 3.67 -6.98 -13.28
N ARG A 203 3.57 -6.85 -11.95
CA ARG A 203 3.85 -7.94 -11.03
C ARG A 203 2.86 -9.08 -11.20
N ASN A 204 1.58 -8.76 -11.41
CA ASN A 204 0.57 -9.78 -11.58
C ASN A 204 0.67 -10.45 -12.95
N ALA A 205 0.92 -9.66 -14.01
CA ALA A 205 1.06 -10.22 -15.34
C ALA A 205 2.23 -11.18 -15.43
N ALA A 206 3.30 -10.89 -14.67
CA ALA A 206 4.47 -11.75 -14.62
C ALA A 206 4.16 -13.08 -13.92
N ALA A 207 3.33 -13.03 -12.87
CA ALA A 207 3.00 -14.23 -12.14
C ALA A 207 2.22 -15.21 -13.02
N LYS A 208 1.35 -14.71 -13.91
CA LYS A 208 0.63 -15.58 -14.83
C LYS A 208 1.58 -16.08 -15.91
N MET A 209 2.52 -15.23 -16.34
CA MET A 209 3.46 -15.59 -17.39
C MET A 209 4.42 -16.69 -16.95
N LEU A 210 4.82 -16.71 -15.67
CA LEU A 210 5.70 -17.75 -15.16
C LEU A 210 5.10 -19.14 -15.39
N LEU A 211 3.77 -19.25 -15.36
CA LEU A 211 3.12 -20.55 -15.56
C LEU A 211 3.08 -20.90 -17.04
N ARG A 212 3.07 -19.89 -17.91
CA ARG A 212 3.04 -20.07 -19.34
C ARG A 212 4.39 -20.48 -19.91
N VAL A 213 5.47 -19.82 -19.48
CA VAL A 213 6.80 -20.07 -20.01
C VAL A 213 7.42 -21.34 -19.43
N HIS A 214 7.10 -21.67 -18.17
CA HIS A 214 7.68 -22.82 -17.50
C HIS A 214 6.84 -24.08 -17.75
N THR A 215 7.41 -25.25 -17.47
CA THR A 215 6.77 -26.54 -17.68
C THR A 215 5.48 -26.79 -16.90
N GLY A 1 -23.13 16.42 24.37
CA GLY A 1 -21.98 16.86 23.56
C GLY A 1 -22.43 17.35 22.18
N GLY A 2 -21.52 17.32 21.20
CA GLY A 2 -21.82 17.73 19.84
C GLY A 2 -22.69 16.72 19.11
N SER A 3 -23.18 17.09 17.92
CA SER A 3 -24.04 16.24 17.10
C SER A 3 -23.23 15.19 16.34
N LEU A 4 -21.90 15.17 16.52
CA LEU A 4 -21.03 14.21 15.85
C LEU A 4 -21.31 12.80 16.35
N PRO A 5 -21.10 11.77 15.50
CA PRO A 5 -21.28 10.38 15.86
C PRO A 5 -20.17 9.92 16.80
N SER A 6 -20.35 8.73 17.39
CA SER A 6 -19.36 8.14 18.28
C SER A 6 -18.10 7.77 17.50
N ILE A 7 -16.96 7.70 18.20
CA ILE A 7 -15.69 7.38 17.57
C ILE A 7 -15.70 5.96 16.99
N GLU A 8 -16.58 5.08 17.51
CA GLU A 8 -16.72 3.74 16.97
C GLU A 8 -17.55 3.74 15.69
N GLN A 9 -18.54 4.63 15.60
CA GLN A 9 -19.46 4.68 14.47
C GLN A 9 -18.83 5.29 13.23
N MET A 10 -17.89 6.22 13.41
CA MET A 10 -17.25 6.90 12.29
C MET A 10 -16.31 5.95 11.54
N LEU A 11 -15.83 4.89 12.19
CA LEU A 11 -15.01 3.89 11.52
C LEU A 11 -15.84 3.11 10.51
N ALA A 12 -17.10 2.84 10.84
CA ALA A 12 -18.00 2.10 9.98
C ALA A 12 -18.60 3.01 8.90
N ALA A 13 -18.59 4.32 9.15
CA ALA A 13 -19.09 5.30 8.19
C ALA A 13 -18.00 5.76 7.22
N ASN A 14 -16.74 5.44 7.51
CA ASN A 14 -15.62 5.84 6.68
C ASN A 14 -14.53 4.76 6.60
N PRO A 15 -14.90 3.52 6.24
CA PRO A 15 -13.97 2.42 6.11
C PRO A 15 -13.13 2.57 4.83
N GLY A 16 -13.51 3.50 3.96
CA GLY A 16 -12.87 3.72 2.67
C GLY A 16 -11.61 4.57 2.77
N LYS A 17 -11.15 4.89 3.98
CA LYS A 17 -9.97 5.73 4.17
C LYS A 17 -9.08 5.21 5.31
N THR A 18 -7.82 5.63 5.28
CA THR A 18 -6.84 5.28 6.30
C THR A 18 -7.17 5.83 7.68
N PRO A 19 -6.72 5.16 8.75
CA PRO A 19 -6.90 5.64 10.11
C PRO A 19 -6.10 6.92 10.33
N ILE A 20 -5.16 7.23 9.44
CA ILE A 20 -4.35 8.43 9.53
C ILE A 20 -5.20 9.65 9.17
N SER A 21 -5.83 9.61 8.00
CA SER A 21 -6.71 10.68 7.53
C SER A 21 -7.96 10.76 8.40
N LEU A 22 -8.40 9.61 8.92
CA LEU A 22 -9.60 9.55 9.74
C LEU A 22 -9.32 10.10 11.15
N LEU A 23 -8.08 10.00 11.63
CA LEU A 23 -7.65 10.67 12.84
C LEU A 23 -7.58 12.18 12.62
N GLN A 24 -7.15 12.62 11.43
CA GLN A 24 -7.07 14.02 11.11
C GLN A 24 -8.49 14.62 11.03
N GLU A 25 -9.46 13.78 10.68
CA GLU A 25 -10.85 14.19 10.61
C GLU A 25 -11.48 14.24 12.00
N TYR A 26 -11.16 13.27 12.86
CA TYR A 26 -11.64 13.24 14.24
C TYR A 26 -11.03 14.28 15.17
N GLY A 27 -9.73 14.54 14.99
CA GLY A 27 -8.97 15.44 15.84
C GLY A 27 -9.64 16.81 15.96
N THR A 28 -10.15 17.36 14.86
CA THR A 28 -10.75 18.69 14.87
C THR A 28 -12.00 18.83 15.74
N ARG A 29 -12.75 17.73 15.89
CA ARG A 29 -13.97 17.73 16.68
C ARG A 29 -13.63 17.81 18.17
N ILE A 30 -12.51 17.22 18.58
CA ILE A 30 -12.04 17.23 19.95
C ILE A 30 -11.02 18.36 20.21
N GLY A 31 -10.67 19.14 19.18
CA GLY A 31 -9.73 20.24 19.30
C GLY A 31 -8.28 19.79 19.32
N LYS A 32 -8.03 18.48 19.17
CA LYS A 32 -6.69 17.91 19.16
C LYS A 32 -6.23 17.71 17.72
N THR A 33 -4.92 17.48 17.52
CA THR A 33 -4.38 17.09 16.23
C THR A 33 -3.38 15.94 16.31
N PRO A 34 -3.53 14.89 15.49
CA PRO A 34 -2.61 13.77 15.44
C PRO A 34 -1.28 14.20 14.81
N VAL A 35 -0.29 14.53 15.65
CA VAL A 35 1.04 14.89 15.17
C VAL A 35 1.83 13.65 14.78
N TYR A 36 2.43 13.65 13.58
CA TYR A 36 3.19 12.50 13.10
C TYR A 36 4.71 12.68 13.06
N ASP A 37 5.44 11.76 13.70
CA ASP A 37 6.90 11.81 13.76
C ASP A 37 7.56 10.53 13.25
N LEU A 38 8.62 10.64 12.45
CA LEU A 38 9.40 9.50 12.00
C LEU A 38 10.40 9.13 13.11
N LEU A 39 10.14 8.03 13.82
CA LEU A 39 10.95 7.59 14.94
C LEU A 39 12.22 6.88 14.50
N LYS A 40 12.19 6.23 13.32
CA LYS A 40 13.33 5.45 12.88
C LYS A 40 13.36 5.32 11.36
N ALA A 41 14.57 5.25 10.81
CA ALA A 41 14.79 5.07 9.37
C ALA A 41 16.10 4.32 9.17
N GLU A 42 16.02 2.98 9.10
CA GLU A 42 17.19 2.13 8.99
C GLU A 42 17.04 1.10 7.87
N GLY A 43 18.06 0.26 7.70
CA GLY A 43 18.13 -0.75 6.65
C GLY A 43 18.53 -0.13 5.31
N GLN A 44 18.98 -0.99 4.39
CA GLN A 44 19.33 -0.56 3.03
C GLN A 44 18.05 -0.25 2.26
N ALA A 45 18.20 0.14 0.98
CA ALA A 45 17.03 0.43 0.17
C ALA A 45 16.17 -0.82 -0.01
N HIS A 46 16.79 -2.00 0.08
CA HIS A 46 16.07 -3.27 0.10
C HIS A 46 15.81 -3.65 1.56
N GLN A 47 14.67 -4.31 1.82
CA GLN A 47 14.22 -4.68 3.16
C GLN A 47 14.43 -3.60 4.22
N PRO A 48 14.02 -2.35 3.96
CA PRO A 48 14.14 -1.24 4.90
C PRO A 48 13.15 -1.41 6.05
N ASN A 49 13.27 -0.57 7.08
CA ASN A 49 12.36 -0.60 8.22
C ASN A 49 12.20 0.80 8.80
N PHE A 50 10.95 1.20 9.05
CA PHE A 50 10.61 2.52 9.54
C PHE A 50 9.70 2.49 10.76
N THR A 51 9.71 3.57 11.53
CA THR A 51 8.81 3.76 12.68
C THR A 51 8.13 5.11 12.65
N PHE A 52 6.82 5.12 12.93
CA PHE A 52 6.04 6.34 13.12
C PHE A 52 5.39 6.44 14.49
N ARG A 53 5.26 7.65 15.01
CA ARG A 53 4.51 7.91 16.22
C ARG A 53 3.41 8.91 15.92
N VAL A 54 2.27 8.76 16.58
CA VAL A 54 1.17 9.72 16.48
C VAL A 54 0.85 10.23 17.86
N THR A 55 0.55 11.51 17.97
CA THR A 55 0.19 12.14 19.22
C THR A 55 -1.15 12.85 19.14
N VAL A 56 -2.11 12.43 19.95
CA VAL A 56 -3.44 13.02 19.99
C VAL A 56 -3.76 13.37 21.44
N GLY A 57 -3.72 14.67 21.77
CA GLY A 57 -3.92 15.10 23.14
C GLY A 57 -2.87 14.50 24.07
N ASP A 58 -3.29 14.08 25.26
CA ASP A 58 -2.39 13.49 26.26
C ASP A 58 -1.89 12.07 25.96
N THR A 59 -2.14 11.57 24.74
CA THR A 59 -1.77 10.22 24.34
C THR A 59 -0.95 10.09 23.06
N SER A 60 -0.03 9.13 23.00
CA SER A 60 0.74 8.85 21.81
C SER A 60 1.04 7.37 21.68
N CYS A 61 1.15 6.90 20.43
CA CYS A 61 1.39 5.51 20.09
C CYS A 61 2.28 5.41 18.86
N THR A 62 2.85 4.23 18.62
CA THR A 62 3.73 4.00 17.46
C THR A 62 3.33 2.82 16.58
N GLY A 63 3.96 2.75 15.41
CA GLY A 63 3.75 1.68 14.43
C GLY A 63 4.96 1.58 13.50
N GLN A 64 5.08 0.46 12.77
CA GLN A 64 6.23 0.21 11.91
C GLN A 64 5.81 -0.40 10.58
N GLY A 65 6.69 -0.32 9.58
CA GLY A 65 6.43 -0.86 8.26
C GLY A 65 7.63 -0.67 7.33
N PRO A 66 7.63 -1.36 6.18
CA PRO A 66 8.68 -1.30 5.18
C PRO A 66 8.64 -0.02 4.35
N SER A 67 7.67 0.86 4.61
CA SER A 67 7.53 2.10 3.84
C SER A 67 6.88 3.19 4.67
N LYS A 68 6.89 4.43 4.17
CA LYS A 68 6.31 5.58 4.87
C LYS A 68 4.80 5.37 5.04
N LYS A 69 4.16 4.73 4.05
CA LYS A 69 2.73 4.46 4.10
C LYS A 69 2.39 3.45 5.20
N ALA A 70 3.07 2.30 5.19
CA ALA A 70 2.75 1.20 6.08
C ALA A 70 3.10 1.52 7.53
N ALA A 71 4.15 2.31 7.76
CA ALA A 71 4.58 2.64 9.11
C ALA A 71 3.66 3.68 9.75
N LYS A 72 3.19 4.67 8.98
CA LYS A 72 2.31 5.70 9.53
C LYS A 72 0.91 5.14 9.77
N HIS A 73 0.49 4.20 8.92
CA HIS A 73 -0.85 3.62 9.02
C HIS A 73 -1.00 2.84 10.33
N LYS A 74 0.02 2.06 10.70
CA LYS A 74 -0.04 1.26 11.91
C LYS A 74 -0.14 2.12 13.15
N ALA A 75 0.55 3.26 13.21
CA ALA A 75 0.55 4.07 14.42
C ALA A 75 -0.81 4.72 14.64
N ALA A 76 -1.51 5.08 13.56
CA ALA A 76 -2.80 5.76 13.67
C ALA A 76 -3.87 4.83 14.23
N GLU A 77 -3.85 3.55 13.87
CA GLU A 77 -4.89 2.62 14.31
C GLU A 77 -4.73 2.36 15.81
N VAL A 78 -3.51 2.45 16.34
CA VAL A 78 -3.23 2.20 17.75
C VAL A 78 -3.72 3.36 18.62
N ALA A 79 -3.63 4.60 18.13
CA ALA A 79 -4.10 5.75 18.90
C ALA A 79 -5.62 5.72 19.01
N LEU A 80 -6.28 5.32 17.93
CA LEU A 80 -7.74 5.23 17.88
C LEU A 80 -8.26 4.26 18.94
N LYS A 81 -7.49 3.21 19.27
CA LYS A 81 -7.89 2.25 20.30
C LYS A 81 -7.91 2.89 21.68
N HIS A 82 -6.94 3.74 21.98
CA HIS A 82 -6.89 4.44 23.26
C HIS A 82 -7.90 5.59 23.32
N LEU A 83 -8.25 6.15 22.16
CA LEU A 83 -9.26 7.21 22.08
C LEU A 83 -10.65 6.60 22.21
N LYS A 84 -10.80 5.33 21.86
CA LYS A 84 -12.04 4.57 22.04
C LYS A 84 -12.17 4.04 23.47
N GLY A 85 -11.11 4.16 24.28
CA GLY A 85 -11.08 3.68 25.65
C GLY A 85 -11.48 4.77 26.64
N CYS A 146 7.59 -11.59 -2.97
CA CYS A 146 8.50 -10.43 -3.00
C CYS A 146 8.68 -9.89 -4.41
N ASN A 147 9.26 -10.68 -5.32
CA ASN A 147 9.54 -10.23 -6.67
C ASN A 147 9.34 -11.37 -7.68
N PRO A 148 8.11 -11.55 -8.17
CA PRO A 148 7.81 -12.55 -9.18
C PRO A 148 8.36 -12.13 -10.54
N VAL A 149 8.64 -10.83 -10.72
CA VAL A 149 9.16 -10.32 -11.98
C VAL A 149 10.61 -10.73 -12.21
N GLY A 150 11.39 -10.80 -11.13
CA GLY A 150 12.78 -11.22 -11.19
C GLY A 150 12.89 -12.72 -11.39
N ALA A 151 12.00 -13.50 -10.75
CA ALA A 151 11.97 -14.93 -10.93
C ALA A 151 11.58 -15.27 -12.37
N LEU A 152 10.68 -14.49 -12.96
CA LEU A 152 10.28 -14.66 -14.35
C LEU A 152 11.42 -14.26 -15.28
N GLN A 153 12.08 -13.14 -14.99
CA GLN A 153 13.19 -12.67 -15.80
C GLN A 153 14.33 -13.69 -15.80
N GLU A 154 14.56 -14.36 -14.67
CA GLU A 154 15.59 -15.38 -14.58
C GLU A 154 15.20 -16.61 -15.41
N LEU A 155 13.91 -16.96 -15.42
CA LEU A 155 13.44 -18.14 -16.12
C LEU A 155 13.43 -17.93 -17.64
N VAL A 156 12.94 -16.78 -18.10
CA VAL A 156 12.89 -16.45 -19.52
C VAL A 156 14.31 -16.50 -20.08
N VAL A 157 15.31 -16.03 -19.31
CA VAL A 157 16.69 -16.05 -19.75
C VAL A 157 17.22 -17.48 -19.71
N GLN A 158 16.78 -18.29 -18.74
CA GLN A 158 17.25 -19.66 -18.62
C GLN A 158 16.70 -20.54 -19.73
N LYS A 159 15.50 -20.21 -20.23
CA LYS A 159 14.87 -20.91 -21.34
C LYS A 159 15.55 -20.62 -22.68
N GLY A 160 16.36 -19.56 -22.73
CA GLY A 160 17.06 -19.15 -23.94
C GLY A 160 16.23 -18.15 -24.75
N TRP A 161 15.18 -17.60 -24.14
CA TRP A 161 14.28 -16.66 -24.81
C TRP A 161 14.82 -15.24 -24.70
N ARG A 162 14.22 -14.33 -25.47
CA ARG A 162 14.55 -12.91 -25.39
C ARG A 162 13.95 -12.29 -24.13
N LEU A 163 14.49 -11.15 -23.70
CA LEU A 163 14.06 -10.48 -22.48
C LEU A 163 12.58 -10.11 -22.55
N PRO A 164 11.87 -10.08 -21.41
CA PRO A 164 10.46 -9.77 -21.34
C PRO A 164 10.19 -8.30 -21.62
N GLU A 165 8.95 -7.99 -22.02
CA GLU A 165 8.52 -6.64 -22.31
C GLU A 165 7.21 -6.31 -21.60
N TYR A 166 7.02 -5.03 -21.24
CA TYR A 166 5.84 -4.57 -20.51
C TYR A 166 5.16 -3.35 -21.10
N THR A 167 3.84 -3.42 -21.27
CA THR A 167 3.05 -2.30 -21.78
C THR A 167 1.68 -2.13 -21.13
N VAL A 168 1.32 -0.87 -20.79
CA VAL A 168 0.02 -0.60 -20.21
C VAL A 168 -1.09 -0.55 -21.26
N THR A 169 -2.18 -1.29 -21.03
CA THR A 169 -3.33 -1.27 -21.91
C THR A 169 -4.58 -0.57 -21.36
N GLN A 170 -4.56 -0.19 -20.07
CA GLN A 170 -5.71 0.40 -19.42
C GLN A 170 -5.33 1.15 -18.14
N GLU A 171 -6.21 2.05 -17.71
CA GLU A 171 -6.04 2.82 -16.49
C GLU A 171 -7.41 3.24 -15.94
N SER A 172 -7.48 3.46 -14.63
CA SER A 172 -8.70 3.91 -13.98
C SER A 172 -8.98 5.37 -14.32
N GLY A 173 -10.21 5.82 -14.09
CA GLY A 173 -10.63 7.16 -14.40
C GLY A 173 -10.23 8.14 -13.30
N PRO A 174 -10.84 8.04 -12.12
CA PRO A 174 -10.56 8.91 -10.99
C PRO A 174 -9.12 8.75 -10.52
N ALA A 175 -8.41 9.87 -10.33
CA ALA A 175 -7.02 9.84 -9.90
C ALA A 175 -6.88 9.47 -8.43
N HIS A 176 -7.95 9.62 -7.64
CA HIS A 176 -7.93 9.26 -6.22
C HIS A 176 -8.20 7.77 -6.03
N ARG A 177 -8.57 7.06 -7.10
CA ARG A 177 -8.87 5.64 -7.07
C ARG A 177 -8.16 4.97 -8.24
N LYS A 178 -6.87 5.32 -8.39
CA LYS A 178 -6.03 4.91 -9.51
C LYS A 178 -5.81 3.40 -9.55
N GLU A 179 -5.78 2.87 -10.78
CA GLU A 179 -5.46 1.48 -11.06
C GLU A 179 -4.94 1.38 -12.49
N PHE A 180 -4.29 0.27 -12.80
CA PHE A 180 -3.66 0.02 -14.07
C PHE A 180 -3.81 -1.43 -14.54
N THR A 181 -3.83 -1.62 -15.85
CA THR A 181 -3.75 -2.94 -16.46
C THR A 181 -2.55 -3.09 -17.39
N MET A 182 -1.69 -4.06 -17.11
CA MET A 182 -0.42 -4.20 -17.80
C MET A 182 -0.31 -5.58 -18.45
N THR A 183 0.28 -5.61 -19.65
CA THR A 183 0.56 -6.84 -20.38
C THR A 183 2.03 -7.20 -20.33
N CYS A 184 2.31 -8.49 -20.15
CA CYS A 184 3.66 -9.04 -20.17
C CYS A 184 3.80 -9.86 -21.44
N ARG A 185 4.97 -9.79 -22.09
CA ARG A 185 5.19 -10.51 -23.33
C ARG A 185 6.61 -11.05 -23.42
N VAL A 186 6.71 -12.29 -23.89
CA VAL A 186 7.97 -12.98 -24.16
C VAL A 186 7.97 -13.60 -25.56
N GLU A 187 8.97 -14.41 -25.88
CA GLU A 187 9.18 -14.90 -27.23
C GLU A 187 8.02 -15.76 -27.77
N ARG A 188 7.13 -16.25 -26.88
CA ARG A 188 5.97 -17.02 -27.32
C ARG A 188 4.77 -16.83 -26.39
N PHE A 189 5.02 -16.46 -25.13
CA PHE A 189 3.97 -16.34 -24.13
C PHE A 189 3.54 -14.90 -23.86
N ILE A 190 2.26 -14.72 -23.53
CA ILE A 190 1.68 -13.42 -23.21
C ILE A 190 0.68 -13.58 -22.07
N GLU A 191 0.66 -12.63 -21.13
CA GLU A 191 -0.25 -12.67 -19.99
C GLU A 191 -0.54 -11.25 -19.51
N ILE A 192 -1.60 -11.07 -18.73
CA ILE A 192 -2.03 -9.74 -18.27
C ILE A 192 -2.24 -9.73 -16.75
N GLY A 193 -2.07 -8.55 -16.14
CA GLY A 193 -2.25 -8.33 -14.72
C GLY A 193 -2.66 -6.88 -14.44
N SER A 194 -2.94 -6.55 -13.18
CA SER A 194 -3.40 -5.22 -12.81
C SER A 194 -2.94 -4.83 -11.41
N GLY A 195 -3.01 -3.54 -11.10
CA GLY A 195 -2.59 -3.04 -9.80
C GLY A 195 -2.76 -1.53 -9.70
N THR A 196 -2.63 -1.00 -8.48
CA THR A 196 -2.79 0.42 -8.19
C THR A 196 -1.65 1.32 -8.65
N SER A 197 -0.63 0.72 -9.30
CA SER A 197 0.49 1.44 -9.86
C SER A 197 1.02 0.63 -11.05
N LYS A 198 1.79 1.25 -11.94
CA LYS A 198 2.30 0.54 -13.10
C LYS A 198 3.27 -0.56 -12.67
N LYS A 199 4.03 -0.28 -11.61
CA LYS A 199 4.97 -1.24 -11.05
C LYS A 199 4.23 -2.40 -10.37
N LEU A 200 3.10 -2.13 -9.75
CA LEU A 200 2.30 -3.17 -9.11
C LEU A 200 1.56 -4.00 -10.16
N ALA A 201 1.10 -3.37 -11.24
CA ALA A 201 0.45 -4.08 -12.33
C ALA A 201 1.47 -4.96 -13.05
N LYS A 202 2.72 -4.52 -13.10
CA LYS A 202 3.83 -5.28 -13.68
C LYS A 202 4.14 -6.50 -12.83
N ARG A 203 4.06 -6.33 -11.50
CA ARG A 203 4.24 -7.42 -10.54
C ARG A 203 3.15 -8.47 -10.69
N ASN A 204 1.90 -8.03 -10.89
CA ASN A 204 0.80 -8.97 -11.02
C ASN A 204 0.84 -9.71 -12.36
N ALA A 205 1.11 -9.00 -13.45
CA ALA A 205 1.16 -9.62 -14.77
C ALA A 205 2.27 -10.67 -14.82
N ALA A 206 3.38 -10.43 -14.11
CA ALA A 206 4.46 -11.39 -14.01
C ALA A 206 4.06 -12.60 -13.18
N ALA A 207 3.28 -12.38 -12.11
CA ALA A 207 2.87 -13.45 -11.23
C ALA A 207 1.96 -14.43 -11.97
N LYS A 208 1.08 -13.93 -12.84
CA LYS A 208 0.23 -14.80 -13.65
C LYS A 208 1.05 -15.49 -14.73
N MET A 209 2.04 -14.79 -15.31
CA MET A 209 2.87 -15.38 -16.35
C MET A 209 3.75 -16.49 -15.79
N LEU A 210 4.18 -16.41 -14.53
CA LEU A 210 4.95 -17.49 -13.92
C LEU A 210 4.19 -18.81 -13.99
N LEU A 211 2.85 -18.76 -14.02
CA LEU A 211 2.07 -19.97 -14.13
C LEU A 211 1.99 -20.43 -15.59
N ARG A 212 2.06 -19.47 -16.52
CA ARG A 212 1.99 -19.71 -17.95
C ARG A 212 3.26 -20.41 -18.47
N VAL A 213 4.43 -19.88 -18.11
CA VAL A 213 5.70 -20.38 -18.61
C VAL A 213 6.20 -21.60 -17.84
N HIS A 214 5.90 -21.68 -16.54
CA HIS A 214 6.36 -22.80 -15.72
C HIS A 214 5.50 -24.03 -15.98
N THR A 215 6.11 -25.22 -15.86
CA THR A 215 5.45 -26.49 -16.09
C THR A 215 6.05 -27.65 -15.30
N GLY A 1 -19.41 12.71 28.16
CA GLY A 1 -19.53 12.65 26.69
C GLY A 1 -20.13 13.92 26.12
N GLY A 2 -20.85 13.81 25.00
CA GLY A 2 -21.49 14.94 24.36
C GLY A 2 -22.26 14.51 23.12
N SER A 3 -22.90 15.47 22.45
CA SER A 3 -23.68 15.20 21.25
C SER A 3 -22.80 14.99 20.02
N LEU A 4 -21.47 15.13 20.18
CA LEU A 4 -20.53 14.96 19.09
C LEU A 4 -20.46 13.49 18.68
N PRO A 5 -20.07 13.20 17.44
CA PRO A 5 -19.94 11.84 16.93
C PRO A 5 -18.97 11.01 17.77
N SER A 6 -19.25 9.71 17.91
CA SER A 6 -18.38 8.80 18.66
C SER A 6 -17.14 8.42 17.85
N ILE A 7 -16.04 8.14 18.55
CA ILE A 7 -14.79 7.75 17.94
C ILE A 7 -14.94 6.37 17.29
N GLU A 8 -15.98 5.61 17.68
CA GLU A 8 -16.28 4.34 17.02
C GLU A 8 -16.98 4.53 15.68
N GLN A 9 -17.81 5.58 15.56
CA GLN A 9 -18.61 5.81 14.37
C GLN A 9 -17.79 6.37 13.21
N MET A 10 -16.73 7.13 13.51
CA MET A 10 -15.86 7.69 12.47
C MET A 10 -15.19 6.58 11.67
N LEU A 11 -14.95 5.42 12.30
CA LEU A 11 -14.33 4.28 11.63
C LEU A 11 -15.24 3.75 10.52
N ALA A 12 -16.55 3.72 10.78
CA ALA A 12 -17.54 3.23 9.83
C ALA A 12 -17.92 4.30 8.79
N ALA A 13 -17.54 5.56 9.03
CA ALA A 13 -17.91 6.65 8.14
C ALA A 13 -17.04 6.69 6.89
N ASN A 14 -15.78 6.24 6.99
CA ASN A 14 -14.82 6.26 5.89
C ASN A 14 -13.80 5.12 6.01
N PRO A 15 -14.26 3.86 6.10
CA PRO A 15 -13.42 2.70 6.35
C PRO A 15 -12.46 2.41 5.20
N GLY A 16 -12.65 3.05 4.04
CA GLY A 16 -11.79 2.83 2.88
C GLY A 16 -10.50 3.64 2.93
N LYS A 17 -10.41 4.61 3.87
CA LYS A 17 -9.25 5.47 4.03
C LYS A 17 -8.20 4.86 4.94
N THR A 18 -7.03 5.50 4.97
CA THR A 18 -6.02 5.21 5.96
C THR A 18 -6.45 5.67 7.34
N PRO A 19 -5.99 5.00 8.41
CA PRO A 19 -6.30 5.43 9.76
C PRO A 19 -5.63 6.77 10.07
N ILE A 20 -4.67 7.20 9.24
CA ILE A 20 -3.97 8.46 9.41
C ILE A 20 -4.89 9.63 9.07
N SER A 21 -5.46 9.57 7.86
CA SER A 21 -6.31 10.63 7.34
C SER A 21 -7.62 10.68 8.12
N LEU A 22 -8.08 9.52 8.59
CA LEU A 22 -9.33 9.42 9.30
C LEU A 22 -9.19 9.91 10.75
N LEU A 23 -8.02 9.74 11.35
CA LEU A 23 -7.73 10.29 12.67
C LEU A 23 -7.89 11.81 12.67
N GLN A 24 -7.59 12.46 11.54
CA GLN A 24 -7.69 13.91 11.45
C GLN A 24 -9.16 14.35 11.47
N GLU A 25 -10.08 13.51 11.01
CA GLU A 25 -11.50 13.85 11.03
C GLU A 25 -11.99 13.87 12.47
N TYR A 26 -11.55 12.88 13.27
CA TYR A 26 -11.90 12.82 14.68
C TYR A 26 -11.25 13.91 15.53
N GLY A 27 -10.00 14.24 15.21
CA GLY A 27 -9.23 15.23 15.95
C GLY A 27 -9.90 16.59 15.91
N THR A 28 -10.39 17.00 14.74
CA THR A 28 -11.06 18.29 14.58
C THR A 28 -12.31 18.47 15.43
N ARG A 29 -12.97 17.36 15.77
CA ARG A 29 -14.15 17.38 16.62
C ARG A 29 -13.79 17.57 18.09
N ILE A 30 -12.65 17.01 18.51
CA ILE A 30 -12.21 17.11 19.89
C ILE A 30 -11.22 18.26 20.10
N GLY A 31 -10.88 19.00 19.03
CA GLY A 31 -9.96 20.12 19.12
C GLY A 31 -8.50 19.68 19.16
N LYS A 32 -8.25 18.38 19.17
CA LYS A 32 -6.90 17.82 19.18
C LYS A 32 -6.41 17.59 17.76
N THR A 33 -5.10 17.42 17.59
CA THR A 33 -4.52 17.07 16.30
C THR A 33 -3.48 15.95 16.37
N PRO A 34 -3.63 14.87 15.60
CA PRO A 34 -2.68 13.76 15.57
C PRO A 34 -1.36 14.21 14.95
N VAL A 35 -0.38 14.57 15.78
CA VAL A 35 0.96 14.95 15.32
C VAL A 35 1.79 13.72 14.98
N TYR A 36 2.47 13.72 13.82
CA TYR A 36 3.28 12.57 13.42
C TYR A 36 4.78 12.77 13.46
N ASP A 37 5.50 11.88 14.17
CA ASP A 37 6.95 11.94 14.30
C ASP A 37 7.60 10.64 13.85
N LEU A 38 8.66 10.73 13.02
CA LEU A 38 9.42 9.56 12.61
C LEU A 38 10.46 9.25 13.70
N LEU A 39 10.34 8.10 14.38
CA LEU A 39 11.25 7.77 15.47
C LEU A 39 12.55 7.16 14.95
N LYS A 40 12.50 6.43 13.84
CA LYS A 40 13.66 5.71 13.34
C LYS A 40 13.57 5.49 11.83
N ALA A 41 14.73 5.47 11.17
CA ALA A 41 14.84 5.22 9.75
C ALA A 41 16.19 4.55 9.45
N GLU A 42 16.17 3.23 9.24
CA GLU A 42 17.39 2.47 9.01
C GLU A 42 17.14 1.29 8.06
N GLY A 43 18.21 0.55 7.75
CA GLY A 43 18.16 -0.62 6.89
C GLY A 43 18.46 -0.28 5.42
N GLN A 44 18.92 -1.27 4.67
CA GLN A 44 19.22 -1.12 3.25
C GLN A 44 17.94 -0.95 2.45
N ALA A 45 18.02 -0.41 1.23
CA ALA A 45 16.84 -0.12 0.43
C ALA A 45 16.05 -1.38 0.08
N HIS A 46 16.69 -2.54 0.04
CA HIS A 46 16.03 -3.80 -0.27
C HIS A 46 15.11 -4.26 0.86
N GLN A 47 15.34 -3.78 2.09
CA GLN A 47 14.53 -4.17 3.25
C GLN A 47 14.74 -3.17 4.40
N PRO A 48 14.34 -1.90 4.23
CA PRO A 48 14.48 -0.87 5.24
C PRO A 48 13.41 -1.04 6.32
N ASN A 49 13.54 -0.26 7.41
CA ASN A 49 12.61 -0.31 8.52
C ASN A 49 12.34 1.11 9.03
N PHE A 50 11.07 1.43 9.25
CA PHE A 50 10.64 2.75 9.71
C PHE A 50 9.79 2.71 10.98
N THR A 51 9.81 3.79 11.75
CA THR A 51 8.99 3.93 12.95
C THR A 51 8.29 5.28 13.01
N PHE A 52 6.99 5.26 13.31
CA PHE A 52 6.20 6.44 13.53
C PHE A 52 5.57 6.53 14.91
N ARG A 53 5.34 7.75 15.38
CA ARG A 53 4.58 7.99 16.60
C ARG A 53 3.49 9.00 16.27
N VAL A 54 2.33 8.85 16.90
CA VAL A 54 1.23 9.78 16.73
C VAL A 54 0.84 10.30 18.10
N THR A 55 0.53 11.59 18.18
CA THR A 55 0.12 12.23 19.41
C THR A 55 -1.24 12.90 19.30
N VAL A 56 -2.19 12.45 20.11
CA VAL A 56 -3.55 12.97 20.11
C VAL A 56 -3.89 13.34 21.55
N GLY A 57 -3.83 14.63 21.87
CA GLY A 57 -4.08 15.09 23.23
C GLY A 57 -3.05 14.49 24.19
N ASP A 58 -3.51 14.05 25.36
CA ASP A 58 -2.65 13.46 26.39
C ASP A 58 -2.12 12.06 26.10
N THR A 59 -2.32 11.56 24.87
CA THR A 59 -1.93 10.21 24.49
C THR A 59 -1.06 10.09 23.23
N SER A 60 -0.14 9.14 23.21
CA SER A 60 0.68 8.88 22.04
C SER A 60 1.01 7.39 21.91
N CYS A 61 1.16 6.93 20.66
CA CYS A 61 1.46 5.53 20.35
C CYS A 61 2.37 5.44 19.13
N THR A 62 3.02 4.29 18.93
CA THR A 62 3.92 4.06 17.80
C THR A 62 3.51 2.90 16.89
N GLY A 63 4.17 2.81 15.74
CA GLY A 63 3.96 1.75 14.76
C GLY A 63 5.17 1.65 13.84
N GLN A 64 5.29 0.53 13.11
CA GLN A 64 6.43 0.27 12.25
C GLN A 64 6.02 -0.42 10.95
N GLY A 65 6.89 -0.34 9.95
CA GLY A 65 6.67 -0.97 8.66
C GLY A 65 7.88 -0.87 7.74
N PRO A 66 7.86 -1.58 6.61
CA PRO A 66 8.94 -1.62 5.62
C PRO A 66 8.99 -0.35 4.77
N SER A 67 8.10 0.62 5.03
CA SER A 67 8.04 1.86 4.27
C SER A 67 7.48 2.98 5.14
N LYS A 68 7.61 4.23 4.67
CA LYS A 68 7.15 5.39 5.41
C LYS A 68 5.62 5.37 5.50
N LYS A 69 4.96 4.85 4.45
CA LYS A 69 3.51 4.73 4.40
C LYS A 69 3.00 3.67 5.37
N ALA A 70 3.68 2.51 5.41
CA ALA A 70 3.26 1.40 6.24
C ALA A 70 3.53 1.66 7.73
N ALA A 71 4.59 2.39 8.05
CA ALA A 71 4.94 2.67 9.43
C ALA A 71 3.99 3.70 10.03
N LYS A 72 3.57 4.70 9.25
CA LYS A 72 2.64 5.72 9.74
C LYS A 72 1.24 5.13 9.87
N HIS A 73 0.90 4.19 8.98
CA HIS A 73 -0.40 3.54 8.98
C HIS A 73 -0.61 2.76 10.28
N LYS A 74 0.42 2.01 10.71
CA LYS A 74 0.32 1.23 11.93
C LYS A 74 0.16 2.11 13.17
N ALA A 75 0.86 3.24 13.24
CA ALA A 75 0.82 4.06 14.45
C ALA A 75 -0.55 4.70 14.64
N ALA A 76 -1.24 5.04 13.55
CA ALA A 76 -2.53 5.71 13.64
C ALA A 76 -3.60 4.80 14.22
N GLU A 77 -3.57 3.50 13.88
CA GLU A 77 -4.60 2.58 14.34
C GLU A 77 -4.45 2.36 15.86
N VAL A 78 -3.22 2.39 16.37
CA VAL A 78 -2.96 2.14 17.77
C VAL A 78 -3.51 3.26 18.66
N ALA A 79 -3.48 4.52 18.17
CA ALA A 79 -4.03 5.63 18.95
C ALA A 79 -5.54 5.49 19.04
N LEU A 80 -6.17 5.07 17.94
CA LEU A 80 -7.62 4.90 17.87
C LEU A 80 -8.11 3.86 18.88
N LYS A 81 -7.29 2.84 19.17
CA LYS A 81 -7.65 1.83 20.16
C LYS A 81 -7.70 2.41 21.57
N HIS A 82 -6.77 3.30 21.91
CA HIS A 82 -6.75 3.93 23.22
C HIS A 82 -7.82 5.02 23.33
N LEU A 83 -8.19 5.63 22.19
CA LEU A 83 -9.24 6.63 22.17
C LEU A 83 -10.61 5.95 22.32
N LYS A 84 -10.70 4.68 21.91
CA LYS A 84 -11.90 3.86 22.10
C LYS A 84 -12.02 3.34 23.53
N GLY A 85 -10.97 3.52 24.34
CA GLY A 85 -10.93 3.05 25.72
C GLY A 85 -11.59 4.05 26.65
N CYS A 146 8.06 -14.32 -3.51
CA CYS A 146 8.17 -12.86 -3.50
C CYS A 146 8.73 -12.36 -4.82
N ASN A 147 8.45 -11.09 -5.16
CA ASN A 147 8.91 -10.44 -6.38
C ASN A 147 8.70 -11.33 -7.60
N PRO A 148 7.46 -11.52 -8.05
CA PRO A 148 7.15 -12.37 -9.20
C PRO A 148 7.71 -11.78 -10.49
N VAL A 149 7.92 -10.45 -10.52
CA VAL A 149 8.49 -9.80 -11.70
C VAL A 149 9.95 -10.21 -11.89
N GLY A 150 10.69 -10.29 -10.79
CA GLY A 150 12.09 -10.67 -10.81
C GLY A 150 12.23 -12.17 -11.04
N ALA A 151 11.38 -12.98 -10.41
CA ALA A 151 11.43 -14.42 -10.58
C ALA A 151 11.13 -14.81 -12.02
N LEU A 152 10.21 -14.10 -12.67
CA LEU A 152 9.87 -14.35 -14.06
C LEU A 152 11.01 -13.92 -14.97
N GLN A 153 11.56 -12.72 -14.75
CA GLN A 153 12.61 -12.19 -15.62
C GLN A 153 13.86 -13.07 -15.56
N GLU A 154 14.18 -13.64 -14.39
CA GLU A 154 15.31 -14.55 -14.25
C GLU A 154 15.05 -15.86 -14.98
N LEU A 155 13.78 -16.31 -15.02
CA LEU A 155 13.43 -17.56 -15.68
C LEU A 155 13.51 -17.39 -17.20
N VAL A 156 13.00 -16.27 -17.71
CA VAL A 156 13.04 -15.97 -19.13
C VAL A 156 14.50 -16.00 -19.60
N VAL A 157 15.42 -15.50 -18.77
CA VAL A 157 16.84 -15.48 -19.10
C VAL A 157 17.40 -16.90 -19.01
N GLN A 158 16.91 -17.72 -18.06
CA GLN A 158 17.42 -19.08 -17.89
C GLN A 158 16.95 -20.00 -19.01
N LYS A 159 15.77 -19.72 -19.57
CA LYS A 159 15.20 -20.49 -20.68
C LYS A 159 15.93 -20.24 -22.00
N GLY A 160 16.73 -19.17 -22.08
CA GLY A 160 17.45 -18.80 -23.29
C GLY A 160 16.61 -17.87 -24.17
N TRP A 161 15.55 -17.30 -23.62
CA TRP A 161 14.64 -16.43 -24.35
C TRP A 161 15.15 -14.99 -24.34
N ARG A 162 14.53 -14.14 -25.16
CA ARG A 162 14.82 -12.71 -25.19
C ARG A 162 14.26 -12.05 -23.94
N LEU A 163 14.81 -10.89 -23.56
CA LEU A 163 14.42 -10.18 -22.36
C LEU A 163 12.93 -9.83 -22.42
N PRO A 164 12.23 -9.83 -21.29
CA PRO A 164 10.81 -9.59 -21.20
C PRO A 164 10.47 -8.12 -21.48
N GLU A 165 9.21 -7.87 -21.87
CA GLU A 165 8.73 -6.52 -22.17
C GLU A 165 7.36 -6.29 -21.54
N TYR A 166 7.08 -5.03 -21.19
CA TYR A 166 5.83 -4.62 -20.56
C TYR A 166 5.18 -3.40 -21.20
N THR A 167 3.86 -3.46 -21.43
CA THR A 167 3.15 -2.37 -22.08
C THR A 167 1.79 -2.26 -21.38
N VAL A 168 1.36 -1.03 -21.08
CA VAL A 168 0.02 -0.77 -20.57
C VAL A 168 -1.00 -0.72 -21.69
N THR A 169 -2.12 -1.45 -21.53
CA THR A 169 -3.21 -1.41 -22.50
C THR A 169 -4.47 -0.70 -22.04
N GLN A 170 -4.55 -0.33 -20.76
CA GLN A 170 -5.75 0.27 -20.21
C GLN A 170 -5.50 0.96 -18.87
N GLU A 171 -6.39 1.88 -18.52
CA GLU A 171 -6.40 2.54 -17.22
C GLU A 171 -7.81 3.08 -16.93
N SER A 172 -8.14 3.22 -15.65
CA SER A 172 -9.41 3.80 -15.24
C SER A 172 -9.33 5.32 -15.34
N GLY A 173 -10.50 5.98 -15.40
CA GLY A 173 -10.58 7.42 -15.60
C GLY A 173 -10.23 8.22 -14.34
N PRO A 174 -11.02 8.10 -13.27
CA PRO A 174 -10.85 8.89 -12.06
C PRO A 174 -9.50 8.65 -11.40
N ALA A 175 -8.84 9.74 -11.00
CA ALA A 175 -7.53 9.66 -10.36
C ALA A 175 -7.63 9.15 -8.92
N HIS A 176 -8.81 9.24 -8.29
CA HIS A 176 -9.03 8.74 -6.94
C HIS A 176 -9.40 7.25 -6.94
N ARG A 177 -9.54 6.66 -8.12
CA ARG A 177 -9.93 5.27 -8.29
C ARG A 177 -9.02 4.62 -9.34
N LYS A 178 -7.85 5.23 -9.50
CA LYS A 178 -6.90 4.88 -10.53
C LYS A 178 -6.55 3.39 -10.49
N GLU A 179 -6.51 2.80 -11.68
CA GLU A 179 -6.18 1.40 -11.89
C GLU A 179 -5.57 1.26 -13.28
N PHE A 180 -4.84 0.17 -13.49
CA PHE A 180 -4.07 -0.08 -14.69
C PHE A 180 -4.18 -1.52 -15.19
N THR A 181 -4.07 -1.71 -16.49
CA THR A 181 -3.95 -3.03 -17.09
C THR A 181 -2.69 -3.18 -17.93
N MET A 182 -1.85 -4.15 -17.57
CA MET A 182 -0.53 -4.30 -18.18
C MET A 182 -0.36 -5.68 -18.80
N THR A 183 0.32 -5.70 -19.96
CA THR A 183 0.67 -6.94 -20.64
C THR A 183 2.14 -7.31 -20.48
N CYS A 184 2.43 -8.60 -20.33
CA CYS A 184 3.78 -9.12 -20.29
C CYS A 184 4.03 -9.90 -21.59
N ARG A 185 5.25 -9.83 -22.11
CA ARG A 185 5.57 -10.44 -23.40
C ARG A 185 6.96 -11.07 -23.35
N VAL A 186 7.04 -12.34 -23.76
CA VAL A 186 8.28 -13.10 -23.86
C VAL A 186 8.38 -13.77 -25.24
N GLU A 187 9.36 -14.66 -25.42
CA GLU A 187 9.70 -15.22 -26.73
C GLU A 187 8.53 -15.93 -27.41
N ARG A 188 7.56 -16.43 -26.65
CA ARG A 188 6.40 -17.10 -27.21
C ARG A 188 5.12 -16.89 -26.39
N PHE A 189 5.28 -16.52 -25.11
CA PHE A 189 4.15 -16.38 -24.20
C PHE A 189 3.74 -14.94 -23.98
N ILE A 190 2.46 -14.71 -23.71
CA ILE A 190 1.90 -13.39 -23.46
C ILE A 190 0.77 -13.52 -22.43
N GLU A 191 0.77 -12.64 -21.43
CA GLU A 191 -0.23 -12.65 -20.36
C GLU A 191 -0.54 -11.24 -19.88
N ILE A 192 -1.63 -11.07 -19.13
CA ILE A 192 -2.10 -9.76 -18.69
C ILE A 192 -2.46 -9.77 -17.21
N GLY A 193 -2.33 -8.60 -16.58
CA GLY A 193 -2.66 -8.38 -15.17
C GLY A 193 -3.10 -6.94 -14.96
N SER A 194 -3.50 -6.60 -13.73
CA SER A 194 -4.00 -5.26 -13.42
C SER A 194 -3.67 -4.85 -11.99
N GLY A 195 -3.80 -3.57 -11.69
CA GLY A 195 -3.51 -3.06 -10.36
C GLY A 195 -3.64 -1.54 -10.27
N THR A 196 -3.61 -1.00 -9.05
CA THR A 196 -3.76 0.42 -8.80
C THR A 196 -2.56 1.29 -9.16
N SER A 197 -1.51 0.64 -9.69
CA SER A 197 -0.32 1.34 -10.16
C SER A 197 0.29 0.50 -11.27
N LYS A 198 1.15 1.09 -12.11
CA LYS A 198 1.77 0.32 -13.20
C LYS A 198 2.65 -0.77 -12.62
N LYS A 199 3.26 -0.50 -11.47
CA LYS A 199 4.07 -1.49 -10.76
C LYS A 199 3.21 -2.63 -10.21
N LEU A 200 2.01 -2.34 -9.73
CA LEU A 200 1.14 -3.39 -9.19
C LEU A 200 0.55 -4.21 -10.33
N ALA A 201 0.17 -3.55 -11.43
CA ALA A 201 -0.35 -4.24 -12.59
C ALA A 201 0.71 -5.11 -13.23
N LYS A 202 1.97 -4.67 -13.16
CA LYS A 202 3.10 -5.42 -13.68
C LYS A 202 3.37 -6.64 -12.80
N ARG A 203 3.24 -6.46 -11.47
CA ARG A 203 3.39 -7.54 -10.50
C ARG A 203 2.34 -8.63 -10.74
N ASN A 204 1.11 -8.24 -11.03
CA ASN A 204 0.05 -9.19 -11.28
C ASN A 204 0.19 -9.87 -12.63
N ALA A 205 0.54 -9.12 -13.67
CA ALA A 205 0.71 -9.69 -15.00
C ALA A 205 1.85 -10.71 -15.00
N ALA A 206 2.91 -10.45 -14.23
CA ALA A 206 4.02 -11.38 -14.09
C ALA A 206 3.58 -12.61 -13.29
N ALA A 207 2.73 -12.42 -12.28
CA ALA A 207 2.27 -13.52 -11.46
C ALA A 207 1.45 -14.53 -12.27
N LYS A 208 0.63 -14.05 -13.22
CA LYS A 208 -0.12 -14.96 -14.07
C LYS A 208 0.80 -15.65 -15.07
N MET A 209 1.84 -14.94 -15.55
CA MET A 209 2.76 -15.51 -16.50
C MET A 209 3.65 -16.57 -15.87
N LEU A 210 4.00 -16.43 -14.59
CA LEU A 210 4.81 -17.45 -13.91
C LEU A 210 4.13 -18.81 -13.98
N LEU A 211 2.80 -18.85 -14.08
CA LEU A 211 2.09 -20.11 -14.19
C LEU A 211 2.11 -20.62 -15.63
N ARG A 212 2.22 -19.71 -16.60
CA ARG A 212 2.25 -20.03 -18.02
C ARG A 212 3.59 -20.59 -18.45
N VAL A 213 4.70 -19.95 -18.03
CA VAL A 213 6.03 -20.33 -18.45
C VAL A 213 6.57 -21.52 -17.66
N HIS A 214 6.21 -21.63 -16.38
CA HIS A 214 6.69 -22.71 -15.53
C HIS A 214 5.83 -23.98 -15.73
N THR A 215 6.30 -25.10 -15.23
CA THR A 215 5.61 -26.38 -15.35
C THR A 215 4.26 -26.46 -14.65
N GLY A 1 -27.38 17.26 19.07
CA GLY A 1 -27.79 17.64 17.71
C GLY A 1 -27.00 16.86 16.67
N GLY A 2 -26.96 17.38 15.43
CA GLY A 2 -26.24 16.75 14.33
C GLY A 2 -24.73 16.96 14.46
N SER A 3 -23.98 16.31 13.57
CA SER A 3 -22.52 16.36 13.56
C SER A 3 -21.92 15.91 14.88
N LEU A 4 -20.62 16.15 15.09
CA LEU A 4 -19.89 15.73 16.28
C LEU A 4 -20.12 14.25 16.59
N PRO A 5 -19.92 13.35 15.61
CA PRO A 5 -20.14 11.93 15.78
C PRO A 5 -19.12 11.32 16.74
N SER A 6 -19.44 10.16 17.30
CA SER A 6 -18.57 9.43 18.21
C SER A 6 -17.35 8.87 17.47
N ILE A 7 -16.29 8.54 18.20
CA ILE A 7 -15.09 7.98 17.60
C ILE A 7 -15.37 6.59 17.04
N GLU A 8 -16.44 5.93 17.47
CA GLU A 8 -16.86 4.67 16.88
C GLU A 8 -17.59 4.90 15.56
N GLN A 9 -18.35 6.00 15.48
CA GLN A 9 -19.17 6.32 14.31
C GLN A 9 -18.33 6.84 13.14
N MET A 10 -17.23 7.53 13.41
CA MET A 10 -16.36 8.06 12.38
C MET A 10 -15.73 6.91 11.57
N LEU A 11 -15.56 5.74 12.18
CA LEU A 11 -14.99 4.60 11.50
C LEU A 11 -15.95 4.10 10.42
N ALA A 12 -17.25 4.15 10.71
CA ALA A 12 -18.28 3.71 9.77
C ALA A 12 -18.62 4.80 8.75
N ALA A 13 -18.28 6.07 9.05
CA ALA A 13 -18.57 7.18 8.16
C ALA A 13 -17.55 7.27 7.03
N ASN A 14 -16.32 6.79 7.27
CA ASN A 14 -15.24 6.84 6.29
C ASN A 14 -14.28 5.65 6.46
N PRO A 15 -14.77 4.42 6.27
CA PRO A 15 -13.93 3.22 6.37
C PRO A 15 -13.00 3.07 5.18
N GLY A 16 -13.18 3.90 4.14
CA GLY A 16 -12.44 3.81 2.89
C GLY A 16 -11.11 4.56 2.89
N LYS A 17 -10.59 4.96 4.07
CA LYS A 17 -9.37 5.75 4.16
C LYS A 17 -8.47 5.31 5.30
N THR A 18 -7.22 5.78 5.27
CA THR A 18 -6.25 5.49 6.31
C THR A 18 -6.63 6.01 7.68
N PRO A 19 -6.20 5.33 8.76
CA PRO A 19 -6.44 5.78 10.11
C PRO A 19 -5.69 7.09 10.39
N ILE A 20 -4.70 7.44 9.55
CA ILE A 20 -3.95 8.68 9.69
C ILE A 20 -4.83 9.85 9.30
N SER A 21 -5.44 9.75 8.12
CA SER A 21 -6.29 10.79 7.55
C SER A 21 -7.61 10.83 8.33
N LEU A 22 -8.05 9.68 8.83
CA LEU A 22 -9.28 9.57 9.58
C LEU A 22 -9.11 10.11 11.01
N LEU A 23 -7.91 9.99 11.59
CA LEU A 23 -7.61 10.64 12.86
C LEU A 23 -7.67 12.15 12.71
N GLN A 24 -7.33 12.67 11.53
CA GLN A 24 -7.36 14.10 11.30
C GLN A 24 -8.80 14.60 11.28
N GLU A 25 -9.76 13.74 10.90
CA GLU A 25 -11.16 14.11 10.94
C GLU A 25 -11.64 14.20 12.40
N TYR A 26 -11.31 13.20 13.21
CA TYR A 26 -11.73 13.18 14.60
C TYR A 26 -11.07 14.22 15.49
N GLY A 27 -9.78 14.45 15.24
CA GLY A 27 -8.99 15.38 16.04
C GLY A 27 -9.55 16.81 15.98
N THR A 28 -10.03 17.25 14.81
CA THR A 28 -10.63 18.56 14.68
C THR A 28 -11.92 18.77 15.48
N ARG A 29 -12.67 17.70 15.71
CA ARG A 29 -13.93 17.79 16.45
C ARG A 29 -13.67 17.93 17.95
N ILE A 30 -12.57 17.34 18.44
CA ILE A 30 -12.19 17.44 19.84
C ILE A 30 -11.12 18.51 20.08
N GLY A 31 -10.64 19.15 19.00
CA GLY A 31 -9.64 20.20 19.07
C GLY A 31 -8.22 19.66 19.27
N LYS A 32 -8.08 18.35 19.52
CA LYS A 32 -6.77 17.72 19.70
C LYS A 32 -6.28 17.25 18.33
N THR A 33 -5.13 17.75 17.88
CA THR A 33 -4.57 17.33 16.60
C THR A 33 -3.54 16.20 16.72
N PRO A 34 -3.64 15.14 15.90
CA PRO A 34 -2.68 14.05 15.90
C PRO A 34 -1.37 14.50 15.28
N VAL A 35 -0.37 14.80 16.12
CA VAL A 35 0.97 15.17 15.67
C VAL A 35 1.78 13.93 15.31
N TYR A 36 2.51 13.94 14.19
CA TYR A 36 3.30 12.78 13.77
C TYR A 36 4.81 12.95 13.83
N ASP A 37 5.51 12.02 14.49
CA ASP A 37 6.96 12.03 14.62
C ASP A 37 7.62 10.75 14.11
N LEU A 38 8.70 10.88 13.34
CA LEU A 38 9.48 9.73 12.91
C LEU A 38 10.46 9.34 14.03
N LEU A 39 10.20 8.22 14.69
CA LEU A 39 11.01 7.76 15.81
C LEU A 39 12.27 7.04 15.36
N LYS A 40 12.24 6.40 14.20
CA LYS A 40 13.38 5.63 13.73
C LYS A 40 13.40 5.55 12.20
N ALA A 41 14.60 5.48 11.64
CA ALA A 41 14.81 5.34 10.21
C ALA A 41 16.10 4.56 9.98
N GLU A 42 15.98 3.24 9.87
CA GLU A 42 17.11 2.34 9.69
C GLU A 42 17.00 1.58 8.38
N GLY A 43 18.12 1.08 7.86
CA GLY A 43 18.19 0.49 6.54
C GLY A 43 18.13 1.55 5.45
N GLN A 44 18.40 1.16 4.20
CA GLN A 44 18.38 2.09 3.08
C GLN A 44 17.76 1.46 1.84
N ALA A 45 17.61 0.12 1.81
CA ALA A 45 17.07 -0.57 0.66
C ALA A 45 16.64 -1.99 1.03
N HIS A 46 15.81 -2.59 0.16
CA HIS A 46 15.33 -3.98 0.16
C HIS A 46 14.62 -4.48 1.43
N GLN A 47 14.92 -3.95 2.62
CA GLN A 47 14.27 -4.35 3.85
C GLN A 47 14.54 -3.33 4.96
N PRO A 48 14.23 -2.05 4.72
CA PRO A 48 14.40 -1.00 5.72
C PRO A 48 13.30 -1.12 6.78
N ASN A 49 13.38 -0.28 7.82
CA ASN A 49 12.37 -0.29 8.88
C ASN A 49 12.21 1.12 9.45
N PHE A 50 10.95 1.50 9.72
CA PHE A 50 10.62 2.81 10.24
C PHE A 50 9.74 2.74 11.49
N THR A 51 9.77 3.80 12.30
CA THR A 51 8.90 3.97 13.46
C THR A 51 8.22 5.32 13.47
N PHE A 52 6.91 5.32 13.72
CA PHE A 52 6.13 6.53 13.91
C PHE A 52 5.44 6.63 15.25
N ARG A 53 5.30 7.86 15.76
CA ARG A 53 4.51 8.12 16.94
C ARG A 53 3.44 9.15 16.59
N VAL A 54 2.26 9.02 17.19
CA VAL A 54 1.19 9.96 17.01
C VAL A 54 0.80 10.47 18.39
N THR A 55 0.52 11.78 18.48
CA THR A 55 0.12 12.41 19.72
C THR A 55 -1.22 13.11 19.61
N VAL A 56 -2.19 12.68 20.42
CA VAL A 56 -3.53 13.23 20.43
C VAL A 56 -3.87 13.60 21.86
N GLY A 57 -3.84 14.89 22.19
CA GLY A 57 -4.09 15.34 23.55
C GLY A 57 -3.06 14.74 24.50
N ASP A 58 -3.50 14.32 25.69
CA ASP A 58 -2.65 13.73 26.71
C ASP A 58 -2.16 12.31 26.42
N THR A 59 -2.34 11.82 25.18
CA THR A 59 -1.96 10.47 24.79
C THR A 59 -1.11 10.36 23.54
N SER A 60 -0.18 9.39 23.51
CA SER A 60 0.64 9.11 22.34
C SER A 60 0.96 7.62 22.23
N CYS A 61 1.07 7.14 21.00
CA CYS A 61 1.33 5.74 20.69
C CYS A 61 2.23 5.62 19.46
N THR A 62 2.81 4.43 19.24
CA THR A 62 3.71 4.19 18.11
C THR A 62 3.33 3.00 17.23
N GLY A 63 4.00 2.90 16.08
CA GLY A 63 3.82 1.83 15.12
C GLY A 63 5.05 1.71 14.21
N GLN A 64 5.19 0.59 13.50
CA GLN A 64 6.34 0.33 12.66
C GLN A 64 5.94 -0.34 11.36
N GLY A 65 6.86 -0.35 10.38
CA GLY A 65 6.63 -0.98 9.08
C GLY A 65 7.83 -0.82 8.16
N PRO A 66 7.84 -1.57 7.05
CA PRO A 66 8.90 -1.57 6.06
C PRO A 66 8.88 -0.30 5.19
N SER A 67 7.95 0.61 5.46
CA SER A 67 7.77 1.83 4.69
C SER A 67 7.17 2.92 5.56
N LYS A 68 7.34 4.18 5.15
CA LYS A 68 6.84 5.32 5.90
C LYS A 68 5.31 5.30 5.93
N LYS A 69 4.69 4.77 4.88
CA LYS A 69 3.23 4.62 4.81
C LYS A 69 2.74 3.56 5.80
N ALA A 70 3.47 2.44 5.88
CA ALA A 70 3.07 1.34 6.73
C ALA A 70 3.30 1.65 8.21
N ALA A 71 4.37 2.38 8.52
CA ALA A 71 4.70 2.69 9.90
C ALA A 71 3.78 3.77 10.47
N LYS A 72 3.41 4.77 9.66
CA LYS A 72 2.53 5.84 10.12
C LYS A 72 1.10 5.32 10.27
N HIS A 73 0.70 4.38 9.41
CA HIS A 73 -0.63 3.79 9.45
C HIS A 73 -0.84 3.02 10.73
N LYS A 74 0.16 2.21 11.12
CA LYS A 74 0.07 1.42 12.34
C LYS A 74 -0.05 2.30 13.58
N ALA A 75 0.69 3.42 13.65
CA ALA A 75 0.67 4.24 14.85
C ALA A 75 -0.69 4.91 15.04
N ALA A 76 -1.38 5.23 13.93
CA ALA A 76 -2.65 5.92 14.01
C ALA A 76 -3.75 5.02 14.57
N GLU A 77 -3.74 3.73 14.24
CA GLU A 77 -4.79 2.84 14.71
C GLU A 77 -4.65 2.63 16.22
N VAL A 78 -3.41 2.64 16.73
CA VAL A 78 -3.16 2.40 18.15
C VAL A 78 -3.67 3.56 18.99
N ALA A 79 -3.61 4.81 18.50
CA ALA A 79 -4.11 5.95 19.24
C ALA A 79 -5.63 5.88 19.33
N LEU A 80 -6.27 5.47 18.23
CA LEU A 80 -7.72 5.37 18.15
C LEU A 80 -8.25 4.39 19.19
N LYS A 81 -7.49 3.33 19.51
CA LYS A 81 -7.90 2.35 20.51
C LYS A 81 -7.96 2.97 21.90
N HIS A 82 -7.00 3.82 22.25
CA HIS A 82 -6.99 4.49 23.55
C HIS A 82 -7.99 5.64 23.60
N LEU A 83 -8.29 6.24 22.45
CA LEU A 83 -9.30 7.29 22.37
C LEU A 83 -10.70 6.68 22.47
N LYS A 84 -10.82 5.39 22.12
CA LYS A 84 -12.03 4.60 22.29
C LYS A 84 -12.14 4.03 23.71
N GLY A 85 -11.22 4.42 24.60
CA GLY A 85 -11.17 3.93 25.97
C GLY A 85 -12.43 4.26 26.74
N CYS A 146 8.00 -10.66 -2.22
CA CYS A 146 7.85 -11.55 -3.37
C CYS A 146 8.17 -10.82 -4.67
N ASN A 147 8.83 -11.51 -5.61
CA ASN A 147 9.23 -10.92 -6.89
C ASN A 147 9.05 -11.94 -8.01
N PRO A 148 7.83 -12.06 -8.56
CA PRO A 148 7.55 -12.97 -9.66
C PRO A 148 8.16 -12.45 -10.95
N VAL A 149 8.43 -11.14 -11.04
CA VAL A 149 9.00 -10.54 -12.23
C VAL A 149 10.45 -10.95 -12.46
N GLY A 150 11.21 -11.07 -11.35
CA GLY A 150 12.60 -11.50 -11.41
C GLY A 150 12.70 -12.98 -11.68
N ALA A 151 11.77 -13.78 -11.12
CA ALA A 151 11.74 -15.21 -11.37
C ALA A 151 11.44 -15.48 -12.84
N LEU A 152 10.60 -14.65 -13.47
CA LEU A 152 10.28 -14.78 -14.88
C LEU A 152 11.52 -14.50 -15.73
N GLN A 153 12.28 -13.48 -15.37
CA GLN A 153 13.49 -13.10 -16.09
C GLN A 153 14.49 -14.25 -16.13
N GLU A 154 14.64 -14.98 -15.03
CA GLU A 154 15.59 -16.09 -14.98
C GLU A 154 15.13 -17.25 -15.86
N LEU A 155 13.82 -17.46 -15.98
CA LEU A 155 13.27 -18.54 -16.78
C LEU A 155 13.42 -18.23 -18.27
N VAL A 156 13.01 -17.02 -18.67
CA VAL A 156 13.13 -16.54 -20.04
C VAL A 156 14.59 -16.58 -20.47
N VAL A 157 15.52 -16.10 -19.64
CA VAL A 157 16.93 -16.01 -20.01
C VAL A 157 17.54 -17.41 -20.03
N GLN A 158 17.09 -18.32 -19.15
CA GLN A 158 17.66 -19.66 -19.10
C GLN A 158 17.32 -20.45 -20.36
N LYS A 159 16.10 -20.32 -20.88
CA LYS A 159 15.69 -20.99 -22.10
C LYS A 159 16.24 -20.34 -23.37
N GLY A 160 17.03 -19.28 -23.23
CA GLY A 160 17.73 -18.65 -24.35
C GLY A 160 16.89 -17.61 -25.06
N TRP A 161 15.79 -17.15 -24.44
CA TRP A 161 14.90 -16.18 -25.04
C TRP A 161 15.40 -14.76 -24.75
N ARG A 162 14.85 -13.78 -25.46
CA ARG A 162 15.16 -12.37 -25.23
C ARG A 162 14.39 -11.86 -24.02
N LEU A 163 14.86 -10.74 -23.46
CA LEU A 163 14.25 -10.15 -22.27
C LEU A 163 12.76 -9.86 -22.49
N PRO A 164 11.94 -9.99 -21.44
CA PRO A 164 10.49 -9.81 -21.52
C PRO A 164 10.13 -8.34 -21.72
N GLU A 165 8.96 -8.10 -22.32
CA GLU A 165 8.43 -6.77 -22.56
C GLU A 165 7.21 -6.48 -21.70
N TYR A 166 6.99 -5.20 -21.41
CA TYR A 166 5.88 -4.73 -20.60
C TYR A 166 5.19 -3.47 -21.12
N THR A 167 3.88 -3.53 -21.33
CA THR A 167 3.08 -2.41 -21.78
C THR A 167 1.69 -2.29 -21.16
N VAL A 168 1.26 -1.08 -20.82
CA VAL A 168 -0.08 -0.88 -20.29
C VAL A 168 -1.09 -0.85 -21.41
N THR A 169 -2.17 -1.62 -21.28
CA THR A 169 -3.25 -1.65 -22.26
C THR A 169 -4.54 -0.98 -21.81
N GLN A 170 -4.64 -0.65 -20.52
CA GLN A 170 -5.85 -0.08 -19.96
C GLN A 170 -5.59 0.60 -18.61
N GLU A 171 -6.50 1.51 -18.24
CA GLU A 171 -6.46 2.22 -16.97
C GLU A 171 -7.87 2.68 -16.59
N SER A 172 -8.13 2.81 -15.28
CA SER A 172 -9.41 3.30 -14.79
C SER A 172 -9.43 4.82 -14.86
N GLY A 173 -10.65 5.40 -14.76
CA GLY A 173 -10.84 6.84 -14.90
C GLY A 173 -10.48 7.64 -13.64
N PRO A 174 -11.10 7.35 -12.48
CA PRO A 174 -10.91 8.12 -11.27
C PRO A 174 -9.50 7.92 -10.71
N ALA A 175 -8.81 9.04 -10.46
CA ALA A 175 -7.44 9.01 -9.97
C ALA A 175 -7.34 8.60 -8.49
N HIS A 176 -8.44 8.71 -7.73
CA HIS A 176 -8.46 8.29 -6.34
C HIS A 176 -8.66 6.79 -6.21
N ARG A 177 -9.01 6.13 -7.31
CA ARG A 177 -9.28 4.70 -7.36
C ARG A 177 -8.55 4.10 -8.56
N LYS A 178 -7.43 4.73 -8.91
CA LYS A 178 -6.67 4.40 -10.10
C LYS A 178 -6.29 2.92 -10.10
N GLU A 179 -6.39 2.31 -11.27
CA GLU A 179 -6.03 0.92 -11.50
C GLU A 179 -5.51 0.77 -12.93
N PHE A 180 -4.74 -0.28 -13.16
CA PHE A 180 -4.04 -0.51 -14.40
C PHE A 180 -4.15 -1.94 -14.90
N THR A 181 -4.09 -2.10 -16.22
CA THR A 181 -3.95 -3.40 -16.86
C THR A 181 -2.72 -3.48 -17.76
N MET A 182 -1.82 -4.41 -17.48
CA MET A 182 -0.55 -4.49 -18.17
C MET A 182 -0.33 -5.86 -18.79
N THR A 183 0.29 -5.86 -19.98
CA THR A 183 0.64 -7.05 -20.72
C THR A 183 2.10 -7.43 -20.59
N CYS A 184 2.37 -8.74 -20.48
CA CYS A 184 3.72 -9.27 -20.46
C CYS A 184 3.91 -10.08 -21.75
N ARG A 185 5.08 -9.97 -22.37
CA ARG A 185 5.32 -10.60 -23.67
C ARG A 185 6.73 -11.18 -23.77
N VAL A 186 6.81 -12.35 -24.40
CA VAL A 186 8.05 -13.06 -24.72
C VAL A 186 7.98 -13.66 -26.11
N GLU A 187 8.95 -14.51 -26.47
CA GLU A 187 9.12 -14.99 -27.83
C GLU A 187 7.86 -15.62 -28.45
N ARG A 188 7.02 -16.26 -27.64
CA ARG A 188 5.79 -16.88 -28.13
C ARG A 188 4.62 -16.74 -27.14
N PHE A 189 4.92 -16.44 -25.89
CA PHE A 189 3.91 -16.38 -24.85
C PHE A 189 3.54 -14.95 -24.51
N ILE A 190 2.26 -14.72 -24.20
CA ILE A 190 1.74 -13.40 -23.85
C ILE A 190 0.64 -13.55 -22.81
N GLU A 191 0.68 -12.73 -21.77
CA GLU A 191 -0.28 -12.78 -20.66
C GLU A 191 -0.56 -11.39 -20.13
N ILE A 192 -1.62 -11.25 -19.31
CA ILE A 192 -2.07 -9.97 -18.80
C ILE A 192 -2.33 -10.03 -17.29
N GLY A 193 -2.18 -8.87 -16.62
CA GLY A 193 -2.41 -8.71 -15.19
C GLY A 193 -2.87 -7.28 -14.90
N SER A 194 -3.20 -7.01 -13.63
CA SER A 194 -3.71 -5.70 -13.24
C SER A 194 -3.35 -5.34 -11.81
N GLY A 195 -3.52 -4.06 -11.45
CA GLY A 195 -3.23 -3.59 -10.10
C GLY A 195 -3.43 -2.08 -9.97
N THR A 196 -3.42 -1.58 -8.74
CA THR A 196 -3.63 -0.17 -8.43
C THR A 196 -2.47 0.75 -8.81
N SER A 197 -1.46 0.16 -9.45
CA SER A 197 -0.28 0.86 -9.97
C SER A 197 0.18 0.09 -11.20
N LYS A 198 0.84 0.76 -12.15
CA LYS A 198 1.31 0.04 -13.34
C LYS A 198 2.42 -0.91 -12.94
N LYS A 199 3.26 -0.51 -11.98
CA LYS A 199 4.31 -1.36 -11.43
C LYS A 199 3.72 -2.55 -10.68
N LEU A 200 2.55 -2.36 -10.06
CA LEU A 200 1.84 -3.43 -9.39
C LEU A 200 1.17 -4.34 -10.41
N ALA A 201 0.71 -3.78 -11.52
CA ALA A 201 0.12 -4.55 -12.59
C ALA A 201 1.20 -5.41 -13.27
N LYS A 202 2.44 -4.90 -13.29
CA LYS A 202 3.59 -5.63 -13.84
C LYS A 202 3.86 -6.88 -13.00
N ARG A 203 3.74 -6.75 -11.68
CA ARG A 203 3.90 -7.86 -10.75
C ARG A 203 2.83 -8.92 -10.96
N ASN A 204 1.59 -8.50 -11.20
CA ASN A 204 0.49 -9.43 -11.40
C ASN A 204 0.59 -10.14 -12.74
N ALA A 205 0.89 -9.41 -13.81
CA ALA A 205 0.98 -9.98 -15.14
C ALA A 205 2.13 -11.00 -15.23
N ALA A 206 3.20 -10.76 -14.47
CA ALA A 206 4.33 -11.69 -14.43
C ALA A 206 3.95 -12.98 -13.71
N ALA A 207 3.11 -12.89 -12.67
CA ALA A 207 2.71 -14.06 -11.92
C ALA A 207 1.88 -15.01 -12.79
N LYS A 208 1.05 -14.48 -13.68
CA LYS A 208 0.24 -15.32 -14.57
C LYS A 208 1.14 -15.95 -15.63
N MET A 209 2.12 -15.21 -16.13
CA MET A 209 3.00 -15.73 -17.17
C MET A 209 3.93 -16.81 -16.65
N LEU A 210 4.37 -16.74 -15.38
CA LEU A 210 5.22 -17.78 -14.82
C LEU A 210 4.58 -19.15 -14.96
N LEU A 211 3.24 -19.23 -14.90
CA LEU A 211 2.56 -20.50 -15.03
C LEU A 211 2.47 -20.92 -16.49
N ARG A 212 2.48 -19.95 -17.41
CA ARG A 212 2.38 -20.17 -18.84
C ARG A 212 3.70 -20.67 -19.44
N VAL A 213 4.80 -20.01 -19.12
CA VAL A 213 6.11 -20.33 -19.70
C VAL A 213 6.78 -21.51 -19.02
N HIS A 214 6.48 -21.75 -17.74
CA HIS A 214 7.09 -22.86 -17.01
C HIS A 214 6.31 -24.16 -17.22
N THR A 215 6.96 -25.30 -17.03
CA THR A 215 6.36 -26.62 -17.21
C THR A 215 7.00 -27.70 -16.35
N GLY A 1 -21.02 23.14 17.55
CA GLY A 1 -21.03 21.73 17.12
C GLY A 1 -21.71 20.84 18.16
N GLY A 2 -22.36 19.77 17.70
CA GLY A 2 -23.04 18.83 18.58
C GLY A 2 -23.66 17.69 17.78
N SER A 3 -24.29 16.74 18.48
CA SER A 3 -24.93 15.58 17.88
C SER A 3 -23.98 14.77 17.00
N LEU A 4 -22.67 14.88 17.23
CA LEU A 4 -21.66 14.17 16.47
C LEU A 4 -21.74 12.66 16.75
N PRO A 5 -21.38 11.82 15.76
CA PRO A 5 -21.38 10.38 15.91
C PRO A 5 -20.26 9.92 16.84
N SER A 6 -20.35 8.68 17.32
CA SER A 6 -19.34 8.10 18.18
C SER A 6 -18.06 7.82 17.39
N ILE A 7 -16.92 7.75 18.08
CA ILE A 7 -15.65 7.47 17.43
C ILE A 7 -15.64 6.07 16.81
N GLU A 8 -16.48 5.15 17.31
CA GLU A 8 -16.61 3.83 16.72
C GLU A 8 -17.42 3.86 15.43
N GLN A 9 -18.40 4.75 15.34
CA GLN A 9 -19.32 4.82 14.20
C GLN A 9 -18.67 5.46 12.97
N MET A 10 -17.74 6.40 13.19
CA MET A 10 -17.08 7.10 12.09
C MET A 10 -16.12 6.18 11.34
N LEU A 11 -15.66 5.09 11.98
CA LEU A 11 -14.81 4.11 11.32
C LEU A 11 -15.61 3.34 10.28
N ALA A 12 -16.88 3.07 10.58
CA ALA A 12 -17.77 2.33 9.69
C ALA A 12 -18.36 3.25 8.63
N ALA A 13 -18.33 4.56 8.86
CA ALA A 13 -18.83 5.55 7.92
C ALA A 13 -17.72 6.02 6.97
N ASN A 14 -16.47 5.67 7.25
CA ASN A 14 -15.33 6.08 6.44
C ASN A 14 -14.25 4.98 6.37
N PRO A 15 -14.62 3.75 5.98
CA PRO A 15 -13.68 2.65 5.88
C PRO A 15 -12.79 2.80 4.65
N GLY A 16 -13.11 3.75 3.76
CA GLY A 16 -12.40 3.97 2.50
C GLY A 16 -11.15 4.83 2.65
N LYS A 17 -10.74 5.16 3.88
CA LYS A 17 -9.57 6.00 4.11
C LYS A 17 -8.70 5.48 5.24
N THR A 18 -7.46 5.94 5.27
CA THR A 18 -6.50 5.59 6.31
C THR A 18 -6.89 6.07 7.70
N PRO A 19 -6.45 5.38 8.75
CA PRO A 19 -6.68 5.80 10.12
C PRO A 19 -5.91 7.08 10.40
N ILE A 20 -4.92 7.43 9.56
CA ILE A 20 -4.14 8.65 9.72
C ILE A 20 -5.01 9.86 9.39
N SER A 21 -5.66 9.81 8.23
CA SER A 21 -6.52 10.89 7.76
C SER A 21 -7.81 10.93 8.58
N LEU A 22 -8.28 9.76 9.02
CA LEU A 22 -9.51 9.65 9.79
C LEU A 22 -9.28 10.10 11.24
N LEU A 23 -8.08 9.87 11.77
CA LEU A 23 -7.71 10.37 13.09
C LEU A 23 -7.50 11.89 13.03
N GLN A 24 -7.02 12.40 11.89
CA GLN A 24 -6.89 13.84 11.71
C GLN A 24 -8.28 14.47 11.62
N GLU A 25 -9.22 13.75 10.99
CA GLU A 25 -10.59 14.19 10.85
C GLU A 25 -11.29 14.20 12.21
N TYR A 26 -11.00 13.22 13.06
CA TYR A 26 -11.52 13.19 14.42
C TYR A 26 -10.94 14.28 15.31
N GLY A 27 -9.67 14.62 15.07
CA GLY A 27 -8.96 15.63 15.82
C GLY A 27 -9.66 16.99 15.74
N THR A 28 -10.16 17.37 14.56
CA THR A 28 -10.80 18.67 14.39
C THR A 28 -12.03 18.89 15.26
N ARG A 29 -12.74 17.81 15.58
CA ARG A 29 -13.97 17.86 16.37
C ARG A 29 -13.69 17.93 17.86
N ILE A 30 -12.58 17.35 18.30
CA ILE A 30 -12.16 17.41 19.71
C ILE A 30 -11.18 18.56 19.95
N GLY A 31 -10.80 19.29 18.89
CA GLY A 31 -9.89 20.43 18.99
C GLY A 31 -8.43 20.01 19.09
N LYS A 32 -8.16 18.72 19.28
CA LYS A 32 -6.81 18.18 19.34
C LYS A 32 -6.27 17.98 17.92
N THR A 33 -4.95 17.79 17.80
CA THR A 33 -4.36 17.44 16.52
C THR A 33 -3.34 16.31 16.66
N PRO A 34 -3.45 15.25 15.83
CA PRO A 34 -2.52 14.13 15.85
C PRO A 34 -1.17 14.56 15.29
N VAL A 35 -0.22 14.88 16.17
CA VAL A 35 1.13 15.23 15.74
C VAL A 35 1.93 13.99 15.37
N TYR A 36 2.56 13.97 14.19
CA TYR A 36 3.31 12.81 13.73
C TYR A 36 4.83 12.95 13.78
N ASP A 37 5.50 12.00 14.43
CA ASP A 37 6.95 11.96 14.56
C ASP A 37 7.59 10.64 14.13
N LEU A 38 8.69 10.72 13.38
CA LEU A 38 9.42 9.54 12.94
C LEU A 38 10.43 9.15 14.03
N LEU A 39 10.30 7.96 14.63
CA LEU A 39 11.19 7.54 15.70
C LEU A 39 12.41 6.80 15.18
N LYS A 40 12.32 6.17 14.00
CA LYS A 40 13.38 5.31 13.50
C LYS A 40 13.50 5.42 11.99
N ALA A 41 14.73 5.48 11.49
CA ALA A 41 15.02 5.50 10.06
C ALA A 41 16.37 4.86 9.80
N GLU A 42 16.39 3.53 9.64
CA GLU A 42 17.61 2.77 9.39
C GLU A 42 17.48 1.98 8.09
N GLY A 43 18.53 1.24 7.73
CA GLY A 43 18.58 0.49 6.49
C GLY A 43 18.89 1.42 5.30
N GLN A 44 18.95 0.86 4.09
CA GLN A 44 19.26 1.64 2.89
C GLN A 44 18.42 1.21 1.69
N ALA A 45 17.68 0.10 1.78
CA ALA A 45 16.83 -0.35 0.69
C ALA A 45 15.75 -1.31 1.19
N HIS A 46 16.18 -2.39 1.86
CA HIS A 46 15.26 -3.39 2.40
C HIS A 46 15.22 -3.30 3.92
N GLN A 47 14.08 -3.70 4.50
CA GLN A 47 13.87 -3.74 5.94
C GLN A 47 14.31 -2.44 6.63
N PRO A 48 13.82 -1.27 6.17
CA PRO A 48 14.19 0.02 6.71
C PRO A 48 13.61 0.23 8.10
N ASN A 49 12.78 -0.70 8.57
CA ASN A 49 12.19 -0.69 9.90
C ASN A 49 11.76 0.71 10.34
N PHE A 50 10.74 1.27 9.70
CA PHE A 50 10.27 2.60 10.04
C PHE A 50 9.40 2.62 11.29
N THR A 51 9.46 3.69 12.09
CA THR A 51 8.60 3.85 13.25
C THR A 51 7.99 5.23 13.32
N PHE A 52 6.67 5.29 13.53
CA PHE A 52 5.94 6.54 13.73
C PHE A 52 5.26 6.64 15.09
N ARG A 53 5.21 7.85 15.64
CA ARG A 53 4.45 8.12 16.84
C ARG A 53 3.41 9.18 16.54
N VAL A 54 2.25 9.06 17.16
CA VAL A 54 1.19 10.04 17.01
C VAL A 54 0.83 10.55 18.40
N THR A 55 0.58 11.85 18.50
CA THR A 55 0.19 12.49 19.75
C THR A 55 -1.14 13.23 19.62
N VAL A 56 -2.12 12.86 20.43
CA VAL A 56 -3.45 13.46 20.41
C VAL A 56 -3.82 13.80 21.85
N GLY A 57 -3.82 15.09 22.19
CA GLY A 57 -4.09 15.51 23.55
C GLY A 57 -3.08 14.89 24.51
N ASP A 58 -3.55 14.40 25.66
CA ASP A 58 -2.71 13.78 26.68
C ASP A 58 -2.21 12.37 26.36
N THR A 59 -2.41 11.89 25.13
CA THR A 59 -2.04 10.54 24.71
C THR A 59 -1.12 10.44 23.50
N SER A 60 -0.21 9.45 23.50
CA SER A 60 0.65 9.18 22.36
C SER A 60 0.93 7.69 22.22
N CYS A 61 1.05 7.22 20.99
CA CYS A 61 1.27 5.81 20.67
C CYS A 61 2.14 5.68 19.42
N THR A 62 2.70 4.49 19.18
CA THR A 62 3.55 4.23 18.02
C THR A 62 3.10 3.10 17.12
N GLY A 63 3.74 2.99 15.95
CA GLY A 63 3.48 1.95 14.96
C GLY A 63 4.70 1.76 14.08
N GLN A 64 4.77 0.63 13.37
CA GLN A 64 5.93 0.29 12.56
C GLN A 64 5.53 -0.40 11.26
N GLY A 65 6.45 -0.40 10.29
CA GLY A 65 6.23 -1.05 9.00
C GLY A 65 7.45 -0.95 8.09
N PRO A 66 7.42 -1.66 6.96
CA PRO A 66 8.49 -1.70 5.97
C PRO A 66 8.57 -0.41 5.15
N SER A 67 7.67 0.54 5.41
CA SER A 67 7.61 1.81 4.70
C SER A 67 7.00 2.86 5.62
N LYS A 68 7.16 4.14 5.30
CA LYS A 68 6.61 5.21 6.12
C LYS A 68 5.08 5.21 6.07
N LYS A 69 4.50 4.66 5.00
CA LYS A 69 3.04 4.54 4.86
C LYS A 69 2.50 3.51 5.84
N ALA A 70 3.17 2.36 5.94
CA ALA A 70 2.72 1.29 6.80
C ALA A 70 2.96 1.61 8.27
N ALA A 71 4.03 2.36 8.56
CA ALA A 71 4.38 2.71 9.93
C ALA A 71 3.46 3.81 10.49
N LYS A 72 3.11 4.80 9.68
CA LYS A 72 2.24 5.89 10.13
C LYS A 72 0.81 5.39 10.28
N HIS A 73 0.40 4.45 9.41
CA HIS A 73 -0.95 3.90 9.43
C HIS A 73 -1.20 3.16 10.74
N LYS A 74 -0.24 2.30 11.13
CA LYS A 74 -0.39 1.53 12.36
C LYS A 74 -0.44 2.44 13.58
N ALA A 75 0.33 3.52 13.61
CA ALA A 75 0.40 4.37 14.79
C ALA A 75 -0.91 5.11 15.02
N ALA A 76 -1.56 5.56 13.94
CA ALA A 76 -2.83 6.25 14.05
C ALA A 76 -3.92 5.30 14.55
N GLU A 77 -3.84 4.03 14.15
CA GLU A 77 -4.77 3.01 14.58
C GLU A 77 -4.64 2.76 16.09
N VAL A 78 -3.44 2.85 16.64
CA VAL A 78 -3.23 2.63 18.07
C VAL A 78 -3.77 3.81 18.87
N ALA A 79 -3.70 5.03 18.34
CA ALA A 79 -4.24 6.18 19.03
C ALA A 79 -5.76 6.07 19.09
N LEU A 80 -6.38 5.67 17.97
CA LEU A 80 -7.82 5.52 17.88
C LEU A 80 -8.32 4.48 18.89
N LYS A 81 -7.52 3.45 19.19
CA LYS A 81 -7.90 2.42 20.16
C LYS A 81 -7.97 2.97 21.58
N HIS A 82 -7.05 3.86 21.95
CA HIS A 82 -7.08 4.50 23.25
C HIS A 82 -8.13 5.61 23.32
N LEU A 83 -8.44 6.22 22.18
CA LEU A 83 -9.47 7.25 22.11
C LEU A 83 -10.87 6.62 22.15
N LYS A 84 -10.97 5.34 21.75
CA LYS A 84 -12.19 4.57 21.85
C LYS A 84 -12.42 4.04 23.27
N GLY A 85 -11.45 4.26 24.17
CA GLY A 85 -11.54 3.83 25.56
C GLY A 85 -12.49 4.72 26.36
N CYS A 146 12.29 -13.49 -3.44
CA CYS A 146 12.71 -13.04 -4.77
C CYS A 146 11.58 -12.32 -5.50
N ASN A 147 11.93 -11.60 -6.57
CA ASN A 147 10.94 -10.87 -7.37
C ASN A 147 10.30 -11.78 -8.42
N PRO A 148 8.99 -11.65 -8.65
CA PRO A 148 8.28 -12.48 -9.60
C PRO A 148 8.65 -12.11 -11.04
N VAL A 149 8.90 -10.83 -11.31
CA VAL A 149 9.31 -10.39 -12.64
C VAL A 149 10.74 -10.80 -12.96
N GLY A 150 11.60 -10.83 -11.94
CA GLY A 150 12.98 -11.24 -12.10
C GLY A 150 13.09 -12.76 -12.26
N ALA A 151 12.29 -13.51 -11.50
CA ALA A 151 12.25 -14.95 -11.62
C ALA A 151 11.77 -15.37 -13.01
N LEU A 152 10.83 -14.60 -13.58
CA LEU A 152 10.35 -14.85 -14.93
C LEU A 152 11.45 -14.53 -15.94
N GLN A 153 12.14 -13.41 -15.75
CA GLN A 153 13.21 -13.01 -16.65
C GLN A 153 14.35 -14.02 -16.63
N GLU A 154 14.59 -14.66 -15.48
CA GLU A 154 15.62 -15.68 -15.37
C GLU A 154 15.24 -16.93 -16.18
N LEU A 155 13.96 -17.31 -16.16
CA LEU A 155 13.48 -18.48 -16.87
C LEU A 155 13.44 -18.22 -18.37
N VAL A 156 12.92 -17.05 -18.77
CA VAL A 156 12.82 -16.67 -20.17
C VAL A 156 14.21 -16.69 -20.80
N VAL A 157 15.23 -16.22 -20.07
CA VAL A 157 16.59 -16.22 -20.57
C VAL A 157 17.13 -17.66 -20.58
N GLN A 158 16.73 -18.49 -19.60
CA GLN A 158 17.22 -19.86 -19.52
C GLN A 158 16.65 -20.72 -20.64
N LYS A 159 15.43 -20.39 -21.10
CA LYS A 159 14.78 -21.08 -22.19
C LYS A 159 15.40 -20.74 -23.55
N GLY A 160 16.21 -19.69 -23.61
CA GLY A 160 16.87 -19.24 -24.84
C GLY A 160 16.05 -18.18 -25.56
N TRP A 161 15.01 -17.66 -24.90
CA TRP A 161 14.13 -16.66 -25.49
C TRP A 161 14.71 -15.26 -25.24
N ARG A 162 14.17 -14.26 -25.93
CA ARG A 162 14.58 -12.88 -25.75
C ARG A 162 13.94 -12.31 -24.48
N LEU A 163 14.47 -11.19 -23.98
CA LEU A 163 13.98 -10.56 -22.76
C LEU A 163 12.50 -10.21 -22.89
N PRO A 164 11.75 -10.26 -21.78
CA PRO A 164 10.32 -9.98 -21.75
C PRO A 164 10.04 -8.50 -22.00
N GLU A 165 8.82 -8.19 -22.40
CA GLU A 165 8.38 -6.82 -22.67
C GLU A 165 7.05 -6.53 -22.01
N TYR A 166 6.84 -5.27 -21.63
CA TYR A 166 5.62 -4.84 -20.93
C TYR A 166 4.91 -3.63 -21.53
N THR A 167 3.58 -3.72 -21.67
CA THR A 167 2.76 -2.64 -22.18
C THR A 167 1.40 -2.49 -21.51
N VAL A 168 1.01 -1.25 -21.18
CA VAL A 168 -0.28 -0.99 -20.57
C VAL A 168 -1.42 -1.01 -21.59
N THR A 169 -2.49 -1.74 -21.28
CA THR A 169 -3.69 -1.76 -22.12
C THR A 169 -4.91 -1.03 -21.55
N GLN A 170 -4.85 -0.65 -20.25
CA GLN A 170 -5.99 -0.03 -19.60
C GLN A 170 -5.57 0.69 -18.32
N GLU A 171 -6.40 1.65 -17.92
CA GLU A 171 -6.23 2.38 -16.66
C GLU A 171 -7.57 2.94 -16.19
N SER A 172 -7.72 3.10 -14.88
CA SER A 172 -8.91 3.71 -14.30
C SER A 172 -8.90 5.22 -14.52
N GLY A 173 -10.09 5.84 -14.56
CA GLY A 173 -10.22 7.26 -14.80
C GLY A 173 -9.89 8.09 -13.56
N PRO A 174 -10.60 7.87 -12.45
CA PRO A 174 -10.38 8.60 -11.20
C PRO A 174 -8.96 8.39 -10.68
N ALA A 175 -8.25 9.48 -10.42
CA ALA A 175 -6.87 9.41 -9.97
C ALA A 175 -6.77 8.97 -8.50
N HIS A 176 -7.85 9.09 -7.72
CA HIS A 176 -7.86 8.65 -6.32
C HIS A 176 -8.16 7.15 -6.22
N ARG A 177 -8.60 6.54 -7.32
CA ARG A 177 -8.94 5.11 -7.37
C ARG A 177 -8.15 4.45 -8.50
N LYS A 178 -7.00 5.04 -8.83
CA LYS A 178 -6.19 4.64 -9.97
C LYS A 178 -5.84 3.16 -9.90
N GLU A 179 -5.90 2.51 -11.07
CA GLU A 179 -5.55 1.11 -11.26
C GLU A 179 -5.06 0.94 -12.69
N PHE A 180 -4.37 -0.16 -12.96
CA PHE A 180 -3.72 -0.41 -14.23
C PHE A 180 -3.87 -1.85 -14.69
N THR A 181 -3.91 -2.04 -16.01
CA THR A 181 -3.84 -3.35 -16.64
C THR A 181 -2.66 -3.47 -17.59
N MET A 182 -1.78 -4.44 -17.33
CA MET A 182 -0.53 -4.57 -18.06
C MET A 182 -0.41 -5.95 -18.70
N THR A 183 0.16 -5.99 -19.91
CA THR A 183 0.43 -7.22 -20.62
C THR A 183 1.92 -7.60 -20.60
N CYS A 184 2.19 -8.89 -20.42
CA CYS A 184 3.53 -9.45 -20.50
C CYS A 184 3.67 -10.08 -21.88
N ARG A 185 4.82 -9.91 -22.53
CA ARG A 185 5.01 -10.40 -23.88
C ARG A 185 6.35 -11.12 -23.99
N VAL A 186 6.30 -12.35 -24.51
CA VAL A 186 7.46 -13.22 -24.74
C VAL A 186 7.38 -13.71 -26.18
N GLU A 187 8.43 -14.35 -26.69
CA GLU A 187 8.52 -14.74 -28.09
C GLU A 187 7.50 -15.81 -28.50
N ARG A 188 6.72 -16.32 -27.56
CA ARG A 188 5.64 -17.26 -27.83
C ARG A 188 4.47 -17.08 -26.87
N PHE A 189 4.76 -16.65 -25.65
CA PHE A 189 3.79 -16.52 -24.58
C PHE A 189 3.34 -15.08 -24.35
N ILE A 190 2.07 -14.92 -23.95
CA ILE A 190 1.48 -13.63 -23.63
C ILE A 190 0.47 -13.80 -22.49
N GLU A 191 0.53 -12.92 -21.49
CA GLU A 191 -0.34 -12.96 -20.31
C GLU A 191 -0.63 -11.56 -19.79
N ILE A 192 -1.63 -11.42 -18.92
CA ILE A 192 -2.08 -10.12 -18.42
C ILE A 192 -2.24 -10.12 -16.89
N GLY A 193 -2.06 -8.94 -16.29
CA GLY A 193 -2.22 -8.73 -14.86
C GLY A 193 -2.69 -7.31 -14.60
N SER A 194 -2.98 -6.98 -13.34
CA SER A 194 -3.53 -5.68 -12.98
C SER A 194 -3.03 -5.26 -11.61
N GLY A 195 -3.13 -3.96 -11.29
CA GLY A 195 -2.70 -3.46 -9.99
C GLY A 195 -2.91 -1.97 -9.82
N THR A 196 -2.81 -1.50 -8.58
CA THR A 196 -3.00 -0.10 -8.23
C THR A 196 -1.82 0.82 -8.59
N SER A 197 -0.82 0.27 -9.27
CA SER A 197 0.38 0.99 -9.65
C SER A 197 0.91 0.44 -10.97
N LYS A 198 1.67 1.26 -11.72
CA LYS A 198 2.22 0.87 -13.00
C LYS A 198 3.19 -0.29 -12.81
N LYS A 199 3.99 -0.24 -11.74
CA LYS A 199 4.89 -1.31 -11.36
C LYS A 199 4.13 -2.53 -10.84
N LEU A 200 3.02 -2.30 -10.15
CA LEU A 200 2.27 -3.39 -9.53
C LEU A 200 1.49 -4.20 -10.56
N ALA A 201 0.98 -3.56 -11.61
CA ALA A 201 0.30 -4.29 -12.68
C ALA A 201 1.29 -5.16 -13.44
N LYS A 202 2.54 -4.70 -13.57
CA LYS A 202 3.60 -5.46 -14.20
C LYS A 202 4.01 -6.64 -13.31
N ARG A 203 4.05 -6.40 -12.00
CA ARG A 203 4.34 -7.42 -10.99
C ARG A 203 3.28 -8.51 -10.98
N ASN A 204 2.01 -8.15 -11.17
CA ASN A 204 0.95 -9.13 -11.20
C ASN A 204 0.95 -9.91 -12.51
N ALA A 205 1.15 -9.22 -13.64
CA ALA A 205 1.16 -9.86 -14.95
C ALA A 205 2.29 -10.90 -15.03
N ALA A 206 3.41 -10.63 -14.35
CA ALA A 206 4.51 -11.57 -14.28
C ALA A 206 4.15 -12.78 -13.44
N ALA A 207 3.39 -12.57 -12.36
CA ALA A 207 3.00 -13.67 -11.48
C ALA A 207 2.08 -14.64 -12.22
N LYS A 208 1.17 -14.13 -13.06
CA LYS A 208 0.32 -15.01 -13.85
C LYS A 208 1.12 -15.68 -14.96
N MET A 209 2.10 -14.95 -15.52
CA MET A 209 2.93 -15.49 -16.58
C MET A 209 3.83 -16.62 -16.08
N LEU A 210 4.32 -16.55 -14.84
CA LEU A 210 5.15 -17.61 -14.28
C LEU A 210 4.43 -18.95 -14.32
N LEU A 211 3.10 -18.95 -14.24
CA LEU A 211 2.35 -20.19 -14.29
C LEU A 211 2.21 -20.68 -15.73
N ARG A 212 2.21 -19.74 -16.68
CA ARG A 212 2.06 -20.05 -18.10
C ARG A 212 3.34 -20.64 -18.70
N VAL A 213 4.51 -20.04 -18.42
CA VAL A 213 5.76 -20.51 -18.99
C VAL A 213 6.28 -21.75 -18.24
N HIS A 214 6.00 -21.85 -16.94
CA HIS A 214 6.44 -23.00 -16.13
C HIS A 214 5.44 -24.15 -16.19
N THR A 215 4.55 -24.12 -17.19
CA THR A 215 3.54 -25.15 -17.39
C THR A 215 4.10 -26.52 -17.75
N GLY A 1 -29.88 19.26 18.04
CA GLY A 1 -29.78 17.81 17.76
C GLY A 1 -28.74 17.51 16.71
N GLY A 2 -28.53 16.24 16.39
CA GLY A 2 -27.55 15.82 15.41
C GLY A 2 -27.53 14.28 15.27
N SER A 3 -26.64 13.78 14.42
CA SER A 3 -26.51 12.34 14.18
C SER A 3 -25.74 11.64 15.31
N LEU A 4 -25.33 12.40 16.33
CA LEU A 4 -24.59 11.87 17.49
C LEU A 4 -23.37 11.05 17.07
N PRO A 5 -22.46 11.61 16.27
CA PRO A 5 -21.28 10.92 15.79
C PRO A 5 -20.30 10.64 16.93
N SER A 6 -19.42 9.66 16.74
CA SER A 6 -18.45 9.25 17.74
C SER A 6 -17.26 8.56 17.08
N ILE A 7 -16.16 8.42 17.82
CA ILE A 7 -14.96 7.77 17.31
C ILE A 7 -15.21 6.30 17.00
N GLU A 8 -16.26 5.72 17.59
CA GLU A 8 -16.65 4.35 17.26
C GLU A 8 -17.39 4.29 15.92
N GLN A 9 -18.10 5.37 15.56
CA GLN A 9 -18.92 5.40 14.35
C GLN A 9 -18.08 5.55 13.08
N MET A 10 -16.94 6.22 13.16
CA MET A 10 -16.07 6.41 12.00
C MET A 10 -15.52 5.06 11.51
N LEU A 11 -15.36 4.10 12.42
CA LEU A 11 -14.83 2.80 12.06
C LEU A 11 -15.83 2.05 11.17
N ALA A 12 -17.13 2.22 11.46
CA ALA A 12 -18.20 1.58 10.71
C ALA A 12 -18.57 2.35 9.45
N ALA A 13 -18.34 3.67 9.42
CA ALA A 13 -18.82 4.53 8.35
C ALA A 13 -17.74 5.07 7.41
N ASN A 14 -16.46 5.00 7.81
CA ASN A 14 -15.37 5.51 6.99
C ASN A 14 -14.12 4.64 7.02
N PRO A 15 -14.25 3.32 6.85
CA PRO A 15 -13.12 2.39 6.82
C PRO A 15 -12.37 2.50 5.49
N GLY A 16 -12.88 3.31 4.56
CA GLY A 16 -12.31 3.47 3.23
C GLY A 16 -11.02 4.30 3.21
N LYS A 17 -10.54 4.70 4.39
CA LYS A 17 -9.31 5.49 4.51
C LYS A 17 -8.42 4.96 5.62
N THR A 18 -7.18 5.44 5.65
CA THR A 18 -6.26 5.23 6.76
C THR A 18 -6.74 5.91 8.04
N PRO A 19 -6.40 5.37 9.22
CA PRO A 19 -6.75 5.97 10.49
C PRO A 19 -6.03 7.30 10.70
N ILE A 20 -5.05 7.61 9.84
CA ILE A 20 -4.28 8.84 9.91
C ILE A 20 -5.21 10.03 9.68
N SER A 21 -6.01 9.97 8.61
CA SER A 21 -6.93 11.03 8.27
C SER A 21 -8.15 11.08 9.20
N LEU A 22 -8.62 9.93 9.69
CA LEU A 22 -9.76 9.93 10.59
C LEU A 22 -9.35 10.54 11.92
N LEU A 23 -8.11 10.28 12.35
CA LEU A 23 -7.60 10.84 13.60
C LEU A 23 -7.44 12.35 13.47
N GLN A 24 -7.23 12.87 12.26
CA GLN A 24 -7.16 14.30 12.04
C GLN A 24 -8.56 14.91 12.10
N GLU A 25 -9.55 14.22 11.51
CA GLU A 25 -10.93 14.70 11.52
C GLU A 25 -11.48 14.67 12.94
N TYR A 26 -11.21 13.60 13.68
CA TYR A 26 -11.59 13.48 15.08
C TYR A 26 -10.95 14.51 15.98
N GLY A 27 -9.72 14.91 15.63
CA GLY A 27 -9.01 15.95 16.35
C GLY A 27 -9.84 17.24 16.41
N THR A 28 -10.58 17.53 15.33
CA THR A 28 -11.41 18.73 15.24
C THR A 28 -12.47 18.91 16.33
N ARG A 29 -13.06 17.83 16.83
CA ARG A 29 -14.09 17.94 17.85
C ARG A 29 -13.51 17.96 19.26
N ILE A 30 -12.33 17.37 19.45
CA ILE A 30 -11.67 17.35 20.74
C ILE A 30 -10.73 18.55 20.91
N GLY A 31 -10.54 19.37 19.86
CA GLY A 31 -9.71 20.56 19.94
C GLY A 31 -8.22 20.25 19.88
N LYS A 32 -7.88 18.99 19.61
CA LYS A 32 -6.49 18.53 19.52
C LYS A 32 -6.12 18.26 18.06
N THR A 33 -4.82 18.15 17.79
CA THR A 33 -4.34 17.76 16.47
C THR A 33 -3.23 16.70 16.54
N PRO A 34 -3.34 15.61 15.76
CA PRO A 34 -2.38 14.52 15.77
C PRO A 34 -1.08 14.95 15.11
N VAL A 35 -0.05 15.24 15.91
CA VAL A 35 1.29 15.57 15.41
C VAL A 35 2.06 14.30 15.05
N TYR A 36 2.69 14.24 13.88
CA TYR A 36 3.42 13.05 13.45
C TYR A 36 4.93 13.19 13.41
N ASP A 37 5.66 12.27 14.06
CA ASP A 37 7.11 12.24 14.09
C ASP A 37 7.73 10.90 13.68
N LEU A 38 8.78 10.93 12.86
CA LEU A 38 9.50 9.73 12.47
C LEU A 38 10.51 9.35 13.56
N LEU A 39 10.27 8.22 14.24
CA LEU A 39 11.10 7.77 15.34
C LEU A 39 12.32 6.99 14.85
N LYS A 40 12.21 6.29 13.72
CA LYS A 40 13.31 5.45 13.25
C LYS A 40 13.26 5.28 11.74
N ALA A 41 14.44 5.18 11.12
CA ALA A 41 14.58 4.96 9.69
C ALA A 41 15.88 4.18 9.43
N GLU A 42 15.78 2.85 9.40
CA GLU A 42 16.93 1.97 9.23
C GLU A 42 16.61 0.76 8.37
N GLY A 43 17.63 -0.05 8.10
CA GLY A 43 17.48 -1.32 7.42
C GLY A 43 17.86 -1.23 5.94
N GLN A 44 18.06 -2.39 5.31
CA GLN A 44 18.39 -2.45 3.89
C GLN A 44 17.19 -1.98 3.07
N ALA A 45 17.43 -1.47 1.86
CA ALA A 45 16.36 -0.89 1.05
C ALA A 45 15.28 -1.91 0.67
N HIS A 46 15.62 -3.21 0.65
CA HIS A 46 14.67 -4.25 0.30
C HIS A 46 13.93 -4.82 1.51
N GLN A 47 14.28 -4.36 2.72
CA GLN A 47 13.62 -4.80 3.95
C GLN A 47 13.79 -3.78 5.08
N PRO A 48 13.52 -2.49 4.83
CA PRO A 48 13.72 -1.43 5.79
C PRO A 48 12.66 -1.49 6.88
N ASN A 49 12.88 -0.74 7.97
CA ASN A 49 11.94 -0.67 9.07
C ASN A 49 11.77 0.78 9.51
N PHE A 50 10.52 1.20 9.69
CA PHE A 50 10.18 2.55 10.09
C PHE A 50 9.33 2.63 11.34
N THR A 51 9.46 3.74 12.08
CA THR A 51 8.65 3.99 13.28
C THR A 51 8.05 5.39 13.27
N PHE A 52 6.76 5.48 13.58
CA PHE A 52 6.06 6.73 13.76
C PHE A 52 5.47 6.92 15.14
N ARG A 53 5.41 8.15 15.62
CA ARG A 53 4.70 8.48 16.85
C ARG A 53 3.67 9.55 16.51
N VAL A 54 2.50 9.48 17.16
CA VAL A 54 1.45 10.45 16.98
C VAL A 54 1.14 11.05 18.34
N THR A 55 0.91 12.36 18.36
CA THR A 55 0.57 13.09 19.57
C THR A 55 -0.77 13.80 19.48
N VAL A 56 -1.71 13.44 20.36
CA VAL A 56 -3.04 14.02 20.38
C VAL A 56 -3.31 14.44 21.82
N GLY A 57 -3.23 15.75 22.09
CA GLY A 57 -3.34 16.24 23.46
C GLY A 57 -2.15 15.73 24.28
N ASP A 58 -2.40 15.34 25.53
CA ASP A 58 -1.34 14.80 26.38
C ASP A 58 -0.86 13.42 25.93
N THR A 59 -1.74 12.64 25.27
CA THR A 59 -1.43 11.29 24.82
C THR A 59 -0.56 11.17 23.57
N SER A 60 0.30 10.15 23.54
CA SER A 60 1.07 9.83 22.35
C SER A 60 1.30 8.33 22.26
N CYS A 61 1.36 7.80 21.04
CA CYS A 61 1.55 6.38 20.79
C CYS A 61 2.39 6.17 19.52
N THR A 62 2.95 4.97 19.35
CA THR A 62 3.77 4.64 18.19
C THR A 62 3.27 3.47 17.35
N GLY A 63 3.84 3.32 16.15
CA GLY A 63 3.53 2.25 15.22
C GLY A 63 4.70 2.02 14.27
N GLN A 64 4.73 0.87 13.60
CA GLN A 64 5.84 0.48 12.74
C GLN A 64 5.36 -0.20 11.47
N GLY A 65 6.22 -0.25 10.46
CA GLY A 65 5.93 -0.89 9.19
C GLY A 65 7.13 -0.83 8.24
N PRO A 66 7.05 -1.57 7.12
CA PRO A 66 8.09 -1.65 6.11
C PRO A 66 8.18 -0.38 5.27
N SER A 67 7.28 0.59 5.50
CA SER A 67 7.25 1.84 4.75
C SER A 67 6.65 2.92 5.65
N LYS A 68 6.83 4.20 5.27
CA LYS A 68 6.28 5.30 6.06
C LYS A 68 4.76 5.32 5.98
N LYS A 69 4.16 4.70 4.95
CA LYS A 69 2.72 4.61 4.82
C LYS A 69 2.17 3.65 5.88
N ALA A 70 2.79 2.48 6.00
CA ALA A 70 2.35 1.44 6.92
C ALA A 70 2.69 1.81 8.37
N ALA A 71 3.80 2.51 8.59
CA ALA A 71 4.22 2.87 9.94
C ALA A 71 3.38 4.00 10.50
N LYS A 72 2.99 4.98 9.67
CA LYS A 72 2.16 6.09 10.13
C LYS A 72 0.73 5.60 10.37
N HIS A 73 0.29 4.63 9.56
CA HIS A 73 -1.04 4.05 9.67
C HIS A 73 -1.21 3.37 11.02
N LYS A 74 -0.24 2.54 11.41
CA LYS A 74 -0.32 1.81 12.67
C LYS A 74 -0.33 2.75 13.87
N ALA A 75 0.44 3.84 13.83
CA ALA A 75 0.55 4.72 14.99
C ALA A 75 -0.76 5.47 15.23
N ALA A 76 -1.46 5.88 14.15
CA ALA A 76 -2.72 6.58 14.29
C ALA A 76 -3.79 5.62 14.83
N GLU A 77 -3.70 4.34 14.48
CA GLU A 77 -4.63 3.33 14.96
C GLU A 77 -4.49 3.15 16.47
N VAL A 78 -3.28 3.29 17.02
CA VAL A 78 -3.06 3.09 18.45
C VAL A 78 -3.57 4.29 19.25
N ALA A 79 -3.48 5.51 18.71
CA ALA A 79 -3.98 6.67 19.41
C ALA A 79 -5.50 6.59 19.55
N LEU A 80 -6.16 6.15 18.49
CA LEU A 80 -7.61 6.02 18.46
C LEU A 80 -8.11 5.07 19.55
N LYS A 81 -7.32 4.04 19.90
CA LYS A 81 -7.70 3.10 20.95
C LYS A 81 -7.71 3.76 22.33
N HIS A 82 -6.77 4.66 22.60
CA HIS A 82 -6.72 5.39 23.86
C HIS A 82 -7.75 6.51 23.88
N LEU A 83 -8.12 7.03 22.71
CA LEU A 83 -9.12 8.08 22.60
C LEU A 83 -10.53 7.48 22.71
N LYS A 84 -10.66 6.17 22.45
CA LYS A 84 -11.91 5.44 22.65
C LYS A 84 -12.15 5.12 24.13
N GLY A 85 -11.15 5.36 24.98
CA GLY A 85 -11.24 5.12 26.42
C GLY A 85 -11.95 6.26 27.13
N CYS A 146 8.37 -15.52 -3.85
CA CYS A 146 8.12 -14.07 -3.98
C CYS A 146 8.74 -13.53 -5.26
N ASN A 147 8.49 -12.24 -5.55
CA ASN A 147 9.00 -11.56 -6.74
C ASN A 147 8.80 -12.41 -8.00
N PRO A 148 7.56 -12.56 -8.49
CA PRO A 148 7.27 -13.37 -9.65
C PRO A 148 7.90 -12.78 -10.91
N VAL A 149 8.16 -11.46 -10.92
CA VAL A 149 8.81 -10.82 -12.06
C VAL A 149 10.29 -11.19 -12.15
N GLY A 150 10.94 -11.36 -11.00
CA GLY A 150 12.33 -11.77 -10.95
C GLY A 150 12.46 -13.25 -11.27
N ALA A 151 11.51 -14.07 -10.81
CA ALA A 151 11.52 -15.48 -11.13
C ALA A 151 11.35 -15.69 -12.64
N LEU A 152 10.55 -14.84 -13.29
CA LEU A 152 10.38 -14.87 -14.73
C LEU A 152 11.66 -14.41 -15.43
N GLN A 153 12.31 -13.38 -14.90
CA GLN A 153 13.55 -12.87 -15.47
C GLN A 153 14.65 -13.93 -15.51
N GLU A 154 14.75 -14.76 -14.46
CA GLU A 154 15.74 -15.82 -14.43
C GLU A 154 15.43 -16.91 -15.45
N LEU A 155 14.14 -17.24 -15.63
CA LEU A 155 13.74 -18.32 -16.53
C LEU A 155 13.88 -17.91 -18.00
N VAL A 156 13.40 -16.71 -18.36
CA VAL A 156 13.48 -16.21 -19.72
C VAL A 156 14.95 -16.15 -20.15
N VAL A 157 15.85 -15.78 -19.24
CA VAL A 157 17.27 -15.72 -19.54
C VAL A 157 17.83 -17.13 -19.65
N GLN A 158 17.29 -18.09 -18.87
CA GLN A 158 17.80 -19.46 -18.88
C GLN A 158 17.37 -20.20 -20.14
N LYS A 159 16.21 -19.85 -20.70
CA LYS A 159 15.68 -20.43 -21.93
C LYS A 159 16.43 -19.96 -23.17
N GLY A 160 17.20 -18.87 -23.05
CA GLY A 160 17.95 -18.31 -24.16
C GLY A 160 17.14 -17.26 -24.92
N TRP A 161 16.02 -16.80 -24.35
CA TRP A 161 15.15 -15.81 -24.97
C TRP A 161 15.64 -14.40 -24.65
N ARG A 162 15.07 -13.41 -25.34
CA ARG A 162 15.38 -12.01 -25.08
C ARG A 162 14.70 -11.57 -23.79
N LEU A 163 15.17 -10.44 -23.23
CA LEU A 163 14.64 -9.90 -21.99
C LEU A 163 13.14 -9.63 -22.11
N PRO A 164 12.40 -9.71 -21.00
CA PRO A 164 10.96 -9.50 -20.96
C PRO A 164 10.61 -8.07 -21.32
N GLU A 165 9.40 -7.89 -21.86
CA GLU A 165 8.91 -6.60 -22.34
C GLU A 165 7.53 -6.30 -21.76
N TYR A 166 7.26 -5.02 -21.47
CA TYR A 166 6.01 -4.61 -20.85
C TYR A 166 5.34 -3.39 -21.49
N THR A 167 4.02 -3.47 -21.72
CA THR A 167 3.23 -2.37 -22.26
C THR A 167 1.83 -2.24 -21.66
N VAL A 168 1.43 -1.01 -21.31
CA VAL A 168 0.08 -0.78 -20.81
C VAL A 168 -0.96 -0.75 -21.91
N THR A 169 -2.07 -1.48 -21.73
CA THR A 169 -3.17 -1.47 -22.66
C THR A 169 -4.44 -0.77 -22.19
N GLN A 170 -4.51 -0.44 -20.89
CA GLN A 170 -5.72 0.14 -20.33
C GLN A 170 -5.47 0.81 -18.98
N GLU A 171 -6.35 1.75 -18.63
CA GLU A 171 -6.34 2.43 -17.35
C GLU A 171 -7.77 2.85 -17.00
N SER A 172 -8.10 2.87 -15.72
CA SER A 172 -9.42 3.29 -15.27
C SER A 172 -9.52 4.82 -15.29
N GLY A 173 -10.75 5.35 -15.20
CA GLY A 173 -10.99 6.78 -15.28
C GLY A 173 -10.60 7.53 -14.00
N PRO A 174 -11.19 7.21 -12.85
CA PRO A 174 -10.98 7.95 -11.62
C PRO A 174 -9.57 7.73 -11.07
N ALA A 175 -8.85 8.82 -10.84
CA ALA A 175 -7.49 8.75 -10.33
C ALA A 175 -7.47 8.38 -8.83
N HIS A 176 -8.60 8.50 -8.14
CA HIS A 176 -8.70 8.15 -6.72
C HIS A 176 -9.00 6.67 -6.52
N ARG A 177 -9.29 5.95 -7.61
CA ARG A 177 -9.66 4.54 -7.58
C ARG A 177 -9.01 3.88 -8.79
N LYS A 178 -7.79 4.33 -9.07
CA LYS A 178 -7.02 3.99 -10.25
C LYS A 178 -6.72 2.50 -10.36
N GLU A 179 -6.70 2.01 -11.59
CA GLU A 179 -6.32 0.65 -11.94
C GLU A 179 -5.72 0.64 -13.35
N PHE A 180 -5.00 -0.43 -13.67
CA PHE A 180 -4.27 -0.57 -14.92
C PHE A 180 -4.30 -1.98 -15.48
N THR A 181 -4.18 -2.11 -16.80
CA THR A 181 -3.97 -3.38 -17.47
C THR A 181 -2.68 -3.41 -18.25
N MET A 182 -1.83 -4.40 -17.98
CA MET A 182 -0.50 -4.47 -18.56
C MET A 182 -0.27 -5.82 -19.25
N THR A 183 0.43 -5.79 -20.38
CA THR A 183 0.83 -6.98 -21.11
C THR A 183 2.30 -7.34 -20.88
N CYS A 184 2.56 -8.61 -20.62
CA CYS A 184 3.90 -9.16 -20.52
C CYS A 184 4.21 -9.82 -21.86
N ARG A 185 5.44 -9.66 -22.36
CA ARG A 185 5.78 -10.17 -23.68
C ARG A 185 7.17 -10.80 -23.68
N VAL A 186 7.28 -11.92 -24.41
CA VAL A 186 8.49 -12.72 -24.56
C VAL A 186 8.55 -13.08 -26.05
N GLU A 187 9.65 -13.71 -26.48
CA GLU A 187 9.89 -13.98 -27.90
C GLU A 187 8.78 -14.79 -28.56
N ARG A 188 8.03 -15.58 -27.78
CA ARG A 188 6.90 -16.35 -28.31
C ARG A 188 5.68 -16.31 -27.39
N PHE A 189 5.90 -15.99 -26.11
CA PHE A 189 4.83 -15.99 -25.12
C PHE A 189 4.32 -14.59 -24.78
N ILE A 190 3.01 -14.47 -24.55
CA ILE A 190 2.38 -13.20 -24.21
C ILE A 190 1.22 -13.46 -23.24
N GLU A 191 1.14 -12.66 -22.18
CA GLU A 191 0.11 -12.77 -21.15
C GLU A 191 -0.26 -11.40 -20.60
N ILE A 192 -1.39 -11.30 -19.90
CA ILE A 192 -1.89 -10.03 -19.39
C ILE A 192 -2.22 -10.11 -17.91
N GLY A 193 -2.13 -8.96 -17.22
CA GLY A 193 -2.43 -8.83 -15.80
C GLY A 193 -2.91 -7.42 -15.50
N SER A 194 -3.33 -7.16 -14.25
CA SER A 194 -3.91 -5.87 -13.89
C SER A 194 -3.53 -5.50 -12.45
N GLY A 195 -3.66 -4.22 -12.11
CA GLY A 195 -3.34 -3.76 -10.76
C GLY A 195 -3.60 -2.27 -10.58
N THR A 196 -3.54 -1.80 -9.33
CA THR A 196 -3.77 -0.40 -8.98
C THR A 196 -2.68 0.57 -9.42
N SER A 197 -1.63 0.04 -10.06
CA SER A 197 -0.52 0.83 -10.59
C SER A 197 0.08 0.06 -11.76
N LYS A 198 0.86 0.73 -12.62
CA LYS A 198 1.47 0.04 -13.75
C LYS A 198 2.43 -1.00 -13.24
N LYS A 199 3.17 -0.64 -12.20
CA LYS A 199 4.13 -1.53 -11.57
C LYS A 199 3.46 -2.74 -10.93
N LEU A 200 2.26 -2.56 -10.36
CA LEU A 200 1.52 -3.67 -9.78
C LEU A 200 0.89 -4.53 -10.88
N ALA A 201 0.47 -3.92 -11.98
CA ALA A 201 -0.08 -4.66 -13.11
C ALA A 201 1.02 -5.50 -13.77
N LYS A 202 2.27 -5.00 -13.73
CA LYS A 202 3.43 -5.72 -14.24
C LYS A 202 3.69 -6.97 -13.40
N ARG A 203 3.52 -6.86 -12.08
CA ARG A 203 3.66 -7.97 -11.15
C ARG A 203 2.61 -9.04 -11.41
N ASN A 204 1.37 -8.64 -11.67
CA ASN A 204 0.31 -9.59 -11.91
C ASN A 204 0.47 -10.29 -13.27
N ALA A 205 0.82 -9.54 -14.32
CA ALA A 205 0.99 -10.12 -15.64
C ALA A 205 2.14 -11.11 -15.67
N ALA A 206 3.18 -10.88 -14.85
CA ALA A 206 4.29 -11.80 -14.73
C ALA A 206 3.87 -13.09 -14.05
N ALA A 207 2.96 -13.00 -13.06
CA ALA A 207 2.51 -14.17 -12.33
C ALA A 207 1.73 -15.11 -13.25
N LYS A 208 0.93 -14.56 -14.19
CA LYS A 208 0.20 -15.39 -15.14
C LYS A 208 1.18 -15.99 -16.15
N MET A 209 2.20 -15.24 -16.56
CA MET A 209 3.17 -15.74 -17.53
C MET A 209 4.00 -16.87 -16.96
N LEU A 210 4.32 -16.84 -15.66
CA LEU A 210 5.08 -17.91 -15.04
C LEU A 210 4.40 -19.27 -15.23
N LEU A 211 3.07 -19.28 -15.36
CA LEU A 211 2.34 -20.53 -15.57
C LEU A 211 2.40 -20.95 -17.04
N ARG A 212 2.53 -19.96 -17.94
CA ARG A 212 2.61 -20.19 -19.38
C ARG A 212 3.96 -20.74 -19.81
N VAL A 213 5.05 -20.08 -19.38
CA VAL A 213 6.40 -20.46 -19.79
C VAL A 213 6.89 -21.71 -19.07
N HIS A 214 6.46 -21.93 -17.83
CA HIS A 214 6.88 -23.09 -17.06
C HIS A 214 5.99 -24.30 -17.39
N THR A 215 6.44 -25.50 -17.01
CA THR A 215 5.74 -26.75 -17.28
C THR A 215 4.40 -26.92 -16.56
N GLY A 1 -19.54 14.60 28.43
CA GLY A 1 -19.72 14.26 27.01
C GLY A 1 -19.97 15.51 26.18
N GLY A 2 -20.72 15.37 25.09
CA GLY A 2 -21.05 16.48 24.20
C GLY A 2 -21.89 16.01 23.02
N SER A 3 -22.28 16.95 22.16
CA SER A 3 -23.10 16.67 20.98
C SER A 3 -22.29 16.02 19.86
N LEU A 4 -20.98 15.82 20.07
CA LEU A 4 -20.11 15.23 19.08
C LEU A 4 -20.44 13.75 18.87
N PRO A 5 -20.23 13.22 17.67
CA PRO A 5 -20.45 11.82 17.36
C PRO A 5 -19.41 10.94 18.04
N SER A 6 -19.73 9.67 18.24
CA SER A 6 -18.82 8.71 18.85
C SER A 6 -17.68 8.37 17.88
N ILE A 7 -16.53 7.98 18.44
CA ILE A 7 -15.37 7.60 17.63
C ILE A 7 -15.65 6.31 16.85
N GLU A 8 -16.67 5.54 17.23
CA GLU A 8 -17.05 4.36 16.46
C GLU A 8 -17.78 4.75 15.18
N GLN A 9 -18.44 5.91 15.16
CA GLN A 9 -19.23 6.34 14.02
C GLN A 9 -18.36 6.85 12.87
N MET A 10 -17.19 7.41 13.17
CA MET A 10 -16.28 7.93 12.15
C MET A 10 -15.82 6.81 11.23
N LEU A 11 -15.70 5.59 11.76
CA LEU A 11 -15.27 4.43 10.98
C LEU A 11 -16.29 4.11 9.90
N ALA A 12 -17.58 4.29 10.22
CA ALA A 12 -18.66 4.03 9.28
C ALA A 12 -18.91 5.22 8.34
N ALA A 13 -18.52 6.43 8.75
CA ALA A 13 -18.77 7.63 7.98
C ALA A 13 -17.72 7.86 6.88
N ASN A 14 -16.50 7.35 7.08
CA ASN A 14 -15.40 7.52 6.13
C ASN A 14 -14.51 6.29 6.09
N PRO A 15 -15.07 5.12 5.72
CA PRO A 15 -14.32 3.88 5.62
C PRO A 15 -13.39 3.87 4.40
N GLY A 16 -12.48 2.91 4.38
CA GLY A 16 -11.59 2.65 3.25
C GLY A 16 -10.37 3.55 3.16
N LYS A 17 -10.36 4.69 3.87
CA LYS A 17 -9.21 5.58 3.87
C LYS A 17 -8.20 5.16 4.92
N THR A 18 -6.99 5.74 4.87
CA THR A 18 -5.98 5.50 5.89
C THR A 18 -6.40 5.99 7.27
N PRO A 19 -5.98 5.29 8.32
CA PRO A 19 -6.27 5.69 9.70
C PRO A 19 -5.54 7.00 10.02
N ILE A 20 -4.53 7.36 9.22
CA ILE A 20 -3.79 8.62 9.41
C ILE A 20 -4.69 9.80 9.06
N SER A 21 -5.33 9.70 7.89
CA SER A 21 -6.18 10.75 7.35
C SER A 21 -7.50 10.77 8.12
N LEU A 22 -7.94 9.59 8.58
CA LEU A 22 -9.18 9.45 9.32
C LEU A 22 -9.05 9.96 10.75
N LEU A 23 -7.85 9.89 11.34
CA LEU A 23 -7.60 10.44 12.67
C LEU A 23 -7.78 11.96 12.64
N GLN A 24 -7.55 12.60 11.50
CA GLN A 24 -7.71 14.04 11.39
C GLN A 24 -9.19 14.43 11.41
N GLU A 25 -10.06 13.53 10.94
CA GLU A 25 -11.50 13.78 10.94
C GLU A 25 -12.02 13.79 12.38
N TYR A 26 -11.52 12.87 13.21
CA TYR A 26 -11.88 12.83 14.62
C TYR A 26 -11.20 13.90 15.50
N GLY A 27 -9.93 14.17 15.22
CA GLY A 27 -9.13 15.08 16.02
C GLY A 27 -9.65 16.51 16.00
N THR A 28 -9.99 17.02 14.81
CA THR A 28 -10.43 18.40 14.68
C THR A 28 -11.69 18.79 15.44
N ARG A 29 -12.50 17.80 15.84
CA ARG A 29 -13.73 18.05 16.58
C ARG A 29 -13.47 18.04 18.09
N ILE A 30 -12.43 17.33 18.54
CA ILE A 30 -12.06 17.27 19.95
C ILE A 30 -10.98 18.29 20.28
N GLY A 31 -10.57 19.11 19.29
CA GLY A 31 -9.56 20.14 19.47
C GLY A 31 -8.14 19.57 19.54
N LYS A 32 -8.00 18.25 19.46
CA LYS A 32 -6.71 17.59 19.49
C LYS A 32 -6.18 17.43 18.07
N THR A 33 -4.87 17.24 17.93
CA THR A 33 -4.25 16.97 16.64
C THR A 33 -3.25 15.83 16.66
N PRO A 34 -3.42 14.80 15.83
CA PRO A 34 -2.49 13.68 15.77
C PRO A 34 -1.16 14.13 15.18
N VAL A 35 -0.18 14.41 16.04
CA VAL A 35 1.17 14.76 15.62
C VAL A 35 1.95 13.53 15.18
N TYR A 36 2.71 13.61 14.08
CA TYR A 36 3.47 12.46 13.59
C TYR A 36 4.98 12.62 13.64
N ASP A 37 5.68 11.66 14.25
CA ASP A 37 7.13 11.67 14.38
C ASP A 37 7.80 10.41 13.86
N LEU A 38 8.91 10.56 13.13
CA LEU A 38 9.69 9.44 12.63
C LEU A 38 10.67 8.96 13.71
N LEU A 39 10.43 7.75 14.24
CA LEU A 39 11.22 7.17 15.31
C LEU A 39 12.48 6.46 14.81
N LYS A 40 12.46 5.94 13.58
CA LYS A 40 13.59 5.15 13.08
C LYS A 40 13.68 5.22 11.57
N ALA A 41 14.90 5.29 11.04
CA ALA A 41 15.17 5.35 9.61
C ALA A 41 16.58 4.84 9.30
N GLU A 42 16.72 3.52 9.10
CA GLU A 42 18.02 2.94 8.79
C GLU A 42 17.90 1.75 7.84
N GLY A 43 18.90 1.61 6.95
CA GLY A 43 18.95 0.56 5.94
C GLY A 43 19.54 1.12 4.64
N GLN A 44 20.08 0.24 3.79
CA GLN A 44 20.68 0.66 2.53
C GLN A 44 19.60 0.96 1.50
N ALA A 45 18.65 0.04 1.34
CA ALA A 45 17.52 0.21 0.44
C ALA A 45 16.43 -0.84 0.75
N HIS A 46 16.84 -2.03 1.18
CA HIS A 46 15.91 -3.08 1.55
C HIS A 46 15.58 -2.98 3.04
N GLN A 47 14.33 -3.31 3.39
CA GLN A 47 13.85 -3.37 4.77
C GLN A 47 14.39 -2.20 5.61
N PRO A 48 13.98 -0.96 5.27
CA PRO A 48 14.44 0.26 5.92
C PRO A 48 13.90 0.41 7.35
N ASN A 49 13.19 -0.62 7.85
CA ASN A 49 12.67 -0.65 9.22
C ASN A 49 12.18 0.71 9.71
N PHE A 50 11.12 1.24 9.08
CA PHE A 50 10.59 2.52 9.50
C PHE A 50 9.72 2.45 10.74
N THR A 51 9.79 3.47 11.61
CA THR A 51 8.92 3.59 12.77
C THR A 51 8.28 4.96 12.87
N PHE A 52 6.98 5.00 13.08
CA PHE A 52 6.23 6.22 13.35
C PHE A 52 5.54 6.24 14.71
N ARG A 53 5.41 7.42 15.31
CA ARG A 53 4.61 7.60 16.51
C ARG A 53 3.58 8.68 16.24
N VAL A 54 2.38 8.50 16.80
CA VAL A 54 1.31 9.48 16.67
C VAL A 54 0.91 9.91 18.08
N THR A 55 0.62 11.21 18.24
CA THR A 55 0.21 11.77 19.51
C THR A 55 -1.13 12.50 19.42
N VAL A 56 -2.11 12.04 20.19
CA VAL A 56 -3.44 12.64 20.24
C VAL A 56 -3.77 12.94 21.69
N GLY A 57 -3.79 14.22 22.07
CA GLY A 57 -4.02 14.59 23.46
C GLY A 57 -2.97 13.95 24.36
N ASP A 58 -3.40 13.43 25.51
CA ASP A 58 -2.53 12.78 26.49
C ASP A 58 -2.08 11.35 26.14
N THR A 59 -2.26 10.94 24.89
CA THR A 59 -1.89 9.59 24.44
C THR A 59 -1.05 9.52 23.17
N SER A 60 -0.14 8.54 23.10
CA SER A 60 0.67 8.31 21.91
C SER A 60 0.97 6.83 21.73
N CYS A 61 1.10 6.42 20.46
CA CYS A 61 1.35 5.03 20.08
C CYS A 61 2.26 4.98 18.84
N THR A 62 2.86 3.81 18.57
CA THR A 62 3.75 3.63 17.44
C THR A 62 3.34 2.54 16.46
N GLY A 63 4.00 2.51 15.30
CA GLY A 63 3.78 1.53 14.24
C GLY A 63 5.02 1.42 13.36
N GLN A 64 5.13 0.31 12.62
CA GLN A 64 6.30 0.04 11.80
C GLN A 64 5.91 -0.58 10.46
N GLY A 65 6.84 -0.51 9.50
CA GLY A 65 6.63 -1.07 8.17
C GLY A 65 7.87 -0.87 7.29
N PRO A 66 7.88 -1.54 6.12
CA PRO A 66 8.98 -1.47 5.16
C PRO A 66 9.01 -0.16 4.39
N SER A 67 8.09 0.77 4.70
CA SER A 67 8.02 2.07 4.06
C SER A 67 7.39 3.07 5.03
N LYS A 68 7.57 4.36 4.79
CA LYS A 68 6.99 5.38 5.65
C LYS A 68 5.46 5.36 5.59
N LYS A 69 4.90 4.87 4.47
CA LYS A 69 3.46 4.75 4.31
C LYS A 69 2.92 3.65 5.22
N ALA A 70 3.61 2.50 5.26
CA ALA A 70 3.18 1.36 6.05
C ALA A 70 3.40 1.60 7.54
N ALA A 71 4.47 2.35 7.88
CA ALA A 71 4.79 2.61 9.27
C ALA A 71 3.87 3.65 9.89
N LYS A 72 3.51 4.69 9.12
CA LYS A 72 2.64 5.74 9.63
C LYS A 72 1.21 5.23 9.74
N HIS A 73 0.81 4.35 8.82
CA HIS A 73 -0.53 3.77 8.81
C HIS A 73 -0.75 2.94 10.07
N LYS A 74 0.23 2.09 10.42
CA LYS A 74 0.13 1.24 11.58
C LYS A 74 0.03 2.05 12.87
N ALA A 75 0.74 3.18 12.98
CA ALA A 75 0.72 3.93 14.24
C ALA A 75 -0.64 4.59 14.48
N ALA A 76 -1.31 5.02 13.42
CA ALA A 76 -2.58 5.72 13.55
C ALA A 76 -3.69 4.79 14.04
N GLU A 77 -3.70 3.53 13.58
CA GLU A 77 -4.74 2.61 13.97
C GLU A 77 -4.63 2.28 15.46
N VAL A 78 -3.40 2.24 15.98
CA VAL A 78 -3.16 1.91 17.37
C VAL A 78 -3.67 3.01 18.30
N ALA A 79 -3.59 4.28 17.89
CA ALA A 79 -4.10 5.38 18.70
C ALA A 79 -5.62 5.32 18.77
N LEU A 80 -6.26 4.98 17.66
CA LEU A 80 -7.71 4.89 17.57
C LEU A 80 -8.24 3.82 18.54
N LYS A 81 -7.48 2.75 18.78
CA LYS A 81 -7.90 1.70 19.71
C LYS A 81 -7.97 2.23 21.14
N HIS A 82 -7.00 3.06 21.55
CA HIS A 82 -6.99 3.64 22.90
C HIS A 82 -8.00 4.76 23.03
N LEU A 83 -8.32 5.45 21.93
CA LEU A 83 -9.32 6.50 21.92
C LEU A 83 -10.72 5.89 21.97
N LYS A 84 -10.86 4.64 21.51
CA LYS A 84 -12.10 3.87 21.60
C LYS A 84 -12.26 3.22 22.99
N GLY A 85 -11.21 3.28 23.82
CA GLY A 85 -11.21 2.71 25.15
C GLY A 85 -11.93 3.60 26.15
N CYS A 146 8.19 -13.52 -1.86
CA CYS A 146 9.14 -13.53 -2.99
C CYS A 146 8.65 -12.60 -4.11
N ASN A 147 9.58 -11.96 -4.81
CA ASN A 147 9.27 -11.07 -5.92
C ASN A 147 9.02 -11.89 -7.19
N PRO A 148 7.80 -11.87 -7.75
CA PRO A 148 7.47 -12.66 -8.93
C PRO A 148 8.09 -12.05 -10.19
N VAL A 149 8.33 -10.73 -10.20
CA VAL A 149 8.90 -10.07 -11.38
C VAL A 149 10.36 -10.44 -11.59
N GLY A 150 11.11 -10.58 -10.49
CA GLY A 150 12.50 -10.96 -10.54
C GLY A 150 12.65 -12.43 -10.87
N ALA A 151 11.73 -13.28 -10.37
CA ALA A 151 11.75 -14.69 -10.66
C ALA A 151 11.45 -14.95 -12.14
N LEU A 152 10.56 -14.16 -12.74
CA LEU A 152 10.26 -14.28 -14.15
C LEU A 152 11.45 -13.81 -15.00
N GLN A 153 12.12 -12.73 -14.56
CA GLN A 153 13.29 -12.24 -15.27
C GLN A 153 14.43 -13.24 -15.23
N GLU A 154 14.56 -14.00 -14.14
CA GLU A 154 15.56 -15.04 -14.06
C GLU A 154 15.24 -16.20 -15.00
N LEU A 155 13.96 -16.56 -15.12
CA LEU A 155 13.54 -17.68 -15.94
C LEU A 155 13.64 -17.36 -17.43
N VAL A 156 13.07 -16.24 -17.87
CA VAL A 156 13.06 -15.89 -19.29
C VAL A 156 14.48 -15.87 -19.86
N VAL A 157 15.47 -15.40 -19.08
CA VAL A 157 16.85 -15.40 -19.52
C VAL A 157 17.41 -16.83 -19.51
N GLN A 158 17.00 -17.66 -18.55
CA GLN A 158 17.53 -19.01 -18.41
C GLN A 158 16.98 -19.96 -19.47
N LYS A 159 15.74 -19.75 -19.90
CA LYS A 159 15.09 -20.59 -20.91
C LYS A 159 15.61 -20.30 -22.32
N GLY A 160 16.41 -19.25 -22.46
CA GLY A 160 17.01 -18.88 -23.73
C GLY A 160 16.14 -17.92 -24.54
N TRP A 161 15.13 -17.33 -23.90
CA TRP A 161 14.18 -16.44 -24.56
C TRP A 161 14.70 -15.01 -24.58
N ARG A 162 14.03 -14.15 -25.34
CA ARG A 162 14.38 -12.74 -25.43
C ARG A 162 13.92 -12.01 -24.17
N LEU A 163 14.46 -10.81 -23.93
CA LEU A 163 14.09 -10.01 -22.77
C LEU A 163 12.58 -9.70 -22.80
N PRO A 164 11.93 -9.63 -21.64
CA PRO A 164 10.51 -9.41 -21.53
C PRO A 164 10.11 -7.99 -21.91
N GLU A 165 8.86 -7.81 -22.31
CA GLU A 165 8.31 -6.50 -22.68
C GLU A 165 7.01 -6.24 -21.92
N TYR A 166 6.77 -4.97 -21.60
CA TYR A 166 5.60 -4.54 -20.84
C TYR A 166 4.85 -3.36 -21.43
N THR A 167 3.53 -3.50 -21.60
CA THR A 167 2.67 -2.44 -22.13
C THR A 167 1.30 -2.35 -21.47
N VAL A 168 0.85 -1.13 -21.16
CA VAL A 168 -0.47 -0.96 -20.58
C VAL A 168 -1.59 -1.15 -21.60
N THR A 169 -2.61 -1.93 -21.25
CA THR A 169 -3.75 -2.14 -22.13
C THR A 169 -5.04 -1.46 -21.67
N GLN A 170 -5.05 -0.96 -20.43
CA GLN A 170 -6.23 -0.33 -19.86
C GLN A 170 -5.87 0.47 -18.61
N GLU A 171 -6.71 1.45 -18.27
CA GLU A 171 -6.55 2.25 -17.08
C GLU A 171 -7.89 2.82 -16.60
N SER A 172 -7.99 3.10 -15.30
CA SER A 172 -9.19 3.69 -14.71
C SER A 172 -9.23 5.19 -14.97
N GLY A 173 -10.41 5.78 -14.83
CA GLY A 173 -10.64 7.19 -15.10
C GLY A 173 -10.30 8.08 -13.90
N PRO A 174 -11.06 8.00 -12.81
CA PRO A 174 -10.88 8.84 -11.64
C PRO A 174 -9.49 8.68 -11.02
N ALA A 175 -8.87 9.80 -10.68
CA ALA A 175 -7.53 9.80 -10.11
C ALA A 175 -7.50 9.32 -8.66
N HIS A 176 -8.64 9.36 -7.95
CA HIS A 176 -8.72 8.88 -6.58
C HIS A 176 -9.01 7.38 -6.52
N ARG A 177 -9.32 6.77 -7.67
CA ARG A 177 -9.65 5.36 -7.77
C ARG A 177 -8.81 4.70 -8.86
N LYS A 178 -7.61 5.25 -9.07
CA LYS A 178 -6.74 4.84 -10.15
C LYS A 178 -6.43 3.34 -10.10
N GLU A 179 -6.40 2.75 -11.30
CA GLU A 179 -6.07 1.34 -11.50
C GLU A 179 -5.53 1.18 -12.91
N PHE A 180 -4.80 0.09 -13.13
CA PHE A 180 -4.11 -0.18 -14.37
C PHE A 180 -4.18 -1.65 -14.76
N THR A 181 -4.15 -1.91 -16.07
CA THR A 181 -4.02 -3.25 -16.62
C THR A 181 -2.82 -3.37 -17.55
N MET A 182 -1.90 -4.27 -17.23
CA MET A 182 -0.63 -4.37 -17.93
C MET A 182 -0.46 -5.74 -18.58
N THR A 183 0.12 -5.74 -19.78
CA THR A 183 0.46 -6.97 -20.50
C THR A 183 1.94 -7.31 -20.40
N CYS A 184 2.24 -8.59 -20.26
CA CYS A 184 3.61 -9.09 -20.24
C CYS A 184 3.80 -9.98 -21.47
N ARG A 185 4.97 -9.89 -22.11
CA ARG A 185 5.23 -10.63 -23.33
C ARG A 185 6.65 -11.17 -23.36
N VAL A 186 6.78 -12.43 -23.82
CA VAL A 186 8.04 -13.12 -24.03
C VAL A 186 8.05 -13.84 -25.36
N GLU A 187 9.05 -14.69 -25.60
CA GLU A 187 9.32 -15.29 -26.90
C GLU A 187 8.13 -16.07 -27.48
N ARG A 188 7.21 -16.55 -26.63
CA ARG A 188 6.04 -17.27 -27.11
C ARG A 188 4.83 -17.08 -26.19
N PHE A 189 5.06 -16.68 -24.93
CA PHE A 189 3.99 -16.55 -23.96
C PHE A 189 3.58 -15.09 -23.74
N ILE A 190 2.30 -14.87 -23.47
CA ILE A 190 1.74 -13.55 -23.22
C ILE A 190 0.64 -13.66 -22.17
N GLU A 191 0.65 -12.76 -21.19
CA GLU A 191 -0.31 -12.74 -20.09
C GLU A 191 -0.61 -11.33 -19.63
N ILE A 192 -1.67 -11.16 -18.85
CA ILE A 192 -2.14 -9.86 -18.39
C ILE A 192 -2.40 -9.85 -16.88
N GLY A 193 -2.29 -8.67 -16.27
CA GLY A 193 -2.53 -8.46 -14.85
C GLY A 193 -2.97 -7.03 -14.58
N SER A 194 -3.32 -6.71 -13.34
CA SER A 194 -3.83 -5.38 -12.99
C SER A 194 -3.44 -4.97 -11.57
N GLY A 195 -3.59 -3.68 -11.28
CA GLY A 195 -3.23 -3.14 -9.97
C GLY A 195 -3.43 -1.63 -9.91
N THR A 196 -3.36 -1.08 -8.70
CA THR A 196 -3.58 0.35 -8.46
C THR A 196 -2.43 1.26 -8.90
N SER A 197 -1.40 0.67 -9.50
CA SER A 197 -0.25 1.41 -10.04
C SER A 197 0.31 0.59 -11.19
N LYS A 198 1.09 1.21 -12.09
CA LYS A 198 1.65 0.47 -13.21
C LYS A 198 2.64 -0.57 -12.70
N LYS A 199 3.34 -0.24 -11.61
CA LYS A 199 4.26 -1.16 -10.96
C LYS A 199 3.53 -2.36 -10.39
N LEU A 200 2.35 -2.15 -9.80
CA LEU A 200 1.57 -3.23 -9.22
C LEU A 200 0.89 -4.06 -10.29
N ALA A 201 0.41 -3.42 -11.36
CA ALA A 201 -0.21 -4.12 -12.47
C ALA A 201 0.83 -4.96 -13.21
N LYS A 202 2.07 -4.47 -13.28
CA LYS A 202 3.18 -5.19 -13.90
C LYS A 202 3.56 -6.39 -13.05
N ARG A 203 3.50 -6.24 -11.72
CA ARG A 203 3.76 -7.32 -10.78
C ARG A 203 2.70 -8.41 -10.88
N ASN A 204 1.44 -8.04 -11.03
CA ASN A 204 0.38 -9.03 -11.15
C ASN A 204 0.47 -9.77 -12.47
N ALA A 205 0.78 -9.06 -13.57
CA ALA A 205 0.90 -9.68 -14.88
C ALA A 205 2.06 -10.68 -14.90
N ALA A 206 3.14 -10.39 -14.17
CA ALA A 206 4.26 -11.29 -14.04
C ALA A 206 3.87 -12.52 -13.20
N ALA A 207 3.04 -12.34 -12.19
CA ALA A 207 2.63 -13.43 -11.33
C ALA A 207 1.79 -14.45 -12.11
N LYS A 208 0.90 -13.98 -13.00
CA LYS A 208 0.12 -14.90 -13.82
C LYS A 208 1.02 -15.56 -14.87
N MET A 209 2.00 -14.83 -15.40
CA MET A 209 2.90 -15.40 -16.39
C MET A 209 3.78 -16.49 -15.80
N LEU A 210 4.20 -16.37 -14.53
CA LEU A 210 5.00 -17.41 -13.91
C LEU A 210 4.29 -18.76 -13.97
N LEU A 211 2.96 -18.78 -13.94
CA LEU A 211 2.22 -20.04 -14.01
C LEU A 211 2.17 -20.56 -15.44
N ARG A 212 2.22 -19.64 -16.42
CA ARG A 212 2.18 -19.97 -17.84
C ARG A 212 3.50 -20.56 -18.32
N VAL A 213 4.62 -19.93 -17.95
CA VAL A 213 5.94 -20.34 -18.42
C VAL A 213 6.49 -21.54 -17.65
N HIS A 214 6.17 -21.65 -16.36
CA HIS A 214 6.68 -22.72 -15.53
C HIS A 214 5.87 -24.01 -15.73
N THR A 215 6.51 -25.17 -15.53
CA THR A 215 5.88 -26.47 -15.70
C THR A 215 6.52 -27.56 -14.84
N GLY A 1 -31.40 16.85 20.96
CA GLY A 1 -30.22 16.43 20.16
C GLY A 1 -29.72 15.05 20.57
N GLY A 2 -29.18 14.30 19.62
CA GLY A 2 -28.66 12.97 19.87
C GLY A 2 -28.07 12.35 18.60
N SER A 3 -27.50 11.15 18.73
CA SER A 3 -26.87 10.43 17.64
C SER A 3 -25.73 11.22 16.98
N LEU A 4 -25.03 12.05 17.78
CA LEU A 4 -23.89 12.82 17.29
C LEU A 4 -22.77 11.87 16.85
N PRO A 5 -21.85 12.34 15.98
CA PRO A 5 -20.73 11.55 15.50
C PRO A 5 -19.86 11.03 16.64
N SER A 6 -19.13 9.94 16.38
CA SER A 6 -18.26 9.31 17.37
C SER A 6 -17.14 8.53 16.69
N ILE A 7 -16.07 8.25 17.43
CA ILE A 7 -14.89 7.55 16.92
C ILE A 7 -15.23 6.10 16.57
N GLU A 8 -16.33 5.57 17.11
CA GLU A 8 -16.80 4.24 16.74
C GLU A 8 -17.53 4.24 15.40
N GLN A 9 -18.20 5.35 15.07
CA GLN A 9 -19.03 5.44 13.88
C GLN A 9 -18.19 5.59 12.61
N MET A 10 -17.01 6.21 12.71
CA MET A 10 -16.14 6.40 11.58
C MET A 10 -15.65 5.06 11.03
N LEU A 11 -15.51 4.06 11.91
CA LEU A 11 -15.01 2.74 11.51
C LEU A 11 -16.04 2.03 10.63
N ALA A 12 -17.33 2.27 10.88
CA ALA A 12 -18.40 1.67 10.11
C ALA A 12 -18.68 2.43 8.82
N ALA A 13 -18.22 3.68 8.70
CA ALA A 13 -18.57 4.54 7.58
C ALA A 13 -17.41 4.79 6.62
N ASN A 14 -16.16 4.72 7.09
CA ASN A 14 -15.00 5.01 6.26
C ASN A 14 -13.79 4.14 6.62
N PRO A 15 -13.95 2.82 6.66
CA PRO A 15 -12.87 1.89 6.98
C PRO A 15 -11.84 1.80 5.86
N GLY A 16 -12.18 2.32 4.66
CA GLY A 16 -11.28 2.27 3.51
C GLY A 16 -10.18 3.33 3.57
N LYS A 17 -10.33 4.35 4.42
CA LYS A 17 -9.34 5.39 4.59
C LYS A 17 -8.26 4.95 5.57
N THR A 18 -7.12 5.66 5.55
CA THR A 18 -6.09 5.50 6.55
C THR A 18 -6.51 6.08 7.90
N PRO A 19 -6.06 5.47 9.01
CA PRO A 19 -6.36 5.96 10.35
C PRO A 19 -5.70 7.32 10.58
N ILE A 20 -4.71 7.67 9.75
CA ILE A 20 -4.07 8.98 9.81
C ILE A 20 -5.12 10.05 9.54
N SER A 21 -5.94 9.82 8.51
CA SER A 21 -6.95 10.77 8.08
C SER A 21 -8.13 10.80 9.05
N LEU A 22 -8.50 9.68 9.66
CA LEU A 22 -9.61 9.71 10.61
C LEU A 22 -9.23 10.50 11.86
N LEU A 23 -7.96 10.46 12.27
CA LEU A 23 -7.51 11.27 13.39
C LEU A 23 -7.56 12.74 13.05
N GLN A 24 -7.43 13.10 11.76
CA GLN A 24 -7.56 14.47 11.31
C GLN A 24 -9.02 14.93 11.38
N GLU A 25 -9.97 14.01 11.18
CA GLU A 25 -11.38 14.34 11.27
C GLU A 25 -11.83 14.41 12.72
N TYR A 26 -11.51 13.36 13.50
CA TYR A 26 -11.87 13.26 14.90
C TYR A 26 -11.20 14.29 15.80
N GLY A 27 -9.97 14.66 15.46
CA GLY A 27 -9.18 15.61 16.23
C GLY A 27 -9.88 16.95 16.34
N THR A 28 -10.46 17.43 15.24
CA THR A 28 -11.11 18.74 15.21
C THR A 28 -12.31 18.90 16.14
N ARG A 29 -13.03 17.79 16.42
CA ARG A 29 -14.18 17.83 17.31
C ARG A 29 -13.74 17.90 18.77
N ILE A 30 -12.62 17.26 19.11
CA ILE A 30 -12.09 17.25 20.47
C ILE A 30 -11.12 18.41 20.71
N GLY A 31 -10.84 19.22 19.69
CA GLY A 31 -9.97 20.38 19.83
C GLY A 31 -8.49 20.01 19.85
N LYS A 32 -8.17 18.74 19.60
CA LYS A 32 -6.81 18.21 19.57
C LYS A 32 -6.36 18.03 18.12
N THR A 33 -5.05 17.86 17.92
CA THR A 33 -4.51 17.52 16.60
C THR A 33 -3.47 16.41 16.73
N PRO A 34 -3.54 15.37 15.90
CA PRO A 34 -2.59 14.28 15.92
C PRO A 34 -1.24 14.75 15.36
N VAL A 35 -0.29 15.09 16.24
CA VAL A 35 1.05 15.47 15.84
C VAL A 35 1.87 14.23 15.46
N TYR A 36 2.59 14.26 14.34
CA TYR A 36 3.38 13.11 13.90
C TYR A 36 4.89 13.29 13.95
N ASP A 37 5.58 12.35 14.61
CA ASP A 37 7.03 12.35 14.69
C ASP A 37 7.65 11.06 14.13
N LEU A 38 8.66 11.19 13.26
CA LEU A 38 9.36 10.04 12.73
C LEU A 38 10.44 9.59 13.72
N LEU A 39 10.23 8.44 14.34
CA LEU A 39 11.11 7.91 15.37
C LEU A 39 12.29 7.17 14.76
N LYS A 40 12.14 6.56 13.59
CA LYS A 40 13.18 5.74 13.00
C LYS A 40 13.18 5.82 11.48
N ALA A 41 14.37 5.87 10.89
CA ALA A 41 14.54 5.89 9.45
C ALA A 41 15.88 5.22 9.08
N GLU A 42 15.87 3.89 8.92
CA GLU A 42 17.07 3.16 8.57
C GLU A 42 16.76 1.91 7.76
N GLY A 43 17.77 1.39 7.06
CA GLY A 43 17.64 0.22 6.21
C GLY A 43 18.74 0.15 5.15
N GLN A 44 18.57 -0.77 4.20
CA GLN A 44 19.51 -1.00 3.10
C GLN A 44 18.74 -1.13 1.80
N ALA A 45 17.76 -0.23 1.59
CA ALA A 45 16.81 -0.22 0.49
C ALA A 45 15.87 -1.43 0.49
N HIS A 46 16.40 -2.63 0.77
CA HIS A 46 15.58 -3.82 1.00
C HIS A 46 15.31 -3.98 2.49
N GLN A 47 14.08 -4.39 2.83
CA GLN A 47 13.62 -4.59 4.20
C GLN A 47 14.06 -3.47 5.15
N PRO A 48 13.81 -2.19 4.81
CA PRO A 48 14.08 -1.08 5.69
C PRO A 48 13.04 -1.07 6.81
N ASN A 49 13.28 -0.26 7.85
CA ASN A 49 12.36 -0.19 8.98
C ASN A 49 12.10 1.26 9.38
N PHE A 50 10.82 1.60 9.57
CA PHE A 50 10.38 2.93 9.96
C PHE A 50 9.51 2.91 11.21
N THR A 51 9.55 4.00 11.98
CA THR A 51 8.70 4.17 13.16
C THR A 51 8.08 5.55 13.22
N PHE A 52 6.79 5.60 13.52
CA PHE A 52 6.07 6.84 13.76
C PHE A 52 5.46 6.92 15.16
N ARG A 53 5.36 8.14 15.70
CA ARG A 53 4.62 8.38 16.91
C ARG A 53 3.56 9.44 16.63
N VAL A 54 2.38 9.28 17.22
CA VAL A 54 1.30 10.22 17.06
C VAL A 54 0.92 10.73 18.44
N THR A 55 0.59 12.02 18.53
CA THR A 55 0.16 12.65 19.77
C THR A 55 -1.18 13.32 19.62
N VAL A 56 -2.17 12.87 20.41
CA VAL A 56 -3.52 13.40 20.41
C VAL A 56 -3.88 13.74 21.86
N GLY A 57 -3.86 15.03 22.21
CA GLY A 57 -4.14 15.45 23.58
C GLY A 57 -3.09 14.87 24.52
N ASP A 58 -3.53 14.45 25.71
CA ASP A 58 -2.66 13.88 26.73
C ASP A 58 -2.11 12.47 26.44
N THR A 59 -2.31 11.98 25.21
CA THR A 59 -1.89 10.64 24.81
C THR A 59 -1.03 10.54 23.56
N SER A 60 -0.08 9.59 23.55
CA SER A 60 0.75 9.33 22.38
C SER A 60 1.05 7.84 22.25
N CYS A 61 1.16 7.37 21.01
CA CYS A 61 1.43 5.97 20.69
C CYS A 61 2.31 5.87 19.46
N THR A 62 2.91 4.69 19.22
CA THR A 62 3.77 4.45 18.06
C THR A 62 3.32 3.31 17.17
N GLY A 63 3.94 3.20 15.99
CA GLY A 63 3.69 2.15 15.02
C GLY A 63 4.88 2.02 14.09
N GLN A 64 4.96 0.89 13.37
CA GLN A 64 6.09 0.59 12.51
C GLN A 64 5.64 -0.08 11.21
N GLY A 65 6.53 -0.10 10.22
CA GLY A 65 6.25 -0.72 8.93
C GLY A 65 7.46 -0.69 8.00
N PRO A 66 7.40 -1.43 6.90
CA PRO A 66 8.46 -1.53 5.91
C PRO A 66 8.57 -0.27 5.05
N SER A 67 7.72 0.72 5.30
CA SER A 67 7.70 1.95 4.53
C SER A 67 7.19 3.10 5.39
N LYS A 68 7.38 4.34 4.92
CA LYS A 68 6.95 5.53 5.63
C LYS A 68 5.43 5.57 5.72
N LYS A 69 4.75 5.04 4.69
CA LYS A 69 3.30 4.96 4.62
C LYS A 69 2.75 3.96 5.63
N ALA A 70 3.39 2.79 5.75
CA ALA A 70 2.93 1.74 6.64
C ALA A 70 3.19 2.08 8.11
N ALA A 71 4.27 2.81 8.40
CA ALA A 71 4.63 3.13 9.76
C ALA A 71 3.71 4.21 10.36
N LYS A 72 3.30 5.19 9.55
CA LYS A 72 2.42 6.25 10.04
C LYS A 72 1.01 5.71 10.23
N HIS A 73 0.62 4.76 9.39
CA HIS A 73 -0.69 4.15 9.42
C HIS A 73 -0.89 3.41 10.75
N LYS A 74 0.07 2.56 11.11
CA LYS A 74 -0.05 1.77 12.34
C LYS A 74 -0.10 2.65 13.57
N ALA A 75 0.66 3.75 13.62
CA ALA A 75 0.71 4.57 14.81
C ALA A 75 -0.63 5.28 15.04
N ALA A 76 -1.27 5.75 13.96
CA ALA A 76 -2.55 6.43 14.06
C ALA A 76 -3.63 5.44 14.52
N GLU A 77 -3.51 4.18 14.11
CA GLU A 77 -4.44 3.14 14.49
C GLU A 77 -4.36 2.84 15.99
N VAL A 78 -3.17 2.96 16.59
CA VAL A 78 -2.99 2.68 18.01
C VAL A 78 -3.57 3.81 18.86
N ALA A 79 -3.50 5.07 18.40
CA ALA A 79 -4.05 6.17 19.17
C ALA A 79 -5.57 6.09 19.21
N LEU A 80 -6.19 5.68 18.09
CA LEU A 80 -7.64 5.56 17.99
C LEU A 80 -8.18 4.54 18.99
N LYS A 81 -7.39 3.51 19.33
CA LYS A 81 -7.80 2.51 20.31
C LYS A 81 -7.90 3.11 21.71
N HIS A 82 -6.96 3.97 22.08
CA HIS A 82 -6.96 4.61 23.39
C HIS A 82 -7.98 5.74 23.45
N LEU A 83 -8.28 6.36 22.30
CA LEU A 83 -9.29 7.42 22.22
C LEU A 83 -10.69 6.81 22.28
N LYS A 84 -10.81 5.51 22.00
CA LYS A 84 -12.06 4.75 22.13
C LYS A 84 -12.31 4.33 23.57
N GLY A 85 -11.35 4.58 24.47
CA GLY A 85 -11.46 4.24 25.87
C GLY A 85 -12.37 5.22 26.61
N CYS A 146 8.78 -13.17 -2.46
CA CYS A 146 9.47 -13.56 -3.70
C CYS A 146 9.00 -12.70 -4.87
N ASN A 147 9.94 -12.18 -5.66
CA ASN A 147 9.66 -11.37 -6.83
C ASN A 147 9.21 -12.26 -8.00
N PRO A 148 7.96 -12.17 -8.45
CA PRO A 148 7.46 -12.98 -9.54
C PRO A 148 8.03 -12.52 -10.88
N VAL A 149 8.32 -11.23 -11.01
CA VAL A 149 8.89 -10.69 -12.24
C VAL A 149 10.34 -11.14 -12.45
N GLY A 150 11.08 -11.25 -11.34
CA GLY A 150 12.45 -11.73 -11.36
C GLY A 150 12.49 -13.24 -11.57
N ALA A 151 11.57 -13.97 -10.92
CA ALA A 151 11.49 -15.41 -11.08
C ALA A 151 11.18 -15.77 -12.54
N LEU A 152 10.39 -14.93 -13.22
CA LEU A 152 10.09 -15.12 -14.63
C LEU A 152 11.33 -14.87 -15.47
N GLN A 153 12.09 -13.82 -15.14
CA GLN A 153 13.30 -13.47 -15.88
C GLN A 153 14.33 -14.60 -15.82
N GLU A 154 14.42 -15.30 -14.69
CA GLU A 154 15.38 -16.38 -14.56
C GLU A 154 15.04 -17.53 -15.51
N LEU A 155 13.75 -17.83 -15.73
CA LEU A 155 13.37 -18.88 -16.65
C LEU A 155 13.59 -18.43 -18.09
N VAL A 156 13.09 -17.23 -18.44
CA VAL A 156 13.14 -16.72 -19.79
C VAL A 156 14.58 -16.73 -20.30
N VAL A 157 15.55 -16.39 -19.43
CA VAL A 157 16.95 -16.38 -19.82
C VAL A 157 17.46 -17.82 -19.96
N GLN A 158 16.99 -18.74 -19.12
CA GLN A 158 17.47 -20.12 -19.16
C GLN A 158 16.90 -20.90 -20.34
N LYS A 159 15.71 -20.54 -20.81
CA LYS A 159 15.07 -21.21 -21.94
C LYS A 159 15.67 -20.74 -23.27
N GLY A 160 16.53 -19.71 -23.24
CA GLY A 160 17.24 -19.20 -24.40
C GLY A 160 16.46 -18.10 -25.12
N TRP A 161 15.41 -17.57 -24.48
CA TRP A 161 14.55 -16.55 -25.06
C TRP A 161 15.11 -15.16 -24.81
N ARG A 162 14.51 -14.15 -25.47
CA ARG A 162 14.86 -12.75 -25.26
C ARG A 162 14.25 -12.25 -23.96
N LEU A 163 14.81 -11.17 -23.41
CA LEU A 163 14.33 -10.60 -22.16
C LEU A 163 12.87 -10.18 -22.27
N PRO A 164 12.11 -10.25 -21.17
CA PRO A 164 10.69 -9.92 -21.13
C PRO A 164 10.47 -8.42 -21.33
N GLU A 165 9.27 -8.05 -21.78
CA GLU A 165 8.90 -6.65 -22.01
C GLU A 165 7.51 -6.36 -21.43
N TYR A 166 7.29 -5.12 -21.00
CA TYR A 166 6.05 -4.69 -20.38
C TYR A 166 5.45 -3.41 -20.94
N THR A 167 4.15 -3.42 -21.23
CA THR A 167 3.43 -2.26 -21.74
C THR A 167 2.01 -2.10 -21.20
N VAL A 168 1.62 -0.87 -20.85
CA VAL A 168 0.27 -0.60 -20.38
C VAL A 168 -0.72 -0.47 -21.53
N THR A 169 -1.82 -1.22 -21.47
CA THR A 169 -2.89 -1.14 -22.46
C THR A 169 -4.19 -0.49 -22.00
N GLN A 170 -4.29 -0.20 -20.70
CA GLN A 170 -5.52 0.36 -20.14
C GLN A 170 -5.27 1.02 -18.79
N GLU A 171 -6.17 1.93 -18.41
CA GLU A 171 -6.12 2.63 -17.13
C GLU A 171 -7.52 3.05 -16.70
N SER A 172 -7.74 3.14 -15.39
CA SER A 172 -9.01 3.59 -14.84
C SER A 172 -9.14 5.11 -14.97
N GLY A 173 -10.36 5.62 -14.82
CA GLY A 173 -10.65 7.03 -15.00
C GLY A 173 -10.30 7.84 -13.76
N PRO A 174 -11.01 7.63 -12.63
CA PRO A 174 -10.80 8.36 -11.39
C PRO A 174 -9.37 8.23 -10.89
N ALA A 175 -8.70 9.36 -10.67
CA ALA A 175 -7.33 9.37 -10.19
C ALA A 175 -7.24 8.99 -8.71
N HIS A 176 -8.34 9.13 -7.96
CA HIS A 176 -8.36 8.77 -6.54
C HIS A 176 -8.60 7.27 -6.35
N ARG A 177 -8.97 6.57 -7.44
CA ARG A 177 -9.23 5.14 -7.43
C ARG A 177 -8.60 4.53 -8.68
N LYS A 178 -7.36 4.94 -8.96
CA LYS A 178 -6.64 4.57 -10.16
C LYS A 178 -6.34 3.08 -10.21
N GLU A 179 -6.33 2.54 -11.43
CA GLU A 179 -5.97 1.15 -11.70
C GLU A 179 -5.37 1.08 -13.10
N PHE A 180 -4.62 0.01 -13.37
CA PHE A 180 -3.89 -0.19 -14.60
C PHE A 180 -3.97 -1.61 -15.12
N THR A 181 -3.90 -1.77 -16.44
CA THR A 181 -3.78 -3.07 -17.08
C THR A 181 -2.52 -3.20 -17.91
N MET A 182 -1.68 -4.17 -17.59
CA MET A 182 -0.36 -4.31 -18.19
C MET A 182 -0.21 -5.66 -18.88
N THR A 183 0.47 -5.65 -20.03
CA THR A 183 0.79 -6.85 -20.78
C THR A 183 2.24 -7.29 -20.61
N CYS A 184 2.44 -8.60 -20.45
CA CYS A 184 3.75 -9.21 -20.38
C CYS A 184 4.03 -9.86 -21.73
N ARG A 185 5.26 -9.74 -22.24
CA ARG A 185 5.60 -10.32 -23.53
C ARG A 185 6.88 -11.13 -23.42
N VAL A 186 6.90 -12.29 -24.09
CA VAL A 186 8.01 -13.21 -24.14
C VAL A 186 8.22 -13.59 -25.61
N GLU A 187 9.27 -14.37 -25.92
CA GLU A 187 9.63 -14.72 -27.29
C GLU A 187 8.47 -15.37 -28.07
N ARG A 188 7.50 -15.96 -27.37
CA ARG A 188 6.33 -16.55 -28.01
C ARG A 188 5.07 -16.44 -27.15
N PHE A 189 5.24 -16.19 -25.85
CA PHE A 189 4.11 -16.13 -24.93
C PHE A 189 3.72 -14.70 -24.56
N ILE A 190 2.44 -14.48 -24.30
CA ILE A 190 1.90 -13.18 -23.92
C ILE A 190 0.75 -13.37 -22.92
N GLU A 191 0.75 -12.56 -21.87
CA GLU A 191 -0.26 -12.61 -20.81
C GLU A 191 -0.52 -11.21 -20.25
N ILE A 192 -1.62 -11.06 -19.50
CA ILE A 192 -2.04 -9.76 -18.98
C ILE A 192 -2.35 -9.81 -17.49
N GLY A 193 -2.19 -8.66 -16.81
CA GLY A 193 -2.47 -8.49 -15.40
C GLY A 193 -2.90 -7.06 -15.10
N SER A 194 -3.25 -6.76 -13.85
CA SER A 194 -3.74 -5.45 -13.46
C SER A 194 -3.38 -5.10 -12.02
N GLY A 195 -3.48 -3.81 -11.68
CA GLY A 195 -3.16 -3.34 -10.34
C GLY A 195 -3.33 -1.83 -10.21
N THR A 196 -3.27 -1.33 -8.97
CA THR A 196 -3.45 0.08 -8.65
C THR A 196 -2.25 0.98 -9.00
N SER A 197 -1.22 0.39 -9.62
CA SER A 197 -0.05 1.11 -10.08
C SER A 197 0.54 0.34 -11.24
N LYS A 198 1.40 0.96 -12.07
CA LYS A 198 2.00 0.24 -13.20
C LYS A 198 2.88 -0.87 -12.67
N LYS A 199 3.62 -0.58 -11.61
CA LYS A 199 4.45 -1.56 -10.92
C LYS A 199 3.64 -2.74 -10.41
N LEU A 200 2.44 -2.49 -9.88
CA LEU A 200 1.61 -3.56 -9.36
C LEU A 200 0.95 -4.35 -10.49
N ALA A 201 0.58 -3.67 -11.58
CA ALA A 201 0.00 -4.34 -12.74
C ALA A 201 1.07 -5.19 -13.42
N LYS A 202 2.33 -4.76 -13.38
CA LYS A 202 3.45 -5.50 -13.94
C LYS A 202 3.71 -6.76 -13.12
N ARG A 203 3.59 -6.65 -11.79
CA ARG A 203 3.72 -7.77 -10.87
C ARG A 203 2.63 -8.80 -11.08
N ASN A 204 1.40 -8.36 -11.34
CA ASN A 204 0.30 -9.29 -11.57
C ASN A 204 0.40 -9.97 -12.92
N ALA A 205 0.77 -9.22 -13.97
CA ALA A 205 0.91 -9.79 -15.30
C ALA A 205 2.03 -10.83 -15.34
N ALA A 206 3.07 -10.65 -14.52
CA ALA A 206 4.16 -11.61 -14.44
C ALA A 206 3.69 -12.89 -13.76
N ALA A 207 2.80 -12.78 -12.76
CA ALA A 207 2.31 -13.94 -12.05
C ALA A 207 1.48 -14.84 -12.98
N LYS A 208 0.69 -14.26 -13.88
CA LYS A 208 -0.08 -15.05 -14.83
C LYS A 208 0.86 -15.65 -15.88
N MET A 209 1.91 -14.92 -16.26
CA MET A 209 2.87 -15.39 -17.24
C MET A 209 3.68 -16.57 -16.70
N LEU A 210 4.04 -16.56 -15.41
CA LEU A 210 4.80 -17.65 -14.82
C LEU A 210 4.09 -18.99 -15.02
N LEU A 211 2.76 -18.99 -15.05
CA LEU A 211 2.01 -20.22 -15.24
C LEU A 211 1.99 -20.63 -16.71
N ARG A 212 2.14 -19.65 -17.60
CA ARG A 212 2.13 -19.89 -19.05
C ARG A 212 3.44 -20.50 -19.54
N VAL A 213 4.58 -19.95 -19.11
CA VAL A 213 5.88 -20.43 -19.60
C VAL A 213 6.33 -21.67 -18.84
N HIS A 214 5.97 -21.80 -17.55
CA HIS A 214 6.38 -22.95 -16.75
C HIS A 214 5.48 -24.16 -17.03
N THR A 215 6.00 -25.36 -16.74
CA THR A 215 5.29 -26.61 -16.99
C THR A 215 5.43 -27.65 -15.88
N GLY A 1 -18.50 13.86 23.49
CA GLY A 1 -18.26 15.32 23.61
C GLY A 1 -19.07 16.08 22.57
N GLY A 2 -19.97 16.95 23.04
CA GLY A 2 -20.83 17.74 22.17
C GLY A 2 -21.89 16.87 21.50
N SER A 3 -22.59 17.44 20.51
CA SER A 3 -23.62 16.75 19.75
C SER A 3 -23.04 15.76 18.73
N LEU A 4 -21.71 15.67 18.65
CA LEU A 4 -21.05 14.79 17.70
C LEU A 4 -21.33 13.32 18.06
N PRO A 5 -21.35 12.43 17.06
CA PRO A 5 -21.56 11.01 17.25
C PRO A 5 -20.32 10.36 17.89
N SER A 6 -20.48 9.12 18.37
CA SER A 6 -19.40 8.38 19.00
C SER A 6 -18.27 8.11 18.02
N ILE A 7 -17.05 7.92 18.53
CA ILE A 7 -15.88 7.66 17.71
C ILE A 7 -15.99 6.31 17.00
N GLU A 8 -16.86 5.42 17.48
CA GLU A 8 -17.08 4.15 16.80
C GLU A 8 -17.91 4.31 15.54
N GLN A 9 -18.78 5.33 15.49
CA GLN A 9 -19.68 5.54 14.37
C GLN A 9 -18.98 6.13 13.15
N MET A 10 -17.91 6.91 13.36
CA MET A 10 -17.18 7.52 12.26
C MET A 10 -16.51 6.45 11.40
N LEU A 11 -16.13 5.33 12.01
CA LEU A 11 -15.48 4.23 11.30
C LEU A 11 -16.45 3.62 10.29
N ALA A 12 -17.74 3.56 10.65
CA ALA A 12 -18.79 3.02 9.79
C ALA A 12 -19.28 4.05 8.78
N ALA A 13 -19.16 5.35 9.10
CA ALA A 13 -19.64 6.42 8.25
C ALA A 13 -18.62 6.85 7.20
N ASN A 14 -17.34 6.52 7.40
CA ASN A 14 -16.27 6.91 6.50
C ASN A 14 -15.22 5.81 6.37
N PRO A 15 -15.62 4.60 5.98
CA PRO A 15 -14.72 3.47 5.79
C PRO A 15 -13.85 3.65 4.55
N GLY A 16 -12.83 2.80 4.41
CA GLY A 16 -11.90 2.86 3.29
C GLY A 16 -10.88 3.99 3.44
N LYS A 17 -11.11 4.89 4.40
CA LYS A 17 -10.20 5.97 4.74
C LYS A 17 -9.03 5.46 5.58
N THR A 18 -7.93 6.22 5.57
CA THR A 18 -6.80 5.98 6.44
C THR A 18 -7.09 6.40 7.89
N PRO A 19 -6.53 5.70 8.88
CA PRO A 19 -6.69 6.07 10.27
C PRO A 19 -6.04 7.45 10.54
N ILE A 20 -5.16 7.89 9.63
CA ILE A 20 -4.54 9.20 9.73
C ILE A 20 -5.60 10.27 9.47
N SER A 21 -6.41 10.05 8.43
CA SER A 21 -7.46 10.99 8.04
C SER A 21 -8.59 11.04 9.07
N LEU A 22 -8.90 9.92 9.73
CA LEU A 22 -9.93 9.93 10.76
C LEU A 22 -9.40 10.62 12.01
N LEU A 23 -8.11 10.50 12.31
CA LEU A 23 -7.54 11.20 13.46
C LEU A 23 -7.52 12.70 13.21
N GLN A 24 -7.44 13.11 11.93
CA GLN A 24 -7.46 14.53 11.60
C GLN A 24 -8.86 15.11 11.75
N GLU A 25 -9.90 14.32 11.48
CA GLU A 25 -11.28 14.77 11.64
C GLU A 25 -11.70 14.70 13.11
N TYR A 26 -11.34 13.61 13.80
CA TYR A 26 -11.66 13.44 15.20
C TYR A 26 -10.95 14.42 16.12
N GLY A 27 -9.72 14.79 15.74
CA GLY A 27 -8.91 15.72 16.50
C GLY A 27 -9.66 17.04 16.70
N THR A 28 -10.35 17.52 15.66
CA THR A 28 -11.11 18.75 15.73
C THR A 28 -12.24 18.78 16.76
N ARG A 29 -12.83 17.62 17.06
CA ARG A 29 -13.90 17.53 18.04
C ARG A 29 -13.34 17.66 19.45
N ILE A 30 -12.15 17.08 19.69
CA ILE A 30 -11.54 17.05 21.00
C ILE A 30 -10.56 18.21 21.21
N GLY A 31 -10.30 19.03 20.18
CA GLY A 31 -9.42 20.19 20.30
C GLY A 31 -7.94 19.80 20.20
N LYS A 32 -7.65 18.54 19.87
CA LYS A 32 -6.29 18.02 19.76
C LYS A 32 -5.95 17.79 18.29
N THR A 33 -4.65 17.62 18.00
CA THR A 33 -4.19 17.23 16.67
C THR A 33 -3.14 16.11 16.72
N PRO A 34 -3.27 15.09 15.86
CA PRO A 34 -2.35 13.97 15.80
C PRO A 34 -1.01 14.41 15.20
N VAL A 35 0.00 14.65 16.04
CA VAL A 35 1.34 14.97 15.59
C VAL A 35 2.11 13.73 15.18
N TYR A 36 2.77 13.72 14.02
CA TYR A 36 3.49 12.56 13.53
C TYR A 36 5.01 12.65 13.55
N ASP A 37 5.68 11.69 14.19
CA ASP A 37 7.14 11.63 14.29
C ASP A 37 7.75 10.32 13.79
N LEU A 38 8.78 10.42 12.94
CA LEU A 38 9.52 9.27 12.45
C LEU A 38 10.56 8.87 13.49
N LEU A 39 10.37 7.73 14.17
CA LEU A 39 11.29 7.31 15.22
C LEU A 39 12.53 6.61 14.67
N LYS A 40 12.40 5.93 13.52
CA LYS A 40 13.47 5.09 12.99
C LYS A 40 13.44 5.06 11.47
N ALA A 41 14.62 5.11 10.85
CA ALA A 41 14.76 5.07 9.40
C ALA A 41 16.10 4.44 9.03
N GLU A 42 16.12 3.11 8.89
CA GLU A 42 17.36 2.39 8.56
C GLU A 42 17.07 1.07 7.85
N GLY A 43 18.14 0.41 7.40
CA GLY A 43 18.06 -0.88 6.70
C GLY A 43 18.33 -0.71 5.21
N GLN A 44 18.54 -1.83 4.51
CA GLN A 44 18.76 -1.84 3.07
C GLN A 44 17.51 -1.38 2.33
N ALA A 45 17.67 -0.80 1.14
CA ALA A 45 16.54 -0.28 0.38
C ALA A 45 15.58 -1.38 -0.05
N HIS A 46 16.08 -2.62 -0.16
CA HIS A 46 15.24 -3.75 -0.57
C HIS A 46 14.39 -4.28 0.59
N GLN A 47 14.74 -3.94 1.83
CA GLN A 47 14.00 -4.39 3.01
C GLN A 47 14.30 -3.48 4.21
N PRO A 48 13.93 -2.20 4.12
CA PRO A 48 14.16 -1.22 5.17
C PRO A 48 13.17 -1.42 6.32
N ASN A 49 13.34 -0.65 7.39
CA ASN A 49 12.46 -0.71 8.55
C ASN A 49 12.16 0.71 9.01
N PHE A 50 10.88 1.00 9.22
CA PHE A 50 10.43 2.32 9.64
C PHE A 50 9.55 2.29 10.88
N THR A 51 9.58 3.37 11.67
CA THR A 51 8.75 3.51 12.85
C THR A 51 8.12 4.90 12.94
N PHE A 52 6.82 4.94 13.21
CA PHE A 52 6.08 6.17 13.41
C PHE A 52 5.47 6.29 14.80
N ARG A 53 5.36 7.52 15.31
CA ARG A 53 4.61 7.79 16.52
C ARG A 53 3.58 8.86 16.23
N VAL A 54 2.41 8.75 16.87
CA VAL A 54 1.36 9.75 16.75
C VAL A 54 1.02 10.24 18.15
N THR A 55 0.78 11.55 18.28
CA THR A 55 0.43 12.16 19.55
C THR A 55 -0.88 12.90 19.47
N VAL A 56 -1.86 12.49 20.28
CA VAL A 56 -3.18 13.08 20.31
C VAL A 56 -3.50 13.40 21.77
N GLY A 57 -3.39 14.68 22.15
CA GLY A 57 -3.59 15.09 23.53
C GLY A 57 -2.57 14.42 24.44
N ASP A 58 -2.99 14.01 25.63
CA ASP A 58 -2.12 13.38 26.62
C ASP A 58 -1.66 11.96 26.29
N THR A 59 -1.90 11.49 25.06
CA THR A 59 -1.57 10.13 24.63
C THR A 59 -0.77 10.03 23.35
N SER A 60 0.14 9.04 23.26
CA SER A 60 0.88 8.78 22.04
C SER A 60 1.14 7.27 21.88
N CYS A 61 1.21 6.82 20.62
CA CYS A 61 1.42 5.42 20.28
C CYS A 61 2.28 5.30 19.03
N THR A 62 2.86 4.12 18.80
CA THR A 62 3.72 3.86 17.64
C THR A 62 3.24 2.74 16.72
N GLY A 63 3.87 2.65 15.54
CA GLY A 63 3.59 1.63 14.55
C GLY A 63 4.80 1.46 13.63
N GLN A 64 4.85 0.37 12.87
CA GLN A 64 6.00 0.05 12.02
C GLN A 64 5.56 -0.57 10.70
N GLY A 65 6.47 -0.57 9.71
CA GLY A 65 6.20 -1.15 8.42
C GLY A 65 7.43 -1.06 7.49
N PRO A 66 7.37 -1.75 6.34
CA PRO A 66 8.42 -1.77 5.33
C PRO A 66 8.50 -0.46 4.55
N SER A 67 7.63 0.49 4.87
CA SER A 67 7.60 1.79 4.22
C SER A 67 7.02 2.83 5.19
N LYS A 68 7.36 4.10 5.00
CA LYS A 68 6.85 5.15 5.88
C LYS A 68 5.34 5.32 5.71
N LYS A 69 4.79 4.84 4.59
CA LYS A 69 3.35 4.80 4.38
C LYS A 69 2.71 3.76 5.30
N ALA A 70 3.25 2.54 5.29
CA ALA A 70 2.70 1.45 6.07
C ALA A 70 2.91 1.68 7.57
N ALA A 71 3.98 2.36 7.95
CA ALA A 71 4.30 2.60 9.35
C ALA A 71 3.41 3.69 9.96
N LYS A 72 3.01 4.71 9.18
CA LYS A 72 2.18 5.79 9.70
C LYS A 72 0.74 5.31 9.94
N HIS A 73 0.21 4.51 9.02
CA HIS A 73 -1.15 4.00 9.14
C HIS A 73 -1.31 3.18 10.42
N LYS A 74 -0.32 2.35 10.76
CA LYS A 74 -0.38 1.51 11.94
C LYS A 74 -0.39 2.35 13.21
N ALA A 75 0.41 3.41 13.29
CA ALA A 75 0.50 4.19 14.51
C ALA A 75 -0.81 4.94 14.78
N ALA A 76 -1.45 5.44 13.71
CA ALA A 76 -2.70 6.16 13.82
C ALA A 76 -3.81 5.20 14.29
N GLU A 77 -3.73 3.94 13.88
CA GLU A 77 -4.70 2.93 14.27
C GLU A 77 -4.60 2.63 15.77
N VAL A 78 -3.38 2.67 16.33
CA VAL A 78 -3.19 2.35 17.73
C VAL A 78 -3.68 3.48 18.62
N ALA A 79 -3.57 4.74 18.19
CA ALA A 79 -4.06 5.86 18.99
C ALA A 79 -5.58 5.82 19.07
N LEU A 80 -6.24 5.47 17.95
CA LEU A 80 -7.69 5.41 17.88
C LEU A 80 -8.24 4.37 18.87
N LYS A 81 -7.51 3.29 19.14
CA LYS A 81 -7.94 2.27 20.09
C LYS A 81 -7.99 2.82 21.52
N HIS A 82 -7.02 3.65 21.89
CA HIS A 82 -6.99 4.27 23.21
C HIS A 82 -7.98 5.42 23.31
N LEU A 83 -8.30 6.06 22.19
CA LEU A 83 -9.28 7.13 22.15
C LEU A 83 -10.70 6.56 22.16
N LYS A 84 -10.85 5.30 21.73
CA LYS A 84 -12.11 4.56 21.82
C LYS A 84 -12.34 3.97 23.21
N GLY A 85 -11.32 4.06 24.07
CA GLY A 85 -11.38 3.53 25.44
C GLY A 85 -12.11 4.51 26.37
N CYS A 146 9.34 -12.94 -3.25
CA CYS A 146 9.67 -11.54 -3.52
C CYS A 146 10.23 -11.40 -4.94
N ASN A 147 10.14 -10.19 -5.52
CA ASN A 147 10.63 -9.89 -6.86
C ASN A 147 10.22 -10.94 -7.88
N PRO A 148 8.91 -11.09 -8.14
CA PRO A 148 8.39 -12.08 -9.06
C PRO A 148 8.81 -11.79 -10.50
N VAL A 149 9.03 -10.52 -10.84
CA VAL A 149 9.49 -10.16 -12.17
C VAL A 149 10.94 -10.55 -12.40
N GLY A 150 11.73 -10.56 -11.33
CA GLY A 150 13.13 -10.97 -11.40
C GLY A 150 13.24 -12.49 -11.53
N ALA A 151 12.32 -13.22 -10.88
CA ALA A 151 12.26 -14.66 -11.04
C ALA A 151 11.86 -15.01 -12.48
N LEU A 152 10.97 -14.22 -13.09
CA LEU A 152 10.59 -14.41 -14.47
C LEU A 152 11.75 -14.05 -15.39
N GLN A 153 12.47 -12.97 -15.09
CA GLN A 153 13.64 -12.57 -15.85
C GLN A 153 14.69 -13.68 -15.84
N GLU A 154 14.86 -14.36 -14.71
CA GLU A 154 15.82 -15.46 -14.62
C GLU A 154 15.34 -16.66 -15.43
N LEU A 155 14.03 -16.94 -15.41
CA LEU A 155 13.47 -18.10 -16.09
C LEU A 155 13.52 -17.93 -17.61
N VAL A 156 13.02 -16.79 -18.11
CA VAL A 156 12.97 -16.51 -19.54
C VAL A 156 14.38 -16.57 -20.14
N VAL A 157 15.38 -16.04 -19.45
CA VAL A 157 16.74 -16.03 -19.98
C VAL A 157 17.36 -17.42 -19.93
N GLN A 158 17.05 -18.22 -18.90
CA GLN A 158 17.61 -19.56 -18.79
C GLN A 158 16.96 -20.52 -19.80
N LYS A 159 15.74 -20.22 -20.25
CA LYS A 159 15.09 -20.99 -21.31
C LYS A 159 15.71 -20.72 -22.68
N GLY A 160 16.48 -19.64 -22.80
CA GLY A 160 17.12 -19.24 -24.05
C GLY A 160 16.24 -18.28 -24.86
N TRP A 161 15.21 -17.73 -24.22
CA TRP A 161 14.27 -16.82 -24.87
C TRP A 161 14.79 -15.39 -24.81
N ARG A 162 14.14 -14.50 -25.58
CA ARG A 162 14.46 -13.07 -25.57
C ARG A 162 13.91 -12.43 -24.30
N LEU A 163 14.43 -11.24 -23.96
CA LEU A 163 14.01 -10.51 -22.77
C LEU A 163 12.52 -10.18 -22.83
N PRO A 164 11.85 -10.11 -21.68
CA PRO A 164 10.42 -9.81 -21.60
C PRO A 164 10.12 -8.36 -21.95
N GLU A 165 8.87 -8.08 -22.34
CA GLU A 165 8.41 -6.74 -22.67
C GLU A 165 7.07 -6.46 -22.00
N TYR A 166 6.82 -5.18 -21.69
CA TYR A 166 5.61 -4.75 -21.00
C TYR A 166 4.85 -3.60 -21.67
N THR A 167 3.53 -3.74 -21.81
CA THR A 167 2.67 -2.72 -22.38
C THR A 167 1.31 -2.57 -21.73
N VAL A 168 0.87 -1.34 -21.48
CA VAL A 168 -0.46 -1.10 -20.90
C VAL A 168 -1.58 -1.23 -21.92
N THR A 169 -2.59 -2.04 -21.60
CA THR A 169 -3.76 -2.21 -22.46
C THR A 169 -5.05 -1.60 -21.93
N GLN A 170 -5.03 -1.07 -20.70
CA GLN A 170 -6.22 -0.50 -20.09
C GLN A 170 -5.84 0.45 -18.95
N GLU A 171 -6.73 1.40 -18.66
CA GLU A 171 -6.51 2.42 -17.65
C GLU A 171 -7.84 2.87 -17.04
N SER A 172 -7.85 3.10 -15.72
CA SER A 172 -9.05 3.53 -15.01
C SER A 172 -9.27 5.03 -15.18
N GLY A 173 -10.51 5.46 -14.95
CA GLY A 173 -10.91 6.84 -15.17
C GLY A 173 -10.50 7.75 -14.01
N PRO A 174 -11.21 7.71 -12.88
CA PRO A 174 -10.97 8.58 -11.74
C PRO A 174 -9.56 8.42 -11.20
N ALA A 175 -8.89 9.55 -10.91
CA ALA A 175 -7.53 9.53 -10.42
C ALA A 175 -7.45 9.10 -8.94
N HIS A 176 -8.56 9.18 -8.21
CA HIS A 176 -8.61 8.73 -6.82
C HIS A 176 -8.84 7.22 -6.74
N ARG A 177 -9.17 6.59 -7.86
CA ARG A 177 -9.45 5.16 -7.95
C ARG A 177 -8.62 4.54 -9.07
N LYS A 178 -7.50 5.19 -9.38
CA LYS A 178 -6.65 4.83 -10.50
C LYS A 178 -6.21 3.37 -10.42
N GLU A 179 -6.22 2.71 -11.58
CA GLU A 179 -5.80 1.34 -11.75
C GLU A 179 -5.33 1.14 -13.18
N PHE A 180 -4.55 0.08 -13.40
CA PHE A 180 -3.92 -0.20 -14.67
C PHE A 180 -3.96 -1.68 -15.01
N THR A 181 -4.02 -1.98 -16.30
CA THR A 181 -3.89 -3.35 -16.80
C THR A 181 -2.72 -3.50 -17.77
N MET A 182 -1.78 -4.38 -17.43
CA MET A 182 -0.54 -4.50 -18.17
C MET A 182 -0.38 -5.91 -18.72
N THR A 183 0.15 -6.01 -19.95
CA THR A 183 0.40 -7.28 -20.60
C THR A 183 1.90 -7.54 -20.68
N CYS A 184 2.29 -8.78 -20.40
CA CYS A 184 3.66 -9.23 -20.49
C CYS A 184 3.82 -10.01 -21.79
N ARG A 185 5.00 -9.92 -22.43
CA ARG A 185 5.26 -10.60 -23.69
C ARG A 185 6.63 -11.27 -23.61
N VAL A 186 6.68 -12.52 -24.04
CA VAL A 186 7.89 -13.34 -24.07
C VAL A 186 7.96 -13.91 -25.49
N GLU A 187 9.06 -14.62 -25.82
CA GLU A 187 9.31 -15.11 -27.17
C GLU A 187 8.11 -15.84 -27.77
N ARG A 188 7.31 -16.52 -26.95
CA ARG A 188 6.08 -17.17 -27.41
C ARG A 188 4.94 -17.08 -26.41
N PHE A 189 5.22 -16.59 -25.19
CA PHE A 189 4.21 -16.49 -24.15
C PHE A 189 3.65 -15.09 -23.94
N ILE A 190 2.38 -15.01 -23.52
CA ILE A 190 1.72 -13.75 -23.21
C ILE A 190 0.83 -13.95 -22.00
N GLU A 191 0.79 -12.96 -21.10
CA GLU A 191 -0.05 -13.01 -19.91
C GLU A 191 -0.40 -11.59 -19.46
N ILE A 192 -1.44 -11.44 -18.65
CA ILE A 192 -1.94 -10.12 -18.24
C ILE A 192 -2.10 -10.03 -16.72
N GLY A 193 -1.96 -8.82 -16.19
CA GLY A 193 -2.11 -8.51 -14.77
C GLY A 193 -2.59 -7.08 -14.59
N SER A 194 -2.86 -6.68 -13.34
CA SER A 194 -3.39 -5.35 -13.05
C SER A 194 -2.94 -4.86 -11.69
N GLY A 195 -3.12 -3.56 -11.43
CA GLY A 195 -2.74 -2.96 -10.16
C GLY A 195 -2.97 -1.46 -10.15
N THR A 196 -2.85 -0.86 -8.97
CA THR A 196 -3.08 0.58 -8.78
C THR A 196 -1.96 1.47 -9.30
N SER A 197 -0.96 0.86 -9.95
CA SER A 197 0.18 1.56 -10.55
C SER A 197 0.64 0.77 -11.77
N LYS A 198 1.29 1.41 -12.74
CA LYS A 198 1.77 0.70 -13.92
C LYS A 198 2.85 -0.29 -13.51
N LYS A 199 3.68 0.12 -12.54
CA LYS A 199 4.75 -0.71 -12.01
C LYS A 199 4.16 -1.88 -11.22
N LEU A 200 3.03 -1.66 -10.54
CA LEU A 200 2.35 -2.71 -9.80
C LEU A 200 1.62 -3.67 -10.73
N ALA A 201 1.07 -3.16 -11.84
CA ALA A 201 0.42 -4.00 -12.83
C ALA A 201 1.45 -4.89 -13.53
N LYS A 202 2.67 -4.39 -13.70
CA LYS A 202 3.78 -5.15 -14.26
C LYS A 202 4.17 -6.29 -13.32
N ARG A 203 4.17 -6.00 -12.02
CA ARG A 203 4.46 -6.97 -10.97
C ARG A 203 3.41 -8.07 -10.92
N ASN A 204 2.13 -7.72 -11.12
CA ASN A 204 1.08 -8.72 -11.11
C ASN A 204 1.10 -9.59 -12.37
N ALA A 205 1.29 -8.99 -13.54
CA ALA A 205 1.31 -9.73 -14.79
C ALA A 205 2.46 -10.73 -14.81
N ALA A 206 3.58 -10.40 -14.18
CA ALA A 206 4.72 -11.30 -14.08
C ALA A 206 4.41 -12.50 -13.19
N ALA A 207 3.67 -12.27 -12.10
CA ALA A 207 3.35 -13.34 -11.17
C ALA A 207 2.48 -14.39 -11.85
N LYS A 208 1.55 -13.96 -12.71
CA LYS A 208 0.71 -14.89 -13.45
C LYS A 208 1.53 -15.59 -14.54
N MET A 209 2.45 -14.87 -15.19
CA MET A 209 3.28 -15.45 -16.25
C MET A 209 4.23 -16.51 -15.70
N LEU A 210 4.69 -16.37 -14.45
CA LEU A 210 5.54 -17.40 -13.86
C LEU A 210 4.86 -18.77 -13.90
N LEU A 211 3.53 -18.80 -13.85
CA LEU A 211 2.79 -20.05 -13.90
C LEU A 211 2.66 -20.53 -15.34
N ARG A 212 2.65 -19.59 -16.29
CA ARG A 212 2.55 -19.87 -17.72
C ARG A 212 3.84 -20.50 -18.26
N VAL A 213 4.99 -19.90 -17.95
CA VAL A 213 6.27 -20.34 -18.49
C VAL A 213 6.85 -21.53 -17.74
N HIS A 214 6.59 -21.63 -16.43
CA HIS A 214 7.13 -22.72 -15.61
C HIS A 214 6.21 -23.93 -15.64
N THR A 215 6.72 -25.08 -15.18
CA THR A 215 5.98 -26.34 -15.16
C THR A 215 4.72 -26.35 -14.30
N GLY A 1 -33.58 11.36 11.78
CA GLY A 1 -32.83 12.02 10.70
C GLY A 1 -31.33 11.92 10.92
N GLY A 2 -30.60 12.98 10.59
CA GLY A 2 -29.15 13.03 10.76
C GLY A 2 -28.76 13.17 12.23
N SER A 3 -27.45 13.06 12.51
CA SER A 3 -26.93 13.17 13.86
C SER A 3 -25.45 13.57 13.82
N LEU A 4 -24.93 14.07 14.95
CA LEU A 4 -23.54 14.50 15.06
C LEU A 4 -22.58 13.31 14.93
N PRO A 5 -21.36 13.53 14.42
CA PRO A 5 -20.34 12.52 14.27
C PRO A 5 -19.80 12.08 15.63
N SER A 6 -19.13 10.92 15.65
CA SER A 6 -18.55 10.37 16.87
C SER A 6 -17.38 9.45 16.53
N ILE A 7 -16.46 9.27 17.47
CA ILE A 7 -15.28 8.44 17.28
C ILE A 7 -15.66 6.95 17.18
N GLU A 8 -16.87 6.58 17.63
CA GLU A 8 -17.38 5.23 17.43
C GLU A 8 -18.00 5.06 16.04
N GLN A 9 -18.57 6.14 15.49
CA GLN A 9 -19.25 6.09 14.20
C GLN A 9 -18.27 6.04 13.04
N MET A 10 -17.08 6.61 13.19
CA MET A 10 -16.07 6.57 12.14
C MET A 10 -15.70 5.13 11.79
N LEU A 11 -15.76 4.22 12.77
CA LEU A 11 -15.40 2.83 12.55
C LEU A 11 -16.36 2.17 11.56
N ALA A 12 -17.67 2.48 11.69
CA ALA A 12 -18.68 1.94 10.82
C ALA A 12 -18.81 2.70 9.50
N ALA A 13 -18.46 3.99 9.50
CA ALA A 13 -18.70 4.85 8.34
C ALA A 13 -17.57 4.85 7.33
N ASN A 14 -16.32 4.67 7.77
CA ASN A 14 -15.16 4.76 6.89
C ASN A 14 -14.03 3.81 7.28
N PRO A 15 -14.31 2.51 7.41
CA PRO A 15 -13.32 1.50 7.77
C PRO A 15 -12.33 1.25 6.64
N GLY A 16 -12.62 1.76 5.42
CA GLY A 16 -11.78 1.54 4.26
C GLY A 16 -10.57 2.49 4.21
N LYS A 17 -10.61 3.60 4.96
CA LYS A 17 -9.50 4.56 4.97
C LYS A 17 -8.46 4.18 6.00
N THR A 18 -7.32 4.87 5.94
CA THR A 18 -6.30 4.80 6.98
C THR A 18 -6.78 5.40 8.30
N PRO A 19 -6.29 4.89 9.44
CA PRO A 19 -6.62 5.44 10.75
C PRO A 19 -6.02 6.84 10.88
N ILE A 20 -5.07 7.20 10.01
CA ILE A 20 -4.48 8.53 9.99
C ILE A 20 -5.52 9.55 9.55
N SER A 21 -6.30 9.17 8.52
CA SER A 21 -7.30 10.05 7.94
C SER A 21 -8.47 10.25 8.91
N LEU A 22 -8.81 9.23 9.71
CA LEU A 22 -9.89 9.36 10.67
C LEU A 22 -9.43 10.16 11.88
N LEU A 23 -8.15 10.09 12.24
CA LEU A 23 -7.66 10.91 13.34
C LEU A 23 -7.66 12.37 12.94
N GLN A 24 -7.44 12.64 11.64
CA GLN A 24 -7.49 13.99 11.10
C GLN A 24 -8.93 14.50 11.07
N GLU A 25 -9.89 13.59 10.84
CA GLU A 25 -11.30 13.92 10.83
C GLU A 25 -11.79 14.21 12.26
N TYR A 26 -11.39 13.36 13.20
CA TYR A 26 -11.77 13.50 14.60
C TYR A 26 -11.13 14.68 15.33
N GLY A 27 -9.86 14.94 15.02
CA GLY A 27 -9.09 15.98 15.67
C GLY A 27 -9.74 17.35 15.53
N THR A 28 -10.27 17.67 14.33
CA THR A 28 -10.89 18.98 14.08
C THR A 28 -12.09 19.32 14.97
N ARG A 29 -12.83 18.30 15.42
CA ARG A 29 -14.01 18.51 16.25
C ARG A 29 -13.63 18.71 17.72
N ILE A 30 -12.50 18.14 18.15
CA ILE A 30 -12.00 18.31 19.51
C ILE A 30 -10.97 19.43 19.60
N GLY A 31 -10.65 20.10 18.49
CA GLY A 31 -9.71 21.20 18.47
C GLY A 31 -8.26 20.75 18.54
N LYS A 32 -8.02 19.43 18.56
CA LYS A 32 -6.68 18.86 18.62
C LYS A 32 -6.20 18.51 17.22
N THR A 33 -4.88 18.34 17.07
CA THR A 33 -4.29 17.89 15.81
C THR A 33 -3.25 16.79 16.00
N PRO A 34 -3.41 15.63 15.35
CA PRO A 34 -2.47 14.53 15.46
C PRO A 34 -1.14 14.88 14.79
N VAL A 35 -0.13 15.24 15.58
CA VAL A 35 1.21 15.49 15.09
C VAL A 35 1.94 14.17 14.83
N TYR A 36 2.64 14.04 13.70
CA TYR A 36 3.36 12.82 13.37
C TYR A 36 4.88 12.94 13.37
N ASP A 37 5.55 12.08 14.14
CA ASP A 37 7.00 12.08 14.28
C ASP A 37 7.66 10.75 13.92
N LEU A 38 8.72 10.78 13.11
CA LEU A 38 9.48 9.59 12.78
C LEU A 38 10.51 9.33 13.88
N LEU A 39 10.36 8.24 14.64
CA LEU A 39 11.28 7.94 15.73
C LEU A 39 12.53 7.22 15.26
N LYS A 40 12.43 6.48 14.14
CA LYS A 40 13.52 5.64 13.68
C LYS A 40 13.47 5.46 12.17
N ALA A 41 14.63 5.33 11.54
CA ALA A 41 14.72 5.08 10.11
C ALA A 41 15.98 4.26 9.82
N GLU A 42 15.78 2.96 9.57
CA GLU A 42 16.87 2.04 9.28
C GLU A 42 16.44 0.99 8.24
N GLY A 43 17.42 0.37 7.58
CA GLY A 43 17.14 -0.65 6.60
C GLY A 43 18.34 -0.98 5.72
N GLN A 44 18.08 -1.75 4.66
CA GLN A 44 19.07 -2.20 3.70
C GLN A 44 18.45 -2.39 2.32
N ALA A 45 17.38 -1.64 2.02
CA ALA A 45 16.67 -1.72 0.75
C ALA A 45 16.17 -3.14 0.45
N HIS A 46 15.87 -3.93 1.49
CA HIS A 46 15.41 -5.30 1.31
C HIS A 46 14.53 -5.73 2.49
N GLN A 47 14.75 -5.14 3.67
CA GLN A 47 13.94 -5.40 4.84
C GLN A 47 14.06 -4.22 5.83
N PRO A 48 13.72 -3.00 5.39
CA PRO A 48 13.81 -1.81 6.21
C PRO A 48 12.73 -1.82 7.30
N ASN A 49 12.85 -0.93 8.28
CA ASN A 49 11.90 -0.83 9.37
C ASN A 49 11.85 0.62 9.89
N PHE A 50 10.63 1.11 10.10
CA PHE A 50 10.39 2.47 10.52
C PHE A 50 9.51 2.56 11.77
N THR A 51 9.62 3.67 12.49
CA THR A 51 8.80 3.95 13.66
C THR A 51 8.16 5.33 13.60
N PHE A 52 6.85 5.38 13.88
CA PHE A 52 6.10 6.61 13.99
C PHE A 52 5.49 6.85 15.35
N ARG A 53 5.34 8.12 15.74
CA ARG A 53 4.62 8.50 16.92
C ARG A 53 3.56 9.52 16.53
N VAL A 54 2.40 9.46 17.19
CA VAL A 54 1.34 10.43 16.97
C VAL A 54 1.04 11.12 18.28
N THR A 55 0.71 12.41 18.22
CA THR A 55 0.37 13.21 19.37
C THR A 55 -0.96 13.92 19.24
N VAL A 56 -1.90 13.61 20.12
CA VAL A 56 -3.25 14.19 20.10
C VAL A 56 -3.56 14.67 21.51
N GLY A 57 -3.54 15.99 21.72
CA GLY A 57 -3.78 16.55 23.05
C GLY A 57 -2.76 15.99 24.05
N ASP A 58 -3.22 15.60 25.24
CA ASP A 58 -2.38 15.05 26.28
C ASP A 58 -1.96 13.58 26.10
N THR A 59 -2.14 13.02 24.91
CA THR A 59 -1.80 11.64 24.60
C THR A 59 -0.90 11.42 23.40
N SER A 60 -0.01 10.42 23.47
CA SER A 60 0.82 10.03 22.34
C SER A 60 1.09 8.53 22.34
N CYS A 61 1.22 7.96 21.15
CA CYS A 61 1.45 6.53 20.94
C CYS A 61 2.35 6.30 19.73
N THR A 62 2.92 5.10 19.62
CA THR A 62 3.79 4.73 18.50
C THR A 62 3.34 3.49 17.72
N GLY A 63 3.98 3.27 16.58
CA GLY A 63 3.72 2.14 15.70
C GLY A 63 4.91 1.91 14.76
N GLN A 64 4.95 0.74 14.12
CA GLN A 64 6.07 0.39 13.25
C GLN A 64 5.60 -0.37 12.02
N GLY A 65 6.45 -0.45 11.00
CA GLY A 65 6.15 -1.16 9.76
C GLY A 65 7.34 -1.18 8.81
N PRO A 66 7.25 -1.98 7.75
CA PRO A 66 8.28 -2.15 6.73
C PRO A 66 8.38 -0.93 5.81
N SER A 67 7.50 0.07 6.00
CA SER A 67 7.50 1.30 5.21
C SER A 67 6.92 2.42 6.07
N LYS A 68 7.16 3.67 5.69
CA LYS A 68 6.63 4.79 6.46
C LYS A 68 5.11 4.87 6.37
N LYS A 69 4.53 4.30 5.32
CA LYS A 69 3.08 4.25 5.17
C LYS A 69 2.46 3.29 6.19
N ALA A 70 3.07 2.11 6.33
CA ALA A 70 2.60 1.09 7.26
C ALA A 70 2.93 1.46 8.71
N ALA A 71 4.03 2.18 8.92
CA ALA A 71 4.44 2.55 10.26
C ALA A 71 3.59 3.69 10.81
N LYS A 72 3.18 4.64 9.96
CA LYS A 72 2.32 5.73 10.40
C LYS A 72 0.92 5.21 10.65
N HIS A 73 0.49 4.21 9.87
CA HIS A 73 -0.84 3.63 9.99
C HIS A 73 -0.98 2.98 11.36
N LYS A 74 0.02 2.20 11.78
CA LYS A 74 -0.03 1.54 13.07
C LYS A 74 -0.04 2.54 14.21
N ALA A 75 0.69 3.65 14.11
CA ALA A 75 0.76 4.58 15.22
C ALA A 75 -0.56 5.34 15.38
N ALA A 76 -1.24 5.61 14.26
CA ALA A 76 -2.48 6.35 14.29
C ALA A 76 -3.60 5.53 14.94
N GLU A 77 -3.71 4.25 14.60
CA GLU A 77 -4.80 3.42 15.10
C GLU A 77 -4.72 3.30 16.63
N VAL A 78 -3.49 3.32 17.18
CA VAL A 78 -3.29 3.17 18.60
C VAL A 78 -3.82 4.38 19.36
N ALA A 79 -3.83 5.57 18.73
CA ALA A 79 -4.36 6.75 19.38
C ALA A 79 -5.88 6.67 19.50
N LEU A 80 -6.55 6.16 18.46
CA LEU A 80 -8.01 6.05 18.48
C LEU A 80 -8.47 5.19 19.65
N LYS A 81 -7.68 4.19 20.06
CA LYS A 81 -8.06 3.32 21.17
C LYS A 81 -8.19 4.11 22.47
N HIS A 82 -7.25 5.02 22.73
CA HIS A 82 -7.24 5.83 23.93
C HIS A 82 -8.25 6.98 23.87
N LEU A 83 -8.54 7.47 22.66
CA LEU A 83 -9.45 8.59 22.47
C LEU A 83 -10.91 8.13 22.48
N LYS A 84 -11.16 6.86 22.13
CA LYS A 84 -12.49 6.29 22.03
C LYS A 84 -13.04 5.91 23.40
N GLY A 85 -12.18 5.83 24.41
CA GLY A 85 -12.56 5.47 25.77
C GLY A 85 -13.10 4.05 25.84
N CYS A 146 7.69 -10.35 -2.79
CA CYS A 146 8.15 -11.32 -3.80
C CYS A 146 8.39 -10.64 -5.14
N ASN A 147 9.02 -11.35 -6.08
CA ASN A 147 9.35 -10.79 -7.38
C ASN A 147 9.22 -11.86 -8.48
N PRO A 148 8.00 -12.10 -8.95
CA PRO A 148 7.74 -13.04 -10.04
C PRO A 148 8.28 -12.50 -11.35
N VAL A 149 8.50 -11.19 -11.44
CA VAL A 149 9.04 -10.57 -12.65
C VAL A 149 10.50 -10.92 -12.88
N GLY A 150 11.27 -11.02 -11.81
CA GLY A 150 12.68 -11.39 -11.88
C GLY A 150 12.83 -12.87 -12.16
N ALA A 151 11.97 -13.71 -11.57
CA ALA A 151 11.99 -15.14 -11.81
C ALA A 151 11.62 -15.44 -13.27
N LEU A 152 10.71 -14.65 -13.85
CA LEU A 152 10.38 -14.77 -15.26
C LEU A 152 11.55 -14.29 -16.12
N GLN A 153 12.15 -13.16 -15.75
CA GLN A 153 13.22 -12.56 -16.54
C GLN A 153 14.43 -13.48 -16.68
N GLU A 154 14.86 -14.15 -15.60
CA GLU A 154 16.00 -15.05 -15.70
C GLU A 154 15.62 -16.30 -16.51
N LEU A 155 14.37 -16.76 -16.43
CA LEU A 155 13.94 -17.95 -17.15
C LEU A 155 13.89 -17.67 -18.64
N VAL A 156 13.32 -16.54 -19.03
CA VAL A 156 13.22 -16.14 -20.44
C VAL A 156 14.62 -16.06 -21.04
N VAL A 157 15.61 -15.57 -20.27
CA VAL A 157 16.97 -15.46 -20.76
C VAL A 157 17.61 -16.84 -20.85
N GLN A 158 17.31 -17.75 -19.91
CA GLN A 158 17.89 -19.09 -19.92
C GLN A 158 17.29 -19.96 -21.02
N LYS A 159 16.08 -19.62 -21.47
CA LYS A 159 15.43 -20.31 -22.60
C LYS A 159 16.04 -19.93 -23.94
N GLY A 160 16.81 -18.83 -23.98
CA GLY A 160 17.43 -18.32 -25.19
C GLY A 160 16.54 -17.31 -25.91
N TRP A 161 15.47 -16.85 -25.24
CA TRP A 161 14.53 -15.90 -25.82
C TRP A 161 15.02 -14.47 -25.58
N ARG A 162 14.36 -13.50 -26.22
CA ARG A 162 14.66 -12.09 -26.01
C ARG A 162 14.16 -11.66 -24.63
N LEU A 163 14.68 -10.55 -24.11
CA LEU A 163 14.24 -10.02 -22.83
C LEU A 163 12.75 -9.73 -22.86
N PRO A 164 12.05 -9.88 -21.73
CA PRO A 164 10.62 -9.68 -21.64
C PRO A 164 10.27 -8.21 -21.85
N GLU A 165 9.10 -7.96 -22.46
CA GLU A 165 8.61 -6.62 -22.74
C GLU A 165 7.30 -6.34 -22.02
N TYR A 166 7.07 -5.07 -21.70
CA TYR A 166 5.89 -4.63 -20.97
C TYR A 166 5.18 -3.40 -21.53
N THR A 167 3.86 -3.49 -21.70
CA THR A 167 3.04 -2.38 -22.16
C THR A 167 1.67 -2.28 -21.49
N VAL A 168 1.26 -1.07 -21.11
CA VAL A 168 -0.07 -0.87 -20.54
C VAL A 168 -1.15 -0.80 -21.60
N THR A 169 -2.22 -1.58 -21.43
CA THR A 169 -3.35 -1.56 -22.35
C THR A 169 -4.63 -0.92 -21.80
N GLN A 170 -4.65 -0.62 -20.50
CA GLN A 170 -5.85 -0.09 -19.87
C GLN A 170 -5.54 0.57 -18.53
N GLU A 171 -6.43 1.45 -18.08
CA GLU A 171 -6.33 2.13 -16.80
C GLU A 171 -7.72 2.50 -16.27
N SER A 172 -7.83 2.63 -14.95
CA SER A 172 -9.06 3.08 -14.32
C SER A 172 -9.19 4.59 -14.46
N GLY A 173 -10.40 5.11 -14.27
CA GLY A 173 -10.69 6.53 -14.45
C GLY A 173 -10.21 7.36 -13.27
N PRO A 174 -10.82 7.18 -12.08
CA PRO A 174 -10.49 7.97 -10.89
C PRO A 174 -9.03 7.78 -10.49
N ALA A 175 -8.31 8.89 -10.34
CA ALA A 175 -6.90 8.86 -9.96
C ALA A 175 -6.73 8.51 -8.49
N HIS A 176 -7.76 8.71 -7.65
CA HIS A 176 -7.69 8.40 -6.23
C HIS A 176 -7.93 6.91 -5.98
N ARG A 177 -8.41 6.18 -6.99
CA ARG A 177 -8.69 4.76 -6.91
C ARG A 177 -8.18 4.11 -8.20
N LYS A 178 -6.98 4.52 -8.60
CA LYS A 178 -6.35 4.14 -9.85
C LYS A 178 -6.05 2.64 -9.90
N GLU A 179 -6.11 2.07 -11.10
CA GLU A 179 -5.75 0.70 -11.39
C GLU A 179 -5.20 0.62 -12.81
N PHE A 180 -4.44 -0.43 -13.09
CA PHE A 180 -3.74 -0.60 -14.34
C PHE A 180 -3.86 -2.02 -14.88
N THR A 181 -3.85 -2.15 -16.21
CA THR A 181 -3.75 -3.42 -16.88
C THR A 181 -2.55 -3.51 -17.80
N MET A 182 -1.66 -4.46 -17.55
CA MET A 182 -0.39 -4.56 -18.25
C MET A 182 -0.23 -5.89 -18.94
N THR A 183 0.37 -5.87 -20.13
CA THR A 183 0.68 -7.07 -20.90
C THR A 183 2.15 -7.43 -20.79
N CYS A 184 2.44 -8.72 -20.59
CA CYS A 184 3.78 -9.27 -20.60
C CYS A 184 3.97 -9.90 -21.97
N ARG A 185 5.14 -9.70 -22.59
CA ARG A 185 5.37 -10.20 -23.93
C ARG A 185 6.75 -10.82 -24.04
N VAL A 186 6.81 -11.95 -24.74
CA VAL A 186 8.01 -12.74 -24.96
C VAL A 186 8.01 -13.14 -26.44
N GLU A 187 9.09 -13.75 -26.92
CA GLU A 187 9.28 -14.04 -28.33
C GLU A 187 8.19 -14.94 -28.91
N ARG A 188 7.44 -15.66 -28.07
CA ARG A 188 6.33 -16.49 -28.52
C ARG A 188 5.15 -16.43 -27.55
N PHE A 189 5.41 -16.12 -26.29
CA PHE A 189 4.39 -16.10 -25.25
C PHE A 189 3.91 -14.70 -24.89
N ILE A 190 2.64 -14.59 -24.51
CA ILE A 190 2.03 -13.33 -24.08
C ILE A 190 1.01 -13.61 -22.98
N GLU A 191 0.93 -12.72 -21.98
CA GLU A 191 0.01 -12.86 -20.86
C GLU A 191 -0.35 -11.47 -20.31
N ILE A 192 -1.43 -11.36 -19.52
CA ILE A 192 -1.91 -10.09 -19.00
C ILE A 192 -2.18 -10.16 -17.49
N GLY A 193 -2.05 -9.01 -16.82
CA GLY A 193 -2.30 -8.87 -15.39
C GLY A 193 -2.72 -7.45 -15.05
N SER A 194 -3.07 -7.19 -13.79
CA SER A 194 -3.55 -5.87 -13.36
C SER A 194 -3.14 -5.57 -11.92
N GLY A 195 -3.25 -4.29 -11.55
CA GLY A 195 -2.88 -3.85 -10.21
C GLY A 195 -3.06 -2.35 -10.04
N THR A 196 -2.98 -1.89 -8.78
CA THR A 196 -3.17 -0.49 -8.43
C THR A 196 -2.01 0.44 -8.78
N SER A 197 -0.97 -0.11 -9.41
CA SER A 197 0.18 0.64 -9.87
C SER A 197 0.75 -0.11 -11.07
N LYS A 198 1.55 0.56 -11.91
CA LYS A 198 2.10 -0.11 -13.09
C LYS A 198 3.07 -1.21 -12.69
N LYS A 199 3.81 -1.01 -11.60
CA LYS A 199 4.71 -2.04 -11.11
C LYS A 199 3.93 -3.22 -10.53
N LEU A 200 2.77 -2.96 -9.93
CA LEU A 200 1.94 -4.03 -9.38
C LEU A 200 1.24 -4.79 -10.50
N ALA A 201 0.78 -4.08 -11.54
CA ALA A 201 0.17 -4.73 -12.69
C ALA A 201 1.20 -5.55 -13.46
N LYS A 202 2.45 -5.08 -13.46
CA LYS A 202 3.57 -5.79 -14.09
C LYS A 202 3.91 -7.03 -13.27
N ARG A 203 3.83 -6.94 -11.94
CA ARG A 203 4.03 -8.06 -11.04
C ARG A 203 2.95 -9.12 -11.26
N ASN A 204 1.70 -8.72 -11.44
CA ASN A 204 0.62 -9.67 -11.65
C ASN A 204 0.71 -10.33 -13.01
N ALA A 205 1.00 -9.55 -14.05
CA ALA A 205 1.12 -10.09 -15.40
C ALA A 205 2.26 -11.11 -15.48
N ALA A 206 3.35 -10.86 -14.76
CA ALA A 206 4.47 -11.79 -14.70
C ALA A 206 4.09 -13.04 -13.92
N ALA A 207 3.29 -12.91 -12.85
CA ALA A 207 2.89 -14.05 -12.05
C ALA A 207 2.04 -15.02 -12.86
N LYS A 208 1.14 -14.51 -13.71
CA LYS A 208 0.36 -15.36 -14.59
C LYS A 208 1.25 -15.91 -15.71
N MET A 209 2.20 -15.11 -16.18
CA MET A 209 3.10 -15.52 -17.26
C MET A 209 4.01 -16.67 -16.83
N LEU A 210 4.41 -16.71 -15.55
CA LEU A 210 5.21 -17.83 -15.06
C LEU A 210 4.49 -19.15 -15.25
N LEU A 211 3.15 -19.14 -15.27
CA LEU A 211 2.38 -20.36 -15.48
C LEU A 211 2.33 -20.70 -16.97
N ARG A 212 2.41 -19.66 -17.83
CA ARG A 212 2.38 -19.79 -19.28
C ARG A 212 3.68 -20.39 -19.83
N VAL A 213 4.84 -19.88 -19.38
CA VAL A 213 6.14 -20.33 -19.89
C VAL A 213 6.61 -21.59 -19.19
N HIS A 214 6.27 -21.80 -17.91
CA HIS A 214 6.69 -22.99 -17.18
C HIS A 214 5.73 -24.15 -17.47
N THR A 215 6.13 -25.37 -17.13
CA THR A 215 5.34 -26.57 -17.38
C THR A 215 4.01 -26.64 -16.63
N GLY A 1 -25.32 20.67 19.38
CA GLY A 1 -24.39 19.61 18.98
C GLY A 1 -24.50 19.31 17.50
N GLY A 2 -23.39 18.87 16.89
CA GLY A 2 -23.35 18.56 15.47
C GLY A 2 -23.97 17.20 15.14
N SER A 3 -24.33 16.43 16.16
CA SER A 3 -24.93 15.11 16.01
C SER A 3 -24.10 14.16 15.15
N LEU A 4 -22.78 14.41 15.05
CA LEU A 4 -21.87 13.58 14.28
C LEU A 4 -21.74 12.18 14.88
N PRO A 5 -21.35 11.18 14.09
CA PRO A 5 -21.19 9.80 14.52
C PRO A 5 -20.18 9.66 15.67
N SER A 6 -20.27 8.56 16.42
CA SER A 6 -19.34 8.26 17.50
C SER A 6 -17.97 7.88 16.93
N ILE A 7 -16.95 7.75 17.78
CA ILE A 7 -15.62 7.38 17.33
C ILE A 7 -15.62 5.95 16.77
N GLU A 8 -16.60 5.12 17.15
CA GLU A 8 -16.72 3.78 16.58
C GLU A 8 -17.49 3.80 15.26
N GLN A 9 -18.52 4.66 15.15
CA GLN A 9 -19.37 4.71 13.98
C GLN A 9 -18.69 5.38 12.79
N MET A 10 -17.78 6.32 13.05
CA MET A 10 -17.03 7.01 12.02
C MET A 10 -16.12 6.06 11.25
N LEU A 11 -15.66 4.98 11.90
CA LEU A 11 -14.82 3.99 11.24
C LEU A 11 -15.61 3.26 10.16
N ALA A 12 -16.91 3.02 10.42
CA ALA A 12 -17.79 2.34 9.47
C ALA A 12 -18.33 3.31 8.42
N ALA A 13 -18.24 4.62 8.68
CA ALA A 13 -18.74 5.63 7.75
C ALA A 13 -17.72 5.98 6.68
N ASN A 14 -16.44 5.69 6.92
CA ASN A 14 -15.36 6.01 6.00
C ASN A 14 -14.25 4.96 6.05
N PRO A 15 -14.57 3.67 5.85
CA PRO A 15 -13.62 2.57 5.89
C PRO A 15 -12.68 2.59 4.69
N GLY A 16 -12.99 3.42 3.68
CA GLY A 16 -12.17 3.54 2.48
C GLY A 16 -10.98 4.48 2.67
N LYS A 17 -10.81 5.02 3.88
CA LYS A 17 -9.72 5.94 4.19
C LYS A 17 -8.76 5.33 5.19
N THR A 18 -7.57 5.93 5.29
CA THR A 18 -6.60 5.60 6.32
C THR A 18 -7.02 6.13 7.69
N PRO A 19 -6.64 5.45 8.78
CA PRO A 19 -6.93 5.90 10.13
C PRO A 19 -6.22 7.22 10.43
N ILE A 20 -5.23 7.59 9.61
CA ILE A 20 -4.54 8.87 9.74
C ILE A 20 -5.55 10.00 9.49
N SER A 21 -6.35 9.84 8.43
CA SER A 21 -7.35 10.81 8.06
C SER A 21 -8.53 10.80 9.04
N LEU A 22 -8.86 9.65 9.61
CA LEU A 22 -9.94 9.61 10.59
C LEU A 22 -9.51 10.35 11.85
N LEU A 23 -8.21 10.33 12.18
CA LEU A 23 -7.70 11.10 13.30
C LEU A 23 -7.74 12.60 12.99
N GLN A 24 -7.68 12.97 11.71
CA GLN A 24 -7.82 14.37 11.32
C GLN A 24 -9.28 14.81 11.44
N GLU A 25 -10.23 13.93 11.12
CA GLU A 25 -11.64 14.24 11.24
C GLU A 25 -12.06 14.25 12.71
N TYR A 26 -11.56 13.30 13.49
CA TYR A 26 -11.87 13.23 14.91
C TYR A 26 -11.15 14.29 15.75
N GLY A 27 -9.94 14.64 15.36
CA GLY A 27 -9.11 15.59 16.08
C GLY A 27 -9.78 16.96 16.15
N THR A 28 -10.35 17.43 15.05
CA THR A 28 -10.99 18.74 15.02
C THR A 28 -12.20 18.87 15.95
N ARG A 29 -12.88 17.75 16.20
CA ARG A 29 -14.03 17.71 17.09
C ARG A 29 -13.61 17.83 18.54
N ILE A 30 -12.45 17.26 18.90
CA ILE A 30 -11.93 17.32 20.26
C ILE A 30 -10.93 18.46 20.44
N GLY A 31 -10.63 19.21 19.37
CA GLY A 31 -9.74 20.36 19.43
C GLY A 31 -8.26 19.95 19.43
N LYS A 32 -7.98 18.65 19.46
CA LYS A 32 -6.62 18.12 19.40
C LYS A 32 -6.19 17.92 17.95
N THR A 33 -4.89 17.73 17.73
CA THR A 33 -4.38 17.37 16.41
C THR A 33 -3.35 16.25 16.47
N PRO A 34 -3.49 15.20 15.65
CA PRO A 34 -2.55 14.09 15.61
C PRO A 34 -1.23 14.54 15.00
N VAL A 35 -0.22 14.78 15.83
CA VAL A 35 1.12 15.12 15.36
C VAL A 35 1.92 13.88 14.97
N TYR A 36 2.58 13.88 13.80
CA TYR A 36 3.32 12.71 13.34
C TYR A 36 4.84 12.87 13.35
N ASP A 37 5.54 11.92 13.98
CA ASP A 37 7.00 11.92 14.08
C ASP A 37 7.66 10.63 13.64
N LEU A 38 8.77 10.73 12.88
CA LEU A 38 9.55 9.57 12.46
C LEU A 38 10.49 9.14 13.59
N LEU A 39 10.22 7.97 14.18
CA LEU A 39 10.99 7.44 15.30
C LEU A 39 12.26 6.74 14.84
N LYS A 40 12.23 6.09 13.67
CA LYS A 40 13.37 5.31 13.21
C LYS A 40 13.37 5.17 11.70
N ALA A 41 14.57 5.12 11.11
CA ALA A 41 14.75 4.99 9.68
C ALA A 41 16.05 4.24 9.38
N GLU A 42 15.95 2.94 9.16
CA GLU A 42 17.12 2.09 8.93
C GLU A 42 16.81 0.93 7.98
N GLY A 43 17.83 0.15 7.64
CA GLY A 43 17.73 -1.01 6.77
C GLY A 43 18.04 -0.68 5.31
N GLN A 44 18.45 -1.68 4.55
CA GLN A 44 18.81 -1.54 3.14
C GLN A 44 17.57 -1.28 2.29
N ALA A 45 17.77 -0.79 1.06
CA ALA A 45 16.71 -0.49 0.11
C ALA A 45 16.05 -1.75 -0.44
N HIS A 46 15.91 -2.80 0.37
CA HIS A 46 15.43 -4.10 -0.10
C HIS A 46 14.60 -4.78 1.00
N GLN A 47 14.82 -4.36 2.25
CA GLN A 47 14.06 -4.82 3.41
C GLN A 47 14.23 -3.81 4.56
N PRO A 48 13.90 -2.54 4.33
CA PRO A 48 14.04 -1.48 5.31
C PRO A 48 12.95 -1.57 6.36
N ASN A 49 13.08 -0.79 7.44
CA ASN A 49 12.09 -0.75 8.50
C ASN A 49 12.00 0.65 9.08
N PHE A 50 10.76 1.18 9.15
CA PHE A 50 10.49 2.52 9.64
C PHE A 50 9.58 2.53 10.85
N THR A 51 9.68 3.57 11.68
CA THR A 51 8.80 3.76 12.84
C THR A 51 8.16 5.14 12.87
N PHE A 52 6.86 5.18 13.13
CA PHE A 52 6.11 6.41 13.32
C PHE A 52 5.44 6.50 14.68
N ARG A 53 5.30 7.73 15.20
CA ARG A 53 4.51 7.96 16.40
C ARG A 53 3.49 9.04 16.09
N VAL A 54 2.31 8.93 16.71
CA VAL A 54 1.25 9.92 16.57
C VAL A 54 0.91 10.43 17.96
N THR A 55 0.64 11.72 18.07
CA THR A 55 0.28 12.35 19.32
C THR A 55 -1.05 13.08 19.24
N VAL A 56 -2.01 12.67 20.09
CA VAL A 56 -3.34 13.24 20.12
C VAL A 56 -3.65 13.59 21.57
N GLY A 57 -3.57 14.88 21.92
CA GLY A 57 -3.76 15.30 23.29
C GLY A 57 -2.72 14.66 24.21
N ASP A 58 -3.15 14.23 25.38
CA ASP A 58 -2.28 13.59 26.37
C ASP A 58 -1.84 12.16 26.06
N THR A 59 -2.07 11.70 24.83
CA THR A 59 -1.75 10.34 24.41
C THR A 59 -0.96 10.20 23.12
N SER A 60 -0.07 9.20 23.04
CA SER A 60 0.68 8.93 21.83
C SER A 60 0.94 7.44 21.67
N CYS A 61 1.03 6.98 20.41
CA CYS A 61 1.24 5.59 20.07
C CYS A 61 2.13 5.46 18.84
N THR A 62 2.69 4.27 18.61
CA THR A 62 3.59 4.03 17.47
C THR A 62 3.14 2.91 16.53
N GLY A 63 3.80 2.85 15.38
CA GLY A 63 3.56 1.83 14.36
C GLY A 63 4.78 1.70 13.45
N GLN A 64 4.84 0.64 12.65
CA GLN A 64 5.97 0.37 11.77
C GLN A 64 5.53 -0.17 10.42
N GLY A 65 6.45 -0.16 9.44
CA GLY A 65 6.20 -0.69 8.12
C GLY A 65 7.46 -0.66 7.24
N PRO A 66 7.39 -1.29 6.06
CA PRO A 66 8.48 -1.36 5.10
C PRO A 66 8.67 -0.03 4.36
N SER A 67 7.82 0.96 4.65
CA SER A 67 7.90 2.28 4.04
C SER A 67 7.30 3.30 5.00
N LYS A 68 7.61 4.59 4.81
CA LYS A 68 7.04 5.63 5.66
C LYS A 68 5.54 5.78 5.41
N LYS A 69 5.09 5.36 4.22
CA LYS A 69 3.68 5.40 3.85
C LYS A 69 2.90 4.35 4.65
N ALA A 70 3.44 3.14 4.73
CA ALA A 70 2.83 2.06 5.48
C ALA A 70 3.01 2.22 6.98
N ALA A 71 4.13 2.81 7.42
CA ALA A 71 4.43 2.92 8.83
C ALA A 71 3.53 3.95 9.53
N LYS A 72 3.11 5.00 8.81
CA LYS A 72 2.23 6.00 9.40
C LYS A 72 0.82 5.44 9.60
N HIS A 73 0.40 4.57 8.69
CA HIS A 73 -0.94 3.99 8.70
C HIS A 73 -1.16 3.18 9.98
N LYS A 74 -0.15 2.39 10.38
CA LYS A 74 -0.24 1.59 11.58
C LYS A 74 -0.36 2.43 12.83
N ALA A 75 0.40 3.53 12.95
CA ALA A 75 0.45 4.28 14.20
C ALA A 75 -0.87 4.98 14.49
N ALA A 76 -1.60 5.41 13.45
CA ALA A 76 -2.85 6.12 13.66
C ALA A 76 -3.93 5.21 14.21
N GLU A 77 -3.95 3.94 13.80
CA GLU A 77 -4.99 3.02 14.25
C GLU A 77 -4.80 2.72 15.73
N VAL A 78 -3.54 2.71 16.22
CA VAL A 78 -3.25 2.42 17.61
C VAL A 78 -3.72 3.55 18.53
N ALA A 79 -3.65 4.80 18.07
CA ALA A 79 -4.10 5.93 18.89
C ALA A 79 -5.62 5.88 19.03
N LEU A 80 -6.31 5.52 17.94
CA LEU A 80 -7.77 5.44 17.91
C LEU A 80 -8.28 4.41 18.93
N LYS A 81 -7.53 3.34 19.17
CA LYS A 81 -7.93 2.32 20.14
C LYS A 81 -7.95 2.89 21.56
N HIS A 82 -6.97 3.74 21.90
CA HIS A 82 -6.92 4.36 23.21
C HIS A 82 -7.92 5.50 23.33
N LEU A 83 -8.28 6.13 22.21
CA LEU A 83 -9.28 7.19 22.19
C LEU A 83 -10.69 6.60 22.26
N LYS A 84 -10.84 5.33 21.85
CA LYS A 84 -12.09 4.59 21.97
C LYS A 84 -12.30 4.05 23.39
N GLY A 85 -11.27 4.13 24.24
CA GLY A 85 -11.31 3.65 25.61
C GLY A 85 -11.92 4.68 26.55
N CYS A 146 8.24 -14.40 -4.02
CA CYS A 146 8.52 -12.95 -3.97
C CYS A 146 9.22 -12.52 -5.26
N ASN A 147 9.20 -11.22 -5.56
CA ASN A 147 9.82 -10.64 -6.75
C ASN A 147 9.45 -11.41 -8.02
N PRO A 148 8.16 -11.45 -8.38
CA PRO A 148 7.67 -12.27 -9.48
C PRO A 148 8.31 -11.90 -10.82
N VAL A 149 8.64 -10.62 -11.01
CA VAL A 149 9.24 -10.17 -12.26
C VAL A 149 10.71 -10.55 -12.38
N GLY A 150 11.41 -10.59 -11.25
CA GLY A 150 12.83 -10.93 -11.23
C GLY A 150 13.01 -12.43 -11.42
N ALA A 151 12.10 -13.24 -10.90
CA ALA A 151 12.14 -14.68 -11.12
C ALA A 151 11.73 -15.01 -12.55
N LEU A 152 10.79 -14.25 -13.13
CA LEU A 152 10.32 -14.51 -14.48
C LEU A 152 11.39 -14.19 -15.52
N GLN A 153 12.05 -13.03 -15.41
CA GLN A 153 13.07 -12.66 -16.37
C GLN A 153 14.22 -13.66 -16.32
N GLU A 154 14.50 -14.24 -15.14
CA GLU A 154 15.56 -15.23 -15.00
C GLU A 154 15.19 -16.51 -15.73
N LEU A 155 13.90 -16.88 -15.71
CA LEU A 155 13.42 -18.09 -16.39
C LEU A 155 13.44 -17.87 -17.89
N VAL A 156 12.92 -16.72 -18.34
CA VAL A 156 12.90 -16.37 -19.75
C VAL A 156 14.31 -16.40 -20.32
N VAL A 157 15.31 -15.93 -19.57
CA VAL A 157 16.70 -15.94 -20.00
C VAL A 157 17.24 -17.38 -19.96
N GLN A 158 16.81 -18.17 -18.97
CA GLN A 158 17.29 -19.54 -18.83
C GLN A 158 16.78 -20.42 -19.97
N LYS A 159 15.59 -20.10 -20.51
CA LYS A 159 15.02 -20.81 -21.65
C LYS A 159 15.75 -20.50 -22.96
N GLY A 160 16.52 -19.42 -22.99
CA GLY A 160 17.19 -18.97 -24.19
C GLY A 160 16.35 -17.97 -24.98
N TRP A 161 15.28 -17.45 -24.37
CA TRP A 161 14.40 -16.49 -25.00
C TRP A 161 14.95 -15.08 -24.80
N ARG A 162 14.41 -14.10 -25.53
CA ARG A 162 14.79 -12.71 -25.37
C ARG A 162 14.11 -12.12 -24.13
N LEU A 163 14.61 -10.98 -23.64
CA LEU A 163 14.10 -10.34 -22.44
C LEU A 163 12.61 -10.00 -22.61
N PRO A 164 11.84 -10.05 -21.51
CA PRO A 164 10.41 -9.77 -21.52
C PRO A 164 10.14 -8.28 -21.74
N GLU A 165 8.90 -7.96 -22.12
CA GLU A 165 8.48 -6.59 -22.37
C GLU A 165 7.16 -6.29 -21.66
N TYR A 166 7.00 -5.04 -21.23
CA TYR A 166 5.82 -4.60 -20.48
C TYR A 166 5.13 -3.34 -21.00
N THR A 167 3.81 -3.42 -21.16
CA THR A 167 2.99 -2.27 -21.57
C THR A 167 1.63 -2.20 -20.89
N VAL A 168 1.26 -1.00 -20.41
CA VAL A 168 -0.05 -0.81 -19.78
C VAL A 168 -1.01 -0.40 -20.89
N THR A 169 -2.14 -1.11 -20.98
CA THR A 169 -3.18 -0.85 -21.98
C THR A 169 -4.47 -0.25 -21.44
N GLN A 170 -4.56 -0.04 -20.13
CA GLN A 170 -5.79 0.43 -19.51
C GLN A 170 -5.50 1.09 -18.16
N GLU A 171 -6.44 1.93 -17.72
CA GLU A 171 -6.37 2.63 -16.45
C GLU A 171 -7.77 2.99 -15.96
N SER A 172 -7.94 3.11 -14.64
CA SER A 172 -9.19 3.58 -14.06
C SER A 172 -9.29 5.09 -14.19
N GLY A 173 -10.52 5.62 -14.06
CA GLY A 173 -10.77 7.04 -14.22
C GLY A 173 -10.34 7.90 -13.04
N PRO A 174 -10.75 7.58 -11.80
CA PRO A 174 -10.45 8.41 -10.65
C PRO A 174 -8.99 8.27 -10.24
N ALA A 175 -8.27 9.39 -10.19
CA ALA A 175 -6.87 9.39 -9.83
C ALA A 175 -6.68 9.16 -8.32
N HIS A 176 -7.71 9.43 -7.52
CA HIS A 176 -7.63 9.24 -6.07
C HIS A 176 -7.75 7.76 -5.69
N ARG A 177 -8.13 6.91 -6.65
CA ARG A 177 -8.30 5.48 -6.43
C ARG A 177 -7.82 4.75 -7.68
N LYS A 178 -6.68 5.22 -8.20
CA LYS A 178 -6.11 4.80 -9.47
C LYS A 178 -5.81 3.30 -9.50
N GLU A 179 -5.94 2.71 -10.69
CA GLU A 179 -5.61 1.32 -10.96
C GLU A 179 -5.13 1.21 -12.41
N PHE A 180 -4.38 0.14 -12.69
CA PHE A 180 -3.72 -0.07 -13.96
C PHE A 180 -3.86 -1.51 -14.44
N THR A 181 -3.84 -1.68 -15.77
CA THR A 181 -3.78 -2.99 -16.39
C THR A 181 -2.60 -3.15 -17.33
N MET A 182 -1.74 -4.13 -17.07
CA MET A 182 -0.49 -4.26 -17.82
C MET A 182 -0.29 -5.64 -18.41
N THR A 183 0.28 -5.68 -19.61
CA THR A 183 0.58 -6.90 -20.35
C THR A 183 2.05 -7.32 -20.28
N CYS A 184 2.28 -8.63 -20.19
CA CYS A 184 3.61 -9.21 -20.26
C CYS A 184 3.75 -9.90 -21.62
N ARG A 185 4.92 -9.80 -22.25
CA ARG A 185 5.14 -10.37 -23.56
C ARG A 185 6.42 -11.19 -23.59
N VAL A 186 6.33 -12.40 -24.14
CA VAL A 186 7.43 -13.34 -24.28
C VAL A 186 7.36 -13.89 -25.72
N GLU A 187 8.37 -14.66 -26.15
CA GLU A 187 8.48 -15.12 -27.52
C GLU A 187 7.23 -15.84 -28.03
N ARG A 188 6.50 -16.53 -27.15
CA ARG A 188 5.28 -17.23 -27.51
C ARG A 188 4.15 -16.98 -26.51
N PHE A 189 4.49 -16.51 -25.31
CA PHE A 189 3.52 -16.31 -24.24
C PHE A 189 3.14 -14.84 -24.05
N ILE A 190 1.87 -14.59 -23.74
CA ILE A 190 1.36 -13.25 -23.48
C ILE A 190 0.24 -13.33 -22.44
N GLU A 191 0.33 -12.50 -21.39
CA GLU A 191 -0.63 -12.50 -20.30
C GLU A 191 -0.77 -11.12 -19.66
N ILE A 192 -1.79 -10.94 -18.81
CA ILE A 192 -2.12 -9.64 -18.25
C ILE A 192 -2.30 -9.70 -16.73
N GLY A 193 -2.00 -8.57 -16.06
CA GLY A 193 -2.20 -8.39 -14.63
C GLY A 193 -2.66 -6.95 -14.38
N SER A 194 -2.92 -6.60 -13.11
CA SER A 194 -3.45 -5.30 -12.75
C SER A 194 -3.05 -4.90 -11.33
N GLY A 195 -3.17 -3.61 -11.02
CA GLY A 195 -2.81 -3.12 -9.69
C GLY A 195 -2.94 -1.61 -9.58
N THR A 196 -2.84 -1.10 -8.35
CA THR A 196 -2.96 0.32 -8.05
C THR A 196 -1.78 1.18 -8.47
N SER A 197 -0.78 0.56 -9.11
CA SER A 197 0.41 1.21 -9.61
C SER A 197 0.89 0.43 -10.83
N LYS A 198 1.63 1.06 -11.75
CA LYS A 198 2.08 0.36 -12.95
C LYS A 198 3.04 -0.76 -12.59
N LYS A 199 3.93 -0.52 -11.62
CA LYS A 199 4.88 -1.53 -11.17
C LYS A 199 4.14 -2.64 -10.41
N LEU A 200 3.05 -2.32 -9.73
CA LEU A 200 2.24 -3.30 -9.04
C LEU A 200 1.41 -4.12 -10.03
N ALA A 201 0.97 -3.51 -11.12
CA ALA A 201 0.30 -4.25 -12.18
C ALA A 201 1.31 -5.13 -12.91
N LYS A 202 2.57 -4.67 -12.97
CA LYS A 202 3.66 -5.39 -13.61
C LYS A 202 4.04 -6.64 -12.82
N ARG A 203 4.08 -6.55 -11.48
CA ARG A 203 4.41 -7.70 -10.65
C ARG A 203 3.31 -8.75 -10.72
N ASN A 204 2.06 -8.30 -10.85
CA ASN A 204 0.92 -9.20 -10.93
C ASN A 204 0.85 -9.92 -12.27
N ALA A 205 1.14 -9.22 -13.37
CA ALA A 205 1.16 -9.86 -14.68
C ALA A 205 2.27 -10.92 -14.75
N ALA A 206 3.39 -10.66 -14.08
CA ALA A 206 4.51 -11.60 -14.03
C ALA A 206 4.15 -12.83 -13.21
N ALA A 207 3.41 -12.66 -12.13
CA ALA A 207 3.04 -13.78 -11.27
C ALA A 207 2.19 -14.80 -12.03
N LYS A 208 1.34 -14.35 -12.94
CA LYS A 208 0.53 -15.27 -13.74
C LYS A 208 1.42 -15.98 -14.77
N MET A 209 2.39 -15.25 -15.35
CA MET A 209 3.28 -15.79 -16.35
C MET A 209 4.20 -16.86 -15.79
N LEU A 210 4.68 -16.69 -14.55
CA LEU A 210 5.52 -17.70 -13.92
C LEU A 210 4.86 -19.08 -13.94
N LEU A 211 3.53 -19.14 -13.95
CA LEU A 211 2.83 -20.42 -13.99
C LEU A 211 2.66 -20.90 -15.43
N ARG A 212 2.65 -19.95 -16.38
CA ARG A 212 2.47 -20.22 -17.80
C ARG A 212 3.75 -20.74 -18.46
N VAL A 213 4.87 -20.04 -18.23
CA VAL A 213 6.13 -20.36 -18.88
C VAL A 213 6.86 -21.52 -18.21
N HIS A 214 6.64 -21.71 -16.90
CA HIS A 214 7.31 -22.76 -16.15
C HIS A 214 6.56 -24.08 -16.28
N THR A 215 7.30 -25.19 -16.21
CA THR A 215 6.76 -26.54 -16.38
C THR A 215 7.32 -27.58 -15.40
N GLY A 1 -16.64 20.69 20.06
CA GLY A 1 -17.35 19.45 19.67
C GLY A 1 -17.76 19.47 18.20
N GLY A 2 -18.80 18.71 17.86
CA GLY A 2 -19.33 18.65 16.50
C GLY A 2 -20.50 17.69 16.41
N SER A 3 -21.36 17.88 15.41
CA SER A 3 -22.55 17.08 15.22
C SER A 3 -22.27 15.74 14.54
N LEU A 4 -20.99 15.46 14.22
CA LEU A 4 -20.61 14.22 13.57
C LEU A 4 -20.81 13.04 14.53
N PRO A 5 -20.88 11.81 14.00
CA PRO A 5 -21.07 10.60 14.78
C PRO A 5 -20.00 10.39 15.86
N SER A 6 -20.26 9.45 16.77
CA SER A 6 -19.34 9.11 17.85
C SER A 6 -18.04 8.54 17.30
N ILE A 7 -16.99 8.49 18.13
CA ILE A 7 -15.67 8.06 17.69
C ILE A 7 -15.68 6.61 17.19
N GLU A 8 -16.65 5.80 17.63
CA GLU A 8 -16.78 4.44 17.13
C GLU A 8 -17.49 4.37 15.79
N GLN A 9 -18.51 5.23 15.61
CA GLN A 9 -19.35 5.20 14.41
C GLN A 9 -18.65 5.84 13.21
N MET A 10 -17.76 6.81 13.46
CA MET A 10 -17.02 7.48 12.40
C MET A 10 -16.07 6.52 11.70
N LEU A 11 -15.61 5.48 12.40
CA LEU A 11 -14.75 4.47 11.81
C LEU A 11 -15.52 3.68 10.75
N ALA A 12 -16.80 3.43 10.99
CA ALA A 12 -17.67 2.72 10.07
C ALA A 12 -18.22 3.63 8.97
N ALA A 13 -18.10 4.95 9.15
CA ALA A 13 -18.59 5.91 8.17
C ALA A 13 -17.54 6.18 7.08
N ASN A 14 -16.27 5.92 7.38
CA ASN A 14 -15.17 6.15 6.44
C ASN A 14 -14.05 5.11 6.61
N PRO A 15 -14.39 3.82 6.55
CA PRO A 15 -13.45 2.72 6.77
C PRO A 15 -12.44 2.59 5.62
N GLY A 16 -12.69 3.27 4.50
CA GLY A 16 -11.81 3.22 3.34
C GLY A 16 -10.60 4.13 3.49
N LYS A 17 -10.64 5.06 4.44
CA LYS A 17 -9.53 5.99 4.68
C LYS A 17 -8.54 5.40 5.68
N THR A 18 -7.37 6.03 5.76
CA THR A 18 -6.39 5.74 6.80
C THR A 18 -6.85 6.33 8.13
N PRO A 19 -6.48 5.71 9.27
CA PRO A 19 -6.81 6.19 10.59
C PRO A 19 -6.16 7.54 10.86
N ILE A 20 -5.22 7.96 10.01
CA ILE A 20 -4.56 9.25 10.16
C ILE A 20 -5.56 10.37 9.92
N SER A 21 -6.40 10.20 8.89
CA SER A 21 -7.39 11.20 8.55
C SER A 21 -8.53 11.23 9.56
N LEU A 22 -8.88 10.08 10.15
CA LEU A 22 -9.95 10.05 11.14
C LEU A 22 -9.47 10.78 12.40
N LEU A 23 -8.18 10.72 12.72
CA LEU A 23 -7.65 11.48 13.85
C LEU A 23 -7.66 12.98 13.53
N GLN A 24 -7.57 13.36 12.25
CA GLN A 24 -7.66 14.77 11.88
C GLN A 24 -9.11 15.25 11.97
N GLU A 25 -10.06 14.41 11.54
CA GLU A 25 -11.47 14.75 11.60
C GLU A 25 -11.94 14.79 13.06
N TYR A 26 -11.52 13.80 13.85
CA TYR A 26 -11.83 13.75 15.26
C TYR A 26 -11.12 14.83 16.09
N GLY A 27 -9.89 15.16 15.68
CA GLY A 27 -9.05 16.10 16.39
C GLY A 27 -9.66 17.50 16.41
N THR A 28 -10.15 17.97 15.26
CA THR A 28 -10.73 19.31 15.18
C THR A 28 -11.94 19.51 16.08
N ARG A 29 -12.69 18.44 16.33
CA ARG A 29 -13.86 18.49 17.20
C ARG A 29 -13.47 18.64 18.66
N ILE A 30 -12.35 18.02 19.06
CA ILE A 30 -11.87 18.08 20.44
C ILE A 30 -10.83 19.18 20.65
N GLY A 31 -10.46 19.91 19.59
CA GLY A 31 -9.50 21.01 19.68
C GLY A 31 -8.05 20.51 19.69
N LYS A 32 -7.84 19.19 19.57
CA LYS A 32 -6.52 18.58 19.57
C LYS A 32 -6.07 18.32 18.13
N THR A 33 -4.77 18.08 17.93
CA THR A 33 -4.24 17.68 16.63
C THR A 33 -3.25 16.53 16.76
N PRO A 34 -3.38 15.48 15.96
CA PRO A 34 -2.47 14.36 15.97
C PRO A 34 -1.12 14.76 15.39
N VAL A 35 -0.13 15.02 16.25
CA VAL A 35 1.23 15.32 15.80
C VAL A 35 1.97 14.04 15.42
N TYR A 36 2.73 14.04 14.33
CA TYR A 36 3.44 12.84 13.90
C TYR A 36 4.97 12.95 13.92
N ASP A 37 5.63 11.97 14.55
CA ASP A 37 7.08 11.90 14.66
C ASP A 37 7.69 10.56 14.26
N LEU A 38 8.79 10.59 13.50
CA LEU A 38 9.51 9.40 13.09
C LEU A 38 10.51 9.01 14.18
N LEU A 39 10.29 7.87 14.85
CA LEU A 39 11.17 7.46 15.94
C LEU A 39 12.42 6.75 15.45
N LYS A 40 12.36 6.11 14.28
CA LYS A 40 13.47 5.29 13.80
C LYS A 40 13.47 5.21 12.28
N ALA A 41 14.68 5.15 11.71
CA ALA A 41 14.88 5.04 10.28
C ALA A 41 16.19 4.30 10.01
N GLU A 42 16.10 2.97 9.87
CA GLU A 42 17.24 2.10 9.65
C GLU A 42 17.16 1.42 8.29
N GLY A 43 18.22 0.70 7.91
CA GLY A 43 18.30 0.02 6.63
C GLY A 43 18.64 1.02 5.52
N GLN A 44 18.70 0.53 4.27
CA GLN A 44 19.03 1.37 3.13
C GLN A 44 18.19 1.05 1.88
N ALA A 45 17.43 -0.06 1.91
CA ALA A 45 16.59 -0.43 0.77
C ALA A 45 15.51 -1.41 1.20
N HIS A 46 15.89 -2.55 1.78
CA HIS A 46 14.95 -3.56 2.24
C HIS A 46 14.82 -3.53 3.76
N GLN A 47 13.64 -3.91 4.25
CA GLN A 47 13.34 -4.01 5.67
C GLN A 47 13.81 -2.78 6.45
N PRO A 48 13.43 -1.56 6.03
CA PRO A 48 13.85 -0.33 6.67
C PRO A 48 13.21 -0.16 8.04
N ASN A 49 12.19 -0.99 8.34
CA ASN A 49 11.51 -1.06 9.62
C ASN A 49 11.31 0.34 10.22
N PHE A 50 10.35 1.09 9.67
CA PHE A 50 10.07 2.44 10.13
C PHE A 50 9.24 2.49 11.41
N THR A 51 9.40 3.55 12.21
CA THR A 51 8.60 3.75 13.41
C THR A 51 7.99 5.14 13.49
N PHE A 52 6.68 5.20 13.73
CA PHE A 52 5.97 6.45 13.94
C PHE A 52 5.32 6.58 15.31
N ARG A 53 5.24 7.80 15.82
CA ARG A 53 4.48 8.09 17.03
C ARG A 53 3.48 9.17 16.71
N VAL A 54 2.29 9.10 17.31
CA VAL A 54 1.28 10.11 17.14
C VAL A 54 0.96 10.68 18.52
N THR A 55 0.69 11.99 18.57
CA THR A 55 0.32 12.68 19.80
C THR A 55 -1.01 13.41 19.70
N VAL A 56 -1.97 13.04 20.55
CA VAL A 56 -3.30 13.64 20.57
C VAL A 56 -3.67 13.96 22.02
N GLY A 57 -3.88 15.24 22.32
CA GLY A 57 -4.28 15.67 23.67
C GLY A 57 -3.27 15.18 24.71
N ASP A 58 -1.98 15.32 24.41
CA ASP A 58 -0.88 14.85 25.25
C ASP A 58 -0.71 13.34 25.39
N THR A 59 -1.65 12.55 24.88
CA THR A 59 -1.49 11.09 24.78
C THR A 59 -0.70 10.68 23.55
N SER A 60 0.16 9.65 23.64
CA SER A 60 0.94 9.23 22.49
C SER A 60 1.13 7.72 22.42
N CYS A 61 1.20 7.22 21.19
CA CYS A 61 1.37 5.80 20.88
C CYS A 61 2.17 5.63 19.60
N THR A 62 2.72 4.44 19.36
CA THR A 62 3.56 4.14 18.20
C THR A 62 3.05 3.03 17.30
N GLY A 63 3.66 2.92 16.13
CA GLY A 63 3.39 1.89 15.13
C GLY A 63 4.59 1.69 14.24
N GLN A 64 4.66 0.55 13.55
CA GLN A 64 5.80 0.20 12.71
C GLN A 64 5.36 -0.49 11.42
N GLY A 65 6.25 -0.51 10.42
CA GLY A 65 5.98 -1.16 9.15
C GLY A 65 7.17 -1.08 8.20
N PRO A 66 7.10 -1.77 7.07
CA PRO A 66 8.14 -1.82 6.04
C PRO A 66 8.22 -0.52 5.26
N SER A 67 7.36 0.45 5.55
CA SER A 67 7.33 1.73 4.87
C SER A 67 6.76 2.79 5.82
N LYS A 68 6.97 4.07 5.51
CA LYS A 68 6.45 5.14 6.35
C LYS A 68 4.93 5.17 6.33
N LYS A 69 4.32 4.65 5.24
CA LYS A 69 2.87 4.59 5.10
C LYS A 69 2.29 3.56 6.08
N ALA A 70 2.94 2.40 6.18
CA ALA A 70 2.48 1.33 7.04
C ALA A 70 2.74 1.65 8.52
N ALA A 71 3.83 2.37 8.81
CA ALA A 71 4.19 2.70 10.17
C ALA A 71 3.33 3.81 10.74
N LYS A 72 2.96 4.81 9.92
CA LYS A 72 2.12 5.91 10.39
C LYS A 72 0.68 5.43 10.59
N HIS A 73 0.22 4.53 9.72
CA HIS A 73 -1.14 4.02 9.77
C HIS A 73 -1.39 3.30 11.09
N LYS A 74 -0.46 2.43 11.48
CA LYS A 74 -0.61 1.65 12.71
C LYS A 74 -0.59 2.55 13.94
N ALA A 75 0.20 3.64 13.94
CA ALA A 75 0.31 4.47 15.12
C ALA A 75 -0.98 5.25 15.36
N ALA A 76 -1.62 5.74 14.29
CA ALA A 76 -2.87 6.48 14.41
C ALA A 76 -3.97 5.56 14.93
N GLU A 77 -3.93 4.28 14.52
CA GLU A 77 -4.89 3.28 14.95
C GLU A 77 -4.78 3.00 16.45
N VAL A 78 -3.59 3.09 17.02
CA VAL A 78 -3.39 2.83 18.44
C VAL A 78 -3.85 4.03 19.28
N ALA A 79 -3.71 5.25 18.77
CA ALA A 79 -4.16 6.41 19.53
C ALA A 79 -5.68 6.42 19.63
N LEU A 80 -6.35 6.01 18.55
CA LEU A 80 -7.81 5.95 18.50
C LEU A 80 -8.35 5.01 19.58
N LYS A 81 -7.63 3.95 19.92
CA LYS A 81 -8.07 3.03 20.97
C LYS A 81 -8.12 3.71 22.33
N HIS A 82 -7.14 4.57 22.63
CA HIS A 82 -7.10 5.30 23.90
C HIS A 82 -8.10 6.45 23.93
N LEU A 83 -8.42 7.00 22.75
CA LEU A 83 -9.41 8.07 22.63
C LEU A 83 -10.82 7.48 22.71
N LYS A 84 -10.97 6.19 22.39
CA LYS A 84 -12.20 5.43 22.58
C LYS A 84 -12.34 4.92 24.02
N GLY A 85 -11.42 5.32 24.89
CA GLY A 85 -11.38 4.88 26.28
C GLY A 85 -12.65 5.27 27.04
N CYS A 146 8.34 -10.80 -2.73
CA CYS A 146 8.16 -11.67 -3.92
C CYS A 146 8.43 -10.88 -5.20
N ASN A 147 9.02 -11.53 -6.20
CA ASN A 147 9.34 -10.91 -7.47
C ASN A 147 9.23 -11.93 -8.60
N PRO A 148 8.01 -12.14 -9.13
CA PRO A 148 7.78 -13.05 -10.23
C PRO A 148 8.35 -12.50 -11.53
N VAL A 149 8.59 -11.19 -11.59
CA VAL A 149 9.15 -10.56 -12.78
C VAL A 149 10.62 -10.92 -12.98
N GLY A 150 11.36 -11.03 -11.86
CA GLY A 150 12.76 -11.43 -11.90
C GLY A 150 12.88 -12.92 -12.17
N ALA A 151 11.98 -13.73 -11.61
CA ALA A 151 11.96 -15.15 -11.86
C ALA A 151 11.64 -15.44 -13.32
N LEU A 152 10.77 -14.64 -13.93
CA LEU A 152 10.44 -14.79 -15.34
C LEU A 152 11.65 -14.39 -16.20
N GLN A 153 12.35 -13.33 -15.81
CA GLN A 153 13.55 -12.89 -16.50
C GLN A 153 14.62 -13.98 -16.49
N GLU A 154 14.74 -14.73 -15.38
CA GLU A 154 15.69 -15.81 -15.30
C GLU A 154 15.28 -16.98 -16.20
N LEU A 155 13.99 -17.28 -16.28
CA LEU A 155 13.49 -18.41 -17.05
C LEU A 155 13.58 -18.13 -18.55
N VAL A 156 13.08 -16.97 -18.99
CA VAL A 156 13.08 -16.58 -20.39
C VAL A 156 14.51 -16.59 -20.92
N VAL A 157 15.48 -16.09 -20.14
CA VAL A 157 16.87 -16.07 -20.57
C VAL A 157 17.46 -17.48 -20.55
N GLN A 158 17.06 -18.31 -19.59
CA GLN A 158 17.57 -19.68 -19.48
C GLN A 158 17.11 -20.52 -20.67
N LYS A 159 15.92 -20.22 -21.20
CA LYS A 159 15.38 -20.89 -22.38
C LYS A 159 16.12 -20.50 -23.66
N GLY A 160 16.87 -19.39 -23.63
CA GLY A 160 17.57 -18.87 -24.79
C GLY A 160 16.69 -17.90 -25.59
N TRP A 161 15.60 -17.42 -24.99
CA TRP A 161 14.68 -16.51 -25.65
C TRP A 161 15.13 -15.06 -25.47
N ARG A 162 14.50 -14.15 -26.22
CA ARG A 162 14.76 -12.71 -26.09
C ARG A 162 14.23 -12.20 -24.76
N LEU A 163 14.71 -11.03 -24.32
CA LEU A 163 14.25 -10.41 -23.09
C LEU A 163 12.75 -10.08 -23.19
N PRO A 164 12.02 -10.12 -22.07
CA PRO A 164 10.60 -9.82 -22.02
C PRO A 164 10.35 -8.34 -22.25
N GLU A 165 9.13 -8.02 -22.68
CA GLU A 165 8.73 -6.65 -22.96
C GLU A 165 7.37 -6.35 -22.35
N TYR A 166 7.14 -5.09 -21.95
CA TYR A 166 5.96 -4.69 -21.20
C TYR A 166 5.25 -3.45 -21.74
N THR A 167 3.92 -3.54 -21.89
CA THR A 167 3.08 -2.42 -22.32
C THR A 167 1.71 -2.34 -21.63
N VAL A 168 1.27 -1.14 -21.26
CA VAL A 168 -0.06 -0.97 -20.68
C VAL A 168 -1.12 -0.94 -21.77
N THR A 169 -2.18 -1.72 -21.60
CA THR A 169 -3.28 -1.76 -22.55
C THR A 169 -4.56 -1.10 -22.05
N GLN A 170 -4.63 -0.81 -20.75
CA GLN A 170 -5.83 -0.26 -20.14
C GLN A 170 -5.53 0.37 -18.78
N GLU A 171 -6.45 1.22 -18.32
CA GLU A 171 -6.35 1.87 -17.02
C GLU A 171 -7.73 2.27 -16.51
N SER A 172 -7.86 2.41 -15.19
CA SER A 172 -9.09 2.84 -14.55
C SER A 172 -9.35 4.32 -14.82
N GLY A 173 -10.58 4.76 -14.59
CA GLY A 173 -10.99 6.13 -14.84
C GLY A 173 -10.61 7.04 -13.68
N PRO A 174 -11.27 6.90 -12.52
CA PRO A 174 -11.01 7.70 -11.34
C PRO A 174 -9.58 7.53 -10.85
N ALA A 175 -8.88 8.64 -10.64
CA ALA A 175 -7.49 8.60 -10.18
C ALA A 175 -7.39 8.21 -8.70
N HIS A 176 -8.48 8.35 -7.93
CA HIS A 176 -8.50 7.97 -6.53
C HIS A 176 -8.75 6.46 -6.38
N ARG A 177 -9.09 5.78 -7.48
CA ARG A 177 -9.35 4.36 -7.50
C ARG A 177 -8.59 3.76 -8.68
N LYS A 178 -7.32 4.16 -8.80
CA LYS A 178 -6.44 3.83 -9.90
C LYS A 178 -6.21 2.33 -10.02
N GLU A 179 -6.12 1.86 -11.26
CA GLU A 179 -5.78 0.49 -11.61
C GLU A 179 -5.15 0.48 -13.00
N PHE A 180 -4.39 -0.58 -13.28
CA PHE A 180 -3.65 -0.74 -14.51
C PHE A 180 -3.79 -2.15 -15.08
N THR A 181 -3.80 -2.25 -16.41
CA THR A 181 -3.73 -3.53 -17.10
C THR A 181 -2.55 -3.59 -18.04
N MET A 182 -1.66 -4.57 -17.83
CA MET A 182 -0.41 -4.63 -18.57
C MET A 182 -0.22 -5.96 -19.27
N THR A 183 0.37 -5.90 -20.46
CA THR A 183 0.71 -7.06 -21.26
C THR A 183 2.20 -7.36 -21.22
N CYS A 184 2.55 -8.65 -21.24
CA CYS A 184 3.94 -9.06 -21.30
C CYS A 184 4.12 -9.96 -22.51
N ARG A 185 5.25 -9.81 -23.22
CA ARG A 185 5.51 -10.53 -24.45
C ARG A 185 6.86 -11.21 -24.43
N VAL A 186 6.89 -12.42 -24.97
CA VAL A 186 8.07 -13.28 -25.06
C VAL A 186 8.14 -13.76 -26.52
N GLU A 187 9.19 -14.49 -26.88
CA GLU A 187 9.45 -14.91 -28.27
C GLU A 187 8.28 -15.68 -28.89
N ARG A 188 7.42 -16.30 -28.07
CA ARG A 188 6.26 -17.02 -28.56
C ARG A 188 5.05 -16.86 -27.63
N PHE A 189 5.29 -16.53 -26.36
CA PHE A 189 4.25 -16.44 -25.35
C PHE A 189 3.85 -15.00 -25.05
N ILE A 190 2.56 -14.78 -24.76
CA ILE A 190 2.02 -13.48 -24.40
C ILE A 190 0.91 -13.66 -23.37
N GLU A 191 0.90 -12.84 -22.32
CA GLU A 191 -0.10 -12.92 -21.27
C GLU A 191 -0.37 -11.54 -20.68
N ILE A 192 -1.43 -11.39 -19.88
CA ILE A 192 -1.85 -10.12 -19.33
C ILE A 192 -2.07 -10.21 -17.81
N GLY A 193 -1.90 -9.07 -17.12
CA GLY A 193 -2.11 -8.95 -15.68
C GLY A 193 -2.60 -7.55 -15.34
N SER A 194 -2.93 -7.31 -14.07
CA SER A 194 -3.45 -6.02 -13.62
C SER A 194 -3.11 -5.74 -12.17
N GLY A 195 -3.26 -4.47 -11.76
CA GLY A 195 -2.98 -4.08 -10.39
C GLY A 195 -3.17 -2.58 -10.16
N THR A 196 -3.17 -2.18 -8.89
CA THR A 196 -3.38 -0.80 -8.48
C THR A 196 -2.17 0.12 -8.64
N SER A 197 -1.10 -0.41 -9.26
CA SER A 197 0.14 0.31 -9.49
C SER A 197 0.77 -0.18 -10.79
N LYS A 198 1.59 0.65 -11.44
CA LYS A 198 2.21 0.29 -12.72
C LYS A 198 3.13 -0.91 -12.51
N LYS A 199 3.89 -0.91 -11.40
CA LYS A 199 4.78 -2.02 -11.05
C LYS A 199 3.98 -3.23 -10.60
N LEU A 200 2.80 -3.03 -10.00
CA LEU A 200 2.00 -4.12 -9.50
C LEU A 200 1.30 -4.86 -10.64
N ALA A 201 0.88 -4.13 -11.68
CA ALA A 201 0.29 -4.76 -12.85
C ALA A 201 1.34 -5.56 -13.60
N LYS A 202 2.60 -5.09 -13.56
CA LYS A 202 3.72 -5.78 -14.18
C LYS A 202 4.04 -7.06 -13.42
N ARG A 203 3.96 -7.00 -12.08
CA ARG A 203 4.13 -8.16 -11.20
C ARG A 203 3.07 -9.21 -11.45
N ASN A 204 1.82 -8.80 -11.69
CA ASN A 204 0.75 -9.75 -11.93
C ASN A 204 0.86 -10.39 -13.31
N ALA A 205 1.19 -9.59 -14.34
CA ALA A 205 1.31 -10.11 -15.68
C ALA A 205 2.44 -11.14 -15.77
N ALA A 206 3.54 -10.89 -15.05
CA ALA A 206 4.66 -11.81 -15.02
C ALA A 206 4.29 -13.09 -14.28
N ALA A 207 3.50 -12.98 -13.22
CA ALA A 207 3.09 -14.15 -12.45
C ALA A 207 2.27 -15.10 -13.31
N LYS A 208 1.43 -14.57 -14.22
CA LYS A 208 0.65 -15.43 -15.11
C LYS A 208 1.56 -16.06 -16.16
N MET A 209 2.57 -15.33 -16.66
CA MET A 209 3.48 -15.90 -17.65
C MET A 209 4.32 -17.03 -17.07
N LEU A 210 4.71 -16.94 -15.80
CA LEU A 210 5.48 -17.99 -15.16
C LEU A 210 4.76 -19.34 -15.24
N LEU A 211 3.43 -19.35 -15.30
CA LEU A 211 2.68 -20.59 -15.42
C LEU A 211 2.57 -21.01 -16.89
N ARG A 212 2.61 -20.03 -17.80
CA ARG A 212 2.51 -20.24 -19.24
C ARG A 212 3.79 -20.84 -19.82
N VAL A 213 4.94 -20.28 -19.45
CA VAL A 213 6.24 -20.68 -19.99
C VAL A 213 6.83 -21.90 -19.30
N HIS A 214 6.58 -22.06 -18.00
CA HIS A 214 7.12 -23.17 -17.22
C HIS A 214 6.21 -24.39 -17.31
N THR A 215 6.70 -25.54 -16.85
CA THR A 215 5.95 -26.80 -16.89
C THR A 215 4.71 -26.86 -16.01
N GLY A 1 -17.94 14.55 9.01
CA GLY A 1 -19.39 14.76 8.86
C GLY A 1 -20.04 15.05 10.21
N GLY A 2 -20.06 16.32 10.61
CA GLY A 2 -20.66 16.72 11.87
C GLY A 2 -19.82 16.26 13.05
N SER A 3 -20.48 15.95 14.17
CA SER A 3 -19.81 15.45 15.36
C SER A 3 -20.71 14.51 16.17
N LEU A 4 -21.91 14.21 15.66
CA LEU A 4 -22.87 13.36 16.35
C LEU A 4 -22.49 11.87 16.28
N PRO A 5 -21.92 11.36 15.18
CA PRO A 5 -21.54 9.96 15.07
C PRO A 5 -20.53 9.54 16.14
N SER A 6 -20.58 8.27 16.53
CA SER A 6 -19.63 7.69 17.48
C SER A 6 -18.27 7.49 16.82
N ILE A 7 -17.21 7.35 17.62
CA ILE A 7 -15.86 7.15 17.10
C ILE A 7 -15.77 5.81 16.37
N GLU A 8 -16.66 4.86 16.69
CA GLU A 8 -16.70 3.58 15.99
C GLU A 8 -17.45 3.70 14.65
N GLN A 9 -18.46 4.58 14.58
CA GLN A 9 -19.30 4.72 13.41
C GLN A 9 -18.61 5.48 12.29
N MET A 10 -17.74 6.43 12.64
CA MET A 10 -17.00 7.24 11.68
C MET A 10 -16.02 6.38 10.89
N LEU A 11 -15.54 5.27 11.47
CA LEU A 11 -14.65 4.35 10.76
C LEU A 11 -15.39 3.66 9.63
N ALA A 12 -16.67 3.34 9.85
CA ALA A 12 -17.51 2.69 8.86
C ALA A 12 -18.10 3.69 7.86
N ALA A 13 -18.03 4.99 8.16
CA ALA A 13 -18.57 6.02 7.29
C ALA A 13 -17.59 6.39 6.17
N ASN A 14 -16.29 6.13 6.38
CA ASN A 14 -15.24 6.47 5.41
C ASN A 14 -14.09 5.46 5.47
N PRO A 15 -14.39 4.16 5.34
CA PRO A 15 -13.40 3.09 5.49
C PRO A 15 -12.38 3.09 4.35
N GLY A 16 -12.63 3.87 3.29
CA GLY A 16 -11.73 3.92 2.15
C GLY A 16 -10.52 4.83 2.40
N LYS A 17 -10.59 5.69 3.43
CA LYS A 17 -9.50 6.59 3.76
C LYS A 17 -8.50 5.91 4.71
N THR A 18 -7.29 6.46 4.80
CA THR A 18 -6.29 5.99 5.75
C THR A 18 -6.71 6.40 7.16
N PRO A 19 -6.23 5.67 8.19
CA PRO A 19 -6.52 6.00 9.57
C PRO A 19 -5.90 7.34 9.96
N ILE A 20 -4.98 7.88 9.15
CA ILE A 20 -4.42 9.21 9.41
C ILE A 20 -5.55 10.23 9.29
N SER A 21 -6.40 10.06 8.28
CA SER A 21 -7.46 11.00 7.98
C SER A 21 -8.56 10.93 9.04
N LEU A 22 -8.96 9.73 9.45
CA LEU A 22 -10.01 9.61 10.45
C LEU A 22 -9.49 10.12 11.79
N LEU A 23 -8.21 9.87 12.10
CA LEU A 23 -7.62 10.33 13.34
C LEU A 23 -7.43 11.85 13.33
N GLN A 24 -7.22 12.43 12.14
CA GLN A 24 -7.08 13.88 12.00
C GLN A 24 -8.44 14.57 12.12
N GLU A 25 -9.45 14.05 11.42
CA GLU A 25 -10.79 14.63 11.44
C GLU A 25 -11.39 14.48 12.83
N TYR A 26 -11.11 13.36 13.50
CA TYR A 26 -11.52 13.16 14.88
C TYR A 26 -10.88 14.15 15.85
N GLY A 27 -9.61 14.47 15.58
CA GLY A 27 -8.85 15.42 16.37
C GLY A 27 -9.51 16.80 16.34
N THR A 28 -10.05 17.20 15.18
CA THR A 28 -10.72 18.49 15.05
C THR A 28 -11.89 18.74 15.98
N ARG A 29 -12.58 17.68 16.41
CA ARG A 29 -13.72 17.80 17.30
C ARG A 29 -13.32 17.77 18.78
N ILE A 30 -12.22 17.07 19.10
CA ILE A 30 -11.74 16.98 20.48
C ILE A 30 -10.69 18.03 20.79
N GLY A 31 -10.28 18.83 19.81
CA GLY A 31 -9.30 19.90 20.01
C GLY A 31 -7.86 19.38 20.03
N LYS A 32 -7.68 18.05 20.08
CA LYS A 32 -6.36 17.42 20.04
C LYS A 32 -5.94 17.24 18.59
N THR A 33 -4.63 17.10 18.34
CA THR A 33 -4.13 16.79 17.00
C THR A 33 -3.07 15.69 17.00
N PRO A 34 -3.18 14.73 16.06
CA PRO A 34 -2.23 13.63 15.94
C PRO A 34 -0.90 14.14 15.37
N VAL A 35 0.10 14.30 16.24
CA VAL A 35 1.45 14.69 15.83
C VAL A 35 2.25 13.48 15.37
N TYR A 36 2.89 13.51 14.20
CA TYR A 36 3.62 12.38 13.66
C TYR A 36 5.15 12.49 13.73
N ASP A 37 5.80 11.47 14.30
CA ASP A 37 7.25 11.41 14.44
C ASP A 37 7.87 10.11 13.93
N LEU A 38 8.99 10.21 13.20
CA LEU A 38 9.72 9.05 12.71
C LEU A 38 10.69 8.56 13.77
N LEU A 39 10.46 7.37 14.34
CA LEU A 39 11.32 6.86 15.40
C LEU A 39 12.56 6.15 14.87
N LYS A 40 12.49 5.63 13.64
CA LYS A 40 13.57 4.80 13.11
C LYS A 40 13.66 4.92 11.59
N ALA A 41 14.89 4.90 11.08
CA ALA A 41 15.16 4.96 9.65
C ALA A 41 16.47 4.23 9.34
N GLU A 42 16.39 2.92 9.13
CA GLU A 42 17.56 2.10 8.85
C GLU A 42 17.70 1.83 7.36
N GLY A 43 18.79 1.15 7.01
CA GLY A 43 18.99 0.63 5.67
C GLY A 43 19.30 1.73 4.67
N GLN A 44 19.36 1.38 3.38
CA GLN A 44 19.61 2.33 2.30
C GLN A 44 18.75 2.04 1.07
N ALA A 45 18.11 0.87 1.02
CA ALA A 45 17.26 0.50 -0.11
C ALA A 45 16.29 -0.62 0.27
N HIS A 46 16.81 -1.75 0.74
CA HIS A 46 15.98 -2.87 1.17
C HIS A 46 15.79 -2.89 2.68
N GLN A 47 14.60 -3.31 3.12
CA GLN A 47 14.24 -3.51 4.52
C GLN A 47 14.68 -2.33 5.42
N PRO A 48 14.25 -1.10 5.10
CA PRO A 48 14.60 0.08 5.87
C PRO A 48 13.92 0.08 7.24
N ASN A 49 12.93 -0.81 7.44
CA ASN A 49 12.22 -1.00 8.69
C ASN A 49 11.88 0.34 9.34
N PHE A 50 10.89 1.05 8.77
CA PHE A 50 10.48 2.34 9.29
C PHE A 50 9.58 2.28 10.52
N THR A 51 9.65 3.30 11.38
CA THR A 51 8.77 3.39 12.54
C THR A 51 8.15 4.78 12.69
N PHE A 52 6.83 4.82 12.88
CA PHE A 52 6.10 6.04 13.15
C PHE A 52 5.44 6.08 14.51
N ARG A 53 5.41 7.25 15.16
CA ARG A 53 4.65 7.45 16.38
C ARG A 53 3.64 8.56 16.14
N VAL A 54 2.46 8.43 16.74
CA VAL A 54 1.44 9.46 16.68
C VAL A 54 1.11 9.85 18.11
N THR A 55 0.91 11.14 18.33
CA THR A 55 0.54 11.69 19.63
C THR A 55 -0.77 12.46 19.57
N VAL A 56 -1.73 12.05 20.39
CA VAL A 56 -3.04 12.69 20.46
C VAL A 56 -3.37 12.92 21.93
N GLY A 57 -3.34 14.17 22.37
CA GLY A 57 -3.58 14.49 23.78
C GLY A 57 -2.54 13.78 24.66
N ASP A 58 -3.00 13.23 25.79
CA ASP A 58 -2.16 12.51 26.73
C ASP A 58 -1.70 11.11 26.30
N THR A 59 -1.96 10.75 25.03
CA THR A 59 -1.64 9.42 24.50
C THR A 59 -0.78 9.40 23.24
N SER A 60 0.09 8.38 23.13
CA SER A 60 0.88 8.18 21.92
C SER A 60 1.08 6.69 21.66
N CYS A 61 1.17 6.33 20.37
CA CYS A 61 1.32 4.95 19.93
C CYS A 61 2.22 4.89 18.70
N THR A 62 2.73 3.70 18.38
CA THR A 62 3.62 3.50 17.23
C THR A 62 3.16 2.44 16.24
N GLY A 63 3.82 2.41 15.08
CA GLY A 63 3.57 1.45 14.01
C GLY A 63 4.78 1.36 13.10
N GLN A 64 4.87 0.29 12.29
CA GLN A 64 6.03 0.04 11.45
C GLN A 64 5.62 -0.46 10.07
N GLY A 65 6.54 -0.41 9.12
CA GLY A 65 6.30 -0.86 7.75
C GLY A 65 7.55 -0.79 6.89
N PRO A 66 7.50 -1.37 5.69
CA PRO A 66 8.60 -1.40 4.74
C PRO A 66 8.83 -0.03 4.07
N SER A 67 7.95 0.94 4.34
CA SER A 67 8.03 2.27 3.78
C SER A 67 7.36 3.26 4.73
N LYS A 68 7.63 4.56 4.55
CA LYS A 68 7.02 5.58 5.38
C LYS A 68 5.52 5.71 5.09
N LYS A 69 5.08 5.26 3.91
CA LYS A 69 3.67 5.28 3.53
C LYS A 69 2.92 4.24 4.35
N ALA A 70 3.45 3.02 4.42
CA ALA A 70 2.81 1.92 5.13
C ALA A 70 2.96 2.05 6.64
N ALA A 71 4.07 2.60 7.11
CA ALA A 71 4.36 2.67 8.54
C ALA A 71 3.48 3.70 9.26
N LYS A 72 3.06 4.76 8.57
CA LYS A 72 2.26 5.82 9.19
C LYS A 72 0.84 5.33 9.47
N HIS A 73 0.32 4.47 8.59
CA HIS A 73 -1.06 3.98 8.71
C HIS A 73 -1.23 3.16 9.99
N LYS A 74 -0.29 2.27 10.29
CA LYS A 74 -0.40 1.39 11.44
C LYS A 74 -0.38 2.18 12.75
N ALA A 75 0.39 3.26 12.84
CA ALA A 75 0.51 3.99 14.09
C ALA A 75 -0.79 4.74 14.40
N ALA A 76 -1.44 5.30 13.37
CA ALA A 76 -2.69 6.01 13.54
C ALA A 76 -3.79 5.05 13.98
N GLU A 77 -3.71 3.81 13.48
CA GLU A 77 -4.67 2.76 13.80
C GLU A 77 -4.55 2.36 15.27
N VAL A 78 -3.35 2.40 15.85
CA VAL A 78 -3.17 2.05 17.25
C VAL A 78 -3.65 3.16 18.17
N ALA A 79 -3.57 4.43 17.75
CA ALA A 79 -4.06 5.53 18.57
C ALA A 79 -5.58 5.47 18.67
N LEU A 80 -6.24 5.15 17.56
CA LEU A 80 -7.69 5.07 17.49
C LEU A 80 -8.25 4.01 18.46
N LYS A 81 -7.50 2.93 18.70
CA LYS A 81 -7.95 1.88 19.62
C LYS A 81 -8.03 2.40 21.06
N HIS A 82 -7.06 3.22 21.47
CA HIS A 82 -7.04 3.80 22.81
C HIS A 82 -8.03 4.96 22.93
N LEU A 83 -8.33 5.63 21.82
CA LEU A 83 -9.30 6.72 21.79
C LEU A 83 -10.73 6.17 21.80
N LYS A 84 -10.88 4.92 21.33
CA LYS A 84 -12.15 4.19 21.39
C LYS A 84 -12.41 3.61 22.78
N GLY A 85 -11.43 3.71 23.69
CA GLY A 85 -11.54 3.21 25.04
C GLY A 85 -12.41 4.12 25.91
N CYS A 146 10.20 -13.47 -2.34
CA CYS A 146 10.84 -13.00 -3.59
C CYS A 146 9.86 -12.21 -4.44
N ASN A 147 10.39 -11.44 -5.40
CA ASN A 147 9.58 -10.65 -6.31
C ASN A 147 9.12 -11.49 -7.51
N PRO A 148 7.86 -11.37 -7.94
CA PRO A 148 7.34 -12.11 -9.07
C PRO A 148 7.91 -11.61 -10.38
N VAL A 149 8.17 -10.30 -10.49
CA VAL A 149 8.75 -9.73 -11.70
C VAL A 149 10.21 -10.13 -11.86
N GLY A 150 10.94 -10.20 -10.75
CA GLY A 150 12.35 -10.58 -10.76
C GLY A 150 12.51 -12.07 -10.99
N ALA A 151 11.67 -12.90 -10.35
CA ALA A 151 11.75 -14.34 -10.55
C ALA A 151 11.44 -14.71 -11.99
N LEU A 152 10.50 -13.99 -12.63
CA LEU A 152 10.18 -14.21 -14.02
C LEU A 152 11.31 -13.77 -14.93
N GLN A 153 11.92 -12.62 -14.63
CA GLN A 153 13.03 -12.11 -15.42
C GLN A 153 14.21 -13.07 -15.41
N GLU A 154 14.50 -13.67 -14.25
CA GLU A 154 15.58 -14.64 -14.15
C GLU A 154 15.24 -15.93 -14.89
N LEU A 155 13.97 -16.33 -14.89
CA LEU A 155 13.56 -17.57 -15.51
C LEU A 155 13.57 -17.47 -17.04
N VAL A 156 13.03 -16.38 -17.59
CA VAL A 156 12.97 -16.15 -19.03
C VAL A 156 14.39 -16.17 -19.58
N VAL A 157 15.35 -15.60 -18.86
CA VAL A 157 16.73 -15.53 -19.32
C VAL A 157 17.38 -16.91 -19.23
N GLN A 158 17.06 -17.70 -18.20
CA GLN A 158 17.67 -19.02 -18.04
C GLN A 158 17.06 -20.04 -19.00
N LYS A 159 15.84 -19.80 -19.48
CA LYS A 159 15.20 -20.64 -20.49
C LYS A 159 15.82 -20.45 -21.88
N GLY A 160 16.56 -19.37 -22.07
CA GLY A 160 17.21 -19.04 -23.33
C GLY A 160 16.31 -18.18 -24.20
N TRP A 161 15.24 -17.61 -23.62
CA TRP A 161 14.28 -16.78 -24.35
C TRP A 161 14.77 -15.33 -24.37
N ARG A 162 14.10 -14.50 -25.18
CA ARG A 162 14.40 -13.08 -25.27
C ARG A 162 13.91 -12.39 -24.00
N LEU A 163 14.42 -11.19 -23.74
CA LEU A 163 14.02 -10.42 -22.57
C LEU A 163 12.52 -10.09 -22.65
N PRO A 164 11.83 -10.06 -21.51
CA PRO A 164 10.40 -9.80 -21.44
C PRO A 164 10.08 -8.34 -21.74
N GLU A 165 8.83 -8.07 -22.13
CA GLU A 165 8.37 -6.73 -22.44
C GLU A 165 7.06 -6.42 -21.70
N TYR A 166 6.88 -5.15 -21.32
CA TYR A 166 5.70 -4.70 -20.60
C TYR A 166 4.97 -3.51 -21.22
N THR A 167 3.65 -3.63 -21.37
CA THR A 167 2.81 -2.55 -21.88
C THR A 167 1.45 -2.42 -21.22
N VAL A 168 1.09 -1.21 -20.80
CA VAL A 168 -0.23 -0.97 -20.20
C VAL A 168 -1.15 -0.56 -21.34
N THR A 169 -2.29 -1.26 -21.44
CA THR A 169 -3.29 -1.02 -22.47
C THR A 169 -4.58 -0.38 -21.98
N GLN A 170 -4.72 -0.17 -20.67
CA GLN A 170 -5.95 0.33 -20.08
C GLN A 170 -5.69 1.00 -18.74
N GLU A 171 -6.62 1.88 -18.35
CA GLU A 171 -6.59 2.59 -17.08
C GLU A 171 -8.00 3.00 -16.67
N SER A 172 -8.22 3.17 -15.37
CA SER A 172 -9.48 3.68 -14.86
C SER A 172 -9.53 5.20 -15.00
N GLY A 173 -10.73 5.76 -14.93
CA GLY A 173 -10.95 7.19 -15.12
C GLY A 173 -10.56 8.04 -13.91
N PRO A 174 -11.06 7.74 -12.69
CA PRO A 174 -10.82 8.56 -11.52
C PRO A 174 -9.38 8.40 -11.03
N ALA A 175 -8.67 9.52 -10.91
CA ALA A 175 -7.28 9.50 -10.47
C ALA A 175 -7.17 9.23 -8.97
N HIS A 176 -8.25 9.47 -8.21
CA HIS A 176 -8.26 9.23 -6.77
C HIS A 176 -8.44 7.74 -6.46
N ARG A 177 -8.82 6.95 -7.47
CA ARG A 177 -9.06 5.52 -7.35
C ARG A 177 -8.48 4.85 -8.58
N LYS A 178 -7.29 5.30 -8.96
CA LYS A 178 -6.62 4.90 -10.19
C LYS A 178 -6.30 3.42 -10.20
N GLU A 179 -6.37 2.81 -11.38
CA GLU A 179 -6.03 1.42 -11.63
C GLU A 179 -5.48 1.29 -13.05
N PHE A 180 -4.73 0.22 -13.29
CA PHE A 180 -4.03 -0.02 -14.53
C PHE A 180 -4.14 -1.47 -14.96
N THR A 181 -4.15 -1.71 -16.27
CA THR A 181 -4.07 -3.05 -16.84
C THR A 181 -2.86 -3.23 -17.75
N MET A 182 -2.00 -4.18 -17.43
CA MET A 182 -0.72 -4.33 -18.12
C MET A 182 -0.52 -5.74 -18.66
N THR A 183 0.12 -5.82 -19.83
CA THR A 183 0.46 -7.06 -20.50
C THR A 183 1.93 -7.41 -20.38
N CYS A 184 2.24 -8.70 -20.23
CA CYS A 184 3.60 -9.20 -20.22
C CYS A 184 3.79 -10.06 -21.46
N ARG A 185 4.96 -9.99 -22.09
CA ARG A 185 5.22 -10.73 -23.31
C ARG A 185 6.57 -11.43 -23.25
N VAL A 186 6.59 -12.67 -23.75
CA VAL A 186 7.76 -13.53 -23.82
C VAL A 186 7.79 -14.13 -25.23
N GLU A 187 8.86 -14.83 -25.58
CA GLU A 187 9.06 -15.35 -26.93
C GLU A 187 7.89 -16.19 -27.43
N ARG A 188 7.15 -16.85 -26.54
CA ARG A 188 5.98 -17.64 -26.90
C ARG A 188 4.79 -17.40 -25.95
N PHE A 189 5.07 -16.89 -24.75
CA PHE A 189 4.05 -16.70 -23.73
C PHE A 189 3.59 -15.27 -23.57
N ILE A 190 2.31 -15.08 -23.26
CA ILE A 190 1.72 -13.76 -23.02
C ILE A 190 0.67 -13.86 -21.92
N GLU A 191 0.60 -12.86 -21.04
CA GLU A 191 -0.35 -12.84 -19.95
C GLU A 191 -0.65 -11.40 -19.52
N ILE A 192 -1.76 -11.19 -18.80
CA ILE A 192 -2.21 -9.87 -18.39
C ILE A 192 -2.46 -9.82 -16.88
N GLY A 193 -2.32 -8.62 -16.30
CA GLY A 193 -2.56 -8.37 -14.88
C GLY A 193 -3.01 -6.92 -14.67
N SER A 194 -3.34 -6.56 -13.43
CA SER A 194 -3.84 -5.23 -13.12
C SER A 194 -3.46 -4.82 -11.70
N GLY A 195 -3.59 -3.51 -11.43
CA GLY A 195 -3.27 -2.98 -10.11
C GLY A 195 -3.43 -1.46 -10.04
N THR A 196 -3.38 -0.93 -8.83
CA THR A 196 -3.54 0.51 -8.57
C THR A 196 -2.34 1.37 -8.97
N SER A 197 -1.33 0.75 -9.56
CA SER A 197 -0.13 1.41 -10.06
C SER A 197 0.40 0.61 -11.24
N LYS A 198 1.17 1.23 -12.14
CA LYS A 198 1.72 0.49 -13.26
C LYS A 198 2.72 -0.55 -12.76
N LYS A 199 3.42 -0.23 -11.67
CA LYS A 199 4.32 -1.14 -11.00
C LYS A 199 3.55 -2.33 -10.42
N LEU A 200 2.38 -2.05 -9.84
CA LEU A 200 1.56 -3.09 -9.23
C LEU A 200 0.87 -3.94 -10.30
N ALA A 201 0.49 -3.32 -11.42
CA ALA A 201 -0.09 -4.05 -12.53
C ALA A 201 0.96 -4.95 -13.18
N LYS A 202 2.22 -4.52 -13.20
CA LYS A 202 3.32 -5.34 -13.69
C LYS A 202 3.53 -6.54 -12.78
N ARG A 203 3.46 -6.30 -11.46
CA ARG A 203 3.62 -7.31 -10.44
C ARG A 203 2.56 -8.39 -10.56
N ASN A 204 1.33 -8.01 -10.88
CA ASN A 204 0.26 -8.97 -11.05
C ASN A 204 0.40 -9.74 -12.36
N ALA A 205 0.73 -9.05 -13.45
CA ALA A 205 0.85 -9.70 -14.74
C ALA A 205 2.00 -10.71 -14.74
N ALA A 206 3.10 -10.38 -14.03
CA ALA A 206 4.22 -11.29 -13.89
C ALA A 206 3.85 -12.48 -13.01
N ALA A 207 3.04 -12.25 -11.96
CA ALA A 207 2.66 -13.31 -11.05
C ALA A 207 1.79 -14.35 -11.77
N LYS A 208 0.90 -13.92 -12.67
CA LYS A 208 0.09 -14.86 -13.43
C LYS A 208 0.96 -15.56 -14.48
N MET A 209 1.92 -14.87 -15.09
CA MET A 209 2.79 -15.48 -16.08
C MET A 209 3.71 -16.53 -15.45
N LEU A 210 4.12 -16.35 -14.19
CA LEU A 210 4.94 -17.35 -13.52
C LEU A 210 4.24 -18.70 -13.49
N LEU A 211 2.90 -18.72 -13.48
CA LEU A 211 2.16 -19.97 -13.51
C LEU A 211 2.12 -20.55 -14.92
N ARG A 212 2.20 -19.67 -15.92
CA ARG A 212 2.17 -20.03 -17.34
C ARG A 212 3.47 -20.66 -17.81
N VAL A 213 4.61 -20.03 -17.48
CA VAL A 213 5.92 -20.49 -17.94
C VAL A 213 6.43 -21.66 -17.10
N HIS A 214 6.08 -21.71 -15.80
CA HIS A 214 6.53 -22.78 -14.93
C HIS A 214 5.63 -24.01 -15.09
N THR A 215 6.13 -25.17 -14.66
CA THR A 215 5.42 -26.44 -14.79
C THR A 215 4.08 -26.54 -14.06
N GLY A 1 -28.69 21.04 14.91
CA GLY A 1 -29.39 19.83 14.44
C GLY A 1 -28.42 18.70 14.18
N GLY A 2 -28.79 17.48 14.59
CA GLY A 2 -27.95 16.31 14.43
C GLY A 2 -26.77 16.31 15.39
N SER A 3 -25.90 15.31 15.25
CA SER A 3 -24.72 15.16 16.09
C SER A 3 -23.67 14.32 15.37
N LEU A 4 -22.41 14.41 15.82
CA LEU A 4 -21.30 13.66 15.24
C LEU A 4 -21.44 12.16 15.52
N PRO A 5 -20.95 11.30 14.62
CA PRO A 5 -20.98 9.86 14.78
C PRO A 5 -20.06 9.42 15.93
N SER A 6 -20.25 8.19 16.41
CA SER A 6 -19.43 7.63 17.48
C SER A 6 -18.00 7.37 16.96
N ILE A 7 -17.05 7.28 17.88
CA ILE A 7 -15.65 7.03 17.55
C ILE A 7 -15.50 5.66 16.88
N GLU A 8 -16.41 4.73 17.13
CA GLU A 8 -16.40 3.43 16.45
C GLU A 8 -17.07 3.50 15.07
N GLN A 9 -18.07 4.38 14.91
CA GLN A 9 -18.83 4.47 13.67
C GLN A 9 -18.06 5.18 12.56
N MET A 10 -17.16 6.11 12.92
CA MET A 10 -16.36 6.83 11.95
C MET A 10 -15.38 5.89 11.24
N LEU A 11 -14.99 4.79 11.89
CA LEU A 11 -14.12 3.80 11.27
C LEU A 11 -14.87 3.09 10.14
N ALA A 12 -16.17 2.82 10.36
CA ALA A 12 -17.01 2.15 9.38
C ALA A 12 -17.55 3.11 8.34
N ALA A 13 -17.40 4.42 8.54
CA ALA A 13 -17.91 5.42 7.61
C ALA A 13 -16.98 5.61 6.42
N ASN A 14 -15.68 5.34 6.59
CA ASN A 14 -14.69 5.50 5.55
C ASN A 14 -13.55 4.49 5.70
N PRO A 15 -13.85 3.18 5.75
CA PRO A 15 -12.88 2.14 6.00
C PRO A 15 -11.90 1.98 4.83
N GLY A 16 -12.16 2.64 3.70
CA GLY A 16 -11.30 2.58 2.53
C GLY A 16 -10.05 3.43 2.68
N LYS A 17 -10.06 4.36 3.65
CA LYS A 17 -8.92 5.23 3.91
C LYS A 17 -8.02 4.66 4.99
N THR A 18 -6.83 5.25 5.13
CA THR A 18 -5.95 4.98 6.25
C THR A 18 -6.49 5.53 7.57
N PRO A 19 -6.14 4.94 8.71
CA PRO A 19 -6.52 5.42 10.02
C PRO A 19 -5.88 6.77 10.30
N ILE A 20 -4.87 7.15 9.50
CA ILE A 20 -4.19 8.43 9.63
C ILE A 20 -5.18 9.54 9.25
N SER A 21 -5.90 9.34 8.15
CA SER A 21 -6.86 10.30 7.65
C SER A 21 -8.08 10.42 8.57
N LEU A 22 -8.50 9.30 9.17
CA LEU A 22 -9.64 9.33 10.09
C LEU A 22 -9.23 9.94 11.42
N LEU A 23 -7.99 9.71 11.86
CA LEU A 23 -7.50 10.30 13.09
C LEU A 23 -7.28 11.81 12.92
N GLN A 24 -6.94 12.24 11.69
CA GLN A 24 -6.83 13.65 11.38
C GLN A 24 -8.21 14.28 11.30
N GLU A 25 -9.21 13.53 10.82
CA GLU A 25 -10.59 14.00 10.77
C GLU A 25 -11.18 14.11 12.18
N TYR A 26 -10.91 13.09 13.02
CA TYR A 26 -11.38 13.07 14.38
C TYR A 26 -10.78 14.14 15.29
N GLY A 27 -9.49 14.43 15.06
CA GLY A 27 -8.76 15.42 15.84
C GLY A 27 -9.43 16.79 15.76
N THR A 28 -9.88 17.17 14.56
CA THR A 28 -10.51 18.47 14.36
C THR A 28 -11.78 18.72 15.18
N ARG A 29 -12.51 17.66 15.50
CA ARG A 29 -13.76 17.77 16.24
C ARG A 29 -13.49 17.95 17.73
N ILE A 30 -12.40 17.34 18.22
CA ILE A 30 -12.02 17.43 19.62
C ILE A 30 -11.02 18.57 19.86
N GLY A 31 -10.67 19.33 18.83
CA GLY A 31 -9.78 20.47 18.96
C GLY A 31 -8.30 20.06 19.07
N LYS A 32 -8.03 18.75 19.11
CA LYS A 32 -6.68 18.21 19.17
C LYS A 32 -6.14 18.02 17.76
N THR A 33 -4.82 17.83 17.64
CA THR A 33 -4.21 17.47 16.36
C THR A 33 -3.19 16.34 16.51
N PRO A 34 -3.31 15.27 15.71
CA PRO A 34 -2.37 14.16 15.74
C PRO A 34 -1.03 14.59 15.17
N VAL A 35 -0.06 14.94 16.03
CA VAL A 35 1.28 15.30 15.61
C VAL A 35 2.09 14.06 15.24
N TYR A 36 2.68 14.05 14.03
CA TYR A 36 3.44 12.89 13.57
C TYR A 36 4.96 13.06 13.58
N ASP A 37 5.68 12.12 14.21
CA ASP A 37 7.14 12.12 14.26
C ASP A 37 7.78 10.79 13.87
N LEU A 38 8.88 10.83 13.10
CA LEU A 38 9.63 9.64 12.73
C LEU A 38 10.64 9.31 13.84
N LEU A 39 10.45 8.18 14.54
CA LEU A 39 11.34 7.82 15.64
C LEU A 39 12.61 7.12 15.16
N LYS A 40 12.54 6.42 14.02
CA LYS A 40 13.65 5.62 13.54
C LYS A 40 13.61 5.45 12.04
N ALA A 41 14.78 5.35 11.42
CA ALA A 41 14.92 5.12 9.99
C ALA A 41 16.21 4.34 9.72
N GLU A 42 16.07 3.03 9.50
CA GLU A 42 17.22 2.15 9.28
C GLU A 42 16.90 1.03 8.31
N GLY A 43 17.89 0.19 8.02
CA GLY A 43 17.77 -0.97 7.15
C GLY A 43 18.07 -0.63 5.69
N GLN A 44 18.47 -1.64 4.92
CA GLN A 44 18.79 -1.49 3.50
C GLN A 44 17.50 -1.30 2.70
N ALA A 45 17.60 -0.71 1.51
CA ALA A 45 16.43 -0.33 0.73
C ALA A 45 15.53 -1.51 0.36
N HIS A 46 16.09 -2.73 0.31
CA HIS A 46 15.32 -3.91 -0.05
C HIS A 46 14.38 -4.34 1.08
N GLN A 47 14.67 -3.94 2.33
CA GLN A 47 13.85 -4.31 3.48
C GLN A 47 14.14 -3.36 4.65
N PRO A 48 13.85 -2.06 4.51
CA PRO A 48 14.08 -1.07 5.53
C PRO A 48 13.03 -1.17 6.63
N ASN A 49 13.23 -0.43 7.72
CA ASN A 49 12.30 -0.41 8.84
C ASN A 49 12.14 1.02 9.36
N PHE A 50 10.87 1.43 9.55
CA PHE A 50 10.54 2.75 10.01
C PHE A 50 9.66 2.76 11.27
N THR A 51 9.71 3.84 12.04
CA THR A 51 8.88 4.02 13.21
C THR A 51 8.23 5.39 13.25
N PHE A 52 6.92 5.43 13.51
CA PHE A 52 6.17 6.66 13.71
C PHE A 52 5.53 6.79 15.07
N ARG A 53 5.42 8.02 15.57
CA ARG A 53 4.69 8.31 16.79
C ARG A 53 3.63 9.35 16.47
N VAL A 54 2.47 9.23 17.12
CA VAL A 54 1.39 10.17 16.96
C VAL A 54 1.04 10.72 18.33
N THR A 55 0.76 12.02 18.40
CA THR A 55 0.37 12.69 19.63
C THR A 55 -0.99 13.39 19.52
N VAL A 56 -1.95 12.98 20.33
CA VAL A 56 -3.30 13.51 20.32
C VAL A 56 -3.67 13.88 21.76
N GLY A 57 -3.68 15.17 22.08
CA GLY A 57 -3.96 15.62 23.43
C GLY A 57 -2.95 15.02 24.40
N ASP A 58 -3.43 14.56 25.55
CA ASP A 58 -2.59 13.96 26.59
C ASP A 58 -2.06 12.56 26.29
N THR A 59 -2.21 12.08 25.04
CA THR A 59 -1.82 10.73 24.65
C THR A 59 -0.89 10.63 23.45
N SER A 60 0.02 9.65 23.46
CA SER A 60 0.89 9.37 22.32
C SER A 60 1.19 7.88 22.21
N CYS A 61 1.30 7.39 20.97
CA CYS A 61 1.57 5.99 20.67
C CYS A 61 2.43 5.86 19.43
N THR A 62 3.01 4.68 19.21
CA THR A 62 3.88 4.40 18.06
C THR A 62 3.43 3.23 17.20
N GLY A 63 4.06 3.11 16.02
CA GLY A 63 3.81 2.04 15.07
C GLY A 63 5.01 1.89 14.14
N GLN A 64 5.10 0.75 13.44
CA GLN A 64 6.23 0.46 12.57
C GLN A 64 5.77 -0.22 11.28
N GLY A 65 6.64 -0.18 10.26
CA GLY A 65 6.38 -0.79 8.97
C GLY A 65 7.57 -0.67 8.03
N PRO A 66 7.53 -1.37 6.89
CA PRO A 66 8.57 -1.39 5.88
C PRO A 66 8.60 -0.09 5.06
N SER A 67 7.68 0.85 5.34
CA SER A 67 7.61 2.11 4.63
C SER A 67 6.98 3.15 5.56
N LYS A 68 7.13 4.44 5.23
CA LYS A 68 6.55 5.49 6.05
C LYS A 68 5.03 5.47 5.97
N LYS A 69 4.46 4.88 4.92
CA LYS A 69 3.01 4.72 4.78
C LYS A 69 2.50 3.70 5.79
N ALA A 70 3.17 2.54 5.89
CA ALA A 70 2.75 1.47 6.76
C ALA A 70 3.06 1.78 8.22
N ALA A 71 4.14 2.52 8.48
CA ALA A 71 4.55 2.84 9.84
C ALA A 71 3.64 3.91 10.44
N LYS A 72 3.23 4.90 9.64
CA LYS A 72 2.33 5.95 10.12
C LYS A 72 0.92 5.38 10.30
N HIS A 73 0.56 4.42 9.45
CA HIS A 73 -0.74 3.76 9.50
C HIS A 73 -0.93 3.05 10.83
N LYS A 74 0.06 2.25 11.25
CA LYS A 74 -0.04 1.51 12.49
C LYS A 74 -0.06 2.45 13.69
N ALA A 75 0.68 3.56 13.66
CA ALA A 75 0.72 4.44 14.82
C ALA A 75 -0.62 5.14 15.00
N ALA A 76 -1.27 5.53 13.90
CA ALA A 76 -2.56 6.18 13.97
C ALA A 76 -3.61 5.21 14.49
N GLU A 77 -3.47 3.93 14.13
CA GLU A 77 -4.37 2.88 14.57
C GLU A 77 -4.27 2.66 16.08
N VAL A 78 -3.08 2.85 16.67
CA VAL A 78 -2.92 2.65 18.11
C VAL A 78 -3.50 3.82 18.89
N ALA A 79 -3.43 5.05 18.36
CA ALA A 79 -4.00 6.20 19.07
C ALA A 79 -5.52 6.06 19.14
N LEU A 80 -6.13 5.60 18.05
CA LEU A 80 -7.58 5.43 17.94
C LEU A 80 -8.09 4.45 18.99
N LYS A 81 -7.30 3.44 19.37
CA LYS A 81 -7.72 2.47 20.39
C LYS A 81 -7.85 3.12 21.76
N HIS A 82 -6.96 4.05 22.09
CA HIS A 82 -7.03 4.78 23.35
C HIS A 82 -8.10 5.87 23.30
N LEU A 83 -8.39 6.40 22.11
CA LEU A 83 -9.41 7.43 21.92
C LEU A 83 -10.80 6.78 21.88
N LYS A 84 -10.86 5.47 21.64
CA LYS A 84 -12.10 4.69 21.74
C LYS A 84 -12.46 4.37 23.18
N GLY A 85 -11.70 4.90 24.15
CA GLY A 85 -11.91 4.64 25.57
C GLY A 85 -13.29 5.09 26.04
N CYS A 146 9.11 -12.06 -2.48
CA CYS A 146 8.30 -12.70 -3.54
C CYS A 146 8.75 -12.24 -4.92
N ASN A 147 8.52 -10.97 -5.26
CA ASN A 147 8.94 -10.35 -6.51
C ASN A 147 8.78 -11.28 -7.71
N PRO A 148 7.54 -11.59 -8.12
CA PRO A 148 7.25 -12.54 -9.17
C PRO A 148 7.80 -12.08 -10.51
N VAL A 149 8.03 -10.77 -10.68
CA VAL A 149 8.63 -10.26 -11.91
C VAL A 149 10.10 -10.63 -12.01
N GLY A 150 10.77 -10.76 -10.87
CA GLY A 150 12.17 -11.15 -10.81
C GLY A 150 12.33 -12.63 -11.09
N ALA A 151 11.41 -13.45 -10.55
CA ALA A 151 11.43 -14.88 -10.82
C ALA A 151 11.17 -15.15 -12.30
N LEU A 152 10.32 -14.35 -12.94
CA LEU A 152 10.05 -14.48 -14.36
C LEU A 152 11.28 -14.04 -15.17
N GLN A 153 11.88 -12.92 -14.79
CA GLN A 153 13.05 -12.38 -15.49
C GLN A 153 14.22 -13.35 -15.42
N GLU A 154 14.35 -14.09 -14.32
CA GLU A 154 15.38 -15.10 -14.19
C GLU A 154 15.10 -16.29 -15.12
N LEU A 155 13.82 -16.68 -15.23
CA LEU A 155 13.43 -17.86 -15.99
C LEU A 155 13.53 -17.64 -17.49
N VAL A 156 13.01 -16.52 -18.00
CA VAL A 156 13.04 -16.20 -19.42
C VAL A 156 14.48 -16.18 -19.93
N VAL A 157 15.42 -15.69 -19.11
CA VAL A 157 16.82 -15.63 -19.49
C VAL A 157 17.42 -17.05 -19.47
N GLN A 158 17.03 -17.88 -18.51
CA GLN A 158 17.59 -19.23 -18.40
C GLN A 158 17.00 -20.18 -19.45
N LYS A 159 15.82 -19.86 -19.98
CA LYS A 159 15.21 -20.63 -21.06
C LYS A 159 15.87 -20.33 -22.41
N GLY A 160 16.64 -19.24 -22.48
CA GLY A 160 17.32 -18.82 -23.71
C GLY A 160 16.45 -17.88 -24.54
N TRP A 161 15.36 -17.36 -23.94
CA TRP A 161 14.42 -16.48 -24.63
C TRP A 161 14.90 -15.03 -24.55
N ARG A 162 14.25 -14.16 -25.31
CA ARG A 162 14.56 -12.74 -25.32
C ARG A 162 14.05 -12.08 -24.05
N LEU A 163 14.61 -10.92 -23.69
CA LEU A 163 14.22 -10.21 -22.48
C LEU A 163 12.74 -9.83 -22.55
N PRO A 164 12.06 -9.76 -21.39
CA PRO A 164 10.64 -9.49 -21.30
C PRO A 164 10.35 -8.01 -21.59
N GLU A 165 9.12 -7.72 -22.02
CA GLU A 165 8.68 -6.36 -22.30
C GLU A 165 7.33 -6.09 -21.66
N TYR A 166 7.10 -4.84 -21.25
CA TYR A 166 5.89 -4.43 -20.57
C TYR A 166 5.22 -3.18 -21.13
N THR A 167 3.91 -3.25 -21.38
CA THR A 167 3.14 -2.12 -21.89
C THR A 167 1.73 -1.97 -21.31
N VAL A 168 1.32 -0.73 -21.00
CA VAL A 168 -0.02 -0.47 -20.51
C VAL A 168 -1.00 -0.37 -21.68
N THR A 169 -2.08 -1.14 -21.63
CA THR A 169 -3.13 -1.12 -22.65
C THR A 169 -4.45 -0.48 -22.23
N GLN A 170 -4.58 -0.11 -20.95
CA GLN A 170 -5.81 0.43 -20.43
C GLN A 170 -5.58 1.22 -19.14
N GLU A 171 -6.53 2.11 -18.83
CA GLU A 171 -6.51 2.93 -17.63
C GLU A 171 -7.95 3.18 -17.19
N SER A 172 -8.21 3.08 -15.89
CA SER A 172 -9.56 3.21 -15.35
C SER A 172 -9.51 3.64 -13.89
N GLY A 173 -10.67 3.94 -13.32
CA GLY A 173 -10.77 4.43 -11.96
C GLY A 173 -10.40 5.91 -11.90
N PRO A 174 -11.09 6.67 -11.03
CA PRO A 174 -10.78 8.05 -10.74
C PRO A 174 -9.39 8.11 -10.11
N ALA A 175 -8.78 9.29 -10.10
CA ALA A 175 -7.39 9.43 -9.69
C ALA A 175 -7.15 9.01 -8.24
N HIS A 176 -8.18 9.01 -7.39
CA HIS A 176 -8.05 8.60 -5.99
C HIS A 176 -8.28 7.11 -5.80
N ARG A 177 -8.65 6.40 -6.87
CA ARG A 177 -8.95 4.96 -6.83
C ARG A 177 -8.53 4.35 -8.17
N LYS A 178 -7.29 4.63 -8.56
CA LYS A 178 -6.73 4.26 -9.86
C LYS A 178 -6.66 2.77 -10.11
N GLU A 179 -6.64 2.41 -11.40
CA GLU A 179 -6.40 1.06 -11.85
C GLU A 179 -5.77 1.07 -13.25
N PHE A 180 -5.09 -0.02 -13.60
CA PHE A 180 -4.35 -0.17 -14.83
C PHE A 180 -4.37 -1.60 -15.37
N THR A 181 -4.23 -1.75 -16.69
CA THR A 181 -4.03 -3.03 -17.33
C THR A 181 -2.74 -3.09 -18.13
N MET A 182 -1.91 -4.10 -17.88
CA MET A 182 -0.60 -4.20 -18.51
C MET A 182 -0.36 -5.59 -19.08
N THR A 183 0.32 -5.63 -20.23
CA THR A 183 0.71 -6.86 -20.90
C THR A 183 2.17 -7.22 -20.69
N CYS A 184 2.43 -8.52 -20.54
CA CYS A 184 3.78 -9.07 -20.46
C CYS A 184 4.04 -9.83 -21.75
N ARG A 185 5.26 -9.73 -22.28
CA ARG A 185 5.59 -10.35 -23.55
C ARG A 185 7.00 -10.95 -23.55
N VAL A 186 7.11 -12.14 -24.13
CA VAL A 186 8.38 -12.83 -24.40
C VAL A 186 8.40 -13.34 -25.83
N GLU A 187 9.38 -14.16 -26.20
CA GLU A 187 9.59 -14.53 -27.60
C GLU A 187 8.42 -15.29 -28.21
N ARG A 188 7.56 -15.91 -27.40
CA ARG A 188 6.37 -16.59 -27.92
C ARG A 188 5.19 -16.60 -26.94
N PHE A 189 5.44 -16.28 -25.67
CA PHE A 189 4.38 -16.26 -24.67
C PHE A 189 3.92 -14.83 -24.36
N ILE A 190 2.63 -14.67 -24.08
CA ILE A 190 2.04 -13.37 -23.77
C ILE A 190 0.95 -13.55 -22.71
N GLU A 191 0.85 -12.61 -21.77
CA GLU A 191 -0.15 -12.66 -20.72
C GLU A 191 -0.46 -11.25 -20.22
N ILE A 192 -1.59 -11.08 -19.53
CA ILE A 192 -2.06 -9.77 -19.07
C ILE A 192 -2.38 -9.79 -17.58
N GLY A 193 -2.25 -8.63 -16.92
CA GLY A 193 -2.57 -8.44 -15.52
C GLY A 193 -3.05 -7.02 -15.27
N SER A 194 -3.47 -6.72 -14.04
CA SER A 194 -4.03 -5.43 -13.70
C SER A 194 -3.67 -5.03 -12.27
N GLY A 195 -3.79 -3.74 -11.95
CA GLY A 195 -3.50 -3.28 -10.60
C GLY A 195 -3.70 -1.77 -10.46
N THR A 196 -3.66 -1.28 -9.22
CA THR A 196 -3.82 0.13 -8.88
C THR A 196 -2.66 1.04 -9.27
N SER A 197 -1.62 0.45 -9.86
CA SER A 197 -0.43 1.14 -10.30
C SER A 197 0.18 0.38 -11.48
N LYS A 198 1.01 1.02 -12.30
CA LYS A 198 1.64 0.32 -13.42
C LYS A 198 2.56 -0.78 -12.89
N LYS A 199 3.32 -0.45 -11.86
CA LYS A 199 4.21 -1.41 -11.21
C LYS A 199 3.40 -2.56 -10.60
N LEU A 200 2.21 -2.28 -10.07
CA LEU A 200 1.38 -3.33 -9.50
C LEU A 200 0.73 -4.17 -10.59
N ALA A 201 0.36 -3.55 -11.72
CA ALA A 201 -0.17 -4.29 -12.86
C ALA A 201 0.94 -5.14 -13.49
N LYS A 202 2.19 -4.67 -13.42
CA LYS A 202 3.35 -5.39 -13.92
C LYS A 202 3.58 -6.63 -13.06
N ARG A 203 3.41 -6.48 -11.74
CA ARG A 203 3.53 -7.57 -10.78
C ARG A 203 2.46 -8.63 -11.00
N ASN A 204 1.24 -8.22 -11.33
CA ASN A 204 0.16 -9.16 -11.57
C ASN A 204 0.32 -9.89 -12.91
N ALA A 205 0.66 -9.15 -13.96
CA ALA A 205 0.82 -9.75 -15.27
C ALA A 205 1.94 -10.79 -15.27
N ALA A 206 3.00 -10.54 -14.49
CA ALA A 206 4.10 -11.46 -14.36
C ALA A 206 3.66 -12.71 -13.58
N ALA A 207 2.82 -12.53 -12.56
CA ALA A 207 2.38 -13.65 -11.74
C ALA A 207 1.55 -14.64 -12.56
N LYS A 208 0.74 -14.14 -13.50
CA LYS A 208 -0.05 -15.02 -14.37
C LYS A 208 0.85 -15.71 -15.40
N MET A 209 1.85 -15.00 -15.93
CA MET A 209 2.74 -15.59 -16.91
C MET A 209 3.63 -16.68 -16.30
N LEU A 210 4.01 -16.55 -15.03
CA LEU A 210 4.79 -17.58 -14.36
C LEU A 210 4.07 -18.93 -14.44
N LEU A 211 2.73 -18.93 -14.48
CA LEU A 211 1.99 -20.18 -14.58
C LEU A 211 1.98 -20.71 -16.00
N ARG A 212 2.11 -19.81 -16.98
CA ARG A 212 2.13 -20.17 -18.40
C ARG A 212 3.47 -20.75 -18.83
N VAL A 213 4.58 -20.11 -18.43
CA VAL A 213 5.91 -20.55 -18.85
C VAL A 213 6.39 -21.74 -18.03
N HIS A 214 6.01 -21.83 -16.76
CA HIS A 214 6.42 -22.92 -15.90
C HIS A 214 5.56 -24.16 -16.15
N THR A 215 6.09 -25.33 -15.78
CA THR A 215 5.47 -26.65 -15.96
C THR A 215 5.18 -27.10 -17.38
N GLY A 1 -28.15 6.55 22.65
CA GLY A 1 -28.03 6.75 21.20
C GLY A 1 -26.67 7.29 20.81
N GLY A 2 -26.62 8.12 19.77
CA GLY A 2 -25.37 8.71 19.31
C GLY A 2 -25.60 9.61 18.10
N SER A 3 -24.52 10.19 17.57
CA SER A 3 -24.57 11.07 16.42
C SER A 3 -23.23 11.06 15.68
N LEU A 4 -23.17 11.67 14.49
CA LEU A 4 -22.01 11.62 13.63
C LEU A 4 -20.73 12.16 14.29
N PRO A 5 -20.79 13.19 15.16
CA PRO A 5 -19.63 13.70 15.87
C PRO A 5 -18.96 12.66 16.78
N SER A 6 -19.61 11.51 17.00
CA SER A 6 -19.04 10.45 17.81
C SER A 6 -17.81 9.85 17.14
N ILE A 7 -16.81 9.45 17.95
CA ILE A 7 -15.58 8.88 17.43
C ILE A 7 -15.83 7.52 16.78
N GLU A 8 -16.96 6.88 17.09
CA GLU A 8 -17.29 5.59 16.50
C GLU A 8 -17.96 5.74 15.13
N GLN A 9 -18.86 6.71 14.98
CA GLN A 9 -19.62 6.88 13.74
C GLN A 9 -18.78 7.49 12.62
N MET A 10 -17.81 8.32 12.97
CA MET A 10 -16.91 8.95 12.00
C MET A 10 -16.08 7.89 11.26
N LEU A 11 -15.84 6.73 11.88
CA LEU A 11 -15.12 5.65 11.23
C LEU A 11 -15.93 5.09 10.07
N ALA A 12 -17.26 5.01 10.27
CA ALA A 12 -18.18 4.50 9.26
C ALA A 12 -18.55 5.56 8.23
N ALA A 13 -18.21 6.83 8.50
CA ALA A 13 -18.54 7.92 7.60
C ALA A 13 -17.52 8.05 6.47
N ASN A 14 -16.29 7.58 6.69
CA ASN A 14 -15.22 7.64 5.71
C ASN A 14 -14.25 6.46 5.87
N PRO A 15 -14.76 5.22 5.83
CA PRO A 15 -13.97 4.01 6.06
C PRO A 15 -12.97 3.75 4.93
N GLY A 16 -13.09 4.47 3.82
CA GLY A 16 -12.20 4.29 2.68
C GLY A 16 -10.84 4.97 2.89
N LYS A 17 -10.74 5.84 3.89
CA LYS A 17 -9.50 6.56 4.18
C LYS A 17 -8.62 5.78 5.15
N THR A 18 -7.38 6.25 5.30
CA THR A 18 -6.47 5.76 6.33
C THR A 18 -6.94 6.43 7.63
N PRO A 19 -6.65 5.81 8.78
CA PRO A 19 -7.01 6.34 10.09
C PRO A 19 -6.27 7.64 10.41
N ILE A 20 -5.27 8.00 9.59
CA ILE A 20 -4.48 9.21 9.80
C ILE A 20 -5.38 10.45 9.67
N SER A 21 -6.14 10.52 8.57
CA SER A 21 -7.00 11.66 8.29
C SER A 21 -8.19 11.73 9.23
N LEU A 22 -8.71 10.60 9.69
CA LEU A 22 -9.82 10.62 10.62
C LEU A 22 -9.34 11.17 11.95
N LEU A 23 -8.07 10.90 12.30
CA LEU A 23 -7.49 11.46 13.51
C LEU A 23 -7.32 12.97 13.37
N GLN A 24 -7.07 13.45 12.14
CA GLN A 24 -6.92 14.87 11.88
C GLN A 24 -8.27 15.57 11.94
N GLU A 25 -9.33 14.91 11.46
CA GLU A 25 -10.68 15.44 11.53
C GLU A 25 -11.15 15.48 12.99
N TYR A 26 -10.88 14.41 13.73
CA TYR A 26 -11.26 14.30 15.12
C TYR A 26 -10.49 15.26 16.04
N GLY A 27 -9.23 15.51 15.70
CA GLY A 27 -8.36 16.37 16.50
C GLY A 27 -8.91 17.78 16.59
N THR A 28 -9.41 18.32 15.48
CA THR A 28 -9.97 19.68 15.46
C THR A 28 -11.14 19.93 16.42
N ARG A 29 -11.89 18.88 16.75
CA ARG A 29 -13.04 18.99 17.64
C ARG A 29 -12.61 18.92 19.10
N ILE A 30 -11.54 18.17 19.40
CA ILE A 30 -11.01 18.04 20.75
C ILE A 30 -9.90 19.05 21.03
N GLY A 31 -9.51 19.84 20.04
CA GLY A 31 -8.48 20.87 20.20
C GLY A 31 -7.07 20.32 20.16
N LYS A 32 -6.94 18.99 20.08
CA LYS A 32 -5.65 18.30 20.01
C LYS A 32 -5.26 18.08 18.55
N THR A 33 -3.97 17.83 18.30
CA THR A 33 -3.51 17.45 16.97
C THR A 33 -2.54 16.26 16.99
N PRO A 34 -2.76 15.26 16.12
CA PRO A 34 -1.91 14.08 16.05
C PRO A 34 -0.55 14.42 15.46
N VAL A 35 0.48 14.47 16.31
CA VAL A 35 1.86 14.71 15.86
C VAL A 35 2.52 13.41 15.43
N TYR A 36 3.10 13.36 14.23
CA TYR A 36 3.73 12.15 13.71
C TYR A 36 5.27 12.17 13.71
N ASP A 37 5.89 11.17 14.33
CA ASP A 37 7.34 11.03 14.41
C ASP A 37 7.90 9.68 13.95
N LEU A 38 8.98 9.69 13.19
CA LEU A 38 9.66 8.47 12.77
C LEU A 38 10.55 7.94 13.90
N LEU A 39 10.16 6.84 14.52
CA LEU A 39 10.89 6.24 15.63
C LEU A 39 12.10 5.43 15.19
N LYS A 40 12.03 4.80 14.01
CA LYS A 40 13.12 3.95 13.55
C LYS A 40 13.13 3.83 12.03
N ALA A 41 14.32 3.65 11.46
CA ALA A 41 14.51 3.47 10.04
C ALA A 41 15.72 2.55 9.82
N GLU A 42 15.43 1.27 9.58
CA GLU A 42 16.44 0.24 9.37
C GLU A 42 17.12 0.36 7.99
N GLY A 43 16.96 -0.66 7.13
CA GLY A 43 17.73 -0.74 5.91
C GLY A 43 17.53 0.47 4.99
N GLN A 44 18.57 0.77 4.21
CA GLN A 44 18.62 1.96 3.36
C GLN A 44 17.82 1.79 2.07
N ALA A 45 17.27 0.60 1.80
CA ALA A 45 16.46 0.37 0.61
C ALA A 45 15.52 -0.81 0.79
N HIS A 46 16.06 -1.99 1.12
CA HIS A 46 15.25 -3.16 1.40
C HIS A 46 15.00 -3.31 2.90
N GLN A 47 13.81 -3.82 3.25
CA GLN A 47 13.41 -4.07 4.63
C GLN A 47 13.75 -2.89 5.56
N PRO A 48 13.26 -1.68 5.23
CA PRO A 48 13.53 -0.48 6.01
C PRO A 48 12.85 -0.54 7.37
N ASN A 49 11.91 -1.47 7.56
CA ASN A 49 11.23 -1.74 8.83
C ASN A 49 10.98 -0.44 9.61
N PHE A 50 10.02 0.35 9.14
CA PHE A 50 9.76 1.66 9.70
C PHE A 50 8.96 1.64 11.00
N THR A 51 9.17 2.65 11.86
CA THR A 51 8.36 2.85 13.04
C THR A 51 7.82 4.26 13.13
N PHE A 52 6.53 4.38 13.44
CA PHE A 52 5.88 5.66 13.68
C PHE A 52 5.26 5.79 15.04
N ARG A 53 5.24 7.00 15.59
CA ARG A 53 4.50 7.30 16.80
C ARG A 53 3.57 8.46 16.51
N VAL A 54 2.39 8.45 17.12
CA VAL A 54 1.43 9.54 16.98
C VAL A 54 1.13 10.05 18.38
N THR A 55 1.02 11.38 18.52
CA THR A 55 0.70 12.02 19.78
C THR A 55 -0.55 12.87 19.71
N VAL A 56 -1.55 12.53 20.52
CA VAL A 56 -2.83 13.24 20.57
C VAL A 56 -3.12 13.56 22.03
N GLY A 57 -2.87 14.81 22.42
CA GLY A 57 -3.01 15.21 23.81
C GLY A 57 -2.00 14.45 24.66
N ASP A 58 -2.43 13.97 25.84
CA ASP A 58 -1.56 13.22 26.73
C ASP A 58 -1.18 11.83 26.19
N THR A 59 -2.00 11.30 25.27
CA THR A 59 -1.79 9.96 24.72
C THR A 59 -0.85 9.86 23.52
N SER A 60 -0.09 8.77 23.42
CA SER A 60 0.72 8.47 22.24
C SER A 60 0.81 6.96 22.04
N CYS A 61 0.90 6.56 20.76
CA CYS A 61 0.96 5.15 20.37
C CYS A 61 1.88 4.97 19.17
N THR A 62 2.35 3.74 18.93
CA THR A 62 3.24 3.42 17.82
C THR A 62 2.73 2.34 16.88
N GLY A 63 3.39 2.20 15.73
CA GLY A 63 3.09 1.19 14.73
C GLY A 63 4.28 1.00 13.79
N GLN A 64 4.27 -0.09 13.01
CA GLN A 64 5.38 -0.42 12.12
C GLN A 64 4.88 -0.97 10.79
N GLY A 65 5.77 -0.98 9.78
CA GLY A 65 5.46 -1.51 8.46
C GLY A 65 6.67 -1.47 7.53
N PRO A 66 6.57 -2.13 6.38
CA PRO A 66 7.63 -2.19 5.37
C PRO A 66 7.79 -0.88 4.61
N SER A 67 6.96 0.13 4.91
CA SER A 67 6.99 1.42 4.24
C SER A 67 6.47 2.50 5.17
N LYS A 68 6.69 3.77 4.82
CA LYS A 68 6.24 4.90 5.63
C LYS A 68 4.72 4.95 5.68
N LYS A 69 4.06 4.46 4.62
CA LYS A 69 2.61 4.43 4.54
C LYS A 69 2.04 3.40 5.52
N ALA A 70 2.63 2.20 5.55
CA ALA A 70 2.14 1.13 6.39
C ALA A 70 2.49 1.36 7.85
N ALA A 71 3.62 2.03 8.13
CA ALA A 71 4.04 2.28 9.48
C ALA A 71 3.23 3.41 10.11
N LYS A 72 2.90 4.45 9.34
CA LYS A 72 2.10 5.55 9.86
C LYS A 72 0.65 5.10 10.04
N HIS A 73 0.18 4.23 9.15
CA HIS A 73 -1.18 3.71 9.19
C HIS A 73 -1.41 2.94 10.49
N LYS A 74 -0.46 2.08 10.87
CA LYS A 74 -0.62 1.28 12.08
C LYS A 74 -0.58 2.14 13.34
N ALA A 75 0.25 3.18 13.39
CA ALA A 75 0.35 3.97 14.60
C ALA A 75 -0.92 4.81 14.81
N ALA A 76 -1.53 5.27 13.71
CA ALA A 76 -2.70 6.11 13.79
C ALA A 76 -3.90 5.32 14.30
N GLU A 77 -4.10 4.09 13.83
CA GLU A 77 -5.30 3.33 14.20
C GLU A 77 -5.29 3.04 15.70
N VAL A 78 -4.09 2.85 16.28
CA VAL A 78 -3.95 2.52 17.68
C VAL A 78 -4.38 3.69 18.56
N ALA A 79 -4.24 4.93 18.08
CA ALA A 79 -4.64 6.09 18.86
C ALA A 79 -6.16 6.16 18.97
N LEU A 80 -6.88 5.90 17.87
CA LEU A 80 -8.34 5.94 17.88
C LEU A 80 -8.88 4.94 18.90
N LYS A 81 -8.21 3.81 19.11
CA LYS A 81 -8.66 2.79 20.06
C LYS A 81 -8.64 3.33 21.49
N HIS A 82 -7.60 4.09 21.86
CA HIS A 82 -7.50 4.68 23.20
C HIS A 82 -8.41 5.89 23.35
N LEU A 83 -8.70 6.59 22.23
CA LEU A 83 -9.59 7.73 22.24
C LEU A 83 -11.04 7.25 22.31
N LYS A 84 -11.30 6.00 21.90
CA LYS A 84 -12.58 5.34 22.05
C LYS A 84 -12.76 4.74 23.45
N GLY A 85 -11.80 5.00 24.35
CA GLY A 85 -11.80 4.46 25.71
C GLY A 85 -13.02 4.93 26.50
N CYS A 146 11.01 -10.60 -2.45
CA CYS A 146 10.67 -11.37 -3.65
C CYS A 146 10.44 -10.44 -4.84
N ASN A 147 10.78 -10.90 -6.05
CA ASN A 147 10.66 -10.13 -7.28
C ASN A 147 10.36 -11.08 -8.44
N PRO A 148 9.08 -11.36 -8.72
CA PRO A 148 8.69 -12.33 -9.73
C PRO A 148 9.05 -11.86 -11.14
N VAL A 149 9.16 -10.53 -11.34
CA VAL A 149 9.57 -10.02 -12.64
C VAL A 149 11.05 -10.27 -12.92
N GLY A 150 11.87 -10.27 -11.87
CA GLY A 150 13.30 -10.54 -11.99
C GLY A 150 13.54 -12.03 -12.20
N ALA A 151 12.79 -12.87 -11.49
CA ALA A 151 12.89 -14.31 -11.65
C ALA A 151 12.46 -14.71 -13.06
N LEU A 152 11.45 -14.02 -13.62
CA LEU A 152 11.01 -14.26 -14.97
C LEU A 152 12.08 -13.81 -15.98
N GLN A 153 12.67 -12.63 -15.74
CA GLN A 153 13.70 -12.10 -16.63
C GLN A 153 14.92 -13.01 -16.64
N GLU A 154 15.23 -13.66 -15.52
CA GLU A 154 16.35 -14.57 -15.44
C GLU A 154 16.09 -15.84 -16.27
N LEU A 155 14.85 -16.33 -16.25
CA LEU A 155 14.50 -17.53 -17.01
C LEU A 155 14.44 -17.22 -18.50
N VAL A 156 13.74 -16.15 -18.88
CA VAL A 156 13.56 -15.80 -20.27
C VAL A 156 14.92 -15.69 -20.96
N VAL A 157 15.91 -15.11 -20.28
CA VAL A 157 17.25 -14.99 -20.83
C VAL A 157 17.94 -16.36 -20.84
N GLN A 158 17.65 -17.23 -19.87
CA GLN A 158 18.31 -18.52 -19.78
C GLN A 158 17.76 -19.51 -20.83
N LYS A 159 16.49 -19.37 -21.21
CA LYS A 159 15.84 -20.22 -22.19
C LYS A 159 16.25 -19.83 -23.61
N GLY A 160 16.97 -18.71 -23.76
CA GLY A 160 17.51 -18.26 -25.04
C GLY A 160 16.56 -17.30 -25.75
N TRP A 161 15.52 -16.83 -25.06
CA TRP A 161 14.51 -15.95 -25.63
C TRP A 161 14.96 -14.49 -25.52
N ARG A 162 14.24 -13.60 -26.21
CA ARG A 162 14.48 -12.17 -26.16
C ARG A 162 13.92 -11.61 -24.84
N LEU A 163 14.39 -10.42 -24.43
CA LEU A 163 13.96 -9.81 -23.18
C LEU A 163 12.45 -9.57 -23.17
N PRO A 164 11.82 -9.63 -21.99
CA PRO A 164 10.39 -9.47 -21.83
C PRO A 164 9.96 -8.03 -22.08
N GLU A 165 8.68 -7.84 -22.41
CA GLU A 165 8.11 -6.53 -22.68
C GLU A 165 6.76 -6.38 -21.98
N TYR A 166 6.40 -5.14 -21.62
CA TYR A 166 5.16 -4.83 -20.92
C TYR A 166 4.29 -3.77 -21.57
N THR A 167 2.98 -4.04 -21.65
CA THR A 167 2.01 -3.11 -22.22
C THR A 167 0.67 -3.04 -21.50
N VAL A 168 0.17 -1.83 -21.22
CA VAL A 168 -1.13 -1.67 -20.59
C VAL A 168 -2.28 -1.85 -21.58
N THR A 169 -3.26 -2.68 -21.22
CA THR A 169 -4.46 -2.87 -22.04
C THR A 169 -5.73 -2.24 -21.48
N GLN A 170 -5.70 -1.78 -20.23
CA GLN A 170 -6.88 -1.23 -19.59
C GLN A 170 -6.50 -0.41 -18.35
N GLU A 171 -7.34 0.58 -18.03
CA GLU A 171 -7.16 1.44 -16.87
C GLU A 171 -8.52 1.83 -16.31
N SER A 172 -8.61 2.02 -14.99
CA SER A 172 -9.84 2.49 -14.35
C SER A 172 -9.99 3.99 -14.54
N GLY A 173 -11.24 4.48 -14.46
CA GLY A 173 -11.55 5.89 -14.66
C GLY A 173 -11.21 6.73 -13.43
N PRO A 174 -11.74 6.39 -12.25
CA PRO A 174 -11.51 7.13 -11.02
C PRO A 174 -10.03 7.22 -10.68
N ALA A 175 -9.51 8.45 -10.58
CA ALA A 175 -8.12 8.66 -10.25
C ALA A 175 -7.86 8.40 -8.77
N HIS A 176 -8.88 8.50 -7.91
CA HIS A 176 -8.72 8.28 -6.47
C HIS A 176 -8.76 6.79 -6.12
N ARG A 177 -9.23 5.95 -7.05
CA ARG A 177 -9.35 4.51 -6.85
C ARG A 177 -8.82 3.78 -8.09
N LYS A 178 -7.59 4.14 -8.48
CA LYS A 178 -6.96 3.65 -9.70
C LYS A 178 -6.69 2.15 -9.69
N GLU A 179 -6.73 1.58 -10.89
CA GLU A 179 -6.31 0.21 -11.15
C GLU A 179 -5.85 0.11 -12.60
N PHE A 180 -5.07 -0.93 -12.91
CA PHE A 180 -4.44 -1.12 -14.20
C PHE A 180 -4.44 -2.58 -14.63
N THR A 181 -4.52 -2.82 -15.94
CA THR A 181 -4.35 -4.14 -16.52
C THR A 181 -3.18 -4.19 -17.48
N MET A 182 -2.21 -5.08 -17.20
CA MET A 182 -0.96 -5.10 -17.94
C MET A 182 -0.69 -6.49 -18.51
N THR A 183 -0.13 -6.51 -19.73
CA THR A 183 0.28 -7.73 -20.41
C THR A 183 1.79 -7.93 -20.39
N CYS A 184 2.20 -9.17 -20.15
CA CYS A 184 3.60 -9.57 -20.23
C CYS A 184 3.79 -10.24 -21.58
N ARG A 185 4.90 -9.96 -22.27
CA ARG A 185 5.13 -10.49 -23.59
C ARG A 185 6.56 -11.03 -23.71
N VAL A 186 6.69 -12.20 -24.33
CA VAL A 186 7.95 -12.90 -24.55
C VAL A 186 7.94 -13.37 -26.01
N GLU A 187 9.05 -13.92 -26.49
CA GLU A 187 9.23 -14.28 -27.89
C GLU A 187 8.10 -15.17 -28.44
N ARG A 188 7.44 -15.96 -27.58
CA ARG A 188 6.28 -16.73 -27.99
C ARG A 188 5.23 -16.87 -26.88
N PHE A 189 5.56 -16.44 -25.66
CA PHE A 189 4.64 -16.50 -24.54
C PHE A 189 4.00 -15.15 -24.20
N ILE A 190 2.75 -15.17 -23.72
CA ILE A 190 2.03 -13.96 -23.33
C ILE A 190 1.14 -14.28 -22.13
N GLU A 191 1.03 -13.35 -21.17
CA GLU A 191 0.21 -13.52 -19.98
C GLU A 191 -0.25 -12.15 -19.47
N ILE A 192 -1.26 -12.10 -18.60
CA ILE A 192 -1.84 -10.85 -18.12
C ILE A 192 -1.99 -10.82 -16.60
N GLY A 193 -1.91 -9.63 -16.01
CA GLY A 193 -2.11 -9.37 -14.60
C GLY A 193 -2.75 -7.99 -14.41
N SER A 194 -3.05 -7.63 -13.16
CA SER A 194 -3.71 -6.37 -12.85
C SER A 194 -3.21 -5.84 -11.51
N GLY A 195 -3.41 -4.55 -11.23
CA GLY A 195 -2.97 -3.99 -9.96
C GLY A 195 -3.28 -2.49 -9.84
N THR A 196 -3.10 -1.95 -8.64
CA THR A 196 -3.39 -0.56 -8.34
C THR A 196 -2.39 0.44 -8.93
N SER A 197 -1.35 -0.07 -9.60
CA SER A 197 -0.35 0.74 -10.26
C SER A 197 0.21 -0.03 -11.44
N LYS A 198 0.87 0.63 -12.37
CA LYS A 198 1.43 -0.06 -13.54
C LYS A 198 2.52 -1.02 -13.10
N LYS A 199 3.28 -0.64 -12.06
CA LYS A 199 4.31 -1.49 -11.48
C LYS A 199 3.70 -2.70 -10.77
N LEU A 200 2.54 -2.54 -10.13
CA LEU A 200 1.90 -3.66 -9.45
C LEU A 200 1.26 -4.60 -10.46
N ALA A 201 0.64 -4.04 -11.50
CA ALA A 201 0.04 -4.85 -12.55
C ALA A 201 1.11 -5.62 -13.31
N LYS A 202 2.29 -5.01 -13.48
CA LYS A 202 3.43 -5.66 -14.11
C LYS A 202 3.97 -6.78 -13.22
N ARG A 203 4.02 -6.53 -11.91
CA ARG A 203 4.46 -7.50 -10.92
C ARG A 203 3.53 -8.70 -10.87
N ASN A 204 2.22 -8.47 -10.99
CA ASN A 204 1.25 -9.55 -10.98
C ASN A 204 1.25 -10.32 -12.30
N ALA A 205 1.34 -9.63 -13.43
CA ALA A 205 1.36 -10.29 -14.73
C ALA A 205 2.59 -11.20 -14.83
N ALA A 206 3.70 -10.81 -14.21
CA ALA A 206 4.91 -11.62 -14.18
C ALA A 206 4.71 -12.87 -13.33
N ALA A 207 3.98 -12.74 -12.21
CA ALA A 207 3.75 -13.87 -11.32
C ALA A 207 2.93 -14.95 -12.02
N LYS A 208 1.93 -14.56 -12.81
CA LYS A 208 1.17 -15.53 -13.58
C LYS A 208 2.01 -16.06 -14.73
N MET A 209 2.85 -15.21 -15.34
CA MET A 209 3.69 -15.60 -16.45
C MET A 209 4.72 -16.64 -16.03
N LEU A 210 5.21 -16.60 -14.79
CA LEU A 210 6.16 -17.58 -14.30
C LEU A 210 5.56 -18.99 -14.39
N LEU A 211 4.23 -19.12 -14.33
CA LEU A 211 3.59 -20.42 -14.42
C LEU A 211 3.45 -20.84 -15.88
N ARG A 212 3.36 -19.84 -16.79
CA ARG A 212 3.24 -20.06 -18.23
C ARG A 212 4.54 -20.56 -18.83
N VAL A 213 5.67 -19.93 -18.47
CA VAL A 213 6.96 -20.27 -19.05
C VAL A 213 7.63 -21.44 -18.34
N HIS A 214 7.42 -21.60 -17.03
CA HIS A 214 8.04 -22.68 -16.28
C HIS A 214 7.18 -23.93 -16.31
N THR A 215 7.72 -25.05 -15.82
CA THR A 215 7.04 -26.33 -15.81
C THR A 215 6.53 -26.84 -17.16
N GLY A 1 -25.99 11.46 4.22
CA GLY A 1 -25.24 10.81 5.32
C GLY A 1 -23.96 11.57 5.64
N GLY A 2 -23.02 10.91 6.32
CA GLY A 2 -21.74 11.50 6.67
C GLY A 2 -20.89 10.53 7.49
N SER A 3 -19.68 10.96 7.86
CA SER A 3 -18.76 10.14 8.63
C SER A 3 -19.19 10.03 10.09
N LEU A 4 -20.08 10.94 10.54
CA LEU A 4 -20.54 11.05 11.92
C LEU A 4 -19.40 11.39 12.89
N PRO A 5 -19.70 12.05 14.01
CA PRO A 5 -18.69 12.47 14.98
C PRO A 5 -18.14 11.30 15.80
N SER A 6 -18.81 10.15 15.80
CA SER A 6 -18.35 8.98 16.54
C SER A 6 -17.16 8.32 15.84
N ILE A 7 -16.15 7.95 16.63
CA ILE A 7 -14.95 7.29 16.11
C ILE A 7 -15.27 5.88 15.62
N GLU A 8 -16.37 5.28 16.08
CA GLU A 8 -16.79 3.97 15.62
C GLU A 8 -17.47 4.04 14.26
N GLN A 9 -18.19 5.14 14.00
CA GLN A 9 -18.98 5.29 12.78
C GLN A 9 -18.11 5.58 11.56
N MET A 10 -16.98 6.26 11.75
CA MET A 10 -16.07 6.56 10.65
C MET A 10 -15.53 5.28 10.01
N LEU A 11 -15.37 4.22 10.81
CA LEU A 11 -14.82 2.96 10.33
C LEU A 11 -15.80 2.32 9.32
N ALA A 12 -17.10 2.52 9.52
CA ALA A 12 -18.12 2.01 8.62
C ALA A 12 -18.33 2.92 7.41
N ALA A 13 -17.76 4.13 7.42
CA ALA A 13 -18.01 5.12 6.38
C ALA A 13 -16.82 5.36 5.47
N ASN A 14 -15.60 5.17 5.96
CA ASN A 14 -14.38 5.43 5.18
C ASN A 14 -13.25 4.47 5.52
N PRO A 15 -13.48 3.15 5.46
CA PRO A 15 -12.47 2.15 5.76
C PRO A 15 -11.42 2.06 4.66
N GLY A 16 -11.66 2.69 3.50
CA GLY A 16 -10.74 2.63 2.37
C GLY A 16 -9.57 3.61 2.52
N LYS A 17 -9.68 4.60 3.41
CA LYS A 17 -8.60 5.55 3.65
C LYS A 17 -7.64 5.05 4.72
N THR A 18 -6.50 5.73 4.84
CA THR A 18 -5.58 5.51 5.93
C THR A 18 -6.14 6.02 7.26
N PRO A 19 -5.78 5.38 8.38
CA PRO A 19 -6.16 5.82 9.71
C PRO A 19 -5.56 7.18 10.02
N ILE A 20 -4.56 7.62 9.24
CA ILE A 20 -3.95 8.93 9.40
C ILE A 20 -4.97 10.00 9.02
N SER A 21 -5.71 9.75 7.94
CA SER A 21 -6.70 10.69 7.44
C SER A 21 -7.90 10.79 8.39
N LEU A 22 -8.25 9.68 9.05
CA LEU A 22 -9.37 9.69 9.98
C LEU A 22 -8.96 10.35 11.29
N LEU A 23 -7.69 10.26 11.71
CA LEU A 23 -7.26 10.94 12.91
C LEU A 23 -7.24 12.45 12.68
N GLN A 24 -6.95 12.88 11.46
CA GLN A 24 -6.97 14.30 11.14
C GLN A 24 -8.41 14.80 11.09
N GLU A 25 -9.34 13.94 10.67
CA GLU A 25 -10.75 14.30 10.55
C GLU A 25 -11.42 14.29 11.92
N TYR A 26 -11.09 13.32 12.76
CA TYR A 26 -11.59 13.22 14.13
C TYR A 26 -11.02 14.25 15.10
N GLY A 27 -9.73 14.54 14.96
CA GLY A 27 -9.02 15.49 15.81
C GLY A 27 -9.72 16.84 15.87
N THR A 28 -10.28 17.29 14.74
CA THR A 28 -10.95 18.59 14.67
C THR A 28 -12.16 18.77 15.59
N ARG A 29 -12.87 17.68 15.90
CA ARG A 29 -14.04 17.75 16.76
C ARG A 29 -13.66 17.78 18.23
N ILE A 30 -12.55 17.13 18.58
CA ILE A 30 -12.07 17.05 19.95
C ILE A 30 -11.05 18.15 20.26
N GLY A 31 -10.70 18.97 19.27
CA GLY A 31 -9.77 20.07 19.45
C GLY A 31 -8.31 19.61 19.50
N LYS A 32 -8.07 18.30 19.36
CA LYS A 32 -6.74 17.72 19.40
C LYS A 32 -6.20 17.55 17.98
N THR A 33 -4.88 17.38 17.87
CA THR A 33 -4.22 17.10 16.60
C THR A 33 -3.20 15.98 16.66
N PRO A 34 -3.33 14.94 15.80
CA PRO A 34 -2.41 13.82 15.79
C PRO A 34 -1.04 14.28 15.27
N VAL A 35 -0.11 14.57 16.18
CA VAL A 35 1.25 14.93 15.81
C VAL A 35 2.06 13.69 15.42
N TYR A 36 2.81 13.73 14.31
CA TYR A 36 3.58 12.58 13.84
C TYR A 36 5.09 12.71 13.97
N ASP A 37 5.72 11.73 14.64
CA ASP A 37 7.17 11.69 14.84
C ASP A 37 7.83 10.41 14.34
N LEU A 38 8.95 10.55 13.61
CA LEU A 38 9.73 9.42 13.13
C LEU A 38 10.71 9.00 14.23
N LEU A 39 10.54 7.80 14.81
CA LEU A 39 11.38 7.36 15.91
C LEU A 39 12.67 6.68 15.43
N LYS A 40 12.66 6.13 14.22
CA LYS A 40 13.78 5.34 13.73
C LYS A 40 13.92 5.46 12.21
N ALA A 41 15.17 5.57 11.74
CA ALA A 41 15.49 5.64 10.33
C ALA A 41 16.90 5.11 10.08
N GLU A 42 17.04 3.80 9.87
CA GLU A 42 18.32 3.19 9.56
C GLU A 42 18.15 2.14 8.48
N GLY A 43 19.13 2.06 7.56
CA GLY A 43 19.03 1.20 6.39
C GLY A 43 18.19 1.86 5.31
N GLN A 44 18.48 1.54 4.04
CA GLN A 44 17.75 2.07 2.89
C GLN A 44 17.71 1.02 1.78
N ALA A 45 16.61 1.02 1.01
CA ALA A 45 16.39 0.09 -0.07
C ALA A 45 16.56 -1.38 0.35
N HIS A 46 16.48 -1.64 1.67
CA HIS A 46 16.70 -2.97 2.24
C HIS A 46 16.36 -2.90 3.72
N GLN A 47 15.13 -3.29 4.07
CA GLN A 47 14.67 -3.32 5.46
C GLN A 47 15.01 -2.02 6.21
N PRO A 48 14.48 -0.87 5.76
CA PRO A 48 14.79 0.43 6.35
C PRO A 48 14.14 0.59 7.74
N ASN A 49 13.39 -0.44 8.18
CA ASN A 49 12.84 -0.53 9.53
C ASN A 49 12.35 0.80 10.08
N PHE A 50 11.29 1.34 9.50
CA PHE A 50 10.76 2.63 9.93
C PHE A 50 9.87 2.56 11.16
N THR A 51 9.89 3.60 12.00
CA THR A 51 9.01 3.69 13.16
C THR A 51 8.36 5.06 13.26
N PHE A 52 7.03 5.08 13.44
CA PHE A 52 6.27 6.29 13.69
C PHE A 52 5.56 6.34 15.02
N ARG A 53 5.43 7.53 15.61
CA ARG A 53 4.61 7.75 16.78
C ARG A 53 3.58 8.82 16.46
N VAL A 54 2.38 8.66 17.01
CA VAL A 54 1.32 9.64 16.85
C VAL A 54 0.89 10.10 18.23
N THR A 55 0.60 11.39 18.37
CA THR A 55 0.14 11.98 19.62
C THR A 55 -1.18 12.69 19.47
N VAL A 56 -2.20 12.23 20.20
CA VAL A 56 -3.53 12.82 20.18
C VAL A 56 -3.92 13.14 21.63
N GLY A 57 -3.90 14.41 22.00
CA GLY A 57 -4.18 14.81 23.37
C GLY A 57 -3.17 14.17 24.32
N ASP A 58 -3.65 13.69 25.47
CA ASP A 58 -2.81 13.06 26.49
C ASP A 58 -2.32 11.65 26.17
N THR A 59 -2.48 11.20 24.92
CA THR A 59 -2.09 9.86 24.49
C THR A 59 -1.19 9.78 23.26
N SER A 60 -0.29 8.80 23.24
CA SER A 60 0.57 8.56 22.08
C SER A 60 0.87 7.08 21.92
N CYS A 61 1.04 6.64 20.67
CA CYS A 61 1.30 5.25 20.33
C CYS A 61 2.22 5.17 19.12
N THR A 62 2.83 4.01 18.88
CA THR A 62 3.74 3.79 17.75
C THR A 62 3.33 2.69 16.79
N GLY A 63 4.03 2.64 15.65
CA GLY A 63 3.83 1.64 14.61
C GLY A 63 5.09 1.52 13.76
N GLN A 64 5.21 0.43 13.00
CA GLN A 64 6.40 0.17 12.19
C GLN A 64 6.03 -0.43 10.84
N GLY A 65 6.96 -0.38 9.88
CA GLY A 65 6.75 -0.94 8.56
C GLY A 65 8.00 -0.81 7.69
N PRO A 66 8.00 -1.48 6.53
CA PRO A 66 9.10 -1.48 5.57
C PRO A 66 9.17 -0.16 4.79
N SER A 67 8.28 0.78 5.08
CA SER A 67 8.22 2.06 4.40
C SER A 67 7.63 3.12 5.32
N LYS A 68 7.78 4.39 4.95
CA LYS A 68 7.27 5.51 5.74
C LYS A 68 5.73 5.48 5.74
N LYS A 69 5.13 5.00 4.64
CA LYS A 69 3.68 4.90 4.54
C LYS A 69 3.13 3.82 5.46
N ALA A 70 3.81 2.66 5.51
CA ALA A 70 3.34 1.54 6.30
C ALA A 70 3.56 1.78 7.79
N ALA A 71 4.63 2.50 8.16
CA ALA A 71 4.92 2.76 9.55
C ALA A 71 3.99 3.80 10.15
N LYS A 72 3.64 4.84 9.38
CA LYS A 72 2.74 5.87 9.87
C LYS A 72 1.31 5.35 9.96
N HIS A 73 0.93 4.47 9.03
CA HIS A 73 -0.41 3.90 8.99
C HIS A 73 -0.68 3.11 10.26
N LYS A 74 0.24 2.21 10.63
CA LYS A 74 0.07 1.39 11.81
C LYS A 74 0.01 2.22 13.09
N ALA A 75 0.77 3.30 13.19
CA ALA A 75 0.78 4.09 14.41
C ALA A 75 -0.56 4.81 14.61
N ALA A 76 -1.13 5.33 13.52
CA ALA A 76 -2.41 6.02 13.57
C ALA A 76 -3.51 5.04 13.95
N GLU A 77 -3.41 3.80 13.46
CA GLU A 77 -4.37 2.75 13.78
C GLU A 77 -4.36 2.42 15.27
N VAL A 78 -3.20 2.51 15.93
CA VAL A 78 -3.11 2.16 17.34
C VAL A 78 -3.72 3.25 18.21
N ALA A 79 -3.57 4.53 17.84
CA ALA A 79 -4.13 5.60 18.64
C ALA A 79 -5.65 5.55 18.61
N LEU A 80 -6.24 5.19 17.47
CA LEU A 80 -7.68 5.11 17.30
C LEU A 80 -8.27 4.07 18.24
N LYS A 81 -7.52 3.00 18.55
CA LYS A 81 -7.99 1.95 19.46
C LYS A 81 -8.11 2.48 20.89
N HIS A 82 -7.17 3.33 21.31
CA HIS A 82 -7.22 3.92 22.64
C HIS A 82 -8.25 5.05 22.71
N LEU A 83 -8.52 5.72 21.58
CA LEU A 83 -9.51 6.77 21.50
C LEU A 83 -10.92 6.17 21.47
N LYS A 84 -11.02 4.89 21.11
CA LYS A 84 -12.27 4.13 21.16
C LYS A 84 -12.59 3.64 22.57
N GLY A 85 -11.67 3.87 23.53
CA GLY A 85 -11.85 3.47 24.91
C GLY A 85 -12.84 4.38 25.63
N CYS A 146 8.42 -12.97 -1.64
CA CYS A 146 9.09 -13.36 -2.90
C CYS A 146 8.61 -12.48 -4.05
N ASN A 147 9.55 -11.90 -4.80
CA ASN A 147 9.24 -11.05 -5.95
C ASN A 147 8.98 -11.91 -7.19
N PRO A 148 7.76 -11.89 -7.74
CA PRO A 148 7.42 -12.69 -8.91
C PRO A 148 8.05 -12.13 -10.18
N VAL A 149 8.32 -10.83 -10.22
CA VAL A 149 8.92 -10.22 -11.41
C VAL A 149 10.37 -10.61 -11.60
N GLY A 150 11.10 -10.75 -10.48
CA GLY A 150 12.49 -11.13 -10.51
C GLY A 150 12.65 -12.61 -10.84
N ALA A 151 11.67 -13.43 -10.43
CA ALA A 151 11.67 -14.85 -10.77
C ALA A 151 11.33 -15.06 -12.25
N LEU A 152 10.41 -14.25 -12.81
CA LEU A 152 9.99 -14.41 -14.19
C LEU A 152 11.10 -14.06 -15.16
N GLN A 153 11.79 -12.93 -14.96
CA GLN A 153 12.88 -12.54 -15.85
C GLN A 153 14.00 -13.56 -15.81
N GLU A 154 14.22 -14.22 -14.67
CA GLU A 154 15.22 -15.28 -14.57
C GLU A 154 14.77 -16.52 -15.35
N LEU A 155 13.47 -16.81 -15.34
CA LEU A 155 12.91 -17.98 -16.01
C LEU A 155 12.96 -17.80 -17.51
N VAL A 156 12.48 -16.64 -18.01
CA VAL A 156 12.48 -16.32 -19.43
C VAL A 156 13.91 -16.41 -19.99
N VAL A 157 14.90 -15.93 -19.25
CA VAL A 157 16.28 -15.96 -19.71
C VAL A 157 16.81 -17.39 -19.63
N GLN A 158 16.43 -18.16 -18.61
CA GLN A 158 16.90 -19.52 -18.45
C GLN A 158 16.37 -20.43 -19.57
N LYS A 159 15.17 -20.13 -20.08
CA LYS A 159 14.58 -20.86 -21.19
C LYS A 159 15.26 -20.57 -22.52
N GLY A 160 16.07 -19.51 -22.59
CA GLY A 160 16.76 -19.10 -23.81
C GLY A 160 15.91 -18.13 -24.64
N TRP A 161 14.86 -17.56 -24.04
CA TRP A 161 13.96 -16.66 -24.73
C TRP A 161 14.49 -15.22 -24.66
N ARG A 162 13.88 -14.33 -25.44
CA ARG A 162 14.21 -12.91 -25.42
C ARG A 162 13.68 -12.27 -24.15
N LEU A 163 14.23 -11.11 -23.78
CA LEU A 163 13.83 -10.40 -22.57
C LEU A 163 12.35 -10.01 -22.65
N PRO A 164 11.65 -9.98 -21.51
CA PRO A 164 10.24 -9.69 -21.44
C PRO A 164 9.94 -8.21 -21.74
N GLU A 165 8.70 -7.93 -22.15
CA GLU A 165 8.25 -6.58 -22.46
C GLU A 165 6.90 -6.29 -21.82
N TYR A 166 6.66 -5.03 -21.48
CA TYR A 166 5.45 -4.59 -20.80
C TYR A 166 4.76 -3.36 -21.39
N THR A 167 3.43 -3.43 -21.55
CA THR A 167 2.62 -2.32 -22.05
C THR A 167 1.26 -2.15 -21.38
N VAL A 168 0.89 -0.91 -21.06
CA VAL A 168 -0.41 -0.65 -20.47
C VAL A 168 -1.53 -0.64 -21.50
N THR A 169 -2.60 -1.40 -21.25
CA THR A 169 -3.76 -1.43 -22.12
C THR A 169 -5.02 -0.77 -21.57
N GLN A 170 -5.00 -0.37 -20.29
CA GLN A 170 -6.18 0.20 -19.65
C GLN A 170 -5.81 0.98 -18.39
N GLU A 171 -6.71 1.89 -17.99
CA GLU A 171 -6.55 2.69 -16.79
C GLU A 171 -7.92 3.10 -16.26
N SER A 172 -8.02 3.29 -14.93
CA SER A 172 -9.25 3.70 -14.29
C SER A 172 -9.51 5.19 -14.51
N GLY A 173 -10.73 5.64 -14.23
CA GLY A 173 -11.15 7.01 -14.44
C GLY A 173 -10.68 7.94 -13.33
N PRO A 174 -11.24 7.80 -12.12
CA PRO A 174 -10.93 8.66 -10.99
C PRO A 174 -9.51 8.44 -10.50
N ALA A 175 -8.75 9.52 -10.34
CA ALA A 175 -7.37 9.44 -9.90
C ALA A 175 -7.24 9.11 -8.41
N HIS A 176 -8.33 9.26 -7.64
CA HIS A 176 -8.34 8.94 -6.21
C HIS A 176 -8.64 7.45 -5.97
N ARG A 177 -8.94 6.71 -7.05
CA ARG A 177 -9.29 5.29 -6.97
C ARG A 177 -8.69 4.62 -8.20
N LYS A 178 -7.49 5.08 -8.56
CA LYS A 178 -6.78 4.69 -9.76
C LYS A 178 -6.45 3.21 -9.79
N GLU A 179 -6.46 2.64 -11.00
CA GLU A 179 -6.08 1.27 -11.28
C GLU A 179 -5.58 1.19 -12.71
N PHE A 180 -4.83 0.12 -13.03
CA PHE A 180 -4.20 -0.09 -14.30
C PHE A 180 -4.27 -1.53 -14.75
N THR A 181 -4.26 -1.75 -16.07
CA THR A 181 -4.13 -3.07 -16.66
C THR A 181 -2.93 -3.19 -17.57
N MET A 182 -2.03 -4.12 -17.27
CA MET A 182 -0.76 -4.25 -17.97
C MET A 182 -0.63 -5.63 -18.61
N THR A 183 -0.04 -5.67 -19.80
CA THR A 183 0.23 -6.92 -20.52
C THR A 183 1.71 -7.27 -20.50
N CYS A 184 2.00 -8.56 -20.29
CA CYS A 184 3.34 -9.11 -20.34
C CYS A 184 3.52 -9.78 -21.70
N ARG A 185 4.72 -9.69 -22.27
CA ARG A 185 4.99 -10.28 -23.57
C ARG A 185 6.34 -10.99 -23.51
N VAL A 186 6.36 -12.23 -24.02
CA VAL A 186 7.53 -13.10 -24.03
C VAL A 186 7.64 -13.66 -25.44
N GLU A 187 8.74 -14.35 -25.76
CA GLU A 187 9.04 -14.84 -27.10
C GLU A 187 7.88 -15.63 -27.73
N ARG A 188 7.05 -16.28 -26.92
CA ARG A 188 5.89 -17.02 -27.39
C ARG A 188 4.66 -16.80 -26.50
N PHE A 189 4.89 -16.34 -25.27
CA PHE A 189 3.81 -16.21 -24.29
C PHE A 189 3.32 -14.77 -24.08
N ILE A 190 2.05 -14.65 -23.67
CA ILE A 190 1.42 -13.37 -23.34
C ILE A 190 0.49 -13.58 -22.16
N GLU A 191 0.47 -12.63 -21.23
CA GLU A 191 -0.40 -12.70 -20.04
C GLU A 191 -0.76 -11.28 -19.60
N ILE A 192 -1.82 -11.14 -18.79
CA ILE A 192 -2.31 -9.84 -18.34
C ILE A 192 -2.52 -9.80 -16.83
N GLY A 193 -2.39 -8.61 -16.24
CA GLY A 193 -2.57 -8.38 -14.82
C GLY A 193 -3.00 -6.94 -14.56
N SER A 194 -3.31 -6.61 -13.31
CA SER A 194 -3.79 -5.28 -12.95
C SER A 194 -3.37 -4.88 -11.54
N GLY A 195 -3.47 -3.58 -11.25
CA GLY A 195 -3.10 -3.05 -9.94
C GLY A 195 -3.28 -1.53 -9.88
N THR A 196 -3.13 -0.97 -8.69
CA THR A 196 -3.31 0.46 -8.45
C THR A 196 -2.19 1.35 -8.96
N SER A 197 -1.19 0.74 -9.62
CA SER A 197 -0.04 1.41 -10.20
C SER A 197 0.42 0.61 -11.41
N LYS A 198 1.11 1.24 -12.36
CA LYS A 198 1.61 0.51 -13.53
C LYS A 198 2.59 -0.55 -13.08
N LYS A 199 3.46 -0.17 -12.14
CA LYS A 199 4.47 -1.06 -11.60
C LYS A 199 3.82 -2.23 -10.84
N LEU A 200 2.69 -1.97 -10.18
CA LEU A 200 1.96 -3.00 -9.45
C LEU A 200 1.18 -3.89 -10.42
N ALA A 201 0.63 -3.33 -11.50
CA ALA A 201 -0.05 -4.11 -12.51
C ALA A 201 0.94 -4.99 -13.26
N LYS A 202 2.18 -4.50 -13.42
CA LYS A 202 3.26 -5.25 -14.04
C LYS A 202 3.65 -6.44 -13.16
N ARG A 203 3.61 -6.24 -11.83
CA ARG A 203 3.85 -7.31 -10.86
C ARG A 203 2.77 -8.36 -10.90
N ASN A 204 1.51 -7.96 -11.03
CA ASN A 204 0.42 -8.92 -11.09
C ASN A 204 0.48 -9.73 -12.37
N ALA A 205 0.76 -9.06 -13.50
CA ALA A 205 0.84 -9.74 -14.78
C ALA A 205 1.99 -10.76 -14.78
N ALA A 206 3.09 -10.43 -14.09
CA ALA A 206 4.22 -11.35 -13.96
C ALA A 206 3.86 -12.55 -13.09
N ALA A 207 3.08 -12.34 -12.03
CA ALA A 207 2.69 -13.42 -11.14
C ALA A 207 1.83 -14.44 -11.87
N LYS A 208 0.91 -14.00 -12.73
CA LYS A 208 0.09 -14.92 -13.51
C LYS A 208 0.94 -15.57 -14.60
N MET A 209 1.86 -14.82 -15.20
CA MET A 209 2.72 -15.32 -16.25
C MET A 209 3.64 -16.44 -15.76
N LEU A 210 4.10 -16.38 -14.51
CA LEU A 210 4.94 -17.44 -13.96
C LEU A 210 4.24 -18.79 -14.05
N LEU A 211 2.91 -18.81 -13.94
CA LEU A 211 2.16 -20.05 -14.01
C LEU A 211 2.04 -20.52 -15.47
N ARG A 212 2.06 -19.57 -16.41
CA ARG A 212 1.94 -19.85 -17.82
C ARG A 212 3.23 -20.41 -18.42
N VAL A 213 4.37 -19.79 -18.11
CA VAL A 213 5.66 -20.19 -18.67
C VAL A 213 6.24 -21.41 -17.98
N HIS A 214 5.97 -21.59 -16.69
CA HIS A 214 6.51 -22.70 -15.93
C HIS A 214 5.64 -23.95 -16.09
N THR A 215 6.26 -25.14 -15.97
CA THR A 215 5.58 -26.42 -16.13
C THR A 215 5.98 -27.48 -15.10
N GLY A 1 -23.14 4.73 22.12
CA GLY A 1 -22.90 3.79 21.00
C GLY A 1 -24.14 3.66 20.11
N GLY A 2 -24.41 2.45 19.64
CA GLY A 2 -25.55 2.19 18.76
C GLY A 2 -25.32 2.76 17.36
N SER A 3 -26.40 2.88 16.60
CA SER A 3 -26.36 3.39 15.23
C SER A 3 -26.10 4.91 15.19
N LEU A 4 -26.07 5.56 16.35
CA LEU A 4 -25.80 6.99 16.45
C LEU A 4 -24.32 7.24 16.13
N PRO A 5 -23.97 8.47 15.73
CA PRO A 5 -22.60 8.85 15.41
C PRO A 5 -21.64 8.51 16.56
N SER A 6 -20.47 7.97 16.21
CA SER A 6 -19.46 7.57 17.17
C SER A 6 -18.12 7.39 16.48
N ILE A 7 -17.02 7.38 17.26
CA ILE A 7 -15.69 7.17 16.72
C ILE A 7 -15.56 5.77 16.13
N GLU A 8 -16.45 4.84 16.51
CA GLU A 8 -16.48 3.52 15.93
C GLU A 8 -17.15 3.50 14.55
N GLN A 9 -18.15 4.35 14.33
CA GLN A 9 -18.92 4.35 13.09
C GLN A 9 -18.15 5.00 11.93
N MET A 10 -17.29 5.98 12.24
CA MET A 10 -16.51 6.66 11.22
C MET A 10 -15.48 5.71 10.59
N LEU A 11 -15.02 4.70 11.33
CA LEU A 11 -14.10 3.71 10.78
C LEU A 11 -14.79 2.88 9.70
N ALA A 12 -16.09 2.60 9.89
CA ALA A 12 -16.87 1.83 8.93
C ALA A 12 -17.37 2.72 7.78
N ALA A 13 -17.32 4.04 7.95
CA ALA A 13 -17.77 4.98 6.92
C ALA A 13 -16.70 5.23 5.87
N ASN A 14 -15.43 5.01 6.22
CA ASN A 14 -14.30 5.24 5.32
C ASN A 14 -13.16 4.25 5.57
N PRO A 15 -13.44 2.94 5.54
CA PRO A 15 -12.47 1.91 5.86
C PRO A 15 -11.41 1.77 4.76
N GLY A 16 -11.62 2.40 3.61
CA GLY A 16 -10.68 2.33 2.50
C GLY A 16 -9.49 3.28 2.69
N LYS A 17 -9.58 4.21 3.64
CA LYS A 17 -8.50 5.16 3.92
C LYS A 17 -7.57 4.65 5.00
N THR A 18 -6.43 5.32 5.15
CA THR A 18 -5.54 5.12 6.27
C THR A 18 -6.13 5.68 7.56
N PRO A 19 -5.79 5.10 8.73
CA PRO A 19 -6.24 5.60 10.01
C PRO A 19 -5.63 6.98 10.29
N ILE A 20 -4.62 7.38 9.52
CA ILE A 20 -4.00 8.69 9.64
C ILE A 20 -5.00 9.76 9.22
N SER A 21 -5.75 9.47 8.15
CA SER A 21 -6.73 10.40 7.61
C SER A 21 -7.96 10.49 8.52
N LEU A 22 -8.33 9.39 9.19
CA LEU A 22 -9.45 9.42 10.10
C LEU A 22 -9.06 10.17 11.37
N LEU A 23 -7.79 10.13 11.78
CA LEU A 23 -7.34 10.93 12.91
C LEU A 23 -7.32 12.41 12.53
N GLN A 24 -7.12 12.74 11.25
CA GLN A 24 -7.19 14.12 10.79
C GLN A 24 -8.65 14.60 10.84
N GLU A 25 -9.59 13.71 10.49
CA GLU A 25 -11.00 14.04 10.54
C GLU A 25 -11.48 14.16 11.99
N TYR A 26 -11.16 13.16 12.82
CA TYR A 26 -11.59 13.13 14.20
C TYR A 26 -10.91 14.16 15.08
N GLY A 27 -9.63 14.40 14.84
CA GLY A 27 -8.82 15.33 15.63
C GLY A 27 -9.39 16.74 15.56
N THR A 28 -9.88 17.16 14.39
CA THR A 28 -10.47 18.48 14.25
C THR A 28 -11.75 18.71 15.03
N ARG A 29 -12.53 17.65 15.27
CA ARG A 29 -13.77 17.75 16.03
C ARG A 29 -13.47 17.93 17.52
N ILE A 30 -12.38 17.31 18.00
CA ILE A 30 -11.98 17.39 19.40
C ILE A 30 -10.94 18.48 19.63
N GLY A 31 -10.50 19.17 18.58
CA GLY A 31 -9.53 20.25 18.66
C GLY A 31 -8.10 19.75 18.84
N LYS A 32 -7.91 18.43 18.99
CA LYS A 32 -6.59 17.83 19.14
C LYS A 32 -6.08 17.40 17.78
N THR A 33 -4.96 17.94 17.32
CA THR A 33 -4.38 17.56 16.03
C THR A 33 -3.41 16.43 16.35
N PRO A 34 -3.48 15.32 15.62
CA PRO A 34 -2.55 14.21 15.76
C PRO A 34 -1.19 14.62 15.23
N VAL A 35 -0.24 14.93 16.11
CA VAL A 35 1.12 15.26 15.70
C VAL A 35 1.91 14.00 15.37
N TYR A 36 2.67 14.00 14.26
CA TYR A 36 3.43 12.83 13.85
C TYR A 36 4.95 12.99 13.89
N ASP A 37 5.64 12.05 14.55
CA ASP A 37 7.09 12.05 14.68
C ASP A 37 7.74 10.72 14.26
N LEU A 38 8.85 10.80 13.52
CA LEU A 38 9.61 9.63 13.12
C LEU A 38 10.61 9.26 14.22
N LEU A 39 10.44 8.11 14.87
CA LEU A 39 11.31 7.72 15.97
C LEU A 39 12.57 7.00 15.49
N LYS A 40 12.51 6.36 14.32
CA LYS A 40 13.61 5.53 13.84
C LYS A 40 13.63 5.48 12.31
N ALA A 41 14.84 5.43 11.73
CA ALA A 41 15.02 5.34 10.30
C ALA A 41 16.32 4.59 9.99
N GLU A 42 16.24 3.26 9.81
CA GLU A 42 17.40 2.44 9.53
C GLU A 42 17.46 2.00 8.08
N GLY A 43 18.54 1.30 7.73
CA GLY A 43 18.67 0.63 6.47
C GLY A 43 18.96 1.59 5.32
N GLN A 44 19.03 1.07 4.09
CA GLN A 44 19.28 1.87 2.90
C GLN A 44 18.42 1.46 1.71
N ALA A 45 17.73 0.31 1.80
CA ALA A 45 16.88 -0.16 0.72
C ALA A 45 15.86 -1.18 1.24
N HIS A 46 16.34 -2.26 1.87
CA HIS A 46 15.48 -3.29 2.42
C HIS A 46 15.37 -3.17 3.94
N GLN A 47 14.23 -3.61 4.48
CA GLN A 47 13.95 -3.66 5.92
C GLN A 47 14.42 -2.39 6.66
N PRO A 48 14.00 -1.21 6.21
CA PRO A 48 14.37 0.06 6.82
C PRO A 48 13.75 0.22 8.21
N ASN A 49 12.80 -0.67 8.54
CA ASN A 49 12.14 -0.74 9.83
C ASN A 49 11.84 0.64 10.40
N PHE A 50 10.85 1.33 9.82
CA PHE A 50 10.48 2.67 10.25
C PHE A 50 9.64 2.69 11.52
N THR A 51 9.73 3.76 12.31
CA THR A 51 8.87 3.95 13.48
C THR A 51 8.23 5.32 13.52
N PHE A 52 6.92 5.35 13.72
CA PHE A 52 6.18 6.59 13.92
C PHE A 52 5.50 6.69 15.29
N ARG A 53 5.39 7.91 15.80
CA ARG A 53 4.61 8.18 17.00
C ARG A 53 3.55 9.22 16.65
N VAL A 54 2.37 9.08 17.25
CA VAL A 54 1.29 10.03 17.06
C VAL A 54 0.89 10.58 18.41
N THR A 55 0.58 11.88 18.47
CA THR A 55 0.13 12.54 19.67
C THR A 55 -1.21 13.23 19.50
N VAL A 56 -2.21 12.81 20.28
CA VAL A 56 -3.54 13.37 20.23
C VAL A 56 -3.93 13.75 21.66
N GLY A 57 -3.93 15.05 21.97
CA GLY A 57 -4.22 15.50 23.31
C GLY A 57 -3.20 14.93 24.29
N ASP A 58 -3.67 14.50 25.46
CA ASP A 58 -2.82 13.93 26.51
C ASP A 58 -2.34 12.49 26.27
N THR A 59 -2.48 12.00 25.03
CA THR A 59 -2.10 10.63 24.67
C THR A 59 -1.18 10.50 23.46
N SER A 60 -0.28 9.52 23.48
CA SER A 60 0.59 9.22 22.36
C SER A 60 0.90 7.74 22.26
N CYS A 61 1.08 7.25 21.03
CA CYS A 61 1.35 5.86 20.74
C CYS A 61 2.26 5.72 19.52
N THR A 62 2.86 4.55 19.32
CA THR A 62 3.75 4.28 18.19
C THR A 62 3.34 3.10 17.31
N GLY A 63 4.00 2.98 16.15
CA GLY A 63 3.78 1.92 15.19
C GLY A 63 5.00 1.77 14.28
N GLN A 64 5.11 0.63 13.59
CA GLN A 64 6.26 0.33 12.75
C GLN A 64 5.85 -0.37 11.45
N GLY A 65 6.74 -0.35 10.46
CA GLY A 65 6.49 -0.99 9.17
C GLY A 65 7.69 -0.85 8.23
N PRO A 66 7.66 -1.58 7.10
CA PRO A 66 8.71 -1.59 6.09
C PRO A 66 8.75 -0.30 5.27
N SER A 67 7.83 0.64 5.54
CA SER A 67 7.78 1.91 4.84
C SER A 67 7.15 2.96 5.76
N LYS A 68 7.30 4.24 5.42
CA LYS A 68 6.78 5.30 6.26
C LYS A 68 5.25 5.29 6.33
N LYS A 69 4.57 4.87 5.26
CA LYS A 69 3.12 4.77 5.29
C LYS A 69 2.66 3.64 6.21
N ALA A 70 3.34 2.50 6.16
CA ALA A 70 2.97 1.35 6.99
C ALA A 70 3.26 1.63 8.47
N ALA A 71 4.32 2.37 8.76
CA ALA A 71 4.69 2.68 10.12
C ALA A 71 3.77 3.74 10.72
N LYS A 72 3.41 4.77 9.94
CA LYS A 72 2.52 5.83 10.42
C LYS A 72 1.10 5.31 10.53
N HIS A 73 0.71 4.38 9.64
CA HIS A 73 -0.61 3.79 9.64
C HIS A 73 -0.83 3.05 10.95
N LYS A 74 0.11 2.19 11.35
CA LYS A 74 -0.02 1.44 12.58
C LYS A 74 -0.07 2.36 13.80
N ALA A 75 0.70 3.45 13.80
CA ALA A 75 0.71 4.33 14.96
C ALA A 75 -0.61 5.06 15.10
N ALA A 76 -1.20 5.49 13.98
CA ALA A 76 -2.49 6.16 13.98
C ALA A 76 -3.57 5.20 14.45
N GLU A 77 -3.46 3.91 14.08
CA GLU A 77 -4.41 2.90 14.48
C GLU A 77 -4.37 2.67 16.00
N VAL A 78 -3.20 2.79 16.63
CA VAL A 78 -3.08 2.54 18.06
C VAL A 78 -3.69 3.69 18.86
N ALA A 79 -3.58 4.94 18.38
CA ALA A 79 -4.14 6.07 19.09
C ALA A 79 -5.66 5.99 19.08
N LEU A 80 -6.24 5.55 17.96
CA LEU A 80 -7.67 5.42 17.80
C LEU A 80 -8.25 4.44 18.81
N LYS A 81 -7.50 3.40 19.18
CA LYS A 81 -7.97 2.41 20.16
C LYS A 81 -8.10 3.03 21.56
N HIS A 82 -7.19 3.92 21.93
CA HIS A 82 -7.26 4.61 23.22
C HIS A 82 -8.30 5.72 23.20
N LEU A 83 -8.58 6.29 22.02
CA LEU A 83 -9.60 7.32 21.87
C LEU A 83 -11.00 6.69 21.85
N LYS A 84 -11.08 5.40 21.48
CA LYS A 84 -12.32 4.64 21.52
C LYS A 84 -12.65 4.16 22.95
N GLY A 85 -11.74 4.38 23.90
CA GLY A 85 -11.92 4.00 25.29
C GLY A 85 -12.80 4.99 26.03
N CYS A 146 10.54 -13.32 -2.71
CA CYS A 146 11.14 -12.93 -4.00
C CYS A 146 10.12 -12.21 -4.90
N ASN A 147 10.61 -11.54 -5.94
CA ASN A 147 9.77 -10.82 -6.88
C ASN A 147 9.32 -11.76 -8.02
N PRO A 148 8.04 -11.76 -8.38
CA PRO A 148 7.52 -12.60 -9.45
C PRO A 148 7.98 -12.09 -10.82
N VAL A 149 8.20 -10.77 -10.94
CA VAL A 149 8.68 -10.20 -12.19
C VAL A 149 10.14 -10.58 -12.44
N GLY A 150 10.93 -10.66 -11.37
CA GLY A 150 12.33 -11.04 -11.48
C GLY A 150 12.46 -12.54 -11.71
N ALA A 151 11.61 -13.34 -11.06
CA ALA A 151 11.61 -14.78 -11.26
C ALA A 151 11.20 -15.13 -12.69
N LEU A 152 10.29 -14.35 -13.28
CA LEU A 152 9.87 -14.56 -14.66
C LEU A 152 11.00 -14.16 -15.61
N GLN A 153 11.66 -13.03 -15.34
CA GLN A 153 12.77 -12.59 -16.18
C GLN A 153 13.89 -13.62 -16.17
N GLU A 154 14.13 -14.28 -15.03
CA GLU A 154 15.13 -15.32 -14.94
C GLU A 154 14.70 -16.57 -15.72
N LEU A 155 13.40 -16.88 -15.72
CA LEU A 155 12.88 -18.06 -16.40
C LEU A 155 12.97 -17.88 -17.91
N VAL A 156 12.50 -16.72 -18.40
CA VAL A 156 12.52 -16.39 -19.82
C VAL A 156 13.96 -16.44 -20.34
N VAL A 157 14.92 -15.97 -19.55
CA VAL A 157 16.32 -15.97 -19.96
C VAL A 157 16.87 -17.40 -19.91
N GLN A 158 16.46 -18.20 -18.91
CA GLN A 158 16.95 -19.57 -18.78
C GLN A 158 16.44 -20.45 -19.93
N LYS A 159 15.27 -20.13 -20.46
CA LYS A 159 14.68 -20.84 -21.59
C LYS A 159 15.40 -20.54 -22.91
N GLY A 160 16.20 -19.47 -22.93
CA GLY A 160 16.92 -19.05 -24.12
C GLY A 160 16.10 -18.06 -24.96
N TRP A 161 15.02 -17.52 -24.38
CA TRP A 161 14.14 -16.59 -25.07
C TRP A 161 14.67 -15.16 -24.94
N ARG A 162 14.10 -14.23 -25.70
CA ARG A 162 14.42 -12.81 -25.61
C ARG A 162 13.85 -12.24 -24.33
N LEU A 163 14.39 -11.11 -23.87
CA LEU A 163 13.94 -10.48 -22.64
C LEU A 163 12.46 -10.12 -22.69
N PRO A 164 11.76 -10.14 -21.55
CA PRO A 164 10.35 -9.82 -21.46
C PRO A 164 10.10 -8.33 -21.71
N GLU A 165 8.88 -8.01 -22.15
CA GLU A 165 8.46 -6.65 -22.44
C GLU A 165 7.11 -6.34 -21.80
N TYR A 166 6.88 -5.07 -21.45
CA TYR A 166 5.65 -4.65 -20.79
C TYR A 166 4.93 -3.47 -21.44
N THR A 167 3.61 -3.57 -21.56
CA THR A 167 2.77 -2.52 -22.13
C THR A 167 1.43 -2.33 -21.43
N VAL A 168 1.09 -1.09 -21.05
CA VAL A 168 -0.20 -0.84 -20.44
C VAL A 168 -1.33 -0.87 -21.46
N THR A 169 -2.40 -1.63 -21.17
CA THR A 169 -3.55 -1.73 -22.04
C THR A 169 -4.79 -1.02 -21.54
N GLN A 170 -4.79 -0.57 -20.28
CA GLN A 170 -5.95 0.05 -19.68
C GLN A 170 -5.60 0.81 -18.40
N GLU A 171 -6.46 1.77 -18.03
CA GLU A 171 -6.31 2.56 -16.82
C GLU A 171 -7.69 3.01 -16.32
N SER A 172 -7.82 3.20 -15.00
CA SER A 172 -9.05 3.68 -14.41
C SER A 172 -9.17 5.19 -14.61
N GLY A 173 -10.39 5.73 -14.43
CA GLY A 173 -10.66 7.14 -14.65
C GLY A 173 -10.20 8.00 -13.47
N PRO A 174 -10.86 7.87 -12.30
CA PRO A 174 -10.57 8.67 -11.13
C PRO A 174 -9.13 8.49 -10.66
N ALA A 175 -8.41 9.59 -10.48
CA ALA A 175 -7.03 9.55 -10.04
C ALA A 175 -6.91 9.20 -8.55
N HIS A 176 -7.97 9.40 -7.77
CA HIS A 176 -7.96 9.07 -6.35
C HIS A 176 -8.25 7.58 -6.12
N ARG A 177 -8.69 6.87 -7.17
CA ARG A 177 -9.02 5.46 -7.11
C ARG A 177 -8.45 4.78 -8.36
N LYS A 178 -7.23 5.19 -8.72
CA LYS A 178 -6.55 4.76 -9.93
C LYS A 178 -6.29 3.26 -9.92
N GLU A 179 -6.34 2.66 -11.11
CA GLU A 179 -6.04 1.25 -11.34
C GLU A 179 -5.41 1.12 -12.73
N PHE A 180 -4.74 0.00 -12.99
CA PHE A 180 -4.05 -0.24 -14.24
C PHE A 180 -4.18 -1.68 -14.71
N THR A 181 -4.14 -1.88 -16.03
CA THR A 181 -4.03 -3.19 -16.63
C THR A 181 -2.82 -3.29 -17.55
N MET A 182 -1.92 -4.24 -17.26
CA MET A 182 -0.65 -4.35 -17.95
C MET A 182 -0.54 -5.68 -18.67
N THR A 183 0.08 -5.66 -19.84
CA THR A 183 0.36 -6.85 -20.64
C THR A 183 1.82 -7.24 -20.57
N CYS A 184 2.10 -8.52 -20.32
CA CYS A 184 3.44 -9.06 -20.34
C CYS A 184 3.64 -9.75 -21.69
N ARG A 185 4.82 -9.61 -22.29
CA ARG A 185 5.08 -10.15 -23.61
C ARG A 185 6.44 -10.85 -23.63
N VAL A 186 6.47 -12.02 -24.26
CA VAL A 186 7.64 -12.87 -24.39
C VAL A 186 7.71 -13.32 -25.85
N GLU A 187 8.79 -14.00 -26.24
CA GLU A 187 9.04 -14.37 -27.64
C GLU A 187 7.92 -15.21 -28.25
N ARG A 188 7.08 -15.84 -27.41
CA ARG A 188 5.92 -16.59 -27.91
C ARG A 188 4.72 -16.47 -26.97
N PHE A 189 4.97 -16.13 -25.71
CA PHE A 189 3.91 -16.06 -24.70
C PHE A 189 3.46 -14.63 -24.39
N ILE A 190 2.18 -14.48 -24.05
CA ILE A 190 1.60 -13.20 -23.67
C ILE A 190 0.56 -13.42 -22.58
N GLU A 191 0.50 -12.52 -21.61
CA GLU A 191 -0.43 -12.63 -20.48
C GLU A 191 -0.76 -11.23 -19.95
N ILE A 192 -1.83 -11.11 -19.17
CA ILE A 192 -2.29 -9.81 -18.67
C ILE A 192 -2.56 -9.86 -17.16
N GLY A 193 -2.42 -8.71 -16.50
CA GLY A 193 -2.66 -8.55 -15.06
C GLY A 193 -3.05 -7.11 -14.74
N SER A 194 -3.41 -6.84 -13.48
CA SER A 194 -3.88 -5.52 -13.08
C SER A 194 -3.47 -5.19 -11.64
N GLY A 195 -3.56 -3.90 -11.30
CA GLY A 195 -3.19 -3.42 -9.98
C GLY A 195 -3.37 -1.91 -9.84
N THR A 196 -3.21 -1.40 -8.63
CA THR A 196 -3.37 0.02 -8.32
C THR A 196 -2.25 0.93 -8.83
N SER A 197 -1.26 0.33 -9.50
CA SER A 197 -0.16 1.05 -10.12
C SER A 197 0.30 0.22 -11.32
N LYS A 198 0.99 0.83 -12.29
CA LYS A 198 1.42 0.09 -13.46
C LYS A 198 2.47 -0.96 -13.07
N LYS A 199 3.29 -0.66 -12.07
CA LYS A 199 4.25 -1.61 -11.53
C LYS A 199 3.57 -2.74 -10.76
N LEU A 200 2.45 -2.46 -10.10
CA LEU A 200 1.70 -3.50 -9.41
C LEU A 200 0.93 -4.35 -10.42
N ALA A 201 0.49 -3.74 -11.51
CA ALA A 201 -0.14 -4.48 -12.60
C ALA A 201 0.89 -5.36 -13.29
N LYS A 202 2.15 -4.92 -13.33
CA LYS A 202 3.24 -5.72 -13.89
C LYS A 202 3.50 -6.93 -12.99
N ARG A 203 3.44 -6.73 -11.67
CA ARG A 203 3.62 -7.80 -10.69
C ARG A 203 2.54 -8.87 -10.86
N ASN A 204 1.31 -8.45 -11.11
CA ASN A 204 0.22 -9.39 -11.30
C ASN A 204 0.32 -10.10 -12.64
N ALA A 205 0.63 -9.36 -13.71
CA ALA A 205 0.74 -9.94 -15.03
C ALA A 205 1.88 -10.96 -15.09
N ALA A 206 2.97 -10.70 -14.36
CA ALA A 206 4.09 -11.62 -14.29
C ALA A 206 3.70 -12.87 -13.50
N ALA A 207 2.91 -12.72 -12.45
CA ALA A 207 2.50 -13.85 -11.63
C ALA A 207 1.66 -14.83 -12.44
N LYS A 208 0.77 -14.33 -13.30
CA LYS A 208 -0.02 -15.20 -14.15
C LYS A 208 0.84 -15.82 -15.25
N MET A 209 1.81 -15.07 -15.79
CA MET A 209 2.67 -15.60 -16.83
C MET A 209 3.62 -16.67 -16.31
N LEU A 210 4.03 -16.61 -15.04
CA LEU A 210 4.86 -17.67 -14.46
C LEU A 210 4.18 -19.02 -14.58
N LEU A 211 2.85 -19.04 -14.61
CA LEU A 211 2.11 -20.29 -14.77
C LEU A 211 2.02 -20.68 -16.24
N ARG A 212 2.06 -19.68 -17.13
CA ARG A 212 1.99 -19.87 -18.57
C ARG A 212 3.28 -20.48 -19.12
N VAL A 213 4.42 -19.91 -18.75
CA VAL A 213 5.72 -20.32 -19.28
C VAL A 213 6.30 -21.54 -18.57
N HIS A 214 6.01 -21.71 -17.28
CA HIS A 214 6.55 -22.83 -16.52
C HIS A 214 5.68 -24.08 -16.69
N THR A 215 6.31 -25.26 -16.53
CA THR A 215 5.63 -26.55 -16.68
C THR A 215 6.28 -27.67 -15.87
N GLY A 1 -34.26 4.02 11.15
CA GLY A 1 -33.21 4.83 11.80
C GLY A 1 -32.09 3.95 12.34
N GLY A 2 -31.48 4.36 13.45
CA GLY A 2 -30.39 3.63 14.07
C GLY A 2 -29.88 4.35 15.30
N SER A 3 -28.88 3.75 15.97
CA SER A 3 -28.28 4.34 17.17
C SER A 3 -27.42 5.55 16.82
N LEU A 4 -27.10 6.36 17.83
CA LEU A 4 -26.28 7.56 17.66
C LEU A 4 -24.84 7.15 17.31
N PRO A 5 -24.11 8.01 16.56
CA PRO A 5 -22.73 7.77 16.19
C PRO A 5 -21.82 7.88 17.41
N SER A 6 -20.61 7.32 17.28
CA SER A 6 -19.59 7.34 18.33
C SER A 6 -18.22 7.13 17.71
N ILE A 7 -17.17 7.07 18.54
CA ILE A 7 -15.79 6.92 18.10
C ILE A 7 -15.59 5.61 17.33
N GLU A 8 -16.47 4.62 17.53
CA GLU A 8 -16.41 3.37 16.79
C GLU A 8 -17.07 3.46 15.41
N GLN A 9 -18.15 4.25 15.30
CA GLN A 9 -18.92 4.36 14.05
C GLN A 9 -18.21 5.19 13.00
N MET A 10 -17.40 6.17 13.42
CA MET A 10 -16.64 6.99 12.48
C MET A 10 -15.64 6.14 11.70
N LEU A 11 -15.19 5.03 12.28
CA LEU A 11 -14.30 4.11 11.57
C LEU A 11 -15.05 3.44 10.43
N ALA A 12 -16.33 3.11 10.65
CA ALA A 12 -17.16 2.46 9.65
C ALA A 12 -17.76 3.47 8.65
N ALA A 13 -17.67 4.77 8.94
CA ALA A 13 -18.20 5.79 8.07
C ALA A 13 -17.24 6.12 6.93
N ASN A 14 -15.94 5.85 7.12
CA ASN A 14 -14.92 6.12 6.12
C ASN A 14 -13.78 5.10 6.20
N PRO A 15 -14.09 3.81 6.10
CA PRO A 15 -13.13 2.73 6.27
C PRO A 15 -12.13 2.66 5.12
N GLY A 16 -12.40 3.38 4.02
CA GLY A 16 -11.51 3.42 2.87
C GLY A 16 -10.31 4.35 3.10
N LYS A 17 -10.36 5.19 4.14
CA LYS A 17 -9.27 6.10 4.45
C LYS A 17 -8.29 5.47 5.44
N THR A 18 -7.12 6.08 5.57
CA THR A 18 -6.14 5.72 6.58
C THR A 18 -6.60 6.19 7.95
N PRO A 19 -6.13 5.55 9.04
CA PRO A 19 -6.43 5.96 10.40
C PRO A 19 -5.84 7.34 10.69
N ILE A 20 -4.88 7.80 9.87
CA ILE A 20 -4.33 9.14 9.98
C ILE A 20 -5.43 10.14 9.66
N SER A 21 -6.24 9.81 8.66
CA SER A 21 -7.31 10.67 8.18
C SER A 21 -8.46 10.72 9.17
N LEU A 22 -8.76 9.60 9.85
CA LEU A 22 -9.81 9.60 10.86
C LEU A 22 -9.35 10.35 12.09
N LEU A 23 -8.05 10.37 12.37
CA LEU A 23 -7.53 11.18 13.46
C LEU A 23 -7.55 12.66 13.09
N GLN A 24 -7.47 12.99 11.79
CA GLN A 24 -7.61 14.37 11.35
C GLN A 24 -9.06 14.78 11.41
N GLU A 25 -9.98 13.86 11.09
CA GLU A 25 -11.41 14.08 11.18
C GLU A 25 -11.84 14.26 12.63
N TYR A 26 -11.42 13.33 13.49
CA TYR A 26 -11.77 13.36 14.90
C TYR A 26 -11.09 14.48 15.69
N GLY A 27 -9.83 14.78 15.37
CA GLY A 27 -9.04 15.77 16.07
C GLY A 27 -9.65 17.17 15.96
N THR A 28 -10.08 17.55 14.75
CA THR A 28 -10.63 18.89 14.53
C THR A 28 -11.88 19.21 15.35
N ARG A 29 -12.66 18.18 15.68
CA ARG A 29 -13.90 18.35 16.44
C ARG A 29 -13.63 18.48 17.94
N ILE A 30 -12.52 17.89 18.42
CA ILE A 30 -12.12 17.99 19.81
C ILE A 30 -11.07 19.08 20.03
N GLY A 31 -10.66 19.77 18.96
CA GLY A 31 -9.69 20.86 19.05
C GLY A 31 -8.24 20.36 19.14
N LYS A 32 -8.06 19.04 19.26
CA LYS A 32 -6.74 18.42 19.32
C LYS A 32 -6.23 18.17 17.89
N THR A 33 -4.92 17.96 17.75
CA THR A 33 -4.35 17.56 16.48
C THR A 33 -3.34 16.42 16.64
N PRO A 34 -3.44 15.36 15.84
CA PRO A 34 -2.50 14.26 15.88
C PRO A 34 -1.16 14.69 15.29
N VAL A 35 -0.20 15.03 16.17
CA VAL A 35 1.14 15.40 15.74
C VAL A 35 1.95 14.15 15.38
N TYR A 36 2.68 14.16 14.27
CA TYR A 36 3.45 12.99 13.86
C TYR A 36 4.96 13.13 13.93
N ASP A 37 5.62 12.21 14.64
CA ASP A 37 7.07 12.18 14.79
C ASP A 37 7.72 10.87 14.35
N LEU A 38 8.78 10.94 13.55
CA LEU A 38 9.52 9.77 13.11
C LEU A 38 10.55 9.40 14.17
N LEU A 39 10.39 8.26 14.85
CA LEU A 39 11.29 7.89 15.94
C LEU A 39 12.57 7.23 15.44
N LYS A 40 12.52 6.59 14.26
CA LYS A 40 13.65 5.82 13.76
C LYS A 40 13.63 5.76 12.25
N ALA A 41 14.83 5.79 11.65
CA ALA A 41 15.00 5.70 10.21
C ALA A 41 16.35 5.04 9.90
N GLU A 42 16.35 3.71 9.76
CA GLU A 42 17.54 2.93 9.49
C GLU A 42 17.41 2.19 8.15
N GLY A 43 18.49 1.55 7.72
CA GLY A 43 18.52 0.85 6.44
C GLY A 43 18.78 1.82 5.29
N GLN A 44 18.93 1.29 4.08
CA GLN A 44 19.14 2.09 2.88
C GLN A 44 18.31 1.56 1.71
N ALA A 45 17.88 0.30 1.78
CA ALA A 45 17.02 -0.31 0.77
C ALA A 45 16.39 -1.57 1.34
N HIS A 46 15.08 -1.73 1.13
CA HIS A 46 14.28 -2.83 1.68
C HIS A 46 14.28 -2.88 3.21
N GLN A 47 13.14 -3.24 3.79
CA GLN A 47 12.89 -3.32 5.22
C GLN A 47 13.67 -2.26 6.02
N PRO A 48 13.36 -0.97 5.83
CA PRO A 48 13.97 0.12 6.59
C PRO A 48 13.51 0.11 8.04
N ASN A 49 12.40 -0.62 8.30
CA ASN A 49 11.79 -0.73 9.61
C ASN A 49 11.60 0.66 10.24
N PHE A 50 10.62 1.42 9.70
CA PHE A 50 10.35 2.77 10.17
C PHE A 50 9.54 2.82 11.46
N THR A 51 9.68 3.90 12.24
CA THR A 51 8.86 4.10 13.43
C THR A 51 8.21 5.47 13.48
N PHE A 52 6.90 5.49 13.75
CA PHE A 52 6.14 6.71 13.97
C PHE A 52 5.52 6.81 15.34
N ARG A 53 5.39 8.04 15.85
CA ARG A 53 4.62 8.30 17.04
C ARG A 53 3.58 9.36 16.71
N VAL A 54 2.40 9.24 17.31
CA VAL A 54 1.33 10.20 17.13
C VAL A 54 0.93 10.72 18.49
N THR A 55 0.63 12.02 18.56
CA THR A 55 0.21 12.67 19.78
C THR A 55 -1.13 13.37 19.62
N VAL A 56 -2.13 12.94 20.41
CA VAL A 56 -3.47 13.51 20.38
C VAL A 56 -3.84 13.88 21.80
N GLY A 57 -3.84 15.18 22.11
CA GLY A 57 -4.13 15.64 23.47
C GLY A 57 -3.11 15.06 24.45
N ASP A 58 -3.59 14.59 25.59
CA ASP A 58 -2.75 14.02 26.65
C ASP A 58 -2.25 12.59 26.40
N THR A 59 -2.39 12.09 25.17
CA THR A 59 -1.97 10.74 24.81
C THR A 59 -1.09 10.61 23.56
N SER A 60 -0.16 9.67 23.58
CA SER A 60 0.69 9.38 22.43
C SER A 60 1.00 7.88 22.32
N CYS A 61 1.16 7.40 21.09
CA CYS A 61 1.41 5.99 20.80
C CYS A 61 2.31 5.85 19.57
N THR A 62 2.91 4.68 19.39
CA THR A 62 3.79 4.40 18.25
C THR A 62 3.34 3.24 17.36
N GLY A 63 3.99 3.12 16.20
CA GLY A 63 3.75 2.06 15.25
C GLY A 63 4.95 1.92 14.30
N GLN A 64 5.02 0.78 13.60
CA GLN A 64 6.15 0.47 12.73
C GLN A 64 5.68 -0.24 11.46
N GLY A 65 6.53 -0.22 10.42
CA GLY A 65 6.21 -0.87 9.15
C GLY A 65 7.39 -0.84 8.18
N PRO A 66 7.27 -1.59 7.08
CA PRO A 66 8.28 -1.71 6.04
C PRO A 66 8.40 -0.45 5.17
N SER A 67 7.59 0.57 5.45
CA SER A 67 7.61 1.81 4.69
C SER A 67 7.14 2.97 5.56
N LYS A 68 7.37 4.21 5.09
CA LYS A 68 6.98 5.41 5.82
C LYS A 68 5.45 5.47 5.94
N LYS A 69 4.74 4.96 4.93
CA LYS A 69 3.28 4.91 4.90
C LYS A 69 2.76 3.89 5.91
N ALA A 70 3.36 2.70 5.97
CA ALA A 70 2.88 1.63 6.81
C ALA A 70 3.20 1.91 8.30
N ALA A 71 4.28 2.62 8.57
CA ALA A 71 4.67 2.92 9.94
C ALA A 71 3.76 3.99 10.55
N LYS A 72 3.36 4.99 9.77
CA LYS A 72 2.48 6.04 10.27
C LYS A 72 1.06 5.49 10.43
N HIS A 73 0.68 4.56 9.54
CA HIS A 73 -0.64 3.96 9.56
C HIS A 73 -0.88 3.24 10.88
N LYS A 74 0.06 2.39 11.28
CA LYS A 74 -0.06 1.63 12.52
C LYS A 74 -0.11 2.55 13.74
N ALA A 75 0.67 3.64 13.76
CA ALA A 75 0.72 4.48 14.93
C ALA A 75 -0.61 5.22 15.14
N ALA A 76 -1.24 5.68 14.05
CA ALA A 76 -2.51 6.36 14.12
C ALA A 76 -3.58 5.40 14.63
N GLU A 77 -3.49 4.13 14.24
CA GLU A 77 -4.42 3.10 14.67
C GLU A 77 -4.31 2.82 16.16
N VAL A 78 -3.11 2.93 16.75
CA VAL A 78 -2.93 2.67 18.17
C VAL A 78 -3.51 3.82 19.00
N ALA A 79 -3.42 5.06 18.51
CA ALA A 79 -3.97 6.19 19.25
C ALA A 79 -5.50 6.08 19.27
N LEU A 80 -6.10 5.67 18.16
CA LEU A 80 -7.54 5.52 18.04
C LEU A 80 -8.05 4.47 19.02
N LYS A 81 -7.26 3.43 19.30
CA LYS A 81 -7.64 2.38 20.24
C LYS A 81 -7.72 2.91 21.67
N HIS A 82 -6.85 3.83 22.06
CA HIS A 82 -6.91 4.46 23.37
C HIS A 82 -8.01 5.52 23.43
N LEU A 83 -8.31 6.16 22.30
CA LEU A 83 -9.36 7.16 22.21
C LEU A 83 -10.74 6.49 22.18
N LYS A 84 -10.80 5.20 21.85
CA LYS A 84 -12.02 4.40 21.91
C LYS A 84 -12.36 3.96 23.32
N GLY A 85 -11.54 4.36 24.31
CA GLY A 85 -11.72 3.99 25.70
C GLY A 85 -13.01 4.56 26.27
N CYS A 146 8.96 -13.31 -2.95
CA CYS A 146 8.24 -13.87 -4.12
C CYS A 146 8.83 -13.35 -5.44
N ASN A 147 8.64 -12.06 -5.73
CA ASN A 147 9.11 -11.43 -6.96
C ASN A 147 8.87 -12.30 -8.19
N PRO A 148 7.60 -12.46 -8.61
CA PRO A 148 7.25 -13.31 -9.74
C PRO A 148 7.81 -12.74 -11.05
N VAL A 149 8.11 -11.43 -11.09
CA VAL A 149 8.71 -10.83 -12.26
C VAL A 149 10.16 -11.24 -12.45
N GLY A 150 10.88 -11.39 -11.34
CA GLY A 150 12.27 -11.83 -11.36
C GLY A 150 12.34 -13.32 -11.66
N ALA A 151 11.45 -14.11 -11.06
CA ALA A 151 11.42 -15.54 -11.30
C ALA A 151 11.12 -15.84 -12.77
N LEU A 152 10.31 -15.01 -13.42
CA LEU A 152 10.03 -15.14 -14.84
C LEU A 152 11.27 -14.77 -15.66
N GLN A 153 11.97 -13.71 -15.25
CA GLN A 153 13.15 -13.24 -15.98
C GLN A 153 14.26 -14.29 -15.97
N GLU A 154 14.37 -15.07 -14.88
CA GLU A 154 15.35 -16.14 -14.80
C GLU A 154 15.02 -17.28 -15.76
N LEU A 155 13.73 -17.59 -15.93
CA LEU A 155 13.32 -18.65 -16.84
C LEU A 155 13.48 -18.22 -18.30
N VAL A 156 12.99 -17.01 -18.62
CA VAL A 156 13.04 -16.48 -19.97
C VAL A 156 14.48 -16.42 -20.44
N VAL A 157 15.42 -16.06 -19.57
CA VAL A 157 16.83 -16.03 -19.95
C VAL A 157 17.46 -17.42 -20.09
N GLN A 158 16.98 -18.39 -19.32
CA GLN A 158 17.51 -19.75 -19.40
C GLN A 158 16.98 -20.47 -20.65
N LYS A 159 15.80 -20.07 -21.13
CA LYS A 159 15.22 -20.59 -22.36
C LYS A 159 15.92 -20.07 -23.60
N GLY A 160 16.72 -19.00 -23.46
CA GLY A 160 17.43 -18.39 -24.56
C GLY A 160 16.59 -17.33 -25.26
N TRP A 161 15.55 -16.82 -24.59
CA TRP A 161 14.65 -15.84 -25.16
C TRP A 161 15.19 -14.42 -24.97
N ARG A 162 14.56 -13.43 -25.62
CA ARG A 162 15.06 -12.07 -25.70
C ARG A 162 14.76 -11.22 -24.46
N LEU A 163 14.46 -11.87 -23.33
CA LEU A 163 14.05 -11.23 -22.08
C LEU A 163 12.63 -10.64 -22.20
N PRO A 164 11.89 -10.57 -21.09
CA PRO A 164 10.49 -10.14 -21.10
C PRO A 164 10.37 -8.65 -21.38
N GLU A 165 9.22 -8.24 -21.91
CA GLU A 165 8.90 -6.84 -22.18
C GLU A 165 7.51 -6.52 -21.64
N TYR A 166 7.30 -5.26 -21.23
CA TYR A 166 6.04 -4.84 -20.61
C TYR A 166 5.40 -3.59 -21.21
N THR A 167 4.09 -3.65 -21.47
CA THR A 167 3.33 -2.52 -21.97
C THR A 167 1.91 -2.39 -21.40
N VAL A 168 1.52 -1.16 -21.04
CA VAL A 168 0.16 -0.92 -20.54
C VAL A 168 -0.87 -0.86 -21.63
N THR A 169 -1.98 -1.59 -21.48
CA THR A 169 -3.09 -1.53 -22.43
C THR A 169 -4.34 -0.84 -21.92
N GLN A 170 -4.40 -0.55 -20.62
CA GLN A 170 -5.59 0.03 -20.02
C GLN A 170 -5.29 0.64 -18.65
N GLU A 171 -6.13 1.60 -18.25
CA GLU A 171 -6.07 2.23 -16.94
C GLU A 171 -7.44 2.79 -16.57
N SER A 172 -7.72 2.88 -15.26
CA SER A 172 -8.97 3.45 -14.77
C SER A 172 -8.91 4.98 -14.85
N GLY A 173 -10.09 5.61 -14.95
CA GLY A 173 -10.19 7.06 -15.09
C GLY A 173 -10.00 7.77 -13.75
N PRO A 174 -10.77 7.42 -12.71
CA PRO A 174 -10.67 8.02 -11.40
C PRO A 174 -9.28 7.84 -10.82
N ALA A 175 -8.59 8.95 -10.55
CA ALA A 175 -7.24 8.90 -10.02
C ALA A 175 -7.22 8.50 -8.54
N HIS A 176 -8.35 8.62 -7.85
CA HIS A 176 -8.45 8.20 -6.45
C HIS A 176 -8.73 6.70 -6.33
N ARG A 177 -9.09 6.06 -7.45
CA ARG A 177 -9.37 4.64 -7.52
C ARG A 177 -8.65 4.06 -8.73
N LYS A 178 -7.41 4.51 -8.91
CA LYS A 178 -6.60 4.19 -10.07
C LYS A 178 -6.29 2.69 -10.13
N GLU A 179 -6.26 2.16 -11.35
CA GLU A 179 -5.95 0.76 -11.63
C GLU A 179 -5.22 0.71 -12.97
N PHE A 180 -4.53 -0.40 -13.23
CA PHE A 180 -3.75 -0.59 -14.44
C PHE A 180 -3.89 -2.00 -15.00
N THR A 181 -3.83 -2.12 -16.33
CA THR A 181 -3.74 -3.39 -17.02
C THR A 181 -2.50 -3.51 -17.90
N MET A 182 -1.66 -4.50 -17.63
CA MET A 182 -0.36 -4.61 -18.26
C MET A 182 -0.21 -5.95 -18.99
N THR A 183 0.46 -5.92 -20.13
CA THR A 183 0.79 -7.11 -20.90
C THR A 183 2.26 -7.48 -20.82
N CYS A 184 2.55 -8.77 -20.68
CA CYS A 184 3.90 -9.31 -20.72
C CYS A 184 4.10 -9.93 -22.09
N ARG A 185 5.28 -9.75 -22.68
CA ARG A 185 5.56 -10.28 -24.00
C ARG A 185 6.91 -10.98 -24.04
N VAL A 186 6.93 -12.15 -24.70
CA VAL A 186 8.09 -13.00 -24.84
C VAL A 186 8.14 -13.42 -26.33
N GLU A 187 9.22 -14.10 -26.73
CA GLU A 187 9.48 -14.46 -28.12
C GLU A 187 8.34 -15.25 -28.77
N ARG A 188 7.51 -15.93 -27.97
CA ARG A 188 6.35 -16.65 -28.48
C ARG A 188 5.14 -16.55 -27.54
N PHE A 189 5.39 -16.23 -26.28
CA PHE A 189 4.34 -16.17 -25.27
C PHE A 189 3.90 -14.76 -24.93
N ILE A 190 2.62 -14.60 -24.57
CA ILE A 190 2.04 -13.33 -24.17
C ILE A 190 1.00 -13.58 -23.07
N GLU A 191 0.94 -12.72 -22.06
CA GLU A 191 0.00 -12.85 -20.96
C GLU A 191 -0.35 -11.47 -20.39
N ILE A 192 -1.45 -11.36 -19.64
CA ILE A 192 -1.94 -10.09 -19.11
C ILE A 192 -2.23 -10.17 -17.62
N GLY A 193 -2.11 -9.03 -16.92
CA GLY A 193 -2.40 -8.89 -15.50
C GLY A 193 -2.85 -7.47 -15.19
N SER A 194 -3.22 -7.20 -13.93
CA SER A 194 -3.70 -5.89 -13.52
C SER A 194 -3.37 -5.60 -12.06
N GLY A 195 -3.49 -4.33 -11.67
CA GLY A 195 -3.20 -3.93 -10.30
C GLY A 195 -3.40 -2.44 -10.07
N THR A 196 -3.33 -2.03 -8.79
CA THR A 196 -3.53 -0.65 -8.37
C THR A 196 -2.36 0.29 -8.62
N SER A 197 -1.29 -0.25 -9.21
CA SER A 197 -0.04 0.47 -9.46
C SER A 197 0.59 -0.05 -10.74
N LYS A 198 1.42 0.78 -11.39
CA LYS A 198 2.06 0.40 -12.65
C LYS A 198 2.96 -0.80 -12.44
N LYS A 199 3.70 -0.81 -11.32
CA LYS A 199 4.55 -1.93 -10.93
C LYS A 199 3.73 -3.14 -10.48
N LEU A 200 2.56 -2.90 -9.89
CA LEU A 200 1.74 -3.99 -9.38
C LEU A 200 1.04 -4.74 -10.52
N ALA A 201 0.64 -4.02 -11.57
CA ALA A 201 0.05 -4.64 -12.75
C ALA A 201 1.11 -5.48 -13.46
N LYS A 202 2.37 -5.05 -13.42
CA LYS A 202 3.49 -5.78 -13.99
C LYS A 202 3.76 -7.04 -13.17
N ARG A 203 3.63 -6.93 -11.84
CA ARG A 203 3.76 -8.06 -10.92
C ARG A 203 2.69 -9.12 -11.18
N ASN A 204 1.45 -8.70 -11.40
CA ASN A 204 0.37 -9.64 -11.64
C ASN A 204 0.50 -10.30 -13.01
N ALA A 205 0.84 -9.53 -14.04
CA ALA A 205 0.98 -10.07 -15.38
C ALA A 205 2.09 -11.12 -15.42
N ALA A 206 3.15 -10.91 -14.62
CA ALA A 206 4.24 -11.87 -14.51
C ALA A 206 3.79 -13.14 -13.81
N ALA A 207 2.95 -13.00 -12.77
CA ALA A 207 2.49 -14.16 -12.01
C ALA A 207 1.64 -15.09 -12.89
N LYS A 208 0.79 -14.51 -13.76
CA LYS A 208 0.01 -15.33 -14.68
C LYS A 208 0.92 -15.87 -15.79
N MET A 209 1.90 -15.08 -16.22
CA MET A 209 2.82 -15.49 -17.27
C MET A 209 3.68 -16.68 -16.84
N LEU A 210 4.04 -16.77 -15.55
CA LEU A 210 4.79 -17.91 -15.05
C LEU A 210 4.05 -19.21 -15.32
N LEU A 211 2.71 -19.17 -15.35
CA LEU A 211 1.92 -20.36 -15.61
C LEU A 211 1.89 -20.66 -17.11
N ARG A 212 2.02 -19.63 -17.93
CA ARG A 212 2.02 -19.72 -19.39
C ARG A 212 3.30 -20.37 -19.92
N VAL A 213 4.45 -19.94 -19.39
CA VAL A 213 5.74 -20.43 -19.87
C VAL A 213 6.16 -21.72 -19.17
N HIS A 214 5.79 -21.92 -17.90
CA HIS A 214 6.16 -23.12 -17.16
C HIS A 214 5.18 -24.26 -17.48
N THR A 215 5.57 -25.49 -17.12
CA THR A 215 4.77 -26.68 -17.38
C THR A 215 3.43 -26.76 -16.65
#